data_1Q5Q
#
_entry.id   1Q5Q
#
_cell.length_a   150.112
_cell.length_b   215.307
_cell.length_c   251.051
_cell.angle_alpha   90.00
_cell.angle_beta   90.00
_cell.angle_gamma   90.00
#
_symmetry.space_group_name_H-M   'C 2 2 21'
#
loop_
_entity.id
_entity.type
_entity.pdbx_description
1 polymer 'proteasome alpha-type subunit 1'
2 polymer 'proteasome beta-type subunit 1'
3 water water
#
loop_
_entity_poly.entity_id
_entity_poly.type
_entity_poly.pdbx_seq_one_letter_code
_entity_poly.pdbx_strand_id
1 'polypeptide(L)'
;MTMPYYASAEQIMRDRSELARKGIARGRSVVVLTFRDGVLFVAENPSTALHKVSELYDRLGFAAVGKYNEFENLRRAGIV
HADMRGYSYDRRDVTGRSLANAYAQTLGTIFTEQPKPYEVEICVAEVGRVGSPKAPQLYRITYDGSIVDEQHFVVMGGTT
EPIATAMRESYRADLDLEAAVGIAVNALRQGGAGEGEKRNVDVASLEVAVLDQSRPRRAFRRIAGTALEQLVPAEPAAAS
ESAPEPKPDTETKPADTQD
;
A,B,C,D,E,F,G
2 'polypeptide(L)'
;TTIVALTYKGGVLLAGDRRATQGNLIASRDVEKVYVTDEYSAAGIAGTAGIAIELVRLFAVELEHYEKIEGVPLTFDGKA
NRLASMVRGNLGAAMQGLAVVPLLVGYDLDADDESRAGRIVSYDVVGGRYEERAGYHAVGSGSLFAKSALKKIYSPDSDE
ETALRAAIESLYDAADDDSATGGPDLTRGIYPTAVTITQAGAVHVSEETTSELARRIVAERTEQGGSARHHHHHH
;
H,I,J,K,L,M,N
#
# COMPACT_ATOMS: atom_id res chain seq x y z
N ALA A 9 34.73 9.25 -13.24
CA ALA A 9 33.38 9.37 -13.89
C ALA A 9 33.39 8.76 -15.28
N GLU A 10 34.22 9.30 -16.15
CA GLU A 10 34.36 8.81 -17.51
C GLU A 10 35.22 7.55 -17.45
N GLN A 11 35.95 7.40 -16.35
CA GLN A 11 36.79 6.22 -16.19
C GLN A 11 35.98 5.03 -15.74
N ILE A 12 34.88 5.29 -15.03
CA ILE A 12 34.02 4.22 -14.57
C ILE A 12 33.54 3.43 -15.78
N MET A 13 32.89 4.13 -16.71
CA MET A 13 32.35 3.51 -17.91
C MET A 13 33.47 2.90 -18.75
N ARG A 14 34.66 3.45 -18.60
CA ARG A 14 35.83 2.97 -19.32
C ARG A 14 36.11 1.53 -18.87
N ASP A 15 36.20 1.34 -17.55
CA ASP A 15 36.47 0.04 -16.95
C ASP A 15 35.33 -0.94 -17.16
N ARG A 16 34.11 -0.48 -16.95
CA ARG A 16 32.93 -1.31 -17.11
C ARG A 16 32.95 -1.87 -18.52
N SER A 17 33.30 -1.03 -19.48
CA SER A 17 33.35 -1.44 -20.87
C SER A 17 34.39 -2.53 -21.10
N GLU A 18 35.56 -2.36 -20.49
CA GLU A 18 36.62 -3.35 -20.64
C GLU A 18 36.26 -4.69 -20.04
N LEU A 19 35.62 -4.68 -18.88
CA LEU A 19 35.22 -5.91 -18.22
C LEU A 19 34.34 -6.72 -19.17
N ALA A 20 33.38 -6.06 -19.81
CA ALA A 20 32.49 -6.72 -20.73
C ALA A 20 33.20 -7.23 -21.98
N ARG A 21 33.96 -6.35 -22.62
CA ARG A 21 34.68 -6.70 -23.83
C ARG A 21 35.57 -7.93 -23.66
N LYS A 22 36.38 -7.91 -22.60
CA LYS A 22 37.29 -9.02 -22.33
C LYS A 22 36.53 -10.32 -22.07
N GLY A 23 35.48 -10.24 -21.26
CA GLY A 23 34.69 -11.42 -20.96
C GLY A 23 34.13 -12.06 -22.21
N ILE A 24 33.74 -11.24 -23.18
CA ILE A 24 33.18 -11.73 -24.43
C ILE A 24 34.26 -12.29 -25.35
N ALA A 25 35.40 -11.59 -25.41
CA ALA A 25 36.52 -12.01 -26.25
C ALA A 25 37.11 -13.31 -25.72
N ARG A 26 36.84 -13.61 -24.45
CA ARG A 26 37.33 -14.81 -23.82
C ARG A 26 36.48 -16.03 -24.19
N GLY A 27 35.26 -15.79 -24.66
CA GLY A 27 34.37 -16.89 -25.01
C GLY A 27 34.48 -17.33 -26.46
N ARG A 28 33.63 -18.27 -26.86
CA ARG A 28 33.66 -18.77 -28.24
C ARG A 28 32.92 -17.84 -29.19
N SER A 29 32.86 -18.20 -30.46
CA SER A 29 32.22 -17.33 -31.45
C SER A 29 30.95 -17.88 -32.06
N VAL A 30 30.28 -16.99 -32.77
CA VAL A 30 29.04 -17.31 -33.44
C VAL A 30 28.98 -16.54 -34.76
N VAL A 31 28.44 -17.18 -35.80
CA VAL A 31 28.29 -16.52 -37.10
C VAL A 31 26.83 -16.61 -37.54
N VAL A 32 26.26 -15.47 -37.92
CA VAL A 32 24.87 -15.44 -38.36
C VAL A 32 24.92 -14.80 -39.75
N LEU A 33 24.30 -15.44 -40.73
CA LEU A 33 24.30 -14.93 -42.09
C LEU A 33 23.01 -15.15 -42.87
N THR A 34 22.87 -14.33 -43.91
CA THR A 34 21.73 -14.33 -44.80
C THR A 34 21.98 -15.18 -46.04
N PHE A 35 21.06 -16.08 -46.37
CA PHE A 35 21.23 -16.87 -47.57
C PHE A 35 19.91 -17.10 -48.32
N ARG A 36 19.95 -18.04 -49.27
CA ARG A 36 18.79 -18.36 -50.09
C ARG A 36 17.48 -18.70 -49.38
N ASP A 37 17.55 -19.52 -48.34
CA ASP A 37 16.34 -19.92 -47.63
C ASP A 37 15.91 -19.01 -46.50
N GLY A 38 16.81 -18.14 -46.03
CA GLY A 38 16.46 -17.24 -44.95
C GLY A 38 17.66 -16.85 -44.12
N VAL A 39 17.75 -17.38 -42.92
CA VAL A 39 18.87 -17.04 -42.06
C VAL A 39 19.50 -18.31 -41.46
N LEU A 40 20.82 -18.29 -41.36
CA LEU A 40 21.56 -19.43 -40.80
C LEU A 40 22.33 -19.05 -39.54
N PHE A 41 22.24 -19.90 -38.54
CA PHE A 41 22.94 -19.70 -37.28
C PHE A 41 24.00 -20.78 -37.09
N VAL A 42 25.24 -20.36 -36.90
CA VAL A 42 26.34 -21.28 -36.70
C VAL A 42 27.10 -20.79 -35.48
N ALA A 43 26.94 -21.52 -34.38
CA ALA A 43 27.59 -21.12 -33.16
C ALA A 43 28.49 -22.21 -32.59
N GLU A 44 29.62 -21.79 -32.04
CA GLU A 44 30.53 -22.74 -31.42
C GLU A 44 29.96 -23.07 -30.05
N ASN A 45 29.50 -24.30 -29.88
CA ASN A 45 28.96 -24.74 -28.60
C ASN A 45 29.05 -26.25 -28.45
N PRO A 46 29.92 -26.73 -27.55
CA PRO A 46 30.10 -28.16 -27.31
C PRO A 46 28.90 -28.86 -26.68
N SER A 47 28.07 -28.10 -25.97
CA SER A 47 26.90 -28.67 -25.31
C SER A 47 25.67 -28.80 -26.20
N THR A 48 24.83 -29.79 -25.88
CA THR A 48 23.61 -30.00 -26.63
C THR A 48 22.40 -29.78 -25.71
N ALA A 49 22.69 -29.47 -24.45
CA ALA A 49 21.66 -29.23 -23.44
C ALA A 49 21.48 -27.72 -23.23
N LEU A 50 22.59 -26.99 -23.18
CA LEU A 50 22.58 -25.54 -23.00
C LEU A 50 22.78 -24.83 -24.35
N HIS A 51 21.80 -24.04 -24.77
CA HIS A 51 21.88 -23.36 -26.08
C HIS A 51 22.30 -21.89 -26.11
N LYS A 52 22.73 -21.44 -27.29
CA LYS A 52 23.14 -20.05 -27.50
C LYS A 52 22.31 -19.51 -28.65
N VAL A 53 21.52 -20.40 -29.26
CA VAL A 53 20.67 -20.04 -30.37
C VAL A 53 19.26 -20.50 -30.05
N SER A 54 18.27 -19.69 -30.41
CA SER A 54 16.89 -20.05 -30.10
C SER A 54 15.87 -19.31 -30.92
N GLU A 55 14.66 -19.86 -30.96
CA GLU A 55 13.55 -19.23 -31.65
C GLU A 55 13.06 -18.10 -30.74
N LEU A 56 12.62 -16.99 -31.33
CA LEU A 56 12.08 -15.87 -30.57
C LEU A 56 10.59 -15.85 -30.80
N TYR A 57 10.20 -15.78 -32.07
CA TYR A 57 8.79 -15.77 -32.45
C TYR A 57 8.64 -16.45 -33.82
N ASP A 58 7.48 -16.31 -34.45
CA ASP A 58 7.21 -16.89 -35.75
C ASP A 58 8.36 -16.72 -36.77
N ARG A 59 8.78 -15.48 -36.99
CA ARG A 59 9.83 -15.18 -37.96
C ARG A 59 11.08 -14.57 -37.33
N LEU A 60 11.28 -14.80 -36.04
CA LEU A 60 12.43 -14.24 -35.36
C LEU A 60 13.31 -15.30 -34.71
N GLY A 61 14.62 -15.06 -34.79
CA GLY A 61 15.59 -15.95 -34.20
C GLY A 61 16.51 -15.16 -33.29
N PHE A 62 17.10 -15.88 -32.33
CA PHE A 62 18.00 -15.30 -31.34
C PHE A 62 19.33 -16.06 -31.24
N ALA A 63 20.41 -15.29 -31.08
CA ALA A 63 21.76 -15.84 -30.92
C ALA A 63 22.53 -14.86 -30.04
N ALA A 64 23.36 -15.41 -29.15
CA ALA A 64 24.14 -14.58 -28.24
C ALA A 64 25.48 -15.23 -27.87
N VAL A 65 26.38 -14.42 -27.32
CA VAL A 65 27.70 -14.88 -26.87
C VAL A 65 27.97 -14.18 -25.57
N GLY A 66 28.86 -14.73 -24.76
CA GLY A 66 29.19 -14.11 -23.50
C GLY A 66 28.87 -15.00 -22.32
N LYS A 67 28.45 -14.40 -21.22
CA LYS A 67 28.09 -15.14 -20.03
C LYS A 67 26.67 -15.74 -20.21
N TYR A 68 26.59 -17.06 -20.14
CA TYR A 68 25.33 -17.78 -20.33
C TYR A 68 24.12 -17.33 -19.52
N ASN A 69 24.24 -17.39 -18.20
CA ASN A 69 23.12 -17.03 -17.35
C ASN A 69 22.57 -15.66 -17.69
N GLU A 70 23.42 -14.77 -18.20
CA GLU A 70 22.98 -13.44 -18.54
C GLU A 70 22.25 -13.36 -19.88
N PHE A 71 22.77 -14.01 -20.92
CA PHE A 71 22.03 -13.92 -22.18
C PHE A 71 20.81 -14.86 -22.19
N GLU A 72 20.84 -15.92 -21.39
CA GLU A 72 19.71 -16.83 -21.31
C GLU A 72 18.56 -16.03 -20.68
N ASN A 73 18.92 -15.13 -19.77
CA ASN A 73 17.96 -14.28 -19.11
C ASN A 73 17.33 -13.34 -20.15
N LEU A 74 18.17 -12.71 -20.97
CA LEU A 74 17.67 -11.82 -22.01
C LEU A 74 16.91 -12.60 -23.08
N ARG A 75 17.22 -13.87 -23.23
CA ARG A 75 16.53 -14.68 -24.23
C ARG A 75 15.08 -14.85 -23.80
N ARG A 76 14.88 -15.19 -22.54
CA ARG A 76 13.54 -15.38 -22.02
C ARG A 76 12.75 -14.08 -22.07
N ALA A 77 13.38 -12.97 -21.67
CA ALA A 77 12.69 -11.68 -21.70
C ALA A 77 12.18 -11.40 -23.10
N GLY A 78 13.01 -11.71 -24.08
CA GLY A 78 12.62 -11.50 -25.45
C GLY A 78 11.41 -12.30 -25.86
N ILE A 79 11.35 -13.56 -25.42
CA ILE A 79 10.23 -14.42 -25.76
C ILE A 79 8.96 -13.87 -25.10
N VAL A 80 9.07 -13.46 -23.84
CA VAL A 80 7.97 -12.90 -23.10
C VAL A 80 7.46 -11.67 -23.85
N HIS A 81 8.39 -10.79 -24.21
CA HIS A 81 8.09 -9.55 -24.92
C HIS A 81 7.38 -9.81 -26.25
N ALA A 82 7.90 -10.75 -27.03
CA ALA A 82 7.30 -11.05 -28.32
C ALA A 82 5.90 -11.67 -28.18
N ASP A 83 5.75 -12.66 -27.31
CA ASP A 83 4.45 -13.31 -27.13
C ASP A 83 3.39 -12.36 -26.69
N MET A 84 3.78 -11.46 -25.80
CA MET A 84 2.87 -10.48 -25.26
C MET A 84 2.40 -9.49 -26.34
N ARG A 85 3.34 -8.96 -27.14
CA ARG A 85 2.95 -8.02 -28.18
C ARG A 85 2.02 -8.68 -29.20
N GLY A 86 2.30 -9.94 -29.52
CA GLY A 86 1.49 -10.66 -30.48
C GLY A 86 0.08 -10.84 -29.98
N TYR A 87 -0.06 -11.05 -28.67
CA TYR A 87 -1.36 -11.24 -28.06
C TYR A 87 -2.16 -9.94 -27.99
N SER A 88 -1.50 -8.87 -27.57
CA SER A 88 -2.14 -7.56 -27.45
C SER A 88 -2.61 -7.03 -28.81
N TYR A 89 -1.93 -7.45 -29.87
CA TYR A 89 -2.28 -7.02 -31.22
C TYR A 89 -2.47 -8.23 -32.09
N ASP A 90 -1.61 -8.39 -33.08
CA ASP A 90 -1.68 -9.55 -33.95
C ASP A 90 -0.29 -10.13 -34.07
N ARG A 91 -0.18 -11.43 -34.31
CA ARG A 91 1.13 -12.05 -34.41
C ARG A 91 2.00 -11.34 -35.42
N ARG A 92 1.39 -10.90 -36.52
CA ARG A 92 2.10 -10.21 -37.59
C ARG A 92 2.62 -8.82 -37.23
N ASP A 93 2.22 -8.29 -36.08
CA ASP A 93 2.68 -6.96 -35.66
C ASP A 93 3.99 -7.06 -34.86
N VAL A 94 4.42 -8.28 -34.57
CA VAL A 94 5.65 -8.52 -33.83
C VAL A 94 6.81 -8.40 -34.81
N THR A 95 7.64 -7.38 -34.63
CA THR A 95 8.77 -7.17 -35.53
C THR A 95 10.15 -7.35 -34.89
N GLY A 96 11.11 -7.72 -35.73
CA GLY A 96 12.47 -7.91 -35.27
C GLY A 96 13.07 -6.62 -34.79
N ARG A 97 12.75 -5.53 -35.47
CA ARG A 97 13.24 -4.22 -35.08
C ARG A 97 12.73 -3.84 -33.69
N SER A 98 11.48 -4.16 -33.40
CA SER A 98 10.92 -3.85 -32.10
C SER A 98 11.70 -4.57 -31.00
N LEU A 99 11.98 -5.86 -31.16
CA LEU A 99 12.74 -6.57 -30.14
C LEU A 99 14.16 -6.06 -29.99
N ALA A 100 14.81 -5.77 -31.11
CA ALA A 100 16.17 -5.25 -31.08
C ALA A 100 16.24 -3.97 -30.26
N ASN A 101 15.30 -3.05 -30.50
CA ASN A 101 15.25 -1.78 -29.77
C ASN A 101 15.04 -2.06 -28.29
N ALA A 102 14.24 -3.06 -27.95
CA ALA A 102 14.01 -3.36 -26.54
C ALA A 102 15.30 -3.86 -25.88
N TYR A 103 16.03 -4.74 -26.57
CA TYR A 103 17.29 -5.24 -26.03
C TYR A 103 18.28 -4.08 -25.85
N ALA A 104 18.30 -3.18 -26.82
CA ALA A 104 19.22 -2.04 -26.74
C ALA A 104 18.90 -1.21 -25.51
N GLN A 105 17.61 -0.94 -25.30
CA GLN A 105 17.16 -0.16 -24.17
C GLN A 105 17.58 -0.87 -22.88
N THR A 106 17.24 -2.15 -22.78
CA THR A 106 17.59 -2.95 -21.59
C THR A 106 19.08 -3.03 -21.26
N LEU A 107 19.90 -3.40 -22.24
CA LEU A 107 21.34 -3.51 -22.03
C LEU A 107 21.94 -2.17 -21.68
N GLY A 108 21.39 -1.12 -22.27
CA GLY A 108 21.90 0.20 -21.98
C GLY A 108 21.68 0.57 -20.52
N THR A 109 20.51 0.22 -20.00
CA THR A 109 20.20 0.54 -18.61
C THR A 109 21.06 -0.28 -17.66
N ILE A 110 21.28 -1.54 -18.00
CA ILE A 110 22.09 -2.42 -17.18
C ILE A 110 23.52 -1.91 -17.12
N PHE A 111 24.05 -1.48 -18.27
CA PHE A 111 25.42 -0.99 -18.35
C PHE A 111 25.64 0.26 -17.51
N THR A 112 24.57 1.00 -17.25
CA THR A 112 24.66 2.24 -16.50
C THR A 112 24.27 2.17 -15.03
N GLU A 113 23.28 1.34 -14.71
CA GLU A 113 22.78 1.25 -13.35
C GLU A 113 23.14 0.01 -12.52
N GLN A 114 23.25 -1.12 -13.18
CA GLN A 114 23.57 -2.35 -12.47
C GLN A 114 24.97 -2.40 -11.91
N PRO A 115 25.20 -3.23 -10.89
CA PRO A 115 26.52 -3.37 -10.25
C PRO A 115 27.60 -3.82 -11.23
N LYS A 116 27.21 -4.64 -12.19
CA LYS A 116 28.15 -5.13 -13.18
C LYS A 116 27.43 -5.17 -14.51
N PRO A 117 28.10 -4.74 -15.59
CA PRO A 117 27.46 -4.76 -16.90
C PRO A 117 27.29 -6.20 -17.33
N TYR A 118 26.42 -6.44 -18.31
CA TYR A 118 26.22 -7.79 -18.80
C TYR A 118 27.31 -8.11 -19.80
N GLU A 119 28.03 -9.20 -19.57
CA GLU A 119 29.08 -9.61 -20.48
C GLU A 119 28.36 -10.38 -21.57
N VAL A 120 27.66 -9.66 -22.44
CA VAL A 120 26.88 -10.30 -23.49
C VAL A 120 26.89 -9.52 -24.81
N GLU A 121 26.57 -10.22 -25.89
CA GLU A 121 26.43 -9.60 -27.20
C GLU A 121 25.29 -10.39 -27.81
N ILE A 122 24.33 -9.68 -28.41
CA ILE A 122 23.15 -10.33 -28.94
C ILE A 122 22.81 -10.02 -30.40
N CYS A 123 22.26 -11.02 -31.07
CA CYS A 123 21.83 -10.86 -32.45
C CYS A 123 20.37 -11.30 -32.63
N VAL A 124 19.58 -10.46 -33.25
CA VAL A 124 18.18 -10.77 -33.54
C VAL A 124 18.04 -10.89 -35.05
N ALA A 125 17.53 -12.03 -35.52
CA ALA A 125 17.37 -12.24 -36.94
C ALA A 125 15.90 -12.37 -37.30
N GLU A 126 15.53 -11.72 -38.40
CA GLU A 126 14.16 -11.77 -38.88
C GLU A 126 14.11 -12.12 -40.34
N VAL A 127 13.16 -12.98 -40.70
CA VAL A 127 12.98 -13.39 -42.08
C VAL A 127 11.57 -12.94 -42.51
N GLY A 128 11.36 -12.70 -43.80
CA GLY A 128 10.04 -12.24 -44.24
C GLY A 128 8.93 -13.26 -44.12
N ARG A 129 7.71 -12.86 -44.44
CA ARG A 129 6.58 -13.80 -44.35
C ARG A 129 6.65 -14.77 -45.51
N VAL A 130 5.91 -15.86 -45.42
CA VAL A 130 5.93 -16.89 -46.44
C VAL A 130 5.98 -16.38 -47.88
N GLY A 131 5.03 -15.55 -48.24
CA GLY A 131 5.02 -15.03 -49.60
C GLY A 131 6.03 -13.92 -49.84
N SER A 132 5.99 -12.89 -49.00
CA SER A 132 6.86 -11.73 -49.10
C SER A 132 8.23 -11.96 -49.73
N PRO A 133 8.65 -11.03 -50.59
CA PRO A 133 9.95 -11.10 -51.27
C PRO A 133 10.98 -10.33 -50.46
N LYS A 134 10.58 -9.85 -49.28
CA LYS A 134 11.45 -9.07 -48.40
C LYS A 134 12.69 -9.85 -47.98
N ALA A 135 13.85 -9.19 -48.05
CA ALA A 135 15.13 -9.78 -47.68
C ALA A 135 15.31 -9.84 -46.17
N PRO A 136 15.82 -10.96 -45.65
CA PRO A 136 16.01 -11.08 -44.21
C PRO A 136 16.79 -9.93 -43.61
N GLN A 137 16.61 -9.71 -42.31
CA GLN A 137 17.27 -8.62 -41.59
C GLN A 137 17.94 -9.10 -40.32
N LEU A 138 19.09 -8.52 -39.99
CA LEU A 138 19.82 -8.89 -38.80
C LEU A 138 20.12 -7.67 -37.96
N TYR A 139 20.07 -7.82 -36.63
CA TYR A 139 20.39 -6.72 -35.73
C TYR A 139 21.38 -7.23 -34.72
N ARG A 140 22.29 -6.37 -34.29
CA ARG A 140 23.27 -6.76 -33.28
C ARG A 140 23.23 -5.75 -32.15
N ILE A 141 23.10 -6.23 -30.93
CA ILE A 141 23.03 -5.35 -29.76
C ILE A 141 24.18 -5.69 -28.85
N THR A 142 24.93 -4.68 -28.39
CA THR A 142 26.05 -4.94 -27.53
C THR A 142 25.78 -4.60 -26.08
N TYR A 143 26.73 -4.95 -25.22
CA TYR A 143 26.63 -4.75 -23.79
C TYR A 143 26.35 -3.32 -23.32
N ASP A 144 26.64 -2.33 -24.14
CA ASP A 144 26.43 -0.96 -23.68
C ASP A 144 25.19 -0.31 -24.28
N GLY A 145 24.40 -1.11 -25.01
CA GLY A 145 23.19 -0.60 -25.62
C GLY A 145 23.36 -0.13 -27.03
N SER A 146 24.51 -0.45 -27.63
CA SER A 146 24.74 -0.06 -29.01
C SER A 146 23.99 -1.05 -29.86
N ILE A 147 23.55 -0.60 -31.03
CA ILE A 147 22.79 -1.47 -31.90
C ILE A 147 23.05 -1.09 -33.35
N VAL A 148 23.25 -2.09 -34.19
CA VAL A 148 23.51 -1.87 -35.60
C VAL A 148 22.72 -2.86 -36.42
N ASP A 149 22.35 -2.46 -37.62
CA ASP A 149 21.63 -3.37 -38.49
C ASP A 149 22.58 -3.86 -39.59
N GLU A 150 22.61 -5.18 -39.79
CA GLU A 150 23.46 -5.81 -40.80
C GLU A 150 22.54 -6.57 -41.74
N GLN A 151 22.82 -6.50 -43.04
CA GLN A 151 21.97 -7.19 -43.99
C GLN A 151 22.63 -8.42 -44.61
N HIS A 152 23.89 -8.67 -44.28
CA HIS A 152 24.59 -9.82 -44.82
C HIS A 152 25.02 -10.86 -43.80
N PHE A 153 25.79 -10.44 -42.81
CA PHE A 153 26.21 -11.37 -41.78
C PHE A 153 26.66 -10.65 -40.52
N VAL A 154 26.73 -11.39 -39.41
CA VAL A 154 27.17 -10.86 -38.13
C VAL A 154 28.09 -11.86 -37.49
N VAL A 155 29.17 -11.36 -36.89
CA VAL A 155 30.14 -12.19 -36.20
C VAL A 155 30.32 -11.62 -34.80
N MET A 156 30.31 -12.49 -33.79
CA MET A 156 30.49 -12.05 -32.41
C MET A 156 31.10 -13.15 -31.55
N GLY A 157 31.81 -12.72 -30.50
CA GLY A 157 32.45 -13.66 -29.58
C GLY A 157 33.90 -13.93 -29.91
N GLY A 158 34.73 -14.09 -28.87
CA GLY A 158 36.14 -14.36 -29.08
C GLY A 158 36.84 -13.29 -29.90
N THR A 159 37.80 -13.69 -30.71
CA THR A 159 38.54 -12.75 -31.55
C THR A 159 37.84 -12.71 -32.90
N THR A 160 37.04 -11.67 -33.11
CA THR A 160 36.25 -11.52 -34.31
C THR A 160 36.96 -11.08 -35.59
N GLU A 161 37.84 -10.09 -35.49
CA GLU A 161 38.57 -9.57 -36.65
C GLU A 161 38.95 -10.56 -37.73
N PRO A 162 39.65 -11.64 -37.36
CA PRO A 162 40.05 -12.65 -38.37
C PRO A 162 38.83 -13.35 -38.98
N ILE A 163 37.85 -13.70 -38.14
CA ILE A 163 36.64 -14.39 -38.63
C ILE A 163 35.80 -13.47 -39.51
N ALA A 164 35.73 -12.19 -39.12
CA ALA A 164 34.97 -11.19 -39.87
C ALA A 164 35.52 -11.06 -41.29
N THR A 165 36.79 -10.68 -41.40
CA THR A 165 37.44 -10.52 -42.70
C THR A 165 37.24 -11.77 -43.58
N ALA A 166 37.38 -12.95 -42.98
CA ALA A 166 37.20 -14.19 -43.73
C ALA A 166 35.81 -14.19 -44.36
N MET A 167 34.80 -13.90 -43.55
CA MET A 167 33.42 -13.83 -44.01
C MET A 167 33.25 -12.75 -45.06
N ARG A 168 33.80 -11.58 -44.76
CA ARG A 168 33.74 -10.42 -45.64
C ARG A 168 34.19 -10.79 -47.05
N GLU A 169 35.08 -11.76 -47.14
CA GLU A 169 35.60 -12.18 -48.41
C GLU A 169 34.87 -13.38 -49.02
N SER A 170 34.48 -14.33 -48.18
CA SER A 170 33.79 -15.51 -48.68
C SER A 170 32.27 -15.38 -48.73
N TYR A 171 31.74 -14.19 -48.52
CA TYR A 171 30.29 -14.02 -48.55
C TYR A 171 29.75 -13.70 -49.94
N ARG A 172 28.63 -14.31 -50.27
CA ARG A 172 28.00 -14.08 -51.56
C ARG A 172 26.50 -14.20 -51.31
N ALA A 173 25.71 -13.43 -52.06
CA ALA A 173 24.27 -13.47 -51.92
C ALA A 173 23.70 -14.76 -52.49
N ASP A 174 22.45 -15.05 -52.13
CA ASP A 174 21.75 -16.25 -52.59
C ASP A 174 22.52 -17.55 -52.43
N LEU A 175 23.27 -17.67 -51.33
CA LEU A 175 24.03 -18.89 -51.10
C LEU A 175 23.16 -20.09 -50.78
N ASP A 176 23.63 -21.25 -51.22
CA ASP A 176 22.98 -22.53 -51.02
C ASP A 176 23.13 -22.85 -49.52
N LEU A 177 22.28 -23.72 -48.96
CA LEU A 177 22.41 -24.05 -47.54
C LEU A 177 23.81 -24.63 -47.26
N GLU A 178 24.19 -25.62 -48.05
CA GLU A 178 25.50 -26.26 -47.90
C GLU A 178 26.65 -25.27 -48.06
N ALA A 179 26.52 -24.35 -48.99
CA ALA A 179 27.55 -23.33 -49.23
C ALA A 179 27.65 -22.38 -48.05
N ALA A 180 26.49 -21.87 -47.62
CA ALA A 180 26.43 -20.94 -46.49
C ALA A 180 27.06 -21.54 -45.25
N VAL A 181 26.77 -22.81 -45.00
CA VAL A 181 27.35 -23.48 -43.85
C VAL A 181 28.88 -23.52 -43.97
N GLY A 182 29.37 -23.82 -45.19
CA GLY A 182 30.81 -23.89 -45.41
C GLY A 182 31.47 -22.54 -45.16
N ILE A 183 30.87 -21.49 -45.70
CA ILE A 183 31.35 -20.12 -45.56
C ILE A 183 31.57 -19.81 -44.08
N ALA A 184 30.57 -20.14 -43.28
CA ALA A 184 30.63 -19.89 -41.85
C ALA A 184 31.64 -20.78 -41.17
N VAL A 185 31.57 -22.09 -41.43
CA VAL A 185 32.50 -23.00 -40.80
C VAL A 185 33.96 -22.67 -41.08
N ASN A 186 34.28 -22.32 -42.32
CA ASN A 186 35.66 -21.98 -42.64
C ASN A 186 36.06 -20.66 -41.99
N ALA A 187 35.15 -19.70 -41.96
CA ALA A 187 35.47 -18.42 -41.34
C ALA A 187 35.72 -18.60 -39.86
N LEU A 188 35.03 -19.56 -39.25
CA LEU A 188 35.21 -19.83 -37.84
C LEU A 188 36.59 -20.40 -37.57
N ARG A 189 37.16 -21.09 -38.55
CA ARG A 189 38.48 -21.68 -38.40
C ARG A 189 39.61 -20.66 -38.42
N GLN A 190 39.31 -19.44 -38.85
CA GLN A 190 40.29 -18.36 -38.92
C GLN A 190 40.42 -17.67 -37.57
N GLY A 191 39.89 -18.30 -36.53
CA GLY A 191 39.97 -17.72 -35.19
C GLY A 191 40.84 -18.53 -34.26
N GLY A 192 41.11 -17.99 -33.07
CA GLY A 192 41.93 -18.69 -32.10
C GLY A 192 43.20 -17.93 -31.73
N VAL A 201 39.58 -28.59 -33.28
CA VAL A 201 38.67 -27.49 -32.99
C VAL A 201 37.83 -27.14 -34.22
N ASP A 202 36.52 -27.04 -34.01
CA ASP A 202 35.57 -26.72 -35.07
C ASP A 202 35.10 -27.93 -35.88
N VAL A 203 34.73 -29.00 -35.19
CA VAL A 203 34.25 -30.23 -35.81
C VAL A 203 32.72 -30.16 -35.88
N ALA A 204 32.05 -31.31 -36.00
CA ALA A 204 30.59 -31.32 -36.05
C ALA A 204 30.09 -31.11 -34.62
N SER A 205 30.87 -30.38 -33.84
CA SER A 205 30.51 -30.08 -32.46
C SER A 205 30.26 -28.58 -32.28
N LEU A 206 29.12 -28.15 -32.80
CA LEU A 206 28.66 -26.77 -32.74
C LEU A 206 27.14 -26.71 -32.88
N GLU A 207 26.55 -25.57 -32.53
CA GLU A 207 25.09 -25.39 -32.57
C GLU A 207 24.64 -24.71 -33.87
N VAL A 208 23.80 -25.41 -34.63
CA VAL A 208 23.31 -24.87 -35.90
C VAL A 208 21.80 -24.88 -36.04
N ALA A 209 21.26 -23.82 -36.66
CA ALA A 209 19.83 -23.70 -36.90
C ALA A 209 19.55 -22.68 -37.98
N VAL A 210 18.33 -22.68 -38.48
CA VAL A 210 17.96 -21.74 -39.51
C VAL A 210 16.59 -21.13 -39.30
N LEU A 211 16.36 -20.04 -40.01
CA LEU A 211 15.09 -19.35 -40.01
C LEU A 211 14.62 -19.58 -41.45
N ASP A 212 13.96 -20.71 -41.68
CA ASP A 212 13.48 -21.10 -43.01
C ASP A 212 12.22 -20.35 -43.45
N GLN A 213 12.40 -19.37 -44.32
CA GLN A 213 11.27 -18.59 -44.80
C GLN A 213 10.17 -19.37 -45.52
N SER A 214 10.51 -20.52 -46.10
CA SER A 214 9.52 -21.30 -46.81
C SER A 214 8.43 -21.81 -45.86
N ARG A 215 8.75 -21.93 -44.59
CA ARG A 215 7.77 -22.42 -43.63
C ARG A 215 6.57 -21.49 -43.43
N PRO A 216 5.37 -22.07 -43.25
CA PRO A 216 4.11 -21.33 -43.05
C PRO A 216 4.13 -20.32 -41.91
N ARG A 217 4.33 -20.79 -40.68
CA ARG A 217 4.35 -19.90 -39.53
C ARG A 217 5.69 -19.87 -38.82
N ARG A 218 5.97 -20.87 -38.00
CA ARG A 218 7.23 -20.94 -37.25
C ARG A 218 8.40 -21.32 -38.16
N ALA A 219 9.22 -20.33 -38.48
CA ALA A 219 10.36 -20.51 -39.36
C ALA A 219 11.61 -21.07 -38.74
N PHE A 220 11.70 -21.04 -37.42
CA PHE A 220 12.91 -21.54 -36.76
C PHE A 220 13.00 -23.06 -36.77
N ARG A 221 14.20 -23.56 -37.06
CA ARG A 221 14.43 -24.99 -37.14
C ARG A 221 15.90 -25.28 -36.86
N ARG A 222 16.15 -26.29 -36.05
CA ARG A 222 17.51 -26.69 -35.71
C ARG A 222 17.98 -27.79 -36.66
N ILE A 223 19.29 -27.86 -36.88
CA ILE A 223 19.84 -28.88 -37.76
C ILE A 223 20.69 -29.87 -36.96
N ALA A 224 20.15 -31.08 -36.79
CA ALA A 224 20.76 -32.14 -36.02
C ALA A 224 22.02 -32.75 -36.61
N GLY A 225 22.59 -33.71 -35.88
CA GLY A 225 23.82 -34.37 -36.31
C GLY A 225 23.84 -34.88 -37.74
N THR A 226 23.19 -36.02 -37.96
CA THR A 226 23.16 -36.63 -39.27
C THR A 226 23.02 -35.64 -40.41
N ALA A 227 22.09 -34.69 -40.27
CA ALA A 227 21.87 -33.69 -41.31
C ALA A 227 23.02 -32.70 -41.37
N LEU A 228 23.62 -32.40 -40.22
CA LEU A 228 24.74 -31.47 -40.16
C LEU A 228 25.98 -32.12 -40.77
N GLU A 229 26.08 -33.43 -40.60
CA GLU A 229 27.20 -34.22 -41.12
C GLU A 229 27.51 -33.83 -42.56
N GLN A 230 26.47 -33.88 -43.39
CA GLN A 230 26.58 -33.57 -44.80
C GLN A 230 26.46 -32.09 -45.12
N LEU A 231 27.13 -31.24 -44.35
CA LEU A 231 27.08 -29.82 -44.57
C LEU A 231 28.37 -29.16 -44.12
N VAL A 232 28.94 -29.69 -43.05
CA VAL A 232 30.19 -29.17 -42.50
C VAL A 232 31.38 -29.75 -43.26
N PRO A 233 32.06 -28.89 -44.06
CA PRO A 233 33.22 -29.33 -44.84
C PRO A 233 34.43 -29.72 -44.00
N ALA A 234 35.20 -30.70 -44.47
CA ALA A 234 36.39 -31.15 -43.77
C ALA A 234 37.51 -30.11 -43.95
N GLU A 235 38.56 -30.24 -43.16
CA GLU A 235 39.69 -29.30 -43.23
C GLU A 235 40.87 -29.79 -44.04
N ALA B 9 33.41 18.24 -6.08
CA ALA B 9 32.00 18.71 -6.17
C ALA B 9 31.74 19.40 -7.51
N GLU B 10 32.48 20.47 -7.75
CA GLU B 10 32.38 21.21 -8.99
C GLU B 10 33.15 20.43 -10.05
N GLN B 11 34.01 19.53 -9.58
CA GLN B 11 34.80 18.71 -10.51
C GLN B 11 33.96 17.55 -11.03
N ILE B 12 33.00 17.10 -10.24
CA ILE B 12 32.14 16.01 -10.66
C ILE B 12 31.43 16.42 -11.95
N MET B 13 30.72 17.55 -11.89
CA MET B 13 29.98 18.05 -13.04
C MET B 13 30.92 18.39 -14.20
N ARG B 14 32.16 18.69 -13.85
CA ARG B 14 33.20 19.01 -14.82
C ARG B 14 33.43 17.77 -15.70
N ASP B 15 33.69 16.65 -15.04
CA ASP B 15 33.94 15.37 -15.71
C ASP B 15 32.72 14.84 -16.44
N ARG B 16 31.57 14.89 -15.75
CA ARG B 16 30.32 14.43 -16.32
C ARG B 16 30.10 15.17 -17.64
N SER B 17 30.38 16.47 -17.65
CA SER B 17 30.20 17.27 -18.84
C SER B 17 31.12 16.85 -19.97
N GLU B 18 32.37 16.53 -19.63
CA GLU B 18 33.33 16.10 -20.63
C GLU B 18 32.96 14.76 -21.27
N LEU B 19 32.51 13.83 -20.44
CA LEU B 19 32.11 12.53 -20.93
C LEU B 19 31.07 12.68 -22.02
N ALA B 20 30.07 13.52 -21.76
CA ALA B 20 28.99 13.76 -22.71
C ALA B 20 29.49 14.46 -23.98
N ARG B 21 30.20 15.56 -23.81
CA ARG B 21 30.73 16.34 -24.93
C ARG B 21 31.56 15.50 -25.89
N LYS B 22 32.49 14.71 -25.34
CA LYS B 22 33.36 13.87 -26.14
C LYS B 22 32.57 12.83 -26.89
N GLY B 23 31.65 12.17 -26.18
CA GLY B 23 30.82 11.15 -26.81
C GLY B 23 30.04 11.69 -28.00
N ILE B 24 29.58 12.92 -27.90
CA ILE B 24 28.81 13.55 -28.97
C ILE B 24 29.72 13.98 -30.12
N ALA B 25 30.88 14.53 -29.78
CA ALA B 25 31.84 14.97 -30.78
C ALA B 25 32.40 13.77 -31.55
N ARG B 26 32.28 12.59 -30.96
CA ARG B 26 32.77 11.38 -31.56
C ARG B 26 31.80 10.83 -32.60
N GLY B 27 30.55 11.27 -32.54
CA GLY B 27 29.54 10.81 -33.48
C GLY B 27 29.43 11.66 -34.72
N ARG B 28 28.47 11.31 -35.59
CA ARG B 28 28.27 12.06 -36.83
C ARG B 28 27.48 13.35 -36.60
N SER B 29 27.22 14.10 -37.66
CA SER B 29 26.51 15.35 -37.51
C SER B 29 25.13 15.41 -38.13
N VAL B 30 24.43 16.47 -37.78
CA VAL B 30 23.09 16.70 -38.28
C VAL B 30 22.91 18.20 -38.48
N VAL B 31 22.17 18.58 -39.52
CA VAL B 31 21.89 19.98 -39.81
C VAL B 31 20.39 20.17 -39.93
N VAL B 32 19.86 21.15 -39.21
CA VAL B 32 18.43 21.46 -39.25
C VAL B 32 18.32 22.93 -39.63
N LEU B 33 17.52 23.23 -40.63
CA LEU B 33 17.37 24.62 -41.09
C LEU B 33 15.97 24.99 -41.55
N THR B 34 15.75 26.30 -41.56
CA THR B 34 14.50 26.92 -41.95
C THR B 34 14.53 27.36 -43.40
N PHE B 35 13.50 27.00 -44.17
CA PHE B 35 13.43 27.44 -45.56
C PHE B 35 12.01 27.78 -46.02
N ARG B 36 11.84 27.93 -47.32
CA ARG B 36 10.57 28.29 -47.93
C ARG B 36 9.35 27.44 -47.55
N ASP B 37 9.52 26.12 -47.56
CA ASP B 37 8.39 25.25 -47.24
C ASP B 37 8.20 24.92 -45.77
N GLY B 38 9.20 25.18 -44.95
CA GLY B 38 9.08 24.88 -43.53
C GLY B 38 10.41 24.56 -42.89
N VAL B 39 10.62 23.28 -42.56
CA VAL B 39 11.88 22.87 -41.94
C VAL B 39 12.48 21.67 -42.62
N LEU B 40 13.81 21.69 -42.74
CA LEU B 40 14.53 20.60 -43.40
C LEU B 40 15.50 19.91 -42.43
N PHE B 41 15.50 18.58 -42.48
CA PHE B 41 16.37 17.78 -41.62
C PHE B 41 17.37 17.02 -42.49
N VAL B 42 18.65 17.24 -42.23
CA VAL B 42 19.70 16.55 -42.97
C VAL B 42 20.65 15.97 -41.94
N ALA B 43 20.61 14.65 -41.80
CA ALA B 43 21.44 14.01 -40.82
C ALA B 43 22.31 12.93 -41.41
N GLU B 44 23.54 12.85 -40.92
CA GLU B 44 24.45 11.83 -41.42
C GLU B 44 24.06 10.52 -40.75
N ASN B 45 23.55 9.57 -41.53
CA ASN B 45 23.16 8.28 -41.00
C ASN B 45 23.17 7.22 -42.11
N PRO B 46 24.10 6.27 -42.02
CA PRO B 46 24.22 5.20 -43.02
C PRO B 46 23.09 4.18 -42.99
N SER B 47 22.41 4.06 -41.86
CA SER B 47 21.32 3.11 -41.72
C SER B 47 19.96 3.64 -42.18
N THR B 48 19.11 2.73 -42.63
CA THR B 48 17.77 3.10 -43.08
C THR B 48 16.72 2.45 -42.17
N ALA B 49 17.20 1.67 -41.19
CA ALA B 49 16.35 0.98 -40.23
C ALA B 49 16.30 1.77 -38.91
N LEU B 50 17.45 2.27 -38.47
CA LEU B 50 17.56 3.05 -37.24
C LEU B 50 17.64 4.54 -37.53
N HIS B 51 16.67 5.32 -37.05
CA HIS B 51 16.63 6.76 -37.36
C HIS B 51 17.13 7.74 -36.31
N LYS B 52 17.41 8.97 -36.73
CA LYS B 52 17.88 10.01 -35.82
C LYS B 52 16.93 11.20 -36.02
N VAL B 53 16.04 11.07 -36.99
CA VAL B 53 15.07 12.11 -37.28
C VAL B 53 13.68 11.47 -37.22
N SER B 54 12.71 12.18 -36.69
CA SER B 54 11.38 11.63 -36.56
C SER B 54 10.29 12.66 -36.33
N GLU B 55 9.06 12.27 -36.67
CA GLU B 55 7.91 13.13 -36.44
C GLU B 55 7.64 13.13 -34.94
N LEU B 56 7.21 14.27 -34.40
CA LEU B 56 6.86 14.34 -32.97
C LEU B 56 5.34 14.43 -32.89
N TYR B 57 4.79 15.44 -33.55
CA TYR B 57 3.35 15.64 -33.59
C TYR B 57 2.96 16.24 -34.94
N ASP B 58 1.74 16.78 -35.04
CA ASP B 58 1.25 17.38 -36.27
C ASP B 58 2.25 18.34 -36.93
N ARG B 59 2.72 19.33 -36.18
CA ARG B 59 3.64 20.33 -36.72
C ARG B 59 5.01 20.31 -36.03
N LEU B 60 5.37 19.19 -35.42
CA LEU B 60 6.63 19.09 -34.73
C LEU B 60 7.52 17.97 -35.25
N GLY B 61 8.81 18.26 -35.30
CA GLY B 61 9.79 17.30 -35.77
C GLY B 61 10.88 17.14 -34.74
N PHE B 62 11.55 15.99 -34.78
CA PHE B 62 12.62 15.65 -33.85
C PHE B 62 13.89 15.15 -34.54
N ALA B 63 15.03 15.60 -34.02
CA ALA B 63 16.34 15.19 -34.53
C ALA B 63 17.30 15.18 -33.35
N ALA B 64 18.17 14.20 -33.33
CA ALA B 64 19.15 14.07 -32.27
C ALA B 64 20.50 13.49 -32.73
N VAL B 65 21.52 13.64 -31.88
CA VAL B 65 22.84 13.08 -32.13
C VAL B 65 23.34 12.53 -30.82
N GLY B 66 24.29 11.61 -30.88
CA GLY B 66 24.83 11.06 -29.65
C GLY B 66 24.60 9.57 -29.58
N LYS B 67 24.40 9.09 -28.36
CA LYS B 67 24.17 7.67 -28.16
C LYS B 67 22.71 7.33 -28.51
N TYR B 68 22.53 6.46 -29.51
CA TYR B 68 21.21 6.07 -30.02
C TYR B 68 20.16 5.63 -29.00
N ASN B 69 20.45 4.57 -28.23
CA ASN B 69 19.49 4.07 -27.27
C ASN B 69 18.99 5.16 -26.34
N GLU B 70 19.83 6.16 -26.07
CA GLU B 70 19.43 7.23 -25.20
C GLU B 70 18.54 8.28 -25.87
N PHE B 71 18.83 8.69 -27.10
CA PHE B 71 17.95 9.68 -27.70
C PHE B 71 16.70 9.03 -28.26
N GLU B 72 16.77 7.74 -28.55
CA GLU B 72 15.60 7.03 -29.05
C GLU B 72 14.60 7.00 -27.90
N ASN B 73 15.14 6.86 -26.70
CA ASN B 73 14.35 6.84 -25.49
C ASN B 73 13.64 8.20 -25.34
N LEU B 74 14.41 9.28 -25.46
CA LEU B 74 13.84 10.61 -25.34
C LEU B 74 12.87 10.89 -26.49
N ARG B 75 13.08 10.23 -27.63
CA ARG B 75 12.20 10.45 -28.77
C ARG B 75 10.81 9.93 -28.43
N ARG B 76 10.76 8.71 -27.91
CA ARG B 76 9.48 8.11 -27.52
C ARG B 76 8.79 8.92 -26.44
N ALA B 77 9.53 9.31 -25.41
CA ALA B 77 8.94 10.10 -24.33
C ALA B 77 8.28 11.35 -24.91
N GLY B 78 8.96 11.97 -25.89
CA GLY B 78 8.41 13.16 -26.51
C GLY B 78 7.09 12.88 -27.22
N ILE B 79 7.01 11.75 -27.93
CA ILE B 79 5.79 11.40 -28.61
C ILE B 79 4.67 11.17 -27.59
N VAL B 80 4.99 10.42 -26.54
CA VAL B 80 4.02 10.16 -25.48
C VAL B 80 3.51 11.48 -24.92
N HIS B 81 4.45 12.36 -24.58
CA HIS B 81 4.12 13.67 -24.01
C HIS B 81 3.22 14.48 -24.94
N ALA B 82 3.55 14.53 -26.23
CA ALA B 82 2.74 15.30 -27.17
C ALA B 82 1.34 14.72 -27.37
N ASP B 83 1.25 13.41 -27.57
CA ASP B 83 -0.04 12.80 -27.79
C ASP B 83 -0.97 12.98 -26.62
N MET B 84 -0.40 12.89 -25.44
CA MET B 84 -1.16 13.04 -24.21
C MET B 84 -1.70 14.46 -24.06
N ARG B 85 -0.85 15.46 -24.25
CA ARG B 85 -1.30 16.85 -24.13
C ARG B 85 -2.41 17.14 -25.15
N GLY B 86 -2.25 16.62 -26.35
CA GLY B 86 -3.24 16.85 -27.38
C GLY B 86 -4.59 16.28 -27.01
N TYR B 87 -4.56 15.13 -26.36
CA TYR B 87 -5.78 14.46 -25.95
C TYR B 87 -6.48 15.15 -24.76
N SER B 88 -5.69 15.57 -23.77
CA SER B 88 -6.21 16.25 -22.60
C SER B 88 -6.81 17.61 -22.96
N TYR B 89 -6.31 18.21 -24.03
CA TYR B 89 -6.81 19.50 -24.48
C TYR B 89 -7.21 19.40 -25.93
N ASP B 90 -6.48 20.09 -26.80
CA ASP B 90 -6.77 20.02 -28.22
C ASP B 90 -5.44 19.85 -28.93
N ARG B 91 -5.46 19.21 -30.10
CA ARG B 91 -4.23 19.01 -30.83
C ARG B 91 -3.46 20.31 -31.02
N ARG B 92 -4.19 21.37 -31.33
CA ARG B 92 -3.59 22.68 -31.55
C ARG B 92 -2.94 23.32 -30.32
N ASP B 93 -3.14 22.74 -29.13
CA ASP B 93 -2.54 23.28 -27.92
C ASP B 93 -1.14 22.68 -27.68
N VAL B 94 -0.76 21.70 -28.51
CA VAL B 94 0.54 21.07 -28.42
C VAL B 94 1.57 21.97 -29.09
N THR B 95 2.48 22.55 -28.31
CA THR B 95 3.49 23.44 -28.86
C THR B 95 4.91 22.92 -28.82
N GLY B 96 5.73 23.41 -29.75
CA GLY B 96 7.13 23.01 -29.80
C GLY B 96 7.87 23.49 -28.56
N ARG B 97 7.53 24.68 -28.10
CA ARG B 97 8.17 25.23 -26.92
C ARG B 97 7.89 24.37 -25.70
N SER B 98 6.66 23.85 -25.62
CA SER B 98 6.32 23.00 -24.48
C SER B 98 7.20 21.73 -24.46
N LEU B 99 7.37 21.07 -25.59
CA LEU B 99 8.21 19.88 -25.61
C LEU B 99 9.66 20.19 -25.33
N ALA B 100 10.15 21.29 -25.89
CA ALA B 100 11.53 21.69 -25.68
C ALA B 100 11.82 21.88 -24.18
N ASN B 101 10.91 22.58 -23.49
CA ASN B 101 11.05 22.79 -22.06
C ASN B 101 11.05 21.46 -21.33
N ALA B 102 10.23 20.52 -21.77
CA ALA B 102 10.17 19.22 -21.11
C ALA B 102 11.51 18.48 -21.26
N TYR B 103 12.08 18.50 -22.46
CA TYR B 103 13.37 17.85 -22.68
C TYR B 103 14.43 18.50 -21.81
N ALA B 104 14.42 19.82 -21.74
CA ALA B 104 15.40 20.54 -20.93
C ALA B 104 15.30 20.07 -19.47
N GLN B 105 14.08 20.04 -18.96
CA GLN B 105 13.83 19.59 -17.59
C GLN B 105 14.37 18.16 -17.39
N THR B 106 13.98 17.25 -18.28
CA THR B 106 14.42 15.85 -18.23
C THR B 106 15.94 15.63 -18.29
N LEU B 107 16.59 16.21 -19.30
CA LEU B 107 18.04 16.06 -19.45
C LEU B 107 18.78 16.69 -18.29
N GLY B 108 18.23 17.77 -17.76
CA GLY B 108 18.86 18.43 -16.62
C GLY B 108 18.87 17.53 -15.42
N THR B 109 17.77 16.83 -15.20
CA THR B 109 17.67 15.94 -14.05
C THR B 109 18.58 14.73 -14.21
N ILE B 110 18.67 14.22 -15.43
CA ILE B 110 19.53 13.08 -15.71
C ILE B 110 21.00 13.46 -15.48
N PHE B 111 21.39 14.64 -15.94
CA PHE B 111 22.76 15.10 -15.82
C PHE B 111 23.18 15.25 -14.36
N THR B 112 22.20 15.45 -13.48
CA THR B 112 22.48 15.66 -12.07
C THR B 112 22.30 14.44 -11.16
N GLU B 113 21.29 13.62 -11.46
CA GLU B 113 20.99 12.48 -10.62
C GLU B 113 21.37 11.09 -11.11
N GLN B 114 21.30 10.88 -12.42
CA GLN B 114 21.64 9.58 -12.98
C GLN B 114 23.12 9.20 -12.85
N PRO B 115 23.42 7.90 -12.89
CA PRO B 115 24.80 7.42 -12.78
C PRO B 115 25.70 7.95 -13.89
N LYS B 116 25.12 8.15 -15.06
CA LYS B 116 25.87 8.68 -16.19
C LYS B 116 24.97 9.64 -16.93
N PRO B 117 25.52 10.78 -17.37
CA PRO B 117 24.70 11.74 -18.10
C PRO B 117 24.38 11.16 -19.46
N TYR B 118 23.36 11.71 -20.13
CA TYR B 118 23.02 11.23 -21.45
C TYR B 118 23.93 11.86 -22.48
N GLU B 119 24.59 11.04 -23.27
CA GLU B 119 25.47 11.55 -24.31
C GLU B 119 24.54 11.86 -25.48
N VAL B 120 23.79 12.95 -25.36
CA VAL B 120 22.82 13.31 -26.37
C VAL B 120 22.70 14.82 -26.60
N GLU B 121 22.19 15.20 -27.76
CA GLU B 121 21.92 16.59 -28.08
C GLU B 121 20.64 16.50 -28.90
N ILE B 122 19.68 17.35 -28.59
CA ILE B 122 18.39 17.27 -29.27
C ILE B 122 17.89 18.57 -29.86
N CYS B 123 17.15 18.44 -30.96
CA CYS B 123 16.56 19.57 -31.65
C CYS B 123 15.08 19.33 -31.90
N VAL B 124 14.24 20.30 -31.52
CA VAL B 124 12.81 20.22 -31.75
C VAL B 124 12.45 21.31 -32.75
N ALA B 125 11.80 20.93 -33.84
CA ALA B 125 11.44 21.89 -34.86
C ALA B 125 9.94 21.99 -34.98
N GLU B 126 9.47 23.23 -35.09
CA GLU B 126 8.03 23.49 -35.22
C GLU B 126 7.74 24.41 -36.39
N VAL B 127 6.73 24.06 -37.17
CA VAL B 127 6.32 24.85 -38.32
C VAL B 127 4.91 25.38 -38.02
N GLY B 128 4.53 26.52 -38.58
CA GLY B 128 3.20 27.07 -38.34
C GLY B 128 2.05 26.25 -38.90
N ARG B 129 0.81 26.67 -38.61
CA ARG B 129 -0.35 25.94 -39.12
C ARG B 129 -0.52 26.22 -40.60
N VAL B 130 -1.30 25.40 -41.29
CA VAL B 130 -1.50 25.54 -42.72
C VAL B 130 -1.61 26.99 -43.22
N GLY B 131 -2.56 27.74 -42.68
CA GLY B 131 -2.72 29.11 -43.10
C GLY B 131 -1.68 30.07 -42.53
N SER B 132 -1.54 30.06 -41.20
CA SER B 132 -0.60 30.94 -40.50
C SER B 132 0.66 31.37 -41.25
N PRO B 133 1.01 32.65 -41.13
CA PRO B 133 2.20 33.20 -41.78
C PRO B 133 3.39 33.12 -40.84
N LYS B 134 3.18 32.50 -39.68
CA LYS B 134 4.22 32.35 -38.66
C LYS B 134 5.45 31.61 -39.17
N ALA B 135 6.62 32.17 -38.87
CA ALA B 135 7.90 31.59 -39.28
C ALA B 135 8.29 30.40 -38.42
N PRO B 136 8.77 29.31 -39.04
CA PRO B 136 9.16 28.13 -38.27
C PRO B 136 10.10 28.46 -37.11
N GLN B 137 10.11 27.58 -36.10
CA GLN B 137 10.94 27.75 -34.92
C GLN B 137 11.75 26.51 -34.61
N LEU B 138 12.95 26.69 -34.09
CA LEU B 138 13.82 25.58 -33.75
C LEU B 138 14.31 25.71 -32.32
N TYR B 139 14.43 24.58 -31.62
CA TYR B 139 14.97 24.60 -30.26
C TYR B 139 16.05 23.55 -30.16
N ARG B 140 17.08 23.84 -29.38
CA ARG B 140 18.16 22.88 -29.20
C ARG B 140 18.33 22.64 -27.72
N ILE B 141 18.35 21.37 -27.31
CA ILE B 141 18.51 21.04 -25.90
C ILE B 141 19.75 20.17 -25.76
N THR B 142 20.61 20.51 -24.80
CA THR B 142 21.84 19.74 -24.61
C THR B 142 21.80 18.83 -23.41
N TYR B 143 22.83 17.99 -23.30
CA TYR B 143 22.94 17.01 -22.25
C TYR B 143 22.83 17.52 -20.83
N ASP B 144 23.08 18.80 -20.59
CA ASP B 144 23.02 19.29 -19.22
C ASP B 144 21.75 20.06 -18.90
N GLY B 145 20.83 20.09 -19.86
CA GLY B 145 19.58 20.81 -19.68
C GLY B 145 19.58 22.23 -20.22
N SER B 146 20.59 22.56 -21.00
CA SER B 146 20.65 23.89 -21.57
C SER B 146 19.72 23.88 -22.76
N ILE B 147 19.15 25.04 -23.05
CA ILE B 147 18.23 25.13 -24.17
C ILE B 147 18.31 26.51 -24.81
N VAL B 148 18.33 26.54 -26.13
CA VAL B 148 18.41 27.80 -26.87
C VAL B 148 17.46 27.74 -28.04
N ASP B 149 16.93 28.90 -28.42
CA ASP B 149 16.03 28.94 -29.57
C ASP B 149 16.79 29.53 -30.76
N GLU B 150 16.69 28.86 -31.90
CA GLU B 150 17.35 29.29 -33.13
C GLU B 150 16.27 29.50 -34.18
N GLN B 151 16.37 30.55 -34.96
CA GLN B 151 15.36 30.80 -35.97
C GLN B 151 15.81 30.56 -37.40
N HIS B 152 17.08 30.20 -37.57
CA HIS B 152 17.64 29.95 -38.90
C HIS B 152 18.12 28.52 -39.12
N PHE B 153 19.06 28.08 -38.28
CA PHE B 153 19.57 26.73 -38.43
C PHE B 153 20.22 26.24 -37.15
N VAL B 154 20.40 24.93 -37.06
CA VAL B 154 21.04 24.29 -35.92
C VAL B 154 21.98 23.21 -36.41
N VAL B 155 23.16 23.13 -35.80
CA VAL B 155 24.17 22.15 -36.15
C VAL B 155 24.58 21.45 -34.89
N MET B 156 24.64 20.12 -34.93
CA MET B 156 25.04 19.32 -33.77
C MET B 156 25.68 18.00 -34.18
N GLY B 157 26.53 17.48 -33.29
CA GLY B 157 27.24 16.23 -33.56
C GLY B 157 28.62 16.43 -34.15
N GLY B 158 29.58 15.57 -33.77
CA GLY B 158 30.93 15.67 -34.29
C GLY B 158 31.58 17.01 -34.07
N THR B 159 32.39 17.45 -35.03
CA THR B 159 33.07 18.74 -34.92
C THR B 159 32.18 19.77 -35.64
N THR B 160 31.45 20.52 -34.83
CA THR B 160 30.51 21.50 -35.35
C THR B 160 31.07 22.81 -35.91
N GLU B 161 32.01 23.42 -35.20
CA GLU B 161 32.61 24.69 -35.62
C GLU B 161 32.77 24.92 -37.12
N PRO B 162 33.42 23.99 -37.83
CA PRO B 162 33.61 24.15 -39.27
C PRO B 162 32.28 24.11 -40.03
N ILE B 163 31.39 23.19 -39.64
CA ILE B 163 30.09 23.06 -40.29
C ILE B 163 29.19 24.25 -40.00
N ALA B 164 29.29 24.78 -38.79
CA ALA B 164 28.51 25.93 -38.37
C ALA B 164 28.85 27.14 -39.22
N THR B 165 30.11 27.55 -39.17
CA THR B 165 30.58 28.70 -39.95
C THR B 165 30.18 28.56 -41.42
N ALA B 166 30.33 27.37 -41.99
CA ALA B 166 29.95 27.14 -43.38
C ALA B 166 28.49 27.55 -43.57
N MET B 167 27.62 27.04 -42.70
CA MET B 167 26.20 27.36 -42.75
C MET B 167 25.97 28.84 -42.54
N ARG B 168 26.65 29.39 -41.53
CA ARG B 168 26.55 30.79 -41.16
C ARG B 168 26.75 31.69 -42.37
N GLU B 169 27.55 31.21 -43.32
CA GLU B 169 27.85 31.97 -44.51
C GLU B 169 26.97 31.63 -45.71
N SER B 170 26.64 30.36 -45.88
CA SER B 170 25.80 29.95 -47.00
C SER B 170 24.30 29.95 -46.70
N TYR B 171 23.89 30.53 -45.57
CA TYR B 171 22.47 30.57 -45.25
C TYR B 171 21.77 31.81 -45.78
N ARG B 172 20.57 31.60 -46.30
CA ARG B 172 19.77 32.69 -46.83
C ARG B 172 18.32 32.31 -46.55
N ALA B 173 17.49 33.32 -46.30
CA ALA B 173 16.08 33.11 -46.02
C ALA B 173 15.34 32.70 -47.29
N ASP B 174 14.15 32.14 -47.13
CA ASP B 174 13.30 31.72 -48.24
C ASP B 174 14.00 30.81 -49.26
N LEU B 175 14.89 29.95 -48.79
CA LEU B 175 15.59 29.06 -49.70
C LEU B 175 14.70 28.00 -50.31
N ASP B 176 15.01 27.66 -51.55
CA ASP B 176 14.31 26.64 -52.31
C ASP B 176 14.63 25.29 -51.65
N LEU B 177 13.82 24.26 -51.86
CA LEU B 177 14.12 22.96 -51.25
C LEU B 177 15.49 22.46 -51.72
N GLU B 178 15.70 22.48 -53.04
CA GLU B 178 16.96 22.04 -53.63
C GLU B 178 18.14 22.86 -53.13
N ALA B 179 17.94 24.16 -52.98
CA ALA B 179 18.98 25.05 -52.50
C ALA B 179 19.33 24.72 -51.04
N ALA B 180 18.30 24.67 -50.20
CA ALA B 180 18.45 24.37 -48.78
C ALA B 180 19.21 23.07 -48.57
N VAL B 181 18.87 22.04 -49.35
CA VAL B 181 19.56 20.77 -49.24
C VAL B 181 21.05 20.96 -49.57
N GLY B 182 21.34 21.72 -50.62
CA GLY B 182 22.71 21.96 -51.01
C GLY B 182 23.48 22.64 -49.90
N ILE B 183 22.90 23.71 -49.36
CA ILE B 183 23.48 24.48 -48.27
C ILE B 183 23.93 23.55 -47.16
N ALA B 184 23.03 22.65 -46.75
CA ALA B 184 23.32 21.70 -45.68
C ALA B 184 24.34 20.65 -46.10
N VAL B 185 24.15 20.04 -47.26
CA VAL B 185 25.08 19.03 -47.72
C VAL B 185 26.51 19.55 -47.84
N ASN B 186 26.68 20.75 -48.38
CA ASN B 186 28.02 21.31 -48.50
C ASN B 186 28.60 21.66 -47.14
N ALA B 187 27.78 22.20 -46.26
CA ALA B 187 28.26 22.55 -44.92
C ALA B 187 28.72 21.29 -44.18
N LEU B 188 28.06 20.17 -44.46
CA LEU B 188 28.41 18.92 -43.82
C LEU B 188 29.77 18.44 -44.29
N ARG B 189 30.15 18.80 -45.51
CA ARG B 189 31.44 18.39 -46.06
C ARG B 189 32.63 19.13 -45.45
N GLN B 190 32.34 20.21 -44.73
CA GLN B 190 33.38 21.00 -44.07
C GLN B 190 33.74 20.40 -42.72
N GLY B 191 33.33 19.16 -42.49
CA GLY B 191 33.62 18.50 -41.24
C GLY B 191 34.54 17.32 -41.40
N GLY B 192 35.01 16.75 -40.28
CA GLY B 192 35.91 15.62 -40.35
C GLY B 192 37.26 15.87 -39.70
N VAL B 201 32.73 10.15 -48.38
CA VAL B 201 31.95 10.56 -47.22
C VAL B 201 30.97 11.68 -47.59
N ASP B 202 29.72 11.50 -47.20
CA ASP B 202 28.65 12.46 -47.46
C ASP B 202 27.99 12.30 -48.84
N VAL B 203 27.65 11.06 -49.18
CA VAL B 203 27.01 10.73 -50.46
C VAL B 203 25.49 10.73 -50.24
N ALA B 204 24.72 10.05 -51.09
CA ALA B 204 23.27 10.00 -50.93
C ALA B 204 22.98 8.99 -49.81
N SER B 205 23.92 8.90 -48.87
CA SER B 205 23.77 7.99 -47.73
C SER B 205 23.67 8.77 -46.42
N LEU B 206 22.50 9.39 -46.26
CA LEU B 206 22.15 10.19 -45.08
C LEU B 206 20.62 10.24 -44.91
N GLU B 207 20.17 10.64 -43.73
CA GLU B 207 18.74 10.70 -43.41
C GLU B 207 18.16 12.10 -43.62
N VAL B 208 17.17 12.19 -44.51
CA VAL B 208 16.55 13.49 -44.81
C VAL B 208 15.03 13.50 -44.71
N ALA B 209 14.50 14.60 -44.18
CA ALA B 209 13.07 14.77 -44.03
C ALA B 209 12.71 16.23 -43.88
N VAL B 210 11.43 16.54 -44.01
CA VAL B 210 10.99 17.91 -43.88
C VAL B 210 9.72 18.04 -43.08
N LEU B 211 9.46 19.27 -42.66
CA LEU B 211 8.27 19.62 -41.94
C LEU B 211 7.60 20.56 -42.94
N ASP B 212 6.82 19.98 -43.85
CA ASP B 212 6.13 20.73 -44.91
C ASP B 212 4.88 21.46 -44.41
N GLN B 213 4.99 22.77 -44.25
CA GLN B 213 3.86 23.55 -43.76
C GLN B 213 2.63 23.56 -44.66
N SER B 214 2.81 23.29 -45.95
CA SER B 214 1.68 23.29 -46.86
C SER B 214 0.70 22.18 -46.51
N ARG B 215 1.19 21.12 -45.86
CA ARG B 215 0.31 20.00 -45.50
C ARG B 215 -0.78 20.36 -44.49
N PRO B 216 -1.98 19.78 -44.66
CA PRO B 216 -3.14 20.03 -43.78
C PRO B 216 -2.88 19.79 -42.29
N ARG B 217 -2.56 18.55 -41.92
CA ARG B 217 -2.32 18.22 -40.52
C ARG B 217 -0.90 17.79 -40.26
N ARG B 218 -0.58 16.54 -40.57
CA ARG B 218 0.75 15.99 -40.35
C ARG B 218 1.74 16.54 -41.37
N ALA B 219 2.59 17.45 -40.91
CA ALA B 219 3.58 18.09 -41.76
C ALA B 219 4.88 17.34 -41.99
N PHE B 220 5.16 16.34 -41.15
CA PHE B 220 6.41 15.60 -41.30
C PHE B 220 6.39 14.66 -42.49
N ARG B 221 7.48 14.66 -43.25
CA ARG B 221 7.60 13.82 -44.42
C ARG B 221 9.07 13.51 -44.66
N ARG B 222 9.36 12.25 -44.99
CA ARG B 222 10.73 11.83 -45.27
C ARG B 222 10.99 11.89 -46.78
N ILE B 223 12.24 12.11 -47.17
CA ILE B 223 12.59 12.18 -48.59
C ILE B 223 13.46 10.98 -48.96
N ALA B 224 12.87 10.06 -49.72
CA ALA B 224 13.53 8.82 -50.15
C ALA B 224 14.64 8.98 -51.16
N GLY B 225 15.24 7.85 -51.53
CA GLY B 225 16.33 7.85 -52.48
C GLY B 225 16.11 8.62 -53.77
N THR B 226 15.37 8.04 -54.70
CA THR B 226 15.10 8.66 -55.97
C THR B 226 14.87 10.17 -55.89
N ALA B 227 14.04 10.60 -54.94
CA ALA B 227 13.76 12.03 -54.80
C ALA B 227 14.97 12.77 -54.24
N LEU B 228 15.74 12.11 -53.37
CA LEU B 228 16.91 12.72 -52.77
C LEU B 228 18.02 12.85 -53.81
N GLU B 229 18.04 11.90 -54.75
CA GLU B 229 19.03 11.88 -55.83
C GLU B 229 19.15 13.25 -56.46
N GLN B 230 18.01 13.78 -56.87
CA GLN B 230 17.93 15.09 -57.52
C GLN B 230 17.87 16.26 -56.55
N LEU B 231 18.70 16.23 -55.51
CA LEU B 231 18.73 17.31 -54.54
C LEU B 231 20.11 17.46 -53.94
N VAL B 232 20.79 16.32 -53.77
CA VAL B 232 22.13 16.31 -53.21
C VAL B 232 23.18 16.62 -54.29
N PRO B 233 23.79 17.81 -54.24
CA PRO B 233 24.79 18.22 -55.22
C PRO B 233 26.08 17.40 -55.15
N ALA B 234 26.70 17.21 -56.32
CA ALA B 234 27.95 16.45 -56.40
C ALA B 234 29.11 17.31 -55.87
N GLU B 235 30.25 16.69 -55.62
CA GLU B 235 31.41 17.40 -55.08
C GLU B 235 32.44 17.78 -56.15
N ALA C 9 33.16 17.89 5.89
CA ALA C 9 31.77 18.21 6.38
C ALA C 9 31.43 19.67 6.09
N GLU C 10 32.20 20.57 6.70
CA GLU C 10 32.02 22.00 6.50
C GLU C 10 32.58 22.35 5.13
N GLN C 11 33.43 21.47 4.62
CA GLN C 11 34.04 21.70 3.31
C GLN C 11 33.06 21.34 2.20
N ILE C 12 32.17 20.41 2.48
CA ILE C 12 31.19 20.01 1.48
C ILE C 12 30.37 21.23 1.08
N MET C 13 29.74 21.85 2.08
CA MET C 13 28.90 23.03 1.83
C MET C 13 29.73 24.18 1.24
N ARG C 14 31.02 24.17 1.55
CA ARG C 14 31.95 25.17 1.05
C ARG C 14 31.98 25.07 -0.48
N ASP C 15 32.25 23.86 -0.97
CA ASP C 15 32.32 23.57 -2.39
C ASP C 15 30.98 23.74 -3.09
N ARG C 16 29.94 23.21 -2.48
CA ARG C 16 28.59 23.30 -3.04
C ARG C 16 28.29 24.77 -3.27
N SER C 17 28.63 25.60 -2.30
CA SER C 17 28.37 27.03 -2.39
C SER C 17 29.13 27.66 -3.56
N GLU C 18 30.38 27.27 -3.75
CA GLU C 18 31.18 27.82 -4.83
C GLU C 18 30.65 27.43 -6.20
N LEU C 19 30.23 26.19 -6.35
CA LEU C 19 29.70 25.72 -7.61
C LEU C 19 28.53 26.61 -8.02
N ALA C 20 27.65 26.90 -7.09
CA ALA C 20 26.48 27.74 -7.37
C ALA C 20 26.86 29.19 -7.68
N ARG C 21 27.68 29.78 -6.82
CA ARG C 21 28.12 31.17 -6.99
C ARG C 21 28.75 31.41 -8.35
N LYS C 22 29.69 30.55 -8.72
CA LYS C 22 30.39 30.68 -9.99
C LYS C 22 29.43 30.55 -11.16
N GLY C 23 28.56 29.54 -11.09
CA GLY C 23 27.61 29.34 -12.16
C GLY C 23 26.75 30.57 -12.40
N ILE C 24 26.38 31.23 -11.31
CA ILE C 24 25.53 32.42 -11.40
C ILE C 24 26.32 33.63 -11.91
N ALA C 25 27.55 33.79 -11.41
CA ALA C 25 28.41 34.89 -11.83
C ALA C 25 28.79 34.74 -13.30
N ARG C 26 28.66 33.53 -13.82
CA ARG C 26 28.99 33.25 -15.21
C ARG C 26 27.87 33.68 -16.15
N GLY C 27 26.67 33.83 -15.60
CA GLY C 27 25.53 34.22 -16.42
C GLY C 27 25.32 35.73 -16.53
N ARG C 28 24.24 36.12 -17.22
CA ARG C 28 23.94 37.54 -17.37
C ARG C 28 23.27 38.13 -16.13
N SER C 29 22.96 39.43 -16.18
CA SER C 29 22.36 40.07 -15.02
C SER C 29 20.93 40.53 -15.19
N VAL C 30 20.35 40.91 -14.05
CA VAL C 30 18.98 41.37 -14.00
C VAL C 30 18.89 42.46 -12.95
N VAL C 31 18.05 43.46 -13.21
CA VAL C 31 17.85 44.55 -12.26
C VAL C 31 16.36 44.70 -12.01
N VAL C 32 15.98 44.74 -10.74
CA VAL C 32 14.59 44.90 -10.35
C VAL C 32 14.55 46.12 -9.43
N LEU C 33 13.65 47.05 -9.72
CA LEU C 33 13.55 48.27 -8.91
C LEU C 33 12.14 48.80 -8.74
N THR C 34 12.02 49.61 -7.69
CA THR C 34 10.77 50.26 -7.30
C THR C 34 10.65 51.66 -7.86
N PHE C 35 9.53 51.98 -8.49
CA PHE C 35 9.32 53.33 -9.00
C PHE C 35 7.89 53.82 -8.84
N ARG C 36 7.57 54.91 -9.53
CA ARG C 36 6.26 55.55 -9.46
C ARG C 36 5.04 54.66 -9.71
N ASP C 37 5.11 53.84 -10.75
CA ASP C 37 3.96 53.01 -11.08
C ASP C 37 3.91 51.66 -10.38
N GLY C 38 5.04 51.22 -9.82
CA GLY C 38 5.06 49.94 -9.15
C GLY C 38 6.43 49.30 -9.17
N VAL C 39 6.58 48.24 -9.98
CA VAL C 39 7.88 47.57 -10.06
C VAL C 39 8.31 47.36 -11.49
N LEU C 40 9.60 47.55 -11.75
CA LEU C 40 10.16 47.38 -13.08
C LEU C 40 11.19 46.24 -13.13
N PHE C 41 11.09 45.43 -14.19
CA PHE C 41 12.01 44.31 -14.38
C PHE C 41 12.83 44.56 -15.64
N VAL C 42 14.14 44.56 -15.48
CA VAL C 42 15.04 44.74 -16.61
C VAL C 42 16.06 43.62 -16.53
N ALA C 43 15.95 42.68 -17.46
CA ALA C 43 16.85 41.55 -17.45
C ALA C 43 17.57 41.38 -18.77
N GLU C 44 18.84 41.00 -18.69
CA GLU C 44 19.60 40.77 -19.89
C GLU C 44 19.20 39.40 -20.45
N ASN C 45 18.55 39.38 -21.61
CA ASN C 45 18.12 38.12 -22.22
C ASN C 45 17.93 38.32 -23.73
N PRO C 46 18.80 37.69 -24.53
CA PRO C 46 18.72 37.79 -25.98
C PRO C 46 17.52 37.10 -26.60
N SER C 47 16.97 36.11 -25.89
CA SER C 47 15.83 35.34 -26.39
C SER C 47 14.47 35.97 -26.11
N THR C 48 13.50 35.70 -26.97
CA THR C 48 12.16 36.22 -26.79
C THR C 48 11.18 35.06 -26.60
N ALA C 49 11.71 33.84 -26.65
CA ALA C 49 10.94 32.61 -26.47
C ALA C 49 11.09 32.09 -25.04
N LEU C 50 12.32 32.11 -24.53
CA LEU C 50 12.63 31.64 -23.17
C LEU C 50 12.78 32.84 -22.24
N HIS C 51 11.95 32.92 -21.20
CA HIS C 51 11.96 34.07 -20.28
C HIS C 51 12.68 33.90 -18.94
N LYS C 52 12.96 35.01 -18.28
CA LYS C 52 13.62 35.01 -16.98
C LYS C 52 12.75 35.84 -16.05
N VAL C 53 11.73 36.44 -16.64
CA VAL C 53 10.80 37.27 -15.89
C VAL C 53 9.40 36.76 -16.17
N SER C 54 8.55 36.76 -15.14
CA SER C 54 7.21 36.27 -15.34
C SER C 54 6.24 36.71 -14.26
N GLU C 55 4.96 36.66 -14.60
CA GLU C 55 3.92 36.97 -13.63
C GLU C 55 3.83 35.78 -12.67
N LEU C 56 3.54 36.04 -11.40
CA LEU C 56 3.37 34.97 -10.41
C LEU C 56 1.88 34.89 -10.10
N TYR C 57 1.32 36.01 -9.66
CA TYR C 57 -0.09 36.10 -9.33
C TYR C 57 -0.59 37.52 -9.65
N ASP C 58 -1.77 37.87 -9.14
CA ASP C 58 -2.35 39.19 -9.38
C ASP C 58 -1.38 40.35 -9.17
N ARG C 59 -0.77 40.42 -8.00
CA ARG C 59 0.16 41.51 -7.68
C ARG C 59 1.60 41.03 -7.44
N LEU C 60 1.95 39.86 -7.99
CA LEU C 60 3.29 39.33 -7.80
C LEU C 60 4.01 39.05 -9.11
N GLY C 61 5.30 39.36 -9.11
CA GLY C 61 6.15 39.17 -10.26
C GLY C 61 7.35 38.34 -9.89
N PHE C 62 7.90 37.66 -10.88
CA PHE C 62 9.05 36.78 -10.71
C PHE C 62 10.20 37.06 -11.68
N ALA C 63 11.43 37.01 -11.15
CA ALA C 63 12.65 37.22 -11.94
C ALA C 63 13.75 36.35 -11.35
N ALA C 64 14.55 35.77 -12.22
CA ALA C 64 15.63 34.89 -11.78
C ALA C 64 16.85 34.92 -12.70
N VAL C 65 17.97 34.41 -12.20
CA VAL C 65 19.21 34.32 -12.97
C VAL C 65 19.81 32.97 -12.61
N GLY C 66 20.69 32.47 -13.47
CA GLY C 66 21.32 31.20 -13.20
C GLY C 66 20.99 30.19 -14.26
N LYS C 67 20.89 28.92 -13.86
CA LYS C 67 20.58 27.87 -14.79
C LYS C 67 19.08 27.88 -15.10
N TYR C 68 18.73 28.08 -16.37
CA TYR C 68 17.34 28.15 -16.81
C TYR C 68 16.39 27.03 -16.38
N ASN C 69 16.72 25.78 -16.73
CA ASN C 69 15.84 24.67 -16.41
C ASN C 69 15.53 24.61 -14.93
N GLU C 70 16.45 25.11 -14.12
CA GLU C 70 16.23 25.08 -12.68
C GLU C 70 15.34 26.22 -12.18
N PHE C 71 15.53 27.45 -12.66
CA PHE C 71 14.64 28.48 -12.16
C PHE C 71 13.28 28.45 -12.86
N GLU C 72 13.23 27.87 -14.05
CA GLU C 72 11.97 27.74 -14.76
C GLU C 72 11.12 26.78 -13.94
N ASN C 73 11.79 25.81 -13.33
CA ASN C 73 11.15 24.82 -12.50
C ASN C 73 10.56 25.52 -11.27
N LEU C 74 11.39 26.34 -10.62
CA LEU C 74 10.94 27.06 -9.44
C LEU C 74 9.86 28.09 -9.81
N ARG C 75 9.88 28.57 -11.05
CA ARG C 75 8.88 29.55 -11.47
C ARG C 75 7.51 28.86 -11.48
N ARG C 76 7.44 27.68 -12.09
CA ARG C 76 6.19 26.94 -12.16
C ARG C 76 5.68 26.58 -10.77
N ALA C 77 6.56 26.09 -9.91
CA ALA C 77 6.17 25.72 -8.56
C ALA C 77 5.53 26.94 -7.88
N GLY C 78 6.12 28.10 -8.12
CA GLY C 78 5.59 29.32 -7.53
C GLY C 78 4.18 29.62 -7.99
N ILE C 79 3.93 29.47 -9.28
CA ILE C 79 2.60 29.72 -9.82
C ILE C 79 1.60 28.71 -9.23
N VAL C 80 2.00 27.44 -9.16
CA VAL C 80 1.17 26.41 -8.59
C VAL C 80 0.81 26.79 -7.17
N HIS C 81 1.85 27.10 -6.39
CA HIS C 81 1.68 27.48 -4.97
C HIS C 81 0.74 28.67 -4.81
N ALA C 82 0.91 29.71 -5.62
CA ALA C 82 0.06 30.89 -5.52
C ALA C 82 -1.39 30.62 -5.89
N ASP C 83 -1.60 29.96 -7.02
CA ASP C 83 -2.95 29.66 -7.48
C ASP C 83 -3.73 28.84 -6.48
N MET C 84 -3.03 27.88 -5.89
CA MET C 84 -3.62 27.01 -4.92
C MET C 84 -4.04 27.75 -3.64
N ARG C 85 -3.15 28.60 -3.10
CA ARG C 85 -3.48 29.35 -1.89
C ARG C 85 -4.67 30.26 -2.13
N GLY C 86 -4.70 30.89 -3.31
CA GLY C 86 -5.79 31.79 -3.64
C GLY C 86 -7.13 31.07 -3.69
N TYR C 87 -7.11 29.83 -4.20
CA TYR C 87 -8.31 29.03 -4.29
C TYR C 87 -8.79 28.50 -2.93
N SER C 88 -7.86 28.04 -2.09
CA SER C 88 -8.20 27.54 -0.76
C SER C 88 -8.76 28.65 0.13
N TYR C 89 -8.33 29.89 -0.13
CA TYR C 89 -8.80 31.03 0.65
C TYR C 89 -9.38 32.07 -0.29
N ASP C 90 -8.70 33.22 -0.37
CA ASP C 90 -9.16 34.25 -1.28
C ASP C 90 -7.95 34.76 -2.04
N ARG C 91 -8.14 35.25 -3.25
CA ARG C 91 -7.02 35.75 -4.04
C ARG C 91 -6.19 36.75 -3.23
N ARG C 92 -6.88 37.62 -2.51
CA ARG C 92 -6.22 38.64 -1.71
C ARG C 92 -5.39 38.14 -0.54
N ASP C 93 -5.47 36.84 -0.24
CA ASP C 93 -4.69 36.26 0.85
C ASP C 93 -3.32 35.78 0.38
N VAL C 94 -3.11 35.83 -0.93
CA VAL C 94 -1.85 35.42 -1.55
C VAL C 94 -0.84 36.56 -1.41
N THR C 95 0.18 36.36 -0.59
CA THR C 95 1.17 37.42 -0.37
C THR C 95 2.55 37.11 -0.92
N GLY C 96 3.28 38.18 -1.26
CA GLY C 96 4.63 38.03 -1.78
C GLY C 96 5.54 37.40 -0.75
N ARG C 97 5.35 37.78 0.51
CA ARG C 97 6.16 37.25 1.59
C ARG C 97 5.98 35.75 1.71
N SER C 98 4.75 35.29 1.55
CA SER C 98 4.47 33.88 1.63
C SER C 98 5.26 33.10 0.56
N LEU C 99 5.23 33.57 -0.69
CA LEU C 99 5.97 32.87 -1.73
C LEU C 99 7.47 32.92 -1.50
N ALA C 100 7.97 34.06 -1.06
CA ALA C 100 9.39 34.23 -0.80
C ALA C 100 9.85 33.20 0.23
N ASN C 101 9.09 33.07 1.32
CA ASN C 101 9.43 32.11 2.36
C ASN C 101 9.42 30.68 1.80
N ALA C 102 8.51 30.39 0.88
CA ALA C 102 8.43 29.05 0.32
C ALA C 102 9.67 28.76 -0.53
N TYR C 103 10.10 29.72 -1.33
CA TYR C 103 11.29 29.55 -2.15
C TYR C 103 12.50 29.35 -1.26
N ALA C 104 12.57 30.12 -0.18
CA ALA C 104 13.69 30.00 0.74
C ALA C 104 13.73 28.59 1.30
N GLN C 105 12.59 28.10 1.75
CA GLN C 105 12.48 26.75 2.31
C GLN C 105 12.95 25.72 1.27
N THR C 106 12.38 25.82 0.07
CA THR C 106 12.72 24.91 -1.04
C THR C 106 14.21 24.89 -1.42
N LEU C 107 14.77 26.06 -1.72
CA LEU C 107 16.17 26.17 -2.11
C LEU C 107 17.10 25.67 -1.00
N GLY C 108 16.68 25.91 0.24
CA GLY C 108 17.49 25.50 1.36
C GLY C 108 17.59 23.99 1.42
N THR C 109 16.47 23.33 1.17
CA THR C 109 16.45 21.89 1.20
C THR C 109 17.25 21.29 0.04
N ILE C 110 17.13 21.90 -1.13
CA ILE C 110 17.88 21.45 -2.28
C ILE C 110 19.39 21.59 -2.05
N PHE C 111 19.80 22.71 -1.46
CA PHE C 111 21.21 22.96 -1.20
C PHE C 111 21.82 21.95 -0.23
N THR C 112 20.98 21.35 0.59
CA THR C 112 21.44 20.39 1.60
C THR C 112 21.27 18.92 1.25
N GLU C 113 20.20 18.59 0.55
CA GLU C 113 19.91 17.20 0.24
C GLU C 113 20.13 16.73 -1.19
N GLN C 114 19.89 17.61 -2.15
CA GLN C 114 20.06 17.24 -3.55
C GLN C 114 21.52 16.98 -3.96
N PRO C 115 21.71 16.19 -5.02
CA PRO C 115 23.05 15.85 -5.52
C PRO C 115 23.85 17.09 -5.91
N LYS C 116 23.14 18.11 -6.39
CA LYS C 116 23.79 19.34 -6.80
C LYS C 116 22.88 20.49 -6.43
N PRO C 117 23.46 21.56 -5.86
CA PRO C 117 22.63 22.70 -5.48
C PRO C 117 22.11 23.37 -6.74
N TYR C 118 21.07 24.18 -6.61
CA TYR C 118 20.52 24.87 -7.75
C TYR C 118 21.35 26.11 -8.02
N GLU C 119 21.83 26.24 -9.25
CA GLU C 119 22.62 27.41 -9.61
C GLU C 119 21.60 28.47 -9.98
N VAL C 120 20.94 29.02 -8.97
CA VAL C 120 19.89 30.00 -9.19
C VAL C 120 19.85 31.13 -8.16
N GLU C 121 19.22 32.23 -8.52
CA GLU C 121 19.01 33.34 -7.61
C GLU C 121 17.64 33.84 -8.03
N ILE C 122 16.79 34.09 -7.06
CA ILE C 122 15.43 34.52 -7.36
C ILE C 122 14.96 35.77 -6.65
N CYS C 123 14.10 36.52 -7.36
CA CYS C 123 13.51 37.74 -6.81
C CYS C 123 12.00 37.71 -6.98
N VAL C 124 11.29 37.98 -5.89
CA VAL C 124 9.84 38.04 -5.89
C VAL C 124 9.45 39.49 -5.65
N ALA C 125 8.66 40.06 -6.54
CA ALA C 125 8.23 41.44 -6.39
C ALA C 125 6.73 41.54 -6.17
N GLU C 126 6.33 42.37 -5.22
CA GLU C 126 4.92 42.57 -4.92
C GLU C 126 4.56 44.05 -4.91
N VAL C 127 3.43 44.37 -5.53
CA VAL C 127 2.96 45.74 -5.57
C VAL C 127 1.63 45.78 -4.80
N GLY C 128 1.26 46.93 -4.22
CA GLY C 128 0.02 47.01 -3.46
C GLY C 128 -1.25 46.87 -4.29
N ARG C 129 -2.42 46.84 -3.61
CA ARG C 129 -3.68 46.72 -4.34
C ARG C 129 -4.00 48.04 -5.01
N VAL C 130 -4.91 48.01 -5.98
CA VAL C 130 -5.28 49.20 -6.73
C VAL C 130 -5.34 50.48 -5.91
N GLY C 131 -6.16 50.50 -4.87
CA GLY C 131 -6.28 51.69 -4.06
C GLY C 131 -5.11 51.91 -3.11
N SER C 132 -4.81 50.89 -2.30
CA SER C 132 -3.73 50.94 -1.32
C SER C 132 -2.55 51.84 -1.61
N PRO C 133 -2.09 52.59 -0.60
CA PRO C 133 -0.95 53.50 -0.73
C PRO C 133 0.33 52.79 -0.37
N LYS C 134 0.21 51.49 -0.10
CA LYS C 134 1.36 50.66 0.29
C LYS C 134 2.48 50.64 -0.76
N ALA C 135 3.71 50.83 -0.30
CA ALA C 135 4.88 50.84 -1.17
C ALA C 135 5.28 49.43 -1.60
N PRO C 136 5.61 49.25 -2.89
CA PRO C 136 6.01 47.92 -3.37
C PRO C 136 7.10 47.28 -2.52
N GLN C 137 7.16 45.95 -2.59
CA GLN C 137 8.14 45.18 -1.82
C GLN C 137 8.89 44.19 -2.71
N LEU C 138 10.16 43.96 -2.38
CA LEU C 138 10.98 43.03 -3.14
C LEU C 138 11.65 42.04 -2.21
N TYR C 139 11.79 40.80 -2.66
CA TYR C 139 12.47 39.78 -1.85
C TYR C 139 13.47 39.10 -2.75
N ARG C 140 14.61 38.72 -2.18
CA ARG C 140 15.62 38.02 -2.94
C ARG C 140 15.97 36.74 -2.22
N ILE C 141 15.93 35.62 -2.95
CA ILE C 141 16.23 34.33 -2.37
C ILE C 141 17.41 33.73 -3.10
N THR C 142 18.40 33.24 -2.37
CA THR C 142 19.59 32.66 -2.99
C THR C 142 19.63 31.14 -2.96
N TYR C 143 20.58 30.59 -3.68
CA TYR C 143 20.77 29.15 -3.79
C TYR C 143 20.87 28.36 -2.48
N ASP C 144 21.24 29.01 -1.38
CA ASP C 144 21.39 28.27 -0.13
C ASP C 144 20.22 28.48 0.83
N GLY C 145 19.19 29.17 0.36
CA GLY C 145 18.02 29.41 1.19
C GLY C 145 18.07 30.72 1.94
N SER C 146 18.99 31.59 1.57
CA SER C 146 19.09 32.86 2.26
C SER C 146 18.03 33.74 1.63
N ILE C 147 17.52 34.68 2.41
CA ILE C 147 16.47 35.54 1.89
C ILE C 147 16.57 36.92 2.54
N VAL C 148 16.43 37.95 1.72
CA VAL C 148 16.50 39.32 2.23
C VAL C 148 15.42 40.16 1.60
N ASP C 149 14.94 41.17 2.32
CA ASP C 149 13.92 42.04 1.76
C ASP C 149 14.57 43.37 1.39
N GLU C 150 14.29 43.83 0.17
CA GLU C 150 14.83 45.07 -0.35
C GLU C 150 13.64 45.97 -0.70
N GLN C 151 13.72 47.25 -0.38
CA GLN C 151 12.60 48.12 -0.69
C GLN C 151 12.88 49.10 -1.83
N HIS C 152 14.10 49.07 -2.36
CA HIS C 152 14.46 49.96 -3.47
C HIS C 152 14.81 49.24 -4.76
N PHE C 153 15.81 48.38 -4.71
CA PHE C 153 16.19 47.65 -5.91
C PHE C 153 16.98 46.38 -5.58
N VAL C 154 17.07 45.48 -6.56
CA VAL C 154 17.78 44.23 -6.42
C VAL C 154 18.58 44.00 -7.69
N VAL C 155 19.82 43.53 -7.52
CA VAL C 155 20.69 43.22 -8.64
C VAL C 155 21.20 41.81 -8.45
N MET C 156 21.17 41.01 -9.51
CA MET C 156 21.63 39.63 -9.45
C MET C 156 22.11 39.12 -10.80
N GLY C 157 23.04 38.17 -10.76
CA GLY C 157 23.61 37.61 -11.97
C GLY C 157 24.92 38.25 -12.39
N GLY C 158 25.84 37.46 -12.95
CA GLY C 158 27.13 38.00 -13.37
C GLY C 158 27.91 38.70 -12.26
N THR C 159 28.62 39.76 -12.62
CA THR C 159 29.39 40.52 -11.65
C THR C 159 28.51 41.66 -11.20
N THR C 160 27.93 41.50 -10.02
CA THR C 160 27.01 42.48 -9.46
C THR C 160 27.58 43.77 -8.88
N GLU C 161 28.66 43.66 -8.09
CA GLU C 161 29.29 44.81 -7.45
C GLU C 161 29.28 46.12 -8.23
N PRO C 162 29.79 46.11 -9.47
CA PRO C 162 29.80 47.34 -10.27
C PRO C 162 28.40 47.82 -10.60
N ILE C 163 27.51 46.90 -10.95
CA ILE C 163 26.13 47.26 -11.29
C ILE C 163 25.36 47.76 -10.06
N ALA C 164 25.63 47.13 -8.91
CA ALA C 164 24.98 47.50 -7.67
C ALA C 164 25.31 48.95 -7.30
N THR C 165 26.60 49.23 -7.12
CA THR C 165 27.05 50.59 -6.79
C THR C 165 26.47 51.63 -7.75
N ALA C 166 26.47 51.33 -9.05
CA ALA C 166 25.91 52.25 -10.03
C ALA C 166 24.47 52.59 -9.65
N MET C 167 23.68 51.55 -9.39
CA MET C 167 22.27 51.70 -8.99
C MET C 167 22.19 52.47 -7.68
N ARG C 168 23.02 52.05 -6.73
CA ARG C 168 23.07 52.67 -5.40
C ARG C 168 23.20 54.17 -5.49
N GLU C 169 23.83 54.63 -6.56
CA GLU C 169 24.04 56.04 -6.75
C GLU C 169 23.00 56.71 -7.64
N SER C 170 22.55 56.01 -8.68
CA SER C 170 21.56 56.59 -9.59
C SER C 170 20.12 56.30 -9.20
N TYR C 171 19.89 55.77 -8.01
CA TYR C 171 18.53 55.48 -7.59
C TYR C 171 17.85 56.64 -6.89
N ARG C 172 16.58 56.86 -7.21
CA ARG C 172 15.82 57.92 -6.60
C ARG C 172 14.38 57.41 -6.51
N ALA C 173 13.67 57.80 -5.46
CA ALA C 173 12.29 57.40 -5.27
C ALA C 173 11.37 58.09 -6.28
N ASP C 174 10.17 57.54 -6.45
CA ASP C 174 9.17 58.09 -7.37
C ASP C 174 9.68 58.35 -8.79
N LEU C 175 10.55 57.48 -9.28
CA LEU C 175 11.08 57.64 -10.62
C LEU C 175 10.04 57.41 -11.70
N ASP C 176 10.19 58.16 -12.78
CA ASP C 176 9.32 58.09 -13.95
C ASP C 176 9.63 56.74 -14.62
N LEU C 177 8.71 56.20 -15.44
CA LEU C 177 8.99 54.92 -16.11
C LEU C 177 10.25 55.03 -16.96
N GLU C 178 10.30 56.07 -17.79
CA GLU C 178 11.45 56.31 -18.66
C GLU C 178 12.75 56.49 -17.87
N ALA C 179 12.66 57.19 -16.75
CA ALA C 179 13.82 57.43 -15.89
C ALA C 179 14.31 56.12 -15.28
N ALA C 180 13.38 55.39 -14.66
CA ALA C 180 13.68 54.10 -14.04
C ALA C 180 14.36 53.15 -15.02
N VAL C 181 13.85 53.10 -16.24
CA VAL C 181 14.46 52.25 -17.25
C VAL C 181 15.90 52.69 -17.51
N GLY C 182 16.12 53.99 -17.61
CA GLY C 182 17.46 54.52 -17.85
C GLY C 182 18.42 54.15 -16.74
N ILE C 183 17.97 54.34 -15.50
CA ILE C 183 18.73 54.01 -14.30
C ILE C 183 19.23 52.57 -14.38
N ALA C 184 18.33 51.66 -14.71
CA ALA C 184 18.67 50.26 -14.81
C ALA C 184 19.57 49.95 -16.01
N VAL C 185 19.19 50.43 -17.18
CA VAL C 185 20.00 50.19 -18.37
C VAL C 185 21.43 50.70 -18.22
N ASN C 186 21.62 51.89 -17.65
CA ASN C 186 22.96 52.41 -17.49
C ASN C 186 23.72 51.60 -16.46
N ALA C 187 23.06 51.22 -15.37
CA ALA C 187 23.72 50.43 -14.33
C ALA C 187 24.17 49.08 -14.90
N LEU C 188 23.40 48.56 -15.85
CA LEU C 188 23.73 47.29 -16.45
C LEU C 188 24.99 47.42 -17.29
N ARG C 189 25.24 48.61 -17.80
CA ARG C 189 26.42 48.83 -18.64
C ARG C 189 27.74 48.88 -17.85
N GLN C 190 27.63 49.00 -16.53
CA GLN C 190 28.79 49.05 -15.65
C GLN C 190 29.26 47.62 -15.32
N GLY C 191 28.79 46.65 -16.08
CA GLY C 191 29.19 45.28 -15.84
C GLY C 191 30.00 44.70 -16.98
N GLY C 192 30.56 43.50 -16.77
CA GLY C 192 31.35 42.87 -17.82
C GLY C 192 32.78 42.60 -17.39
N VAL C 201 26.85 45.48 -26.63
CA VAL C 201 26.24 44.80 -25.48
C VAL C 201 25.32 45.75 -24.73
N ASP C 202 24.10 45.28 -24.46
CA ASP C 202 23.08 46.03 -23.74
C ASP C 202 22.25 46.96 -24.63
N VAL C 203 21.79 46.41 -25.77
CA VAL C 203 20.97 47.17 -26.72
C VAL C 203 19.49 46.92 -26.38
N ALA C 204 18.58 47.13 -27.34
CA ALA C 204 17.17 46.90 -27.09
C ALA C 204 16.95 45.39 -27.15
N SER C 205 17.98 44.65 -26.74
CA SER C 205 17.90 43.20 -26.72
C SER C 205 18.01 42.69 -25.27
N LEU C 206 16.91 42.88 -24.56
CA LEU C 206 16.77 42.46 -23.17
C LEU C 206 15.27 42.30 -22.82
N GLU C 207 14.99 41.59 -21.72
CA GLU C 207 13.63 41.33 -21.29
C GLU C 207 13.14 42.35 -20.26
N VAL C 208 12.06 43.04 -20.60
CA VAL C 208 11.51 44.07 -19.70
C VAL C 208 10.01 43.92 -19.43
N ALA C 209 9.61 44.20 -18.19
CA ALA C 209 8.22 44.11 -17.79
C ALA C 209 8.01 44.90 -16.50
N VAL C 210 6.74 45.15 -16.19
CA VAL C 210 6.41 45.89 -14.99
C VAL C 210 5.25 45.29 -14.24
N LEU C 211 5.13 45.72 -12.99
CA LEU C 211 4.06 45.33 -12.11
C LEU C 211 3.34 46.65 -11.91
N ASP C 212 2.45 46.97 -12.85
CA ASP C 212 1.68 48.22 -12.84
C ASP C 212 0.56 48.25 -11.79
N GLN C 213 0.79 48.96 -10.69
CA GLN C 213 -0.21 49.03 -9.63
C GLN C 213 -1.55 49.66 -10.02
N SER C 214 -1.55 50.50 -11.05
CA SER C 214 -2.79 51.13 -11.47
C SER C 214 -3.79 50.11 -11.98
N ARG C 215 -3.30 48.97 -12.45
CA ARG C 215 -4.20 47.94 -12.97
C ARG C 215 -5.15 47.34 -11.93
N PRO C 216 -6.39 47.05 -12.32
CA PRO C 216 -7.43 46.47 -11.45
C PRO C 216 -7.01 45.18 -10.74
N ARG C 217 -6.74 44.12 -11.51
CA ARG C 217 -6.35 42.85 -10.92
C ARG C 217 -4.93 42.43 -11.28
N ARG C 218 -4.75 41.87 -12.47
CA ARG C 218 -3.43 41.43 -12.91
C ARG C 218 -2.53 42.60 -13.28
N ALA C 219 -1.57 42.89 -12.39
CA ALA C 219 -0.64 44.00 -12.56
C ALA C 219 0.57 43.76 -13.46
N PHE C 220 0.87 42.50 -13.73
CA PHE C 220 2.01 42.20 -14.56
C PHE C 220 1.79 42.53 -16.02
N ARG C 221 2.79 43.16 -16.64
CA ARG C 221 2.69 43.54 -18.04
C ARG C 221 4.10 43.63 -18.63
N ARG C 222 4.26 43.08 -19.83
CA ARG C 222 5.55 43.10 -20.51
C ARG C 222 5.62 44.31 -21.44
N ILE C 223 6.83 44.80 -21.68
CA ILE C 223 7.02 45.96 -22.56
C ILE C 223 7.76 45.54 -23.83
N ALA C 224 7.01 45.50 -24.92
CA ALA C 224 7.50 45.08 -26.23
C ALA C 224 8.50 46.03 -26.90
N GLY C 225 8.98 45.62 -28.07
CA GLY C 225 9.95 46.41 -28.81
C GLY C 225 9.64 47.89 -28.97
N THR C 226 8.74 48.19 -29.90
CA THR C 226 8.37 49.57 -30.19
C THR C 226 8.27 50.44 -28.95
N ALA C 227 7.60 49.94 -27.92
CA ALA C 227 7.44 50.70 -26.69
C ALA C 227 8.76 50.80 -25.92
N LEU C 228 9.57 49.75 -26.00
CA LEU C 228 10.85 49.73 -25.31
C LEU C 228 11.82 50.68 -26.01
N GLU C 229 11.68 50.79 -27.32
CA GLU C 229 12.51 51.67 -28.15
C GLU C 229 12.64 53.03 -27.49
N GLN C 230 11.51 53.62 -27.18
CA GLN C 230 11.45 54.95 -26.58
C GLN C 230 11.60 54.95 -25.06
N LEU C 231 12.54 54.16 -24.55
CA LEU C 231 12.76 54.10 -23.11
C LEU C 231 14.21 53.80 -22.80
N VAL C 232 14.82 52.98 -23.66
CA VAL C 232 16.21 52.60 -23.49
C VAL C 232 17.14 53.69 -24.07
N PRO C 233 17.84 54.43 -23.19
CA PRO C 233 18.75 55.49 -23.62
C PRO C 233 19.97 54.99 -24.38
N ALA C 234 20.44 55.78 -25.35
CA ALA C 234 21.61 55.43 -26.14
C ALA C 234 22.87 55.61 -25.29
N GLU C 235 23.99 55.09 -25.77
CA GLU C 235 25.26 55.20 -25.03
C GLU C 235 26.17 56.30 -25.53
N ALA D 9 34.89 9.15 13.18
CA ALA D 9 33.61 8.87 13.89
C ALA D 9 33.31 9.97 14.90
N GLU D 10 34.20 10.15 15.86
CA GLU D 10 34.06 11.18 16.87
C GLU D 10 34.47 12.50 16.22
N GLN D 11 35.19 12.40 15.10
CA GLN D 11 35.63 13.59 14.39
C GLN D 11 34.49 14.16 13.56
N ILE D 12 33.61 13.28 13.10
CA ILE D 12 32.47 13.73 12.30
C ILE D 12 31.69 14.75 13.11
N MET D 13 31.22 14.33 14.27
CA MET D 13 30.43 15.19 15.14
C MET D 13 31.23 16.43 15.56
N ARG D 14 32.55 16.28 15.58
CA ARG D 14 33.45 17.37 15.92
C ARG D 14 33.27 18.49 14.89
N ASP D 15 33.40 18.11 13.61
CA ASP D 15 33.27 19.04 12.50
C ASP D 15 31.86 19.60 12.37
N ARG D 16 30.88 18.71 12.46
CA ARG D 16 29.48 19.11 12.36
C ARG D 16 29.20 20.19 13.39
N SER D 17 29.74 20.01 14.59
CA SER D 17 29.55 20.96 15.66
C SER D 17 30.16 22.31 15.34
N GLU D 18 31.37 22.30 14.76
CA GLU D 18 32.04 23.54 14.40
C GLU D 18 31.29 24.31 13.32
N LEU D 19 30.81 23.60 12.32
CA LEU D 19 30.07 24.24 11.24
C LEU D 19 28.91 25.05 11.81
N ALA D 20 28.18 24.44 12.74
CA ALA D 20 27.04 25.10 13.35
C ALA D 20 27.46 26.29 14.21
N ARG D 21 28.41 26.06 15.10
CA ARG D 21 28.91 27.10 16.01
C ARG D 21 29.36 28.35 15.27
N LYS D 22 30.17 28.16 14.25
CA LYS D 22 30.71 29.28 13.47
C LYS D 22 29.58 30.02 12.77
N GLY D 23 28.69 29.26 12.13
CA GLY D 23 27.59 29.88 11.42
C GLY D 23 26.75 30.78 12.32
N ILE D 24 26.60 30.37 13.57
CA ILE D 24 25.82 31.12 14.55
C ILE D 24 26.60 32.33 15.06
N ALA D 25 27.89 32.12 15.34
CA ALA D 25 28.74 33.21 15.83
C ALA D 25 28.90 34.28 14.75
N ARG D 26 28.64 33.89 13.50
CA ARG D 26 28.75 34.81 12.38
C ARG D 26 27.54 35.72 12.24
N GLY D 27 26.43 35.32 12.86
CA GLY D 27 25.21 36.13 12.79
C GLY D 27 25.07 37.13 13.92
N ARG D 28 23.96 37.86 13.94
CA ARG D 28 23.72 38.86 14.97
C ARG D 28 23.25 38.24 16.29
N SER D 29 23.00 39.07 17.29
CA SER D 29 22.61 38.55 18.59
C SER D 29 21.19 38.86 19.03
N VAL D 30 20.79 38.18 20.10
CA VAL D 30 19.47 38.34 20.66
C VAL D 30 19.56 38.22 22.17
N VAL D 31 18.76 39.01 22.88
CA VAL D 31 18.74 38.95 24.33
C VAL D 31 17.31 38.74 24.80
N VAL D 32 17.12 37.76 25.68
CA VAL D 32 15.79 37.47 26.21
C VAL D 32 15.95 37.53 27.73
N LEU D 33 15.05 38.27 28.39
CA LEU D 33 15.13 38.42 29.83
C LEU D 33 13.79 38.53 30.55
N THR D 34 13.85 38.22 31.84
CA THR D 34 12.72 38.24 32.74
C THR D 34 12.59 39.56 33.51
N PHE D 35 11.41 40.16 33.50
CA PHE D 35 11.21 41.40 34.24
C PHE D 35 9.84 41.48 34.90
N ARG D 36 9.49 42.68 35.35
CA ARG D 36 8.24 42.94 36.05
C ARG D 36 6.95 42.50 35.35
N ASP D 37 6.83 42.79 34.06
CA ASP D 37 5.61 42.42 33.35
C ASP D 37 5.59 41.02 32.76
N GLY D 38 6.75 40.38 32.62
CA GLY D 38 6.79 39.06 32.06
C GLY D 38 8.10 38.75 31.37
N VAL D 39 8.11 38.73 30.04
CA VAL D 39 9.34 38.45 29.30
C VAL D 39 9.55 39.45 28.18
N LEU D 40 10.81 39.84 27.99
CA LEU D 40 11.18 40.80 26.97
C LEU D 40 12.13 40.21 25.94
N PHE D 41 11.84 40.50 24.67
CA PHE D 41 12.65 40.01 23.56
C PHE D 41 13.31 41.20 22.87
N VAL D 42 14.64 41.16 22.80
CA VAL D 42 15.39 42.21 22.13
C VAL D 42 16.35 41.52 21.19
N ALA D 43 16.07 41.64 19.90
CA ALA D 43 16.89 40.96 18.91
C ALA D 43 17.42 41.92 17.88
N GLU D 44 18.66 41.70 17.45
CA GLU D 44 19.23 42.55 16.44
C GLU D 44 18.70 42.07 15.09
N ASN D 45 17.90 42.91 14.45
CA ASN D 45 17.33 42.55 13.15
C ASN D 45 16.94 43.82 12.37
N PRO D 46 17.67 44.10 11.28
CA PRO D 46 17.39 45.28 10.45
C PRO D 46 16.09 45.23 9.67
N SER D 47 15.59 44.01 9.43
CA SER D 47 14.35 43.84 8.67
C SER D 47 13.09 43.92 9.50
N THR D 48 12.01 44.35 8.87
CA THR D 48 10.72 44.45 9.55
C THR D 48 9.72 43.50 8.89
N ALA D 49 10.19 42.80 7.86
CA ALA D 49 9.38 41.83 7.12
C ALA D 49 9.70 40.40 7.61
N LEU D 50 10.99 40.11 7.79
CA LEU D 50 11.45 38.80 8.24
C LEU D 50 11.76 38.84 9.73
N HIS D 51 11.08 38.03 10.53
CA HIS D 51 11.28 38.04 11.99
C HIS D 51 12.16 36.95 12.60
N LYS D 52 12.60 37.18 13.84
CA LYS D 52 13.43 36.21 14.57
C LYS D 52 12.74 35.99 15.91
N VAL D 53 11.67 36.72 16.14
CA VAL D 53 10.90 36.61 17.38
C VAL D 53 9.44 36.42 16.98
N SER D 54 8.73 35.59 17.73
CA SER D 54 7.36 35.32 17.39
C SER D 54 6.56 34.69 18.51
N GLU D 55 5.25 34.83 18.43
CA GLU D 55 4.35 34.22 19.40
C GLU D 55 4.32 32.71 19.09
N LEU D 56 4.24 31.90 20.13
CA LEU D 56 4.15 30.44 19.94
C LEU D 56 2.71 30.03 20.26
N TYR D 57 2.28 30.37 21.47
CA TYR D 57 0.93 30.08 21.94
C TYR D 57 0.46 31.19 22.89
N ASP D 58 -0.62 30.92 23.62
CA ASP D 58 -1.16 31.90 24.58
C ASP D 58 -0.10 32.56 25.48
N ARG D 59 0.68 31.74 26.17
CA ARG D 59 1.69 32.26 27.09
C ARG D 59 3.12 31.86 26.68
N LEU D 60 3.32 31.58 25.40
CA LEU D 60 4.64 31.17 24.92
C LEU D 60 5.18 32.06 23.83
N GLY D 61 6.48 32.32 23.90
CA GLY D 61 7.17 33.16 22.93
C GLY D 61 8.36 32.41 22.37
N PHE D 62 8.74 32.79 21.15
CA PHE D 62 9.84 32.19 20.43
C PHE D 62 10.85 33.20 19.91
N ALA D 63 12.14 32.85 20.02
CA ALA D 63 13.23 33.69 19.53
C ALA D 63 14.37 32.77 19.11
N ALA D 64 15.00 33.10 17.99
CA ALA D 64 16.09 32.28 17.46
C ALA D 64 17.17 33.08 16.74
N VAL D 65 18.33 32.46 16.55
CA VAL D 65 19.44 33.07 15.83
C VAL D 65 20.02 32.00 14.94
N GLY D 66 20.73 32.42 13.90
CA GLY D 66 21.34 31.45 13.01
C GLY D 66 20.81 31.60 11.61
N LYS D 67 20.71 30.48 10.90
CA LYS D 67 20.22 30.50 9.53
C LYS D 67 18.70 30.64 9.55
N TYR D 68 18.19 31.69 8.92
CA TYR D 68 16.75 32.01 8.89
C TYR D 68 15.81 30.90 8.43
N ASN D 69 16.00 30.42 7.20
CA ASN D 69 15.14 29.40 6.65
C ASN D 69 15.02 28.19 7.58
N GLU D 70 16.07 27.93 8.36
CA GLU D 70 16.04 26.79 9.26
C GLU D 70 15.29 27.07 10.57
N PHE D 71 15.49 28.24 11.20
CA PHE D 71 14.73 28.44 12.43
C PHE D 71 13.29 28.86 12.14
N GLU D 72 13.04 29.42 10.96
CA GLU D 72 11.68 29.81 10.58
C GLU D 72 10.89 28.49 10.45
N ASN D 73 11.58 27.45 9.97
CA ASN D 73 11.00 26.14 9.82
C ASN D 73 10.64 25.58 11.22
N LEU D 74 11.59 25.68 12.15
CA LEU D 74 11.33 25.20 13.51
C LEU D 74 10.28 26.06 14.19
N ARG D 75 10.17 27.31 13.79
CA ARG D 75 9.17 28.18 14.40
C ARG D 75 7.76 27.68 14.04
N ARG D 76 7.56 27.39 12.77
CA ARG D 76 6.27 26.90 12.31
C ARG D 76 5.94 25.56 12.97
N ALA D 77 6.90 24.65 13.00
CA ALA D 77 6.67 23.35 13.61
C ALA D 77 6.19 23.54 15.05
N GLY D 78 6.79 24.49 15.74
CA GLY D 78 6.42 24.75 17.12
C GLY D 78 4.97 25.21 17.23
N ILE D 79 4.55 26.09 16.32
CA ILE D 79 3.18 26.59 16.36
C ILE D 79 2.23 25.43 16.09
N VAL D 80 2.57 24.60 15.09
CA VAL D 80 1.74 23.44 14.77
C VAL D 80 1.61 22.55 16.01
N HIS D 81 2.75 22.24 16.61
CA HIS D 81 2.80 21.38 17.78
C HIS D 81 1.96 21.93 18.93
N ALA D 82 2.08 23.23 19.21
CA ALA D 82 1.32 23.84 20.29
C ALA D 82 -0.19 23.85 20.03
N ASP D 83 -0.58 24.30 18.84
CA ASP D 83 -2.00 24.35 18.50
C ASP D 83 -2.66 22.99 18.57
N MET D 84 -1.94 22.00 18.11
CA MET D 84 -2.44 20.64 18.11
C MET D 84 -2.64 20.12 19.53
N ARG D 85 -1.66 20.29 20.41
CA ARG D 85 -1.79 19.81 21.77
C ARG D 85 -2.94 20.50 22.50
N GLY D 86 -3.11 21.80 22.22
CA GLY D 86 -4.17 22.55 22.85
C GLY D 86 -5.54 22.03 22.44
N TYR D 87 -5.64 21.64 21.17
CA TYR D 87 -6.90 21.13 20.64
C TYR D 87 -7.22 19.73 21.16
N SER D 88 -6.22 18.85 21.21
CA SER D 88 -6.39 17.48 21.69
C SER D 88 -6.74 17.45 23.18
N TYR D 89 -6.32 18.47 23.91
CA TYR D 89 -6.60 18.56 25.34
C TYR D 89 -7.23 19.91 25.64
N ASP D 90 -6.53 20.73 26.39
CA ASP D 90 -7.05 22.05 26.68
C ASP D 90 -5.93 23.05 26.43
N ARG D 91 -6.26 24.28 26.07
CA ARG D 91 -5.23 25.28 25.82
C ARG D 91 -4.26 25.36 27.00
N ARG D 92 -4.78 25.29 28.22
CA ARG D 92 -3.98 25.37 29.43
C ARG D 92 -3.03 24.20 29.66
N ASP D 93 -3.12 23.16 28.85
CA ASP D 93 -2.23 22.00 28.99
C ASP D 93 -0.97 22.15 28.13
N VAL D 94 -0.94 23.22 27.33
CA VAL D 94 0.20 23.51 26.46
C VAL D 94 1.28 24.20 27.32
N THR D 95 2.40 23.52 27.55
CA THR D 95 3.46 24.10 28.36
C THR D 95 4.72 24.42 27.60
N GLY D 96 5.47 25.40 28.14
CA GLY D 96 6.72 25.80 27.54
C GLY D 96 7.74 24.67 27.58
N ARG D 97 7.74 23.92 28.68
CA ARG D 97 8.66 22.81 28.83
C ARG D 97 8.41 21.75 27.76
N SER D 98 7.14 21.50 27.48
CA SER D 98 6.80 20.51 26.47
C SER D 98 7.39 20.90 25.12
N LEU D 99 7.22 22.15 24.68
CA LEU D 99 7.79 22.57 23.39
C LEU D 99 9.31 22.52 23.38
N ALA D 100 9.92 22.95 24.48
CA ALA D 100 11.37 22.96 24.58
C ALA D 100 11.90 21.55 24.36
N ASN D 101 11.29 20.58 25.05
CA ASN D 101 11.71 19.18 24.91
C ASN D 101 11.54 18.71 23.47
N ALA D 102 10.48 19.17 22.80
CA ALA D 102 10.27 18.76 21.41
C ALA D 102 11.38 19.31 20.52
N TYR D 103 11.73 20.59 20.71
CA TYR D 103 12.80 21.19 19.92
C TYR D 103 14.12 20.45 20.17
N ALA D 104 14.38 20.12 21.43
CA ALA D 104 15.60 19.40 21.77
C ALA D 104 15.65 18.07 21.00
N GLN D 105 14.56 17.33 21.06
CA GLN D 105 14.46 16.03 20.39
C GLN D 105 14.73 16.22 18.88
N THR D 106 14.01 17.16 18.27
CA THR D 106 14.14 17.46 16.84
C THR D 106 15.56 17.86 16.39
N LEU D 107 16.14 18.87 17.06
CA LEU D 107 17.47 19.34 16.71
C LEU D 107 18.50 18.23 16.92
N GLY D 108 18.28 17.42 17.94
CA GLY D 108 19.20 16.33 18.23
C GLY D 108 19.23 15.34 17.08
N THR D 109 18.06 15.04 16.54
CA THR D 109 17.97 14.10 15.45
C THR D 109 18.57 14.67 14.16
N ILE D 110 18.34 15.95 13.93
CA ILE D 110 18.88 16.61 12.75
C ILE D 110 20.40 16.62 12.81
N PHE D 111 20.95 16.90 13.99
CA PHE D 111 22.40 16.96 14.16
C PHE D 111 23.07 15.62 13.92
N THR D 112 22.33 14.54 14.06
CA THR D 112 22.86 13.20 13.90
C THR D 112 22.58 12.53 12.57
N GLU D 113 21.40 12.77 12.01
CA GLU D 113 21.00 12.10 10.78
C GLU D 113 21.01 12.91 9.50
N GLN D 114 20.67 14.20 9.60
CA GLN D 114 20.64 15.04 8.43
C GLN D 114 22.00 15.28 7.79
N PRO D 115 22.02 15.63 6.49
CA PRO D 115 23.26 15.89 5.76
C PRO D 115 24.07 17.03 6.37
N LYS D 116 23.36 18.01 6.92
CA LYS D 116 24.01 19.15 7.55
C LYS D 116 23.22 19.53 8.79
N PRO D 117 23.91 19.80 9.90
CA PRO D 117 23.20 20.17 11.12
C PRO D 117 22.56 21.53 10.93
N TYR D 118 21.58 21.87 11.76
CA TYR D 118 20.93 23.16 11.65
C TYR D 118 21.78 24.21 12.32
N GLU D 119 22.12 25.27 11.59
CA GLU D 119 22.91 26.34 12.17
C GLU D 119 21.90 27.23 12.89
N VAL D 120 21.43 26.76 14.04
CA VAL D 120 20.41 27.47 14.79
C VAL D 120 20.56 27.38 16.31
N GLU D 121 19.97 28.34 17.00
CA GLU D 121 19.93 28.33 18.45
C GLU D 121 18.54 28.87 18.75
N ILE D 122 17.84 28.23 19.66
CA ILE D 122 16.48 28.64 19.96
C ILE D 122 16.17 28.85 21.43
N CYS D 123 15.25 29.80 21.67
CA CYS D 123 14.81 30.11 23.02
C CYS D 123 13.28 30.12 23.09
N VAL D 124 12.76 29.42 24.08
CA VAL D 124 11.32 29.35 24.30
C VAL D 124 11.05 30.04 25.64
N ALA D 125 10.17 31.03 25.62
CA ALA D 125 9.84 31.77 26.83
C ALA D 125 8.39 31.56 27.22
N GLU D 126 8.16 31.32 28.50
CA GLU D 126 6.81 31.12 29.02
C GLU D 126 6.54 32.01 30.22
N VAL D 127 5.36 32.61 30.24
CA VAL D 127 4.96 33.49 31.33
C VAL D 127 3.76 32.81 32.01
N GLY D 128 3.54 33.08 33.29
CA GLY D 128 2.42 32.44 33.98
C GLY D 128 1.05 32.91 33.53
N ARG D 129 -0.02 32.31 34.08
CA ARG D 129 -1.38 32.70 33.69
C ARG D 129 -1.72 34.04 34.33
N VAL D 130 -2.76 34.69 33.80
CA VAL D 130 -3.14 36.01 34.30
C VAL D 130 -3.01 36.19 35.81
N GLY D 131 -3.70 35.34 36.58
CA GLY D 131 -3.63 35.46 38.02
C GLY D 131 -2.34 34.94 38.63
N SER D 132 -2.00 33.70 38.31
CA SER D 132 -0.79 33.04 38.82
C SER D 132 0.38 33.93 39.19
N PRO D 133 1.02 33.66 40.34
CA PRO D 133 2.16 34.43 40.81
C PRO D 133 3.45 33.78 40.33
N LYS D 134 3.31 32.73 39.50
CA LYS D 134 4.43 31.99 38.97
C LYS D 134 5.39 32.86 38.16
N ALA D 135 6.69 32.71 38.43
CA ALA D 135 7.74 33.47 37.76
C ALA D 135 8.00 32.94 36.34
N PRO D 136 8.15 33.84 35.36
CA PRO D 136 8.40 33.39 33.99
C PRO D 136 9.57 32.40 33.90
N GLN D 137 9.56 31.61 32.82
CA GLN D 137 10.57 30.59 32.59
C GLN D 137 11.15 30.70 31.18
N LEU D 138 12.43 30.41 31.04
CA LEU D 138 13.09 30.47 29.75
C LEU D 138 13.82 29.16 29.48
N TYR D 139 13.83 28.73 28.21
CA TYR D 139 14.55 27.52 27.84
C TYR D 139 15.40 27.85 26.61
N ARG D 140 16.58 27.25 26.53
CA ARG D 140 17.44 27.47 25.38
C ARG D 140 17.81 26.11 24.82
N ILE D 141 17.61 25.95 23.52
CA ILE D 141 17.93 24.70 22.84
C ILE D 141 18.97 24.98 21.77
N THR D 142 20.02 24.18 21.73
CA THR D 142 21.07 24.38 20.74
C THR D 142 21.02 23.38 19.60
N TYR D 143 21.84 23.65 18.59
CA TYR D 143 21.93 22.83 17.40
C TYR D 143 22.17 21.35 17.59
N ASP D 144 22.71 20.94 18.73
CA ASP D 144 22.98 19.52 18.90
C ASP D 144 21.98 18.82 19.81
N GLY D 145 20.94 19.54 20.18
CA GLY D 145 19.92 18.97 21.05
C GLY D 145 20.13 19.22 22.52
N SER D 146 21.05 20.12 22.84
CA SER D 146 21.30 20.45 24.23
C SER D 146 20.21 21.41 24.64
N ILE D 147 19.84 21.36 25.90
CA ILE D 147 18.79 22.23 26.40
C ILE D 147 19.06 22.60 27.85
N VAL D 148 18.87 23.89 28.17
CA VAL D 148 19.09 24.36 29.52
C VAL D 148 17.97 25.31 29.90
N ASP D 149 17.63 25.35 31.19
CA ASP D 149 16.60 26.25 31.65
C ASP D 149 17.25 27.45 32.36
N GLU D 150 16.86 28.65 31.97
CA GLU D 150 17.38 29.88 32.54
C GLU D 150 16.19 30.64 33.16
N GLN D 151 16.39 31.21 34.34
CA GLN D 151 15.29 31.93 34.97
C GLN D 151 15.47 33.45 34.99
N HIS D 152 16.60 33.92 34.47
CA HIS D 152 16.86 35.34 34.43
C HIS D 152 17.00 35.92 33.03
N PHE D 153 17.93 35.39 32.25
CA PHE D 153 18.11 35.89 30.90
C PHE D 153 18.86 34.88 30.03
N VAL D 154 18.75 35.08 28.72
CA VAL D 154 19.41 34.24 27.74
C VAL D 154 20.03 35.11 26.66
N VAL D 155 21.24 34.77 26.25
CA VAL D 155 21.95 35.49 25.21
C VAL D 155 22.40 34.48 24.18
N MET D 156 22.19 34.80 22.90
CA MET D 156 22.60 33.90 21.83
C MET D 156 22.87 34.67 20.54
N GLY D 157 23.75 34.10 19.70
CA GLY D 157 24.11 34.73 18.44
C GLY D 157 25.39 35.55 18.50
N GLY D 158 26.18 35.51 17.43
CA GLY D 158 27.43 36.26 17.40
C GLY D 158 28.38 35.93 18.55
N THR D 159 29.10 36.92 19.03
CA THR D 159 30.04 36.73 20.14
C THR D 159 29.27 37.04 21.43
N THR D 160 28.86 35.98 22.12
CA THR D 160 28.07 36.10 23.33
C THR D 160 28.80 36.51 24.60
N GLU D 161 29.95 35.90 24.87
CA GLU D 161 30.73 36.18 26.09
C GLU D 161 30.69 37.62 26.62
N PRO D 162 31.02 38.61 25.78
CA PRO D 162 31.00 40.00 26.23
C PRO D 162 29.57 40.49 26.58
N ILE D 163 28.60 40.10 25.77
CA ILE D 163 27.21 40.49 26.00
C ILE D 163 26.64 39.81 27.24
N ALA D 164 27.01 38.54 27.44
CA ALA D 164 26.57 37.77 28.60
C ALA D 164 27.03 38.44 29.89
N THR D 165 28.35 38.56 30.06
CA THR D 165 28.91 39.19 31.25
C THR D 165 28.24 40.55 31.53
N ALA D 166 28.07 41.35 30.48
CA ALA D 166 27.43 42.66 30.64
C ALA D 166 26.08 42.48 31.32
N MET D 167 25.28 41.56 30.78
CA MET D 167 23.95 41.25 31.32
C MET D 167 24.08 40.73 32.75
N ARG D 168 25.01 39.79 32.92
CA ARG D 168 25.26 39.16 34.21
C ARG D 168 25.45 40.20 35.30
N GLU D 169 25.97 41.35 34.92
CA GLU D 169 26.23 42.43 35.86
C GLU D 169 25.10 43.46 35.95
N SER D 170 24.49 43.79 34.82
CA SER D 170 23.42 44.77 34.83
C SER D 170 22.03 44.18 35.03
N TYR D 171 21.94 42.91 35.39
CA TYR D 171 20.63 42.31 35.59
C TYR D 171 20.12 42.45 37.02
N ARG D 172 18.83 42.75 37.15
CA ARG D 172 18.21 42.90 38.45
C ARG D 172 16.77 42.41 38.28
N ALA D 173 16.22 41.82 39.34
CA ALA D 173 14.86 41.31 39.32
C ALA D 173 13.86 42.47 39.33
N ASP D 174 12.62 42.16 38.96
CA ASP D 174 11.54 43.15 38.93
C ASP D 174 11.87 44.43 38.19
N LEU D 175 12.63 44.31 37.11
CA LEU D 175 12.97 45.50 36.33
C LEU D 175 11.78 46.11 35.61
N ASP D 176 11.82 47.44 35.49
CA ASP D 176 10.80 48.22 34.80
C ASP D 176 10.95 47.91 33.30
N LEU D 177 9.90 48.12 32.50
CA LEU D 177 10.02 47.84 31.05
C LEU D 177 11.16 48.67 30.45
N GLU D 178 11.16 49.97 30.74
CA GLU D 178 12.18 50.87 30.22
C GLU D 178 13.59 50.47 30.69
N ALA D 179 13.69 50.04 31.96
CA ALA D 179 14.96 49.62 32.52
C ALA D 179 15.46 48.35 31.83
N ALA D 180 14.58 47.35 31.76
CA ALA D 180 14.89 46.07 31.12
C ALA D 180 15.38 46.29 29.69
N VAL D 181 14.72 47.16 28.95
CA VAL D 181 15.13 47.43 27.59
C VAL D 181 16.55 47.99 27.58
N GLY D 182 16.81 48.92 28.50
CA GLY D 182 18.13 49.53 28.58
C GLY D 182 19.21 48.49 28.86
N ILE D 183 18.94 47.64 29.86
CA ILE D 183 19.83 46.56 30.25
C ILE D 183 20.26 45.75 29.04
N ALA D 184 19.27 45.37 28.23
CA ALA D 184 19.53 44.57 27.04
C ALA D 184 20.24 45.37 25.96
N VAL D 185 19.73 46.56 25.66
CA VAL D 185 20.35 47.37 24.63
C VAL D 185 21.81 47.68 24.92
N ASN D 186 22.13 48.02 26.16
CA ASN D 186 23.52 48.30 26.50
C ASN D 186 24.37 47.04 26.42
N ALA D 187 23.83 45.91 26.89
CA ALA D 187 24.58 44.66 26.84
C ALA D 187 24.88 44.29 25.40
N LEU D 188 23.97 44.62 24.50
CA LEU D 188 24.15 44.32 23.10
C LEU D 188 25.30 45.12 22.51
N ARG D 189 25.54 46.30 23.08
CA ARG D 189 26.61 47.17 22.58
C ARG D 189 28.01 46.68 22.95
N GLN D 190 28.07 45.74 23.88
CA GLN D 190 29.35 45.15 24.31
C GLN D 190 29.79 44.05 23.36
N GLY D 191 29.16 43.97 22.19
CA GLY D 191 29.51 42.94 21.24
C GLY D 191 30.13 43.51 19.98
N GLY D 192 30.65 42.65 19.12
CA GLY D 192 31.27 43.08 17.88
C GLY D 192 32.73 42.69 17.77
N VAL D 201 25.77 51.22 14.96
CA VAL D 201 25.29 49.87 15.23
C VAL D 201 24.52 49.82 16.55
N ASP D 202 23.33 49.24 16.50
CA ASP D 202 22.45 49.09 17.66
C ASP D 202 21.56 50.31 17.93
N VAL D 203 20.93 50.80 16.86
CA VAL D 203 20.03 51.96 16.95
C VAL D 203 18.60 51.43 17.16
N ALA D 204 17.58 52.24 16.83
CA ALA D 204 16.19 51.79 16.99
C ALA D 204 15.89 50.86 15.81
N SER D 205 16.92 50.16 15.36
CA SER D 205 16.78 49.21 14.26
C SER D 205 17.04 47.79 14.75
N LEU D 206 16.08 47.28 15.50
CA LEU D 206 16.10 45.94 16.06
C LEU D 206 14.66 45.45 16.35
N GLU D 207 14.50 44.14 16.53
CA GLU D 207 13.19 43.54 16.76
C GLU D 207 12.89 43.37 18.25
N VAL D 208 11.81 44.00 18.72
CA VAL D 208 11.44 43.92 20.13
C VAL D 208 9.97 43.52 20.37
N ALA D 209 9.76 42.70 21.41
CA ALA D 209 8.44 42.25 21.77
C ALA D 209 8.44 41.74 23.20
N VAL D 210 7.25 41.56 23.76
CA VAL D 210 7.14 41.09 25.13
C VAL D 210 6.05 40.04 25.28
N LEU D 211 6.13 39.36 26.41
CA LEU D 211 5.17 38.35 26.79
C LEU D 211 4.55 38.98 28.03
N ASP D 212 3.55 39.84 27.81
CA ASP D 212 2.87 40.57 28.87
C ASP D 212 1.89 39.71 29.68
N GLN D 213 2.29 39.32 30.88
CA GLN D 213 1.45 38.48 31.71
C GLN D 213 0.11 39.10 32.11
N SER D 214 0.03 40.42 32.13
CA SER D 214 -1.22 41.06 32.52
C SER D 214 -2.34 40.74 31.54
N ARG D 215 -1.99 40.42 30.30
CA ARG D 215 -3.00 40.11 29.30
C ARG D 215 -3.82 38.85 29.62
N PRO D 216 -5.12 38.87 29.27
CA PRO D 216 -6.05 37.76 29.51
C PRO D 216 -5.62 36.41 28.91
N ARG D 217 -5.51 36.36 27.58
CA ARG D 217 -5.12 35.12 26.92
C ARG D 217 -3.77 35.23 26.19
N ARG D 218 -3.78 35.83 25.01
CA ARG D 218 -2.57 35.99 24.21
C ARG D 218 -1.67 37.08 24.78
N ALA D 219 -0.60 36.64 25.42
CA ALA D 219 0.36 37.53 26.08
C ALA D 219 1.42 38.14 25.18
N PHE D 220 1.62 37.59 23.98
CA PHE D 220 2.64 38.11 23.09
C PHE D 220 2.24 39.42 22.46
N ARG D 221 3.17 40.36 22.43
CA ARG D 221 2.91 41.68 21.87
C ARG D 221 4.23 42.28 21.39
N ARG D 222 4.20 42.87 20.19
CA ARG D 222 5.39 43.50 19.62
C ARG D 222 5.40 44.99 19.96
N ILE D 223 6.60 45.57 20.04
CA ILE D 223 6.73 46.99 20.37
C ILE D 223 7.27 47.76 19.16
N ALA D 224 6.37 48.52 18.53
CA ALA D 224 6.67 49.31 17.33
C ALA D 224 7.61 50.48 17.53
N GLY D 225 7.90 51.17 16.42
CA GLY D 225 8.80 52.30 16.44
C GLY D 225 8.56 53.35 17.52
N THR D 226 7.55 54.19 17.29
CA THR D 226 7.23 55.27 18.23
C THR D 226 7.32 54.85 19.70
N ALA D 227 6.77 53.70 20.03
CA ALA D 227 6.82 53.22 21.41
C ALA D 227 8.23 52.78 21.80
N LEU D 228 8.96 52.23 20.83
CA LEU D 228 10.33 51.77 21.08
C LEU D 228 11.25 52.98 21.25
N GLU D 229 10.93 54.06 20.55
CA GLU D 229 11.70 55.30 20.60
C GLU D 229 12.01 55.67 22.05
N GLN D 230 10.94 55.73 22.85
CA GLN D 230 11.05 56.09 24.25
C GLN D 230 11.39 54.94 25.19
N LEU D 231 12.36 54.12 24.78
CA LEU D 231 12.77 52.99 25.61
C LEU D 231 14.23 52.66 25.38
N VAL D 232 14.68 52.83 24.13
CA VAL D 232 16.06 52.57 23.76
C VAL D 232 16.94 53.76 24.12
N PRO D 233 17.79 53.60 25.15
CA PRO D 233 18.70 54.68 25.59
C PRO D 233 19.77 55.04 24.56
N ALA D 234 20.15 56.32 24.53
CA ALA D 234 21.18 56.79 23.61
C ALA D 234 22.56 56.34 24.12
N GLU D 235 23.57 56.44 23.27
CA GLU D 235 24.93 56.03 23.64
C GLU D 235 25.82 57.19 24.08
N ALA E 9 36.83 -2.15 10.58
CA ALA E 9 35.65 -2.96 11.01
C ALA E 9 35.56 -3.05 12.53
N GLU E 10 36.59 -3.63 13.14
CA GLU E 10 36.66 -3.76 14.59
C GLU E 10 37.05 -2.39 15.14
N GLN E 11 37.61 -1.56 14.28
CA GLN E 11 38.03 -0.22 14.70
C GLN E 11 36.84 0.73 14.75
N ILE E 12 35.84 0.46 13.92
CA ILE E 12 34.64 1.29 13.91
C ILE E 12 34.03 1.27 15.30
N MET E 13 33.71 0.08 15.79
CA MET E 13 33.10 -0.10 17.09
C MET E 13 34.02 0.41 18.20
N ARG E 14 35.31 0.38 17.91
CA ARG E 14 36.32 0.86 18.84
C ARG E 14 36.09 2.35 19.09
N ASP E 15 36.02 3.11 17.99
CA ASP E 15 35.81 4.56 18.04
C ASP E 15 34.43 4.93 18.56
N ARG E 16 33.42 4.22 18.08
CA ARG E 16 32.05 4.47 18.51
C ARG E 16 32.00 4.34 20.01
N SER E 17 32.68 3.33 20.53
CA SER E 17 32.69 3.09 21.96
C SER E 17 33.35 4.24 22.72
N GLU E 18 34.45 4.75 22.19
CA GLU E 18 35.15 5.86 22.84
C GLU E 18 34.32 7.13 22.86
N LEU E 19 33.64 7.42 21.76
CA LEU E 19 32.83 8.62 21.68
C LEU E 19 31.80 8.63 22.81
N ALA E 20 31.18 7.47 23.04
CA ALA E 20 30.17 7.34 24.08
C ALA E 20 30.76 7.44 25.48
N ARG E 21 31.81 6.67 25.72
CA ARG E 21 32.49 6.66 27.02
C ARG E 21 32.94 8.05 27.47
N LYS E 22 33.61 8.77 26.57
CA LYS E 22 34.10 10.10 26.87
C LYS E 22 32.95 11.04 27.16
N GLY E 23 31.94 11.00 26.31
CA GLY E 23 30.78 11.88 26.50
C GLY E 23 30.14 11.71 27.86
N ILE E 24 30.11 10.47 28.34
CA ILE E 24 29.51 10.15 29.64
C ILE E 24 30.43 10.57 30.79
N ALA E 25 31.73 10.31 30.63
CA ALA E 25 32.70 10.67 31.65
C ALA E 25 32.79 12.19 31.78
N ARG E 26 32.35 12.90 30.75
CA ARG E 26 32.39 14.36 30.73
C ARG E 26 31.22 14.95 31.53
N GLY E 27 30.18 14.16 31.75
CA GLY E 27 29.03 14.65 32.49
C GLY E 27 29.09 14.42 33.99
N ARG E 28 28.03 14.79 34.70
CA ARG E 28 28.00 14.61 36.15
C ARG E 28 27.67 13.15 36.54
N SER E 29 27.61 12.89 37.84
CA SER E 29 27.35 11.54 38.29
C SER E 29 26.03 11.31 38.98
N VAL E 30 25.73 10.04 39.20
CA VAL E 30 24.51 9.63 39.85
C VAL E 30 24.80 8.39 40.68
N VAL E 31 24.16 8.29 41.84
CA VAL E 31 24.33 7.13 42.71
C VAL E 31 22.95 6.55 43.02
N VAL E 32 22.83 5.24 42.85
CA VAL E 32 21.56 4.56 43.13
C VAL E 32 21.91 3.44 44.09
N LEU E 33 21.17 3.36 45.20
CA LEU E 33 21.45 2.34 46.20
C LEU E 33 20.23 1.77 46.90
N THR E 34 20.44 0.59 47.47
CA THR E 34 19.43 -0.16 48.20
C THR E 34 19.50 0.09 49.72
N PHE E 35 18.37 0.40 50.33
CA PHE E 35 18.36 0.60 51.77
C PHE E 35 17.09 0.05 52.43
N ARG E 36 16.88 0.44 53.68
CA ARG E 36 15.76 -0.01 54.48
C ARG E 36 14.37 0.15 53.89
N ASP E 37 14.09 1.32 53.32
CA ASP E 37 12.77 1.56 52.78
C ASP E 37 12.56 1.15 51.31
N GLY E 38 13.66 0.91 50.59
CA GLY E 38 13.54 0.51 49.20
C GLY E 38 14.72 0.93 48.37
N VAL E 39 14.55 1.94 47.52
CA VAL E 39 15.65 2.41 46.69
C VAL E 39 15.78 3.93 46.74
N LEU E 40 17.03 4.39 46.76
CA LEU E 40 17.32 5.82 46.81
C LEU E 40 18.07 6.30 45.57
N PHE E 41 17.64 7.44 45.04
CA PHE E 41 18.27 8.03 43.87
C PHE E 41 18.91 9.36 44.25
N VAL E 42 20.21 9.47 44.00
CA VAL E 42 20.92 10.70 44.30
C VAL E 42 21.70 11.05 43.04
N ALA E 43 21.26 12.10 42.37
CA ALA E 43 21.91 12.49 41.13
C ALA E 43 22.35 13.93 41.13
N GLU E 44 23.52 14.19 40.55
CA GLU E 44 24.01 15.55 40.48
C GLU E 44 23.28 16.26 39.37
N ASN E 45 22.43 17.22 39.71
CA ASN E 45 21.69 17.96 38.71
C ASN E 45 21.28 19.34 39.25
N PRO E 46 21.87 20.40 38.70
CA PRO E 46 21.58 21.78 39.12
C PRO E 46 20.17 22.26 38.77
N SER E 47 19.57 21.66 37.75
CA SER E 47 18.23 22.05 37.31
C SER E 47 17.10 21.37 38.07
N THR E 48 15.97 22.07 38.16
CA THR E 48 14.80 21.52 38.84
C THR E 48 13.67 21.36 37.83
N ALA E 49 13.94 21.75 36.58
CA ALA E 49 12.98 21.65 35.47
C ALA E 49 13.26 20.41 34.61
N LEU E 50 14.54 20.16 34.33
CA LEU E 50 14.97 19.01 33.54
C LEU E 50 15.51 17.90 34.46
N HIS E 51 14.88 16.72 34.43
CA HIS E 51 15.27 15.63 35.32
C HIS E 51 16.13 14.52 34.74
N LYS E 52 16.74 13.74 35.61
CA LYS E 52 17.58 12.61 35.23
C LYS E 52 17.08 11.38 35.97
N VAL E 53 16.09 11.62 36.85
CA VAL E 53 15.49 10.55 37.63
C VAL E 53 13.98 10.64 37.44
N SER E 54 13.33 9.49 37.34
CA SER E 54 11.91 9.50 37.12
C SER E 54 11.24 8.19 37.43
N GLU E 55 9.92 8.27 37.65
CA GLU E 55 9.13 7.07 37.92
C GLU E 55 8.97 6.36 36.57
N LEU E 56 8.94 5.02 36.60
CA LEU E 56 8.75 4.24 35.37
C LEU E 56 7.35 3.65 35.45
N TYR E 57 7.10 2.90 36.52
CA TYR E 57 5.81 2.28 36.76
C TYR E 57 5.56 2.21 38.27
N ASP E 58 4.57 1.42 38.68
CA ASP E 58 4.21 1.27 40.09
C ASP E 58 5.42 1.06 41.01
N ARG E 59 6.23 0.04 40.70
CA ARG E 59 7.39 -0.27 41.54
C ARG E 59 8.72 -0.13 40.80
N LEU E 60 8.73 0.70 39.76
CA LEU E 60 9.95 0.89 38.98
C LEU E 60 10.39 2.34 38.90
N GLY E 61 11.71 2.52 39.00
CA GLY E 61 12.29 3.84 38.91
C GLY E 61 13.36 3.88 37.84
N PHE E 62 13.59 5.07 37.32
CA PHE E 62 14.56 5.30 36.26
C PHE E 62 15.58 6.41 36.58
N ALA E 63 16.82 6.17 36.22
CA ALA E 63 17.90 7.13 36.41
C ALA E 63 18.89 6.96 35.25
N ALA E 64 19.39 8.07 34.74
CA ALA E 64 20.34 8.04 33.62
C ALA E 64 21.38 9.17 33.67
N VAL E 65 22.46 9.00 32.90
CA VAL E 65 23.51 10.00 32.78
C VAL E 65 23.90 10.05 31.32
N GLY E 66 24.48 11.17 30.91
CA GLY E 66 24.90 11.28 29.53
C GLY E 66 24.18 12.43 28.85
N LYS E 67 23.94 12.26 27.55
CA LYS E 67 23.27 13.29 26.78
C LYS E 67 21.76 13.27 27.11
N TYR E 68 21.25 14.39 27.61
CA TYR E 68 19.84 14.51 28.01
C TYR E 68 18.77 14.10 26.99
N ASN E 69 18.78 14.76 25.83
CA ASN E 69 17.78 14.49 24.82
C ASN E 69 17.73 13.01 24.48
N GLU E 70 18.85 12.32 24.65
CA GLU E 70 18.87 10.90 24.34
C GLU E 70 18.33 10.01 25.46
N PHE E 71 18.66 10.27 26.72
CA PHE E 71 18.09 9.41 27.73
C PHE E 71 16.65 9.81 28.06
N GLU E 72 16.28 11.07 27.79
CA GLU E 72 14.92 11.50 28.05
C GLU E 72 14.05 10.74 27.06
N ASN E 73 14.62 10.49 25.87
CA ASN E 73 13.91 9.75 24.84
C ASN E 73 13.69 8.31 25.33
N LEU E 74 14.76 7.69 25.84
CA LEU E 74 14.65 6.33 26.35
C LEU E 74 13.76 6.28 27.59
N ARG E 75 13.65 7.39 28.32
CA ARG E 75 12.82 7.39 29.51
C ARG E 75 11.35 7.25 29.09
N ARG E 76 10.95 8.05 28.10
CA ARG E 76 9.59 8.00 27.61
C ARG E 76 9.27 6.64 27.03
N ALA E 77 10.18 6.09 26.23
CA ALA E 77 9.95 4.77 25.63
C ALA E 77 9.69 3.76 26.74
N GLY E 78 10.44 3.87 27.82
CA GLY E 78 10.26 2.96 28.93
C GLY E 78 8.88 3.07 29.55
N ILE E 79 8.39 4.30 29.72
CA ILE E 79 7.07 4.50 30.30
C ILE E 79 6.01 3.91 29.36
N VAL E 80 6.16 4.19 28.07
CA VAL E 80 5.24 3.65 27.08
C VAL E 80 5.22 2.14 27.17
N HIS E 81 6.41 1.53 27.18
CA HIS E 81 6.56 0.09 27.25
C HIS E 81 5.90 -0.50 28.50
N ALA E 82 6.13 0.13 29.65
CA ALA E 82 5.55 -0.37 30.89
C ALA E 82 4.02 -0.25 30.93
N ASP E 83 3.51 0.93 30.59
CA ASP E 83 2.07 1.13 30.62
C ASP E 83 1.33 0.17 29.71
N MET E 84 1.91 -0.07 28.55
CA MET E 84 1.32 -0.96 27.58
C MET E 84 1.29 -2.40 28.08
N ARG E 85 2.40 -2.88 28.64
CA ARG E 85 2.43 -4.26 29.12
C ARG E 85 1.43 -4.45 30.26
N GLY E 86 1.30 -3.43 31.10
CA GLY E 86 0.37 -3.51 32.22
C GLY E 86 -1.06 -3.61 31.75
N TYR E 87 -1.36 -2.89 30.68
CA TYR E 87 -2.69 -2.88 30.11
C TYR E 87 -3.04 -4.21 29.42
N SER E 88 -2.11 -4.72 28.62
CA SER E 88 -2.29 -5.97 27.90
C SER E 88 -2.45 -7.15 28.84
N TYR E 89 -1.87 -7.05 30.03
CA TYR E 89 -1.96 -8.11 31.03
C TYR E 89 -2.46 -7.52 32.33
N ASP E 90 -1.61 -7.52 33.35
CA ASP E 90 -1.99 -6.95 34.62
C ASP E 90 -0.84 -6.07 35.07
N ARG E 91 -1.15 -5.05 35.87
CA ARG E 91 -0.09 -4.15 36.33
C ARG E 91 1.04 -4.94 36.98
N ARG E 92 0.67 -5.94 37.77
CA ARG E 92 1.64 -6.77 38.47
C ARG E 92 2.54 -7.63 37.58
N ASP E 93 2.27 -7.69 36.29
CA ASP E 93 3.09 -8.48 35.38
C ASP E 93 4.22 -7.64 34.81
N VAL E 94 4.21 -6.35 35.10
CA VAL E 94 5.25 -5.42 34.63
C VAL E 94 6.48 -5.57 35.55
N THR E 95 7.57 -6.13 35.02
CA THR E 95 8.76 -6.33 35.82
C THR E 95 9.95 -5.45 35.43
N GLY E 96 10.83 -5.20 36.40
CA GLY E 96 12.00 -4.38 36.15
C GLY E 96 12.93 -5.08 35.19
N ARG E 97 13.02 -6.40 35.30
CA ARG E 97 13.88 -7.17 34.44
C ARG E 97 13.43 -7.03 33.00
N SER E 98 12.12 -7.03 32.79
CA SER E 98 11.58 -6.91 31.46
C SER E 98 12.01 -5.56 30.82
N LEU E 99 11.87 -4.46 31.54
CA LEU E 99 12.29 -3.17 30.98
C LEU E 99 13.78 -3.11 30.74
N ALA E 100 14.55 -3.66 31.66
CA ALA E 100 16.02 -3.64 31.53
C ALA E 100 16.44 -4.34 30.24
N ASN E 101 15.85 -5.52 29.98
CA ASN E 101 16.15 -6.28 28.78
C ASN E 101 15.78 -5.47 27.54
N ALA E 102 14.69 -4.72 27.62
CA ALA E 102 14.25 -3.92 26.48
C ALA E 102 15.26 -2.81 26.18
N TYR E 103 15.72 -2.13 27.24
CA TYR E 103 16.71 -1.07 27.07
C TYR E 103 17.99 -1.66 26.47
N ALA E 104 18.39 -2.83 26.97
CA ALA E 104 19.60 -3.46 26.46
C ALA E 104 19.46 -3.71 24.97
N GLN E 105 18.32 -4.27 24.57
CA GLN E 105 18.06 -4.58 23.17
C GLN E 105 18.12 -3.29 22.35
N THR E 106 17.42 -2.26 22.80
CA THR E 106 17.37 -0.96 22.12
C THR E 106 18.72 -0.27 21.95
N LEU E 107 19.46 -0.14 23.04
CA LEU E 107 20.76 0.50 23.02
C LEU E 107 21.73 -0.27 22.16
N GLY E 108 21.61 -1.59 22.19
CA GLY E 108 22.49 -2.43 21.41
C GLY E 108 22.29 -2.17 19.92
N THR E 109 21.03 -2.02 19.51
CA THR E 109 20.74 -1.78 18.12
C THR E 109 21.20 -0.40 17.68
N ILE E 110 21.02 0.59 18.55
CA ILE E 110 21.45 1.95 18.25
C ILE E 110 22.97 2.00 18.09
N PHE E 111 23.68 1.30 18.96
CA PHE E 111 25.15 1.29 18.93
C PHE E 111 25.69 0.67 17.63
N THR E 112 24.90 -0.19 17.01
CA THR E 112 25.32 -0.88 15.80
C THR E 112 24.81 -0.29 14.49
N GLU E 113 23.59 0.22 14.50
CA GLU E 113 22.98 0.73 13.28
C GLU E 113 22.87 2.23 13.11
N GLN E 114 22.65 2.94 14.20
CA GLN E 114 22.51 4.39 14.13
C GLN E 114 23.79 5.11 13.74
N PRO E 115 23.67 6.32 13.19
CA PRO E 115 24.81 7.13 12.76
C PRO E 115 25.76 7.44 13.92
N LYS E 116 25.20 7.59 15.11
CA LYS E 116 25.99 7.88 16.29
C LYS E 116 25.41 7.11 17.46
N PRO E 117 26.26 6.49 18.27
CA PRO E 117 25.75 5.73 19.41
C PRO E 117 25.16 6.71 20.42
N TYR E 118 24.36 6.21 21.34
CA TYR E 118 23.77 7.05 22.35
C TYR E 118 24.76 7.24 23.48
N GLU E 119 25.08 8.48 23.79
CA GLU E 119 26.01 8.78 24.86
C GLU E 119 25.17 8.74 26.14
N VAL E 120 24.82 7.52 26.55
CA VAL E 120 23.95 7.34 27.69
C VAL E 120 24.29 6.12 28.55
N GLU E 121 23.87 6.16 29.80
CA GLU E 121 24.02 5.02 30.68
C GLU E 121 22.73 5.05 31.49
N ILE E 122 22.11 3.88 31.65
CA ILE E 122 20.83 3.82 32.33
C ILE E 122 20.72 2.82 33.46
N CYS E 123 19.91 3.17 34.47
CA CYS E 123 19.68 2.32 35.60
C CYS E 123 18.18 2.16 35.86
N VAL E 124 17.74 0.91 36.00
CA VAL E 124 16.35 0.61 36.28
C VAL E 124 16.30 0.01 37.67
N ALA E 125 15.50 0.61 38.55
CA ALA E 125 15.38 0.12 39.91
C ALA E 125 13.99 -0.40 40.21
N GLU E 126 13.92 -1.56 40.85
CA GLU E 126 12.64 -2.17 41.20
C GLU E 126 12.60 -2.55 42.67
N VAL E 127 11.47 -2.25 43.30
CA VAL E 127 11.27 -2.56 44.70
C VAL E 127 10.13 -3.59 44.77
N GLY E 128 10.09 -4.43 45.81
CA GLY E 128 9.03 -5.43 45.91
C GLY E 128 7.64 -4.87 46.17
N ARG E 129 6.63 -5.73 46.18
CA ARG E 129 5.26 -5.27 46.43
C ARG E 129 5.10 -4.93 47.91
N VAL E 130 4.05 -4.17 48.23
CA VAL E 130 3.80 -3.74 49.60
C VAL E 130 4.13 -4.80 50.67
N GLY E 131 3.51 -5.96 50.58
CA GLY E 131 3.78 -7.00 51.56
C GLY E 131 5.11 -7.71 51.38
N SER E 132 5.32 -8.23 50.16
CA SER E 132 6.53 -8.98 49.81
C SER E 132 7.79 -8.62 50.58
N PRO E 133 8.56 -9.64 50.98
CA PRO E 133 9.82 -9.46 51.72
C PRO E 133 10.98 -9.41 50.74
N LYS E 134 10.67 -9.45 49.45
CA LYS E 134 11.67 -9.44 48.39
C LYS E 134 12.58 -8.20 48.42
N ALA E 135 13.88 -8.44 48.30
CA ALA E 135 14.88 -7.36 48.32
C ALA E 135 14.91 -6.59 47.00
N PRO E 136 14.97 -5.26 47.07
CA PRO E 136 15.01 -4.47 45.83
C PRO E 136 16.09 -4.94 44.85
N GLN E 137 15.88 -4.62 43.58
CA GLN E 137 16.78 -5.01 42.50
C GLN E 137 17.16 -3.82 41.63
N LEU E 138 18.42 -3.81 41.16
CA LEU E 138 18.90 -2.74 40.31
C LEU E 138 19.50 -3.31 39.03
N TYR E 139 19.31 -2.61 37.92
CA TYR E 139 19.90 -3.04 36.65
C TYR E 139 20.59 -1.86 36.04
N ARG E 140 21.70 -2.11 35.35
CA ARG E 140 22.42 -1.03 34.69
C ARG E 140 22.62 -1.42 33.22
N ILE E 141 22.25 -0.52 32.33
CA ILE E 141 22.39 -0.78 30.91
C ILE E 141 23.29 0.29 30.31
N THR E 142 24.27 -0.13 29.53
CA THR E 142 25.20 0.83 28.93
C THR E 142 24.94 1.08 27.45
N TYR E 143 25.64 2.07 26.92
CA TYR E 143 25.50 2.48 25.53
C TYR E 143 25.67 1.41 24.47
N ASP E 144 26.31 0.29 24.79
CA ASP E 144 26.52 -0.73 23.77
C ASP E 144 25.61 -1.94 23.95
N GLY E 145 24.66 -1.81 24.87
CA GLY E 145 23.73 -2.91 25.11
C GLY E 145 24.16 -3.87 26.19
N SER E 146 25.18 -3.49 26.95
CA SER E 146 25.61 -4.35 28.03
C SER E 146 24.65 -4.13 29.18
N ILE E 147 24.46 -5.15 29.99
CA ILE E 147 23.54 -5.04 31.10
C ILE E 147 24.03 -5.92 32.25
N VAL E 148 23.98 -5.36 33.46
CA VAL E 148 24.39 -6.09 34.64
C VAL E 148 23.39 -5.85 35.77
N ASP E 149 23.24 -6.84 36.63
CA ASP E 149 22.34 -6.68 37.76
C ASP E 149 23.17 -6.43 39.03
N GLU E 150 22.79 -5.41 39.79
CA GLU E 150 23.46 -5.03 41.02
C GLU E 150 22.42 -5.10 42.13
N GLN E 151 22.81 -5.64 43.28
CA GLN E 151 21.86 -5.74 44.38
C GLN E 151 22.13 -4.77 45.54
N HIS E 152 23.20 -4.00 45.43
CA HIS E 152 23.55 -3.04 46.48
C HIS E 152 23.54 -1.59 46.02
N PHE E 153 24.33 -1.27 45.00
CA PHE E 153 24.37 0.09 44.53
C PHE E 153 24.93 0.17 43.10
N VAL E 154 24.68 1.31 42.46
CA VAL E 154 25.15 1.55 41.10
C VAL E 154 25.66 2.99 41.02
N VAL E 155 26.79 3.16 40.34
CA VAL E 155 27.40 4.46 40.17
C VAL E 155 27.64 4.65 38.68
N MET E 156 27.27 5.81 38.15
CA MET E 156 27.48 6.10 36.74
C MET E 156 27.64 7.60 36.50
N GLY E 157 28.35 7.94 35.43
CA GLY E 157 28.58 9.34 35.07
C GLY E 157 29.93 9.87 35.56
N GLY E 158 30.55 10.74 34.77
CA GLY E 158 31.83 11.30 35.16
C GLY E 158 32.88 10.27 35.49
N THR E 159 33.74 10.56 36.47
CA THR E 159 34.80 9.63 36.87
C THR E 159 34.25 8.80 38.02
N THR E 160 33.84 7.58 37.67
CA THR E 160 33.23 6.67 38.63
C THR E 160 34.14 5.99 39.65
N GLU E 161 35.28 5.48 39.19
CA GLU E 161 36.23 4.76 40.05
C GLU E 161 36.35 5.26 41.49
N PRO E 162 36.63 6.57 41.68
CA PRO E 162 36.77 7.10 43.04
C PRO E 162 35.44 7.04 43.82
N ILE E 163 34.34 7.37 43.15
CA ILE E 163 33.02 7.36 43.78
C ILE E 163 32.58 5.92 44.11
N ALA E 164 32.91 4.99 43.23
CA ALA E 164 32.56 3.59 43.40
C ALA E 164 33.22 3.02 44.66
N THR E 165 34.55 3.08 44.69
CA THR E 165 35.32 2.58 45.83
C THR E 165 34.79 3.19 47.14
N ALA E 166 34.53 4.49 47.13
CA ALA E 166 33.99 5.16 48.31
C ALA E 166 32.73 4.44 48.78
N MET E 167 31.80 4.22 47.86
CA MET E 167 30.54 3.52 48.14
C MET E 167 30.83 2.10 48.60
N ARG E 168 31.70 1.42 47.86
CA ARG E 168 32.09 0.05 48.14
C ARG E 168 32.49 -0.13 49.60
N GLU E 169 33.03 0.94 50.18
CA GLU E 169 33.48 0.91 51.55
C GLU E 169 32.46 1.42 52.55
N SER E 170 31.72 2.46 52.18
CA SER E 170 30.73 3.02 53.08
C SER E 170 29.34 2.41 52.95
N TYR E 171 29.21 1.32 52.22
CA TYR E 171 27.90 0.69 52.06
C TYR E 171 27.60 -0.35 53.12
N ARG E 172 26.37 -0.34 53.60
CA ARG E 172 25.95 -1.29 54.62
C ARG E 172 24.47 -1.55 54.34
N ALA E 173 24.03 -2.79 54.61
CA ALA E 173 22.63 -3.16 54.38
C ALA E 173 21.72 -2.49 55.41
N ASP E 174 20.42 -2.49 55.12
CA ASP E 174 19.41 -1.92 56.01
C ASP E 174 19.72 -0.49 56.48
N LEU E 175 20.33 0.31 55.61
CA LEU E 175 20.64 1.68 56.00
C LEU E 175 19.41 2.56 56.19
N ASP E 176 19.53 3.48 57.12
CA ASP E 176 18.48 4.46 57.43
C ASP E 176 18.40 5.41 56.24
N LEU E 177 17.27 6.11 56.04
CA LEU E 177 17.18 7.05 54.93
C LEU E 177 18.26 8.12 55.02
N GLU E 178 18.40 8.71 56.20
CA GLU E 178 19.41 9.75 56.43
C GLU E 178 20.83 9.22 56.24
N ALA E 179 21.06 7.98 56.67
CA ALA E 179 22.37 7.34 56.54
C ALA E 179 22.70 7.11 55.07
N ALA E 180 21.76 6.47 54.37
CA ALA E 180 21.89 6.17 52.93
C ALA E 180 22.21 7.43 52.15
N VAL E 181 21.50 8.51 52.45
CA VAL E 181 21.75 9.77 51.76
C VAL E 181 23.19 10.24 52.00
N GLY E 182 23.65 10.10 53.24
CA GLY E 182 25.00 10.51 53.58
C GLY E 182 26.02 9.71 52.81
N ILE E 183 25.84 8.40 52.81
CA ILE E 183 26.70 7.46 52.11
C ILE E 183 26.90 7.90 50.67
N ALA E 184 25.79 8.23 50.01
CA ALA E 184 25.83 8.65 48.62
C ALA E 184 26.43 10.04 48.47
N VAL E 185 25.98 10.99 49.27
CA VAL E 185 26.51 12.34 49.18
C VAL E 185 28.02 12.40 49.39
N ASN E 186 28.51 11.67 50.38
CA ASN E 186 29.95 11.67 50.63
C ASN E 186 30.72 10.98 49.49
N ALA E 187 30.17 9.89 48.97
CA ALA E 187 30.84 9.17 47.89
C ALA E 187 30.91 10.07 46.66
N LEU E 188 29.90 10.92 46.48
CA LEU E 188 29.88 11.82 45.35
C LEU E 188 30.97 12.85 45.45
N ARG E 189 31.36 13.19 46.68
CA ARG E 189 32.42 14.18 46.89
C ARG E 189 33.82 13.67 46.56
N GLN E 190 33.95 12.36 46.39
CA GLN E 190 35.23 11.73 46.05
C GLN E 190 35.46 11.79 44.55
N GLY E 191 34.68 12.61 43.85
CA GLY E 191 34.84 12.72 42.41
C GLY E 191 35.32 14.09 41.98
N GLY E 192 35.66 14.23 40.70
CA GLY E 192 36.13 15.50 40.19
C GLY E 192 37.53 15.44 39.62
N VAL E 201 30.82 22.57 45.36
CA VAL E 201 30.30 21.47 44.55
C VAL E 201 29.73 20.38 45.44
N ASP E 202 28.49 19.98 45.12
CA ASP E 202 27.78 18.93 45.85
C ASP E 202 27.01 19.44 47.07
N VAL E 203 26.28 20.54 46.88
CA VAL E 203 25.49 21.14 47.94
C VAL E 203 24.06 20.56 47.87
N ALA E 204 23.08 21.27 48.43
CA ALA E 204 21.69 20.79 48.38
C ALA E 204 21.16 21.07 46.97
N SER E 205 22.08 21.05 46.00
CA SER E 205 21.73 21.28 44.61
C SER E 205 21.97 20.02 43.78
N LEU E 206 21.07 19.06 43.97
CA LEU E 206 21.08 17.78 43.29
C LEU E 206 19.65 17.16 43.29
N GLU E 207 19.43 16.18 42.42
CA GLU E 207 18.13 15.53 42.28
C GLU E 207 18.02 14.25 43.11
N VAL E 208 17.07 14.24 44.03
CA VAL E 208 16.88 13.07 44.90
C VAL E 208 15.45 12.54 44.94
N ALA E 209 15.32 11.22 45.00
CA ALA E 209 14.02 10.57 45.05
C ALA E 209 14.18 9.15 45.55
N VAL E 210 13.06 8.52 45.89
CA VAL E 210 13.10 7.17 46.39
C VAL E 210 11.97 6.33 45.83
N LEU E 211 12.15 5.02 46.00
CA LEU E 211 11.19 4.03 45.60
C LEU E 211 10.78 3.43 46.95
N ASP E 212 9.80 4.07 47.58
CA ASP E 212 9.31 3.68 48.90
C ASP E 212 8.40 2.44 48.87
N GLN E 213 8.93 1.31 49.28
CA GLN E 213 8.16 0.08 49.27
C GLN E 213 6.94 0.08 50.18
N SER E 214 6.96 0.90 51.22
CA SER E 214 5.82 0.93 52.14
C SER E 214 4.55 1.40 51.41
N ARG E 215 4.72 2.18 50.34
CA ARG E 215 3.57 2.70 49.61
C ARG E 215 2.71 1.62 48.95
N PRO E 216 1.39 1.81 48.94
CA PRO E 216 0.43 0.87 48.36
C PRO E 216 0.69 0.51 46.89
N ARG E 217 0.61 1.50 46.01
CA ARG E 217 0.83 1.25 44.59
C ARG E 217 2.06 1.96 44.05
N ARG E 218 1.93 3.26 43.73
CA ARG E 218 3.04 4.04 43.19
C ARG E 218 4.08 4.33 44.27
N ALA E 219 5.21 3.64 44.20
CA ALA E 219 6.28 3.76 45.17
C ALA E 219 7.24 4.92 44.95
N PHE E 220 7.24 5.49 43.75
CA PHE E 220 8.17 6.57 43.46
C PHE E 220 7.77 7.87 44.14
N ARG E 221 8.75 8.54 44.73
CA ARG E 221 8.53 9.79 45.42
C ARG E 221 9.79 10.63 45.41
N ARG E 222 9.66 11.91 45.11
CA ARG E 222 10.80 12.83 45.08
C ARG E 222 10.96 13.50 46.46
N ILE E 223 12.19 13.89 46.80
CA ILE E 223 12.45 14.55 48.06
C ILE E 223 12.87 16.00 47.83
N ALA E 224 11.95 16.91 48.15
CA ALA E 224 12.14 18.35 47.98
C ALA E 224 13.18 19.01 48.88
N GLY E 225 13.37 20.32 48.66
CA GLY E 225 14.33 21.08 49.43
C GLY E 225 14.30 20.89 50.93
N THR E 226 13.35 21.55 51.58
CA THR E 226 13.21 21.47 53.03
C THR E 226 13.48 20.09 53.61
N ALA E 227 12.90 19.06 53.00
CA ALA E 227 13.10 17.70 53.50
C ALA E 227 14.51 17.22 53.21
N LEU E 228 15.08 17.65 52.08
CA LEU E 228 16.44 17.26 51.71
C LEU E 228 17.45 17.94 52.62
N GLU E 229 17.11 19.15 53.06
CA GLU E 229 17.95 19.95 53.94
C GLU E 229 18.46 19.08 55.08
N GLN E 230 17.53 18.43 55.76
CA GLN E 230 17.84 17.59 56.90
C GLN E 230 18.23 16.16 56.55
N LEU E 231 19.07 16.01 55.54
CA LEU E 231 19.52 14.69 55.12
C LEU E 231 20.91 14.75 54.53
N VAL E 232 21.20 15.85 53.84
CA VAL E 232 22.49 16.06 53.21
C VAL E 232 23.49 16.59 54.24
N PRO E 233 24.46 15.75 54.64
CA PRO E 233 25.48 16.14 55.62
C PRO E 233 26.43 17.21 55.11
N ALA E 234 26.90 18.08 56.02
CA ALA E 234 27.83 19.15 55.67
C ALA E 234 29.23 18.56 55.46
N GLU E 235 30.12 19.33 54.88
CA GLU E 235 31.48 18.87 54.62
C GLU E 235 32.51 19.32 55.66
N ALA F 9 37.64 -7.10 -0.01
CA ALA F 9 36.46 -8.01 -0.22
C ALA F 9 36.56 -9.24 0.66
N GLU F 10 37.63 -10.01 0.46
CA GLU F 10 37.89 -11.21 1.24
C GLU F 10 38.45 -10.74 2.59
N GLN F 11 38.93 -9.50 2.62
CA GLN F 11 39.49 -8.95 3.85
C GLN F 11 38.37 -8.49 4.77
N ILE F 12 37.26 -8.08 4.19
CA ILE F 12 36.13 -7.64 4.99
C ILE F 12 35.71 -8.77 5.93
N MET F 13 35.39 -9.92 5.34
CA MET F 13 34.95 -11.07 6.11
C MET F 13 36.04 -11.54 7.06
N ARG F 14 37.28 -11.24 6.70
CA ARG F 14 38.44 -11.60 7.50
C ARG F 14 38.35 -10.85 8.84
N ASP F 15 38.16 -9.55 8.74
CA ASP F 15 38.06 -8.67 9.90
C ASP F 15 36.80 -8.95 10.71
N ARG F 16 35.68 -9.08 10.01
CA ARG F 16 34.40 -9.33 10.66
C ARG F 16 34.54 -10.59 11.51
N SER F 17 35.21 -11.60 10.96
CA SER F 17 35.41 -12.85 11.66
C SER F 17 36.23 -12.67 12.93
N GLU F 18 37.29 -11.88 12.84
CA GLU F 18 38.15 -11.63 14.00
C GLU F 18 37.43 -10.87 15.13
N LEU F 19 36.63 -9.88 14.76
CA LEU F 19 35.89 -9.11 15.75
C LEU F 19 35.02 -10.06 16.58
N ALA F 20 34.35 -11.00 15.91
CA ALA F 20 33.48 -11.94 16.60
C ALA F 20 34.28 -12.91 17.47
N ARG F 21 35.29 -13.53 16.86
CA ARG F 21 36.15 -14.49 17.56
C ARG F 21 36.74 -13.94 18.86
N LYS F 22 37.34 -12.75 18.77
CA LYS F 22 37.94 -12.11 19.92
C LYS F 22 36.90 -11.81 20.98
N GLY F 23 35.77 -11.24 20.57
CA GLY F 23 34.72 -10.91 21.51
C GLY F 23 34.26 -12.12 22.31
N ILE F 24 34.20 -13.27 21.65
CA ILE F 24 33.77 -14.51 22.29
C ILE F 24 34.87 -15.07 23.21
N ALA F 25 36.11 -15.02 22.73
CA ALA F 25 37.24 -15.52 23.50
C ALA F 25 37.45 -14.66 24.73
N ARG F 26 36.92 -13.45 24.70
CA ARG F 26 37.04 -12.51 25.81
C ARG F 26 36.04 -12.83 26.93
N GLY F 27 34.98 -13.56 26.59
CA GLY F 27 33.97 -13.92 27.58
C GLY F 27 34.24 -15.22 28.32
N ARG F 28 33.31 -15.62 29.19
CA ARG F 28 33.47 -16.84 29.96
C ARG F 28 33.11 -18.08 29.14
N SER F 29 33.20 -19.25 29.73
CA SER F 29 32.92 -20.49 29.00
C SER F 29 31.70 -21.24 29.45
N VAL F 30 31.36 -22.24 28.65
CA VAL F 30 30.21 -23.08 28.91
C VAL F 30 30.53 -24.47 28.42
N VAL F 31 30.05 -25.49 29.14
CA VAL F 31 30.25 -26.88 28.76
C VAL F 31 28.90 -27.57 28.70
N VAL F 32 28.66 -28.27 27.60
CA VAL F 32 27.40 -28.99 27.42
C VAL F 32 27.81 -30.43 27.10
N LEU F 33 27.23 -31.39 27.84
CA LEU F 33 27.57 -32.79 27.63
C LEU F 33 26.44 -33.77 27.79
N THR F 34 26.65 -34.95 27.21
CA THR F 34 25.71 -36.04 27.22
C THR F 34 26.00 -37.04 28.32
N PHE F 35 24.98 -37.40 29.09
CA PHE F 35 25.18 -38.40 30.14
C PHE F 35 23.99 -39.35 30.31
N ARG F 36 23.98 -40.07 31.42
CA ARG F 36 22.95 -41.05 31.70
C ARG F 36 21.50 -40.57 31.67
N ASP F 37 21.23 -39.41 32.24
CA ASP F 37 19.86 -38.92 32.28
C ASP F 37 19.43 -38.08 31.07
N GLY F 38 20.40 -37.59 30.30
CA GLY F 38 20.06 -36.78 29.15
C GLY F 38 21.14 -35.79 28.80
N VAL F 39 20.91 -34.51 29.07
CA VAL F 39 21.91 -33.49 28.76
C VAL F 39 22.15 -32.56 29.95
N LEU F 40 23.42 -32.22 30.16
CA LEU F 40 23.81 -31.33 31.25
C LEU F 40 24.42 -30.04 30.74
N PHE F 41 24.00 -28.93 31.35
CA PHE F 41 24.51 -27.61 30.99
C PHE F 41 25.27 -27.04 32.18
N VAL F 42 26.52 -26.68 31.94
CA VAL F 42 27.35 -26.08 32.98
C VAL F 42 27.96 -24.84 32.37
N ALA F 43 27.49 -23.68 32.82
CA ALA F 43 27.99 -22.43 32.27
C ALA F 43 28.52 -21.50 33.33
N GLU F 44 29.61 -20.80 33.00
CA GLU F 44 30.18 -19.87 33.92
C GLU F 44 29.34 -18.60 33.87
N ASN F 45 28.62 -18.32 34.96
CA ASN F 45 27.80 -17.12 35.02
C ASN F 45 27.56 -16.70 36.48
N PRO F 46 28.12 -15.56 36.88
CA PRO F 46 27.98 -15.04 38.24
C PRO F 46 26.58 -14.55 38.59
N SER F 47 25.81 -14.18 37.57
CA SER F 47 24.44 -13.68 37.78
C SER F 47 23.39 -14.77 37.89
N THR F 48 22.32 -14.47 38.63
CA THR F 48 21.22 -15.41 38.77
C THR F 48 19.94 -14.82 38.18
N ALA F 49 20.07 -13.60 37.65
CA ALA F 49 18.95 -12.88 37.04
C ALA F 49 19.04 -12.99 35.51
N LEU F 50 20.26 -12.85 34.99
CA LEU F 50 20.52 -12.92 33.54
C LEU F 50 21.09 -14.29 33.18
N HIS F 51 20.38 -15.06 32.36
CA HIS F 51 20.83 -16.41 31.99
C HIS F 51 21.54 -16.60 30.66
N LYS F 52 22.19 -17.74 30.49
CA LYS F 52 22.91 -18.08 29.27
C LYS F 52 22.43 -19.46 28.87
N VAL F 53 21.60 -20.04 29.73
CA VAL F 53 21.05 -21.36 29.47
C VAL F 53 19.53 -21.24 29.61
N SER F 54 18.80 -21.97 28.77
CA SER F 54 17.35 -21.87 28.82
C SER F 54 16.65 -23.00 28.11
N GLU F 55 15.39 -23.18 28.46
CA GLU F 55 14.57 -24.21 27.81
C GLU F 55 14.18 -23.64 26.45
N LEU F 56 14.08 -24.50 25.43
CA LEU F 56 13.66 -24.07 24.11
C LEU F 56 12.24 -24.61 23.91
N TYR F 57 12.11 -25.92 24.01
CA TYR F 57 10.83 -26.58 23.86
C TYR F 57 10.78 -27.82 24.78
N ASP F 58 9.79 -28.69 24.57
CA ASP F 58 9.64 -29.90 25.37
C ASP F 58 10.95 -30.66 25.59
N ARG F 59 11.65 -31.01 24.51
CA ARG F 59 12.87 -31.76 24.62
C ARG F 59 14.11 -31.01 24.11
N LEU F 60 14.04 -29.68 24.08
CA LEU F 60 15.16 -28.89 23.58
C LEU F 60 15.68 -27.89 24.59
N GLY F 61 17.00 -27.75 24.62
CA GLY F 61 17.64 -26.83 25.52
C GLY F 61 18.55 -25.90 24.74
N PHE F 62 18.78 -24.72 25.31
CA PHE F 62 19.60 -23.68 24.71
C PHE F 62 20.71 -23.14 25.62
N ALA F 63 21.88 -22.93 25.03
CA ALA F 63 23.04 -22.40 25.75
C ALA F 63 23.85 -21.58 24.77
N ALA F 64 24.33 -20.43 25.23
CA ALA F 64 25.11 -19.54 24.38
C ALA F 64 26.23 -18.79 25.14
N VAL F 65 27.18 -18.25 24.39
CA VAL F 65 28.27 -17.45 24.96
C VAL F 65 28.44 -16.25 24.04
N GLY F 66 29.03 -15.20 24.55
CA GLY F 66 29.26 -14.03 23.72
C GLY F 66 28.55 -12.83 24.28
N LYS F 67 28.13 -11.95 23.39
CA LYS F 67 27.42 -10.75 23.81
C LYS F 67 25.98 -11.12 24.20
N TYR F 68 25.61 -10.82 25.44
CA TYR F 68 24.29 -11.15 25.97
C TYR F 68 23.08 -10.70 25.18
N ASN F 69 22.96 -9.39 24.97
CA ASN F 69 21.81 -8.85 24.27
C ASN F 69 21.60 -9.52 22.92
N GLU F 70 22.69 -10.01 22.33
CA GLU F 70 22.59 -10.67 21.04
C GLU F 70 22.14 -12.12 21.11
N PHE F 71 22.66 -12.90 22.05
CA PHE F 71 22.18 -14.27 22.10
C PHE F 71 20.84 -14.38 22.82
N GLU F 72 20.51 -13.39 23.64
CA GLU F 72 19.22 -13.39 24.33
C GLU F 72 18.16 -13.20 23.25
N ASN F 73 18.51 -12.41 22.25
CA ASN F 73 17.67 -12.12 21.12
C ASN F 73 17.44 -13.42 20.34
N LEU F 74 18.51 -14.13 20.05
CA LEU F 74 18.39 -15.38 19.32
C LEU F 74 17.69 -16.44 20.17
N ARG F 75 17.76 -16.31 21.49
CA ARG F 75 17.10 -17.28 22.36
C ARG F 75 15.58 -17.12 22.19
N ARG F 76 15.10 -15.88 22.24
CA ARG F 76 13.68 -15.62 22.09
C ARG F 76 13.18 -16.07 20.71
N ALA F 77 13.92 -15.72 19.66
CA ALA F 77 13.53 -16.12 18.31
C ALA F 77 13.36 -17.63 18.26
N GLY F 78 14.28 -18.34 18.90
CA GLY F 78 14.19 -19.79 18.91
C GLY F 78 12.93 -20.30 19.56
N ILE F 79 12.53 -19.65 20.67
CA ILE F 79 11.32 -20.06 21.37
C ILE F 79 10.10 -19.79 20.49
N VAL F 80 10.08 -18.61 19.88
CA VAL F 80 9.00 -18.25 18.98
C VAL F 80 8.91 -19.30 17.87
N HIS F 81 10.04 -19.58 17.24
CA HIS F 81 10.10 -20.55 16.16
C HIS F 81 9.60 -21.92 16.57
N ALA F 82 10.03 -22.40 17.73
CA ALA F 82 9.62 -23.72 18.20
C ALA F 82 8.12 -23.79 18.53
N ASP F 83 7.63 -22.79 19.26
CA ASP F 83 6.22 -22.80 19.65
C ASP F 83 5.31 -22.76 18.45
N MET F 84 5.70 -21.97 17.46
CA MET F 84 4.93 -21.82 16.25
C MET F 84 4.86 -23.12 15.45
N ARG F 85 6.00 -23.79 15.25
CA ARG F 85 6.00 -25.04 14.50
C ARG F 85 5.15 -26.10 15.21
N GLY F 86 5.24 -26.13 16.54
CA GLY F 86 4.48 -27.09 17.29
C GLY F 86 2.99 -26.88 17.13
N TYR F 87 2.58 -25.62 17.05
CA TYR F 87 1.17 -25.27 16.90
C TYR F 87 0.65 -25.57 15.49
N SER F 88 1.45 -25.23 14.47
CA SER F 88 1.09 -25.48 13.08
C SER F 88 0.98 -26.96 12.77
N TYR F 89 1.73 -27.77 13.51
CA TYR F 89 1.71 -29.21 13.32
C TYR F 89 1.42 -29.88 14.65
N ASP F 90 2.40 -30.62 15.16
CA ASP F 90 2.24 -31.26 16.44
C ASP F 90 3.49 -31.00 17.25
N ARG F 91 3.36 -30.94 18.57
CA ARG F 91 4.52 -30.68 19.40
C ARG F 91 5.67 -31.61 19.06
N ARG F 92 5.35 -32.89 18.82
CA ARG F 92 6.37 -33.89 18.49
C ARG F 92 7.07 -33.70 17.12
N ASP F 93 6.62 -32.72 16.33
CA ASP F 93 7.24 -32.47 15.05
C ASP F 93 8.36 -31.42 15.17
N VAL F 94 8.46 -30.82 16.35
CA VAL F 94 9.49 -29.82 16.64
C VAL F 94 10.81 -30.55 16.92
N THR F 95 11.79 -30.41 16.03
CA THR F 95 13.07 -31.09 16.22
C THR F 95 14.23 -30.15 16.50
N GLY F 96 15.25 -30.70 17.17
CA GLY F 96 16.44 -29.93 17.49
C GLY F 96 17.18 -29.54 16.23
N ARG F 97 17.22 -30.45 15.27
CA ARG F 97 17.90 -30.19 14.00
C ARG F 97 17.25 -29.03 13.27
N SER F 98 15.92 -28.97 13.32
CA SER F 98 15.22 -27.89 12.65
C SER F 98 15.63 -26.54 13.24
N LEU F 99 15.68 -26.41 14.56
CA LEU F 99 16.09 -25.13 15.16
C LEU F 99 17.54 -24.79 14.87
N ALA F 100 18.41 -25.80 14.91
CA ALA F 100 19.82 -25.59 14.64
C ALA F 100 20.00 -24.99 13.23
N ASN F 101 19.32 -25.59 12.25
CA ASN F 101 19.41 -25.11 10.87
C ASN F 101 18.91 -23.68 10.79
N ALA F 102 17.88 -23.35 11.56
CA ALA F 102 17.34 -21.99 11.52
C ALA F 102 18.37 -20.99 12.07
N TYR F 103 19.02 -21.35 13.18
CA TYR F 103 20.05 -20.47 13.77
C TYR F 103 21.20 -20.30 12.78
N ALA F 104 21.60 -21.39 12.12
CA ALA F 104 22.68 -21.33 11.16
C ALA F 104 22.32 -20.33 10.05
N GLN F 105 21.11 -20.46 9.52
CA GLN F 105 20.62 -19.60 8.46
C GLN F 105 20.67 -18.13 8.94
N THR F 106 20.08 -17.88 10.11
CA THR F 106 20.03 -16.53 10.68
C THR F 106 21.40 -15.88 10.93
N LEU F 107 22.28 -16.59 11.64
CA LEU F 107 23.60 -16.08 11.94
C LEU F 107 24.40 -15.85 10.67
N GLY F 108 24.18 -16.72 9.69
CA GLY F 108 24.87 -16.59 8.41
C GLY F 108 24.50 -15.28 7.73
N THR F 109 23.21 -14.95 7.76
CA THR F 109 22.76 -13.74 7.14
C THR F 109 23.24 -12.51 7.85
N ILE F 110 23.25 -12.57 9.18
CA ILE F 110 23.72 -11.44 9.97
C ILE F 110 25.21 -11.18 9.71
N PHE F 111 25.99 -12.25 9.63
CA PHE F 111 27.42 -12.15 9.40
C PHE F 111 27.75 -11.50 8.04
N THR F 112 26.82 -11.61 7.10
CA THR F 112 27.05 -11.08 5.77
C THR F 112 26.41 -9.74 5.47
N GLU F 113 25.23 -9.50 6.03
CA GLU F 113 24.50 -8.27 5.74
C GLU F 113 24.45 -7.19 6.82
N GLN F 114 24.44 -7.59 8.08
CA GLN F 114 24.37 -6.65 9.18
C GLN F 114 25.63 -5.80 9.32
N PRO F 115 25.50 -4.63 9.96
CA PRO F 115 26.63 -3.71 10.16
C PRO F 115 27.75 -4.35 10.96
N LYS F 116 27.36 -5.19 11.91
CA LYS F 116 28.33 -5.89 12.74
C LYS F 116 27.86 -7.30 12.95
N PRO F 117 28.77 -8.28 12.85
CA PRO F 117 28.38 -9.67 13.05
C PRO F 117 27.99 -9.86 14.50
N TYR F 118 27.29 -10.94 14.80
CA TYR F 118 26.91 -11.23 16.18
C TYR F 118 28.05 -11.91 16.87
N GLU F 119 28.51 -11.33 17.97
CA GLU F 119 29.59 -11.93 18.74
C GLU F 119 28.92 -12.99 19.61
N VAL F 120 28.55 -14.10 18.98
CA VAL F 120 27.83 -15.15 19.67
C VAL F 120 28.22 -16.56 19.21
N GLU F 121 27.94 -17.55 20.07
CA GLU F 121 28.16 -18.94 19.72
C GLU F 121 27.00 -19.62 20.42
N ILE F 122 26.35 -20.55 19.71
CA ILE F 122 25.17 -21.19 20.25
C ILE F 122 25.14 -22.69 20.19
N CYS F 123 24.51 -23.29 21.20
CA CYS F 123 24.37 -24.73 21.28
C CYS F 123 22.93 -25.14 21.50
N VAL F 124 22.43 -26.06 20.69
CA VAL F 124 21.07 -26.56 20.82
C VAL F 124 21.17 -28.01 21.24
N ALA F 125 20.52 -28.36 22.34
CA ALA F 125 20.57 -29.74 22.81
C ALA F 125 19.18 -30.37 22.78
N GLU F 126 19.14 -31.61 22.31
CA GLU F 126 17.89 -32.35 22.23
C GLU F 126 18.02 -33.72 22.86
N VAL F 127 17.02 -34.10 23.63
CA VAL F 127 16.98 -35.40 24.30
C VAL F 127 15.81 -36.18 23.71
N GLY F 128 15.86 -37.50 23.72
CA GLY F 128 14.77 -38.30 23.16
C GLY F 128 13.47 -38.22 23.93
N ARG F 129 12.41 -38.85 23.40
CA ARG F 129 11.13 -38.84 24.10
C ARG F 129 11.19 -39.77 25.29
N VAL F 130 10.24 -39.62 26.21
CA VAL F 130 10.22 -40.43 27.42
C VAL F 130 10.61 -41.89 27.23
N GLY F 131 9.91 -42.59 26.35
CA GLY F 131 10.25 -43.99 26.12
C GLY F 131 11.49 -44.21 25.28
N SER F 132 11.51 -43.59 24.10
CA SER F 132 12.62 -43.71 23.15
C SER F 132 14.00 -43.98 23.71
N PRO F 133 14.75 -44.91 23.08
CA PRO F 133 16.10 -45.27 23.50
C PRO F 133 17.11 -44.40 22.76
N LYS F 134 16.62 -43.45 21.98
CA LYS F 134 17.46 -42.56 21.20
C LYS F 134 18.42 -41.74 22.06
N ALA F 135 19.68 -41.71 21.64
CA ALA F 135 20.74 -40.98 22.35
C ALA F 135 20.65 -39.46 22.10
N PRO F 136 20.79 -38.66 23.18
CA PRO F 136 20.73 -37.21 23.01
C PRO F 136 21.62 -36.68 21.89
N GLN F 137 21.26 -35.51 21.38
CA GLN F 137 22.00 -34.88 20.29
C GLN F 137 22.33 -33.43 20.60
N LEU F 138 23.49 -32.98 20.14
CA LEU F 138 23.93 -31.62 20.37
C LEU F 138 24.31 -30.94 19.06
N TYR F 139 24.01 -29.65 18.93
CA TYR F 139 24.40 -28.91 17.74
C TYR F 139 25.08 -27.63 18.19
N ARG F 140 26.07 -27.19 17.43
CA ARG F 140 26.76 -25.95 17.75
C ARG F 140 26.72 -25.05 16.53
N ILE F 141 26.28 -23.81 16.72
CA ILE F 141 26.21 -22.87 15.62
C ILE F 141 27.09 -21.68 15.94
N THR F 142 27.93 -21.28 15.00
CA THR F 142 28.82 -20.14 15.24
C THR F 142 28.39 -18.86 14.56
N TYR F 143 29.07 -17.78 14.90
CA TYR F 143 28.77 -16.45 14.36
C TYR F 143 28.71 -16.31 12.84
N ASP F 144 29.34 -17.21 12.10
CA ASP F 144 29.32 -17.06 10.65
C ASP F 144 28.35 -18.01 9.96
N GLY F 145 27.56 -18.72 10.75
CA GLY F 145 26.60 -19.65 10.18
C GLY F 145 27.11 -21.06 10.05
N SER F 146 28.24 -21.35 10.69
CA SER F 146 28.78 -22.69 10.62
C SER F 146 28.01 -23.51 11.62
N ILE F 147 27.86 -24.80 11.34
CA ILE F 147 27.12 -25.64 12.24
C ILE F 147 27.69 -27.05 12.24
N VAL F 148 27.83 -27.64 13.42
CA VAL F 148 28.36 -28.98 13.55
C VAL F 148 27.54 -29.76 14.56
N ASP F 149 27.46 -31.07 14.36
CA ASP F 149 26.73 -31.90 15.30
C ASP F 149 27.74 -32.67 16.17
N GLU F 150 27.54 -32.62 17.48
CA GLU F 150 28.40 -33.30 18.44
C GLU F 150 27.53 -34.27 19.23
N GLN F 151 28.02 -35.47 19.46
CA GLN F 151 27.23 -36.46 20.20
C GLN F 151 27.73 -36.72 21.62
N HIS F 152 28.82 -36.07 22.02
CA HIS F 152 29.37 -36.26 23.35
C HIS F 152 29.39 -34.99 24.19
N PHE F 153 30.05 -33.95 23.69
CA PHE F 153 30.10 -32.71 24.44
C PHE F 153 30.46 -31.53 23.55
N VAL F 154 30.19 -30.33 24.07
CA VAL F 154 30.49 -29.10 23.35
C VAL F 154 31.09 -28.10 24.35
N VAL F 155 32.12 -27.38 23.91
CA VAL F 155 32.77 -26.38 24.72
C VAL F 155 32.82 -25.10 23.89
N MET F 156 32.47 -23.98 24.52
CA MET F 156 32.49 -22.70 23.83
C MET F 156 32.71 -21.56 24.82
N GLY F 157 33.26 -20.45 24.30
CA GLY F 157 33.54 -19.29 25.13
C GLY F 157 34.96 -19.23 25.69
N GLY F 158 35.54 -18.04 25.77
CA GLY F 158 36.89 -17.90 26.29
C GLY F 158 37.92 -18.73 25.56
N THR F 159 38.91 -19.25 26.27
CA THR F 159 39.95 -20.08 25.68
C THR F 159 39.51 -21.52 25.80
N THR F 160 38.99 -22.06 24.70
CA THR F 160 38.47 -23.40 24.68
C THR F 160 39.47 -24.56 24.65
N GLU F 161 40.50 -24.47 23.82
CA GLU F 161 41.51 -25.52 23.67
C GLU F 161 41.87 -26.32 24.93
N PRO F 162 42.24 -25.64 26.02
CA PRO F 162 42.60 -26.33 27.26
C PRO F 162 41.40 -27.05 27.87
N ILE F 163 40.24 -26.39 27.86
CA ILE F 163 39.01 -26.99 28.42
C ILE F 163 38.54 -28.18 27.58
N ALA F 164 38.69 -28.05 26.26
CA ALA F 164 38.27 -29.10 25.34
C ALA F 164 39.05 -30.37 25.60
N THR F 165 40.38 -30.28 25.46
CA THR F 165 41.25 -31.43 25.69
C THR F 165 40.95 -32.08 27.04
N ALA F 166 40.78 -31.27 28.08
CA ALA F 166 40.46 -31.81 29.40
C ALA F 166 39.23 -32.71 29.30
N MET F 167 38.17 -32.18 28.69
CA MET F 167 36.92 -32.92 28.50
C MET F 167 37.18 -34.15 27.64
N ARG F 168 37.90 -33.95 26.55
CA ARG F 168 38.22 -35.02 25.60
C ARG F 168 38.82 -36.23 26.32
N GLU F 169 39.48 -35.97 27.43
CA GLU F 169 40.12 -37.03 28.19
C GLU F 169 39.29 -37.55 29.35
N SER F 170 38.57 -36.65 30.03
CA SER F 170 37.75 -37.06 31.16
C SER F 170 36.32 -37.44 30.80
N TYR F 171 36.02 -37.57 29.51
CA TYR F 171 34.66 -37.92 29.10
C TYR F 171 34.44 -39.42 29.00
N ARG F 172 33.29 -39.86 29.48
CA ARG F 172 32.94 -41.27 29.43
C ARG F 172 31.42 -41.32 29.25
N ALA F 173 30.95 -42.33 28.53
CA ALA F 173 29.52 -42.50 28.28
C ALA F 173 28.81 -42.94 29.55
N ASP F 174 27.48 -42.79 29.56
CA ASP F 174 26.64 -43.18 30.69
C ASP F 174 27.09 -42.63 32.04
N LEU F 175 27.62 -41.41 32.05
CA LEU F 175 28.08 -40.82 33.30
C LEU F 175 26.94 -40.50 34.26
N ASP F 176 27.23 -40.62 35.54
CA ASP F 176 26.31 -40.33 36.62
C ASP F 176 26.14 -38.80 36.65
N LEU F 177 25.04 -38.28 37.20
CA LEU F 177 24.86 -36.84 37.25
C LEU F 177 26.03 -36.17 37.98
N GLU F 178 26.35 -36.70 39.16
CA GLU F 178 27.44 -36.17 39.96
C GLU F 178 28.78 -36.25 39.24
N ALA F 179 29.00 -37.36 38.54
CA ALA F 179 30.23 -37.54 37.77
C ALA F 179 30.33 -36.53 36.63
N ALA F 180 29.26 -36.46 35.84
CA ALA F 180 29.18 -35.55 34.70
C ALA F 180 29.48 -34.12 35.15
N VAL F 181 28.88 -33.71 36.26
CA VAL F 181 29.11 -32.36 36.76
C VAL F 181 30.59 -32.17 37.08
N GLY F 182 31.20 -33.18 37.69
CA GLY F 182 32.61 -33.09 38.02
C GLY F 182 33.48 -32.93 36.79
N ILE F 183 33.23 -33.78 35.81
CA ILE F 183 33.93 -33.77 34.53
C ILE F 183 33.95 -32.36 33.96
N ALA F 184 32.78 -31.73 33.94
CA ALA F 184 32.64 -30.38 33.41
C ALA F 184 33.31 -29.34 34.30
N VAL F 185 33.04 -29.39 35.60
CA VAL F 185 33.63 -28.43 36.50
C VAL F 185 35.16 -28.45 36.48
N ASN F 186 35.74 -29.66 36.45
CA ASN F 186 37.20 -29.74 36.42
C ASN F 186 37.75 -29.25 35.09
N ALA F 187 37.06 -29.59 34.00
CA ALA F 187 37.52 -29.14 32.68
C ALA F 187 37.48 -27.62 32.60
N LEU F 188 36.52 -27.02 33.28
CA LEU F 188 36.39 -25.57 33.26
C LEU F 188 37.56 -24.92 33.98
N ARG F 189 38.13 -25.64 34.94
CA ARG F 189 39.27 -25.12 35.69
C ARG F 189 40.58 -25.09 34.91
N GLN F 190 40.60 -25.79 33.77
CA GLN F 190 41.78 -25.83 32.91
C GLN F 190 41.82 -24.62 31.99
N GLY F 191 41.00 -23.61 32.29
CA GLY F 191 40.96 -22.41 31.47
C GLY F 191 41.47 -21.19 32.19
N GLY F 192 41.65 -20.09 31.45
CA GLY F 192 42.12 -18.85 32.07
C GLY F 192 43.43 -18.37 31.47
N VAL F 201 38.02 -18.74 41.47
CA VAL F 201 37.34 -18.85 40.19
C VAL F 201 36.82 -20.26 39.97
N ASP F 202 35.53 -20.35 39.63
CA ASP F 202 34.86 -21.63 39.37
C ASP F 202 34.30 -22.30 40.63
N VAL F 203 33.62 -21.51 41.46
CA VAL F 203 33.01 -22.00 42.69
C VAL F 203 31.57 -22.40 42.40
N ALA F 204 30.70 -22.46 43.41
CA ALA F 204 29.30 -22.80 43.20
C ALA F 204 28.62 -21.57 42.62
N SER F 205 29.39 -20.77 41.88
CA SER F 205 28.86 -19.58 41.24
C SER F 205 28.89 -19.71 39.71
N LEU F 206 27.97 -20.54 39.21
CA LEU F 206 27.79 -20.81 37.80
C LEU F 206 26.37 -21.29 37.52
N GLU F 207 25.95 -21.25 36.25
CA GLU F 207 24.61 -21.64 35.83
C GLU F 207 24.52 -23.10 35.37
N VAL F 208 23.71 -23.89 36.08
CA VAL F 208 23.56 -25.31 35.74
C VAL F 208 22.11 -25.75 35.54
N ALA F 209 21.91 -26.65 34.58
CA ALA F 209 20.59 -27.18 34.27
C ALA F 209 20.73 -28.45 33.47
N VAL F 210 19.64 -29.20 33.38
CA VAL F 210 19.66 -30.44 32.62
C VAL F 210 18.41 -30.63 31.75
N LEU F 211 18.53 -31.55 30.83
CA LEU F 211 17.45 -31.93 29.95
C LEU F 211 17.19 -33.37 30.37
N ASP F 212 16.37 -33.52 31.41
CA ASP F 212 16.04 -34.83 31.98
C ASP F 212 15.06 -35.63 31.14
N GLN F 213 15.57 -36.63 30.43
CA GLN F 213 14.73 -37.46 29.57
C GLN F 213 13.63 -38.25 30.30
N SER F 214 13.85 -38.54 31.58
CA SER F 214 12.86 -39.29 32.32
C SER F 214 11.54 -38.51 32.43
N ARG F 215 11.61 -37.20 32.34
CA ARG F 215 10.40 -36.39 32.44
C ARG F 215 9.39 -36.61 31.31
N PRO F 216 8.08 -36.57 31.63
CA PRO F 216 6.98 -36.77 30.67
C PRO F 216 7.01 -35.85 29.46
N ARG F 217 6.89 -34.55 29.69
CA ARG F 217 6.90 -33.60 28.59
C ARG F 217 8.09 -32.64 28.63
N ARG F 218 8.00 -31.60 29.45
CA ARG F 218 9.06 -30.62 29.58
C ARG F 218 10.28 -31.19 30.33
N ALA F 219 11.33 -31.49 29.58
CA ALA F 219 12.55 -32.08 30.14
C ALA F 219 13.55 -31.13 30.75
N PHE F 220 13.44 -29.84 30.45
CA PHE F 220 14.37 -28.88 30.99
C PHE F 220 14.15 -28.61 32.46
N ARG F 221 15.25 -28.58 33.21
CA ARG F 221 15.20 -28.33 34.64
C ARG F 221 16.49 -27.70 35.11
N ARG F 222 16.39 -26.67 35.95
CA ARG F 222 17.56 -26.00 36.48
C ARG F 222 17.95 -26.62 37.83
N ILE F 223 19.23 -26.55 38.17
CA ILE F 223 19.71 -27.10 39.43
C ILE F 223 20.19 -25.99 40.36
N ALA F 224 19.38 -25.71 41.37
CA ALA F 224 19.64 -24.65 42.35
C ALA F 224 20.82 -24.87 43.28
N GLY F 225 21.08 -23.88 44.12
CA GLY F 225 22.20 -23.93 45.06
C GLY F 225 22.35 -25.21 45.85
N THR F 226 21.54 -25.36 46.90
CA THR F 226 21.61 -26.53 47.76
C THR F 226 21.85 -27.84 47.02
N ALA F 227 21.14 -28.05 45.93
CA ALA F 227 21.31 -29.28 45.15
C ALA F 227 22.64 -29.26 44.40
N LEU F 228 23.07 -28.08 43.96
CA LEU F 228 24.33 -27.95 43.24
C LEU F 228 25.50 -28.15 44.20
N GLU F 229 25.30 -27.74 45.45
CA GLU F 229 26.32 -27.88 46.50
C GLU F 229 26.92 -29.27 46.46
N GLN F 230 26.05 -30.27 46.52
CA GLN F 230 26.45 -31.67 46.53
C GLN F 230 26.71 -32.26 45.16
N LEU F 231 27.38 -31.51 44.29
CA LEU F 231 27.67 -31.99 42.95
C LEU F 231 28.98 -31.41 42.44
N VAL F 232 29.24 -30.16 42.81
CA VAL F 232 30.45 -29.47 42.41
C VAL F 232 31.61 -29.86 43.33
N PRO F 233 32.58 -30.64 42.79
CA PRO F 233 33.74 -31.08 43.57
C PRO F 233 34.69 -29.94 43.95
N ALA F 234 35.32 -30.07 45.13
CA ALA F 234 36.25 -29.06 45.61
C ALA F 234 37.57 -29.18 44.84
N GLU F 235 38.43 -28.17 44.95
CA GLU F 235 39.70 -28.17 44.25
C GLU F 235 40.88 -28.63 45.10
N ALA G 9 36.66 -1.97 -10.45
CA ALA G 9 35.40 -2.46 -11.11
C ALA G 9 35.55 -3.92 -11.52
N GLU G 10 36.53 -4.17 -12.39
CA GLU G 10 36.82 -5.52 -12.86
C GLU G 10 37.59 -6.23 -11.75
N GLN G 11 38.14 -5.43 -10.83
CA GLN G 11 38.89 -6.00 -9.73
C GLN G 11 37.95 -6.49 -8.64
N ILE G 12 36.79 -5.86 -8.54
CA ILE G 12 35.81 -6.27 -7.54
C ILE G 12 35.44 -7.72 -7.77
N MET G 13 34.98 -8.02 -8.98
CA MET G 13 34.58 -9.37 -9.34
C MET G 13 35.77 -10.34 -9.27
N ARG G 14 36.96 -9.80 -9.43
CA ARG G 14 38.19 -10.57 -9.35
C ARG G 14 38.31 -11.15 -7.95
N ASP G 15 38.22 -10.26 -6.95
CA ASP G 15 38.32 -10.62 -5.53
C ASP G 15 37.16 -11.48 -5.08
N ARG G 16 35.95 -11.08 -5.46
CA ARG G 16 34.75 -11.83 -5.10
C ARG G 16 34.92 -13.26 -5.57
N SER G 17 35.46 -13.43 -6.77
CA SER G 17 35.67 -14.75 -7.32
C SER G 17 36.67 -15.57 -6.51
N GLU G 18 37.76 -14.91 -6.09
CA GLU G 18 38.77 -15.60 -5.29
C GLU G 18 38.25 -16.05 -3.92
N LEU G 19 37.48 -15.18 -3.27
CA LEU G 19 36.92 -15.51 -1.97
C LEU G 19 36.13 -16.81 -2.07
N ALA G 20 35.32 -16.93 -3.11
CA ALA G 20 34.50 -18.12 -3.30
C ALA G 20 35.34 -19.35 -3.62
N ARG G 21 36.24 -19.21 -4.59
CA ARG G 21 37.10 -20.31 -5.02
C ARG G 21 37.89 -20.92 -3.86
N LYS G 22 38.52 -20.06 -3.08
CA LYS G 22 39.33 -20.51 -1.95
C LYS G 22 38.48 -21.20 -0.91
N GLY G 23 37.34 -20.60 -0.59
CA GLY G 23 36.45 -21.19 0.40
C GLY G 23 36.02 -22.60 0.02
N ILE G 24 35.82 -22.82 -1.27
CA ILE G 24 35.41 -24.13 -1.78
C ILE G 24 36.56 -25.12 -1.79
N ALA G 25 37.72 -24.64 -2.22
CA ALA G 25 38.92 -25.48 -2.27
C ALA G 25 39.35 -25.87 -0.85
N ARG G 26 38.90 -25.11 0.13
CA ARG G 26 39.23 -25.37 1.52
C ARG G 26 38.37 -26.49 2.10
N GLY G 27 37.23 -26.77 1.46
CA GLY G 27 36.35 -27.82 1.95
C GLY G 27 36.64 -29.20 1.37
N ARG G 28 35.80 -30.17 1.72
CA ARG G 28 35.99 -31.53 1.24
C ARG G 28 35.45 -31.70 -0.18
N SER G 29 35.55 -32.91 -0.72
CA SER G 29 35.10 -33.15 -2.08
C SER G 29 33.90 -34.05 -2.23
N VAL G 30 33.37 -34.07 -3.45
CA VAL G 30 32.22 -34.88 -3.79
C VAL G 30 32.38 -35.39 -5.22
N VAL G 31 31.94 -36.61 -5.47
CA VAL G 31 32.00 -37.17 -6.81
C VAL G 31 30.61 -37.65 -7.22
N VAL G 32 30.17 -37.24 -8.40
CA VAL G 32 28.86 -37.65 -8.92
C VAL G 32 29.13 -38.29 -10.28
N LEU G 33 28.60 -39.49 -10.48
CA LEU G 33 28.83 -40.19 -11.74
C LEU G 33 27.66 -41.02 -12.24
N THR G 34 27.71 -41.29 -13.53
CA THR G 34 26.70 -42.06 -14.25
C THR G 34 27.09 -43.53 -14.35
N PHE G 35 26.16 -44.43 -14.03
CA PHE G 35 26.43 -45.85 -14.16
C PHE G 35 25.22 -46.65 -14.62
N ARG G 36 25.32 -47.97 -14.51
CA ARG G 36 24.27 -48.88 -14.94
C ARG G 36 22.87 -48.64 -14.40
N ASP G 37 22.75 -48.36 -13.11
CA ASP G 37 21.43 -48.17 -12.54
C ASP G 37 20.89 -46.74 -12.57
N GLY G 38 21.77 -45.78 -12.82
CA GLY G 38 21.33 -44.39 -12.86
C GLY G 38 22.43 -43.44 -12.45
N VAL G 39 22.33 -42.86 -11.26
CA VAL G 39 23.35 -41.92 -10.81
C VAL G 39 23.80 -42.22 -9.40
N LEU G 40 25.10 -42.06 -9.16
CA LEU G 40 25.68 -42.33 -7.86
C LEU G 40 26.28 -41.07 -7.24
N PHE G 41 26.01 -40.86 -5.95
CA PHE G 41 26.55 -39.72 -5.22
C PHE G 41 27.51 -40.21 -4.14
N VAL G 42 28.75 -39.73 -4.18
CA VAL G 42 29.74 -40.10 -3.19
C VAL G 42 30.35 -38.80 -2.70
N ALA G 43 30.01 -38.44 -1.47
CA ALA G 43 30.50 -37.19 -0.91
C ALA G 43 31.25 -37.38 0.40
N GLU G 44 32.33 -36.64 0.57
CA GLU G 44 33.08 -36.73 1.81
C GLU G 44 32.31 -35.94 2.86
N ASN G 45 31.76 -36.64 3.84
CA ASN G 45 31.02 -35.97 4.92
C ASN G 45 31.01 -36.85 6.18
N PRO G 46 31.71 -36.41 7.23
CA PRO G 46 31.79 -37.15 8.49
C PRO G 46 30.47 -37.21 9.26
N SER G 47 29.60 -36.23 9.03
CA SER G 47 28.32 -36.16 9.72
C SER G 47 27.21 -37.00 9.10
N THR G 48 26.28 -37.45 9.93
CA THR G 48 25.15 -38.23 9.46
C THR G 48 23.84 -37.48 9.74
N ALA G 49 23.97 -36.29 10.33
CA ALA G 49 22.84 -35.42 10.66
C ALA G 49 22.72 -34.31 9.61
N LEU G 50 23.85 -33.72 9.22
CA LEU G 50 23.90 -32.65 8.23
C LEU G 50 24.32 -33.20 6.88
N HIS G 51 23.46 -33.10 5.87
CA HIS G 51 23.77 -33.64 4.54
C HIS G 51 24.29 -32.68 3.45
N LYS G 52 24.87 -33.24 2.40
CA LYS G 52 25.39 -32.48 1.27
C LYS G 52 24.78 -33.09 0.00
N VAL G 53 24.01 -34.16 0.20
CA VAL G 53 23.35 -34.82 -0.90
C VAL G 53 21.89 -34.96 -0.51
N SER G 54 20.99 -34.80 -1.48
CA SER G 54 19.58 -34.88 -1.18
C SER G 54 18.72 -35.09 -2.40
N GLU G 55 17.51 -35.59 -2.16
CA GLU G 55 16.55 -35.77 -3.23
C GLU G 55 16.03 -34.38 -3.60
N LEU G 56 15.71 -34.17 -4.88
CA LEU G 56 15.13 -32.89 -5.32
C LEU G 56 13.68 -33.16 -5.67
N TYR G 57 13.46 -34.09 -6.59
CA TYR G 57 12.13 -34.47 -7.04
C TYR G 57 12.14 -35.96 -7.41
N ASP G 58 11.10 -36.41 -8.08
CA ASP G 58 10.98 -37.81 -8.49
C ASP G 58 12.23 -38.39 -9.11
N ARG G 59 12.76 -37.72 -10.14
CA ARG G 59 13.95 -38.22 -10.83
C ARG G 59 15.15 -37.26 -10.74
N LEU G 60 15.15 -36.40 -9.72
CA LEU G 60 16.23 -35.44 -9.56
C LEU G 60 16.94 -35.55 -8.22
N GLY G 61 18.26 -35.40 -8.29
CA GLY G 61 19.09 -35.46 -7.11
C GLY G 61 19.95 -34.22 -7.00
N PHE G 62 20.32 -33.87 -5.77
CA PHE G 62 21.12 -32.70 -5.46
C PHE G 62 22.38 -33.00 -4.65
N ALA G 63 23.48 -32.36 -4.99
CA ALA G 63 24.74 -32.49 -4.29
C ALA G 63 25.45 -31.14 -4.35
N ALA G 64 26.10 -30.77 -3.25
CA ALA G 64 26.81 -29.49 -3.20
C ALA G 64 28.05 -29.52 -2.31
N VAL G 65 28.89 -28.51 -2.45
CA VAL G 65 30.10 -28.37 -1.63
C VAL G 65 30.23 -26.91 -1.31
N GLY G 66 30.99 -26.60 -0.28
CA GLY G 66 31.16 -25.20 0.09
C GLY G 66 30.61 -24.94 1.46
N LYS G 67 30.10 -23.73 1.64
CA LYS G 67 29.54 -23.32 2.92
C LYS G 67 28.14 -23.94 3.08
N TYR G 68 27.97 -24.75 4.12
CA TYR G 68 26.72 -25.45 4.38
C TYR G 68 25.44 -24.62 4.40
N ASN G 69 25.37 -23.65 5.30
CA ASN G 69 24.17 -22.83 5.43
C ASN G 69 23.75 -22.23 4.09
N GLU G 70 24.71 -22.01 3.20
CA GLU G 70 24.39 -21.43 1.90
C GLU G 70 23.87 -22.46 0.90
N PHE G 71 24.47 -23.63 0.81
CA PHE G 71 23.92 -24.57 -0.16
C PHE G 71 22.67 -25.27 0.38
N GLU G 72 22.53 -25.31 1.70
CA GLU G 72 21.35 -25.93 2.30
C GLU G 72 20.17 -25.03 1.93
N ASN G 73 20.44 -23.73 1.89
CA ASN G 73 19.45 -22.74 1.53
C ASN G 73 19.02 -22.98 0.08
N LEU G 74 20.00 -23.15 -0.80
CA LEU G 74 19.72 -23.38 -2.21
C LEU G 74 19.08 -24.75 -2.42
N ARG G 75 19.33 -25.68 -1.49
CA ARG G 75 18.73 -27.00 -1.63
C ARG G 75 17.21 -26.90 -1.41
N ARG G 76 16.82 -26.17 -0.37
CA ARG G 76 15.41 -25.98 -0.05
C ARG G 76 14.72 -25.23 -1.19
N ALA G 77 15.34 -24.15 -1.68
CA ALA G 77 14.74 -23.38 -2.76
C ALA G 77 14.47 -24.31 -3.95
N GLY G 78 15.40 -25.19 -4.22
CA GLY G 78 15.23 -26.11 -5.31
C GLY G 78 14.04 -27.04 -5.13
N ILE G 79 13.83 -27.50 -3.89
CA ILE G 79 12.71 -28.38 -3.62
C ILE G 79 11.39 -27.62 -3.79
N VAL G 80 11.37 -26.41 -3.27
CA VAL G 80 10.20 -25.55 -3.39
C VAL G 80 9.89 -25.36 -4.87
N HIS G 81 10.90 -24.98 -5.63
CA HIS G 81 10.77 -24.74 -7.06
C HIS G 81 10.23 -25.99 -7.78
N ALA G 82 10.81 -27.15 -7.51
CA ALA G 82 10.37 -28.37 -8.17
C ALA G 82 8.94 -28.75 -7.82
N ASP G 83 8.61 -28.73 -6.53
CA ASP G 83 7.27 -29.10 -6.11
C ASP G 83 6.21 -28.22 -6.69
N MET G 84 6.51 -26.94 -6.74
CA MET G 84 5.60 -25.96 -7.27
C MET G 84 5.34 -26.18 -8.77
N ARG G 85 6.39 -26.39 -9.56
CA ARG G 85 6.22 -26.60 -10.99
C ARG G 85 5.41 -27.86 -11.25
N GLY G 86 5.65 -28.90 -10.45
CA GLY G 86 4.94 -30.14 -10.64
C GLY G 86 3.46 -29.99 -10.39
N TYR G 87 3.13 -29.16 -9.40
CA TYR G 87 1.75 -28.89 -9.05
C TYR G 87 1.03 -28.04 -10.09
N SER G 88 1.70 -26.98 -10.57
CA SER G 88 1.13 -26.08 -11.57
C SER G 88 0.88 -26.81 -12.87
N TYR G 89 1.68 -27.83 -13.14
CA TYR G 89 1.53 -28.60 -14.38
C TYR G 89 1.39 -30.07 -14.03
N ASP G 90 2.39 -30.86 -14.42
CA ASP G 90 2.35 -32.28 -14.09
C ASP G 90 3.71 -32.65 -13.55
N ARG G 91 3.77 -33.66 -12.69
CA ARG G 91 5.05 -34.06 -12.12
C ARG G 91 6.10 -34.30 -13.22
N ARG G 92 5.66 -34.91 -14.31
CA ARG G 92 6.55 -35.23 -15.41
C ARG G 92 7.09 -34.01 -16.18
N ASP G 93 6.59 -32.83 -15.88
CA ASP G 93 7.05 -31.63 -16.56
C ASP G 93 8.22 -31.00 -15.82
N VAL G 94 8.53 -31.55 -14.64
CA VAL G 94 9.64 -31.06 -13.82
C VAL G 94 10.94 -31.63 -14.38
N THR G 95 11.80 -30.78 -14.93
CA THR G 95 13.04 -31.26 -15.53
C THR G 95 14.29 -30.81 -14.81
N GLY G 96 15.35 -31.60 -14.95
CA GLY G 96 16.61 -31.27 -14.31
C GLY G 96 17.21 -30.01 -14.90
N ARG G 97 17.05 -29.86 -16.21
CA ARG G 97 17.57 -28.68 -16.89
C ARG G 97 16.90 -27.41 -16.34
N SER G 98 15.61 -27.51 -16.08
CA SER G 98 14.89 -26.36 -15.56
C SER G 98 15.47 -25.92 -14.21
N LEU G 99 15.70 -26.85 -13.30
CA LEU G 99 16.27 -26.48 -12.01
C LEU G 99 17.69 -25.95 -12.13
N ALA G 100 18.49 -26.58 -12.97
CA ALA G 100 19.86 -26.14 -13.18
C ALA G 100 19.90 -24.69 -13.64
N ASN G 101 19.05 -24.34 -14.61
CA ASN G 101 18.97 -22.97 -15.11
C ASN G 101 18.56 -22.03 -14.00
N ALA G 102 17.67 -22.46 -13.13
CA ALA G 102 17.23 -21.61 -12.03
C ALA G 102 18.39 -21.33 -11.08
N TYR G 103 19.14 -22.37 -10.73
CA TYR G 103 20.30 -22.20 -9.84
C TYR G 103 21.32 -21.26 -10.46
N ALA G 104 21.53 -21.40 -11.77
CA ALA G 104 22.49 -20.54 -12.46
C ALA G 104 22.04 -19.08 -12.34
N GLN G 105 20.76 -18.85 -12.61
CA GLN G 105 20.18 -17.51 -12.53
C GLN G 105 20.39 -16.96 -11.10
N THR G 106 19.99 -17.73 -10.10
CA THR G 106 20.10 -17.34 -8.70
C THR G 106 21.52 -17.03 -8.24
N LEU G 107 22.43 -17.97 -8.49
CA LEU G 107 23.84 -17.79 -8.07
C LEU G 107 24.48 -16.62 -8.80
N GLY G 108 24.07 -16.42 -10.05
CA GLY G 108 24.60 -15.32 -10.82
C GLY G 108 24.20 -13.98 -10.20
N THR G 109 22.96 -13.88 -9.73
CA THR G 109 22.49 -12.65 -9.14
C THR G 109 23.14 -12.40 -7.79
N ILE G 110 23.34 -13.46 -7.02
CA ILE G 110 23.98 -13.32 -5.72
C ILE G 110 25.43 -12.87 -5.88
N PHE G 111 26.13 -13.43 -6.85
CA PHE G 111 27.52 -13.07 -7.10
C PHE G 111 27.70 -11.61 -7.50
N THR G 112 26.65 -11.02 -8.04
CA THR G 112 26.71 -9.64 -8.50
C THR G 112 26.11 -8.59 -7.56
N GLU G 113 25.04 -8.95 -6.85
CA GLU G 113 24.36 -8.00 -5.99
C GLU G 113 24.54 -8.15 -4.50
N GLN G 114 24.66 -9.38 -4.02
CA GLN G 114 24.82 -9.63 -2.60
C GLN G 114 26.14 -9.12 -2.02
N PRO G 115 26.18 -8.85 -0.71
CA PRO G 115 27.37 -8.37 -0.02
C PRO G 115 28.54 -9.32 -0.16
N LYS G 116 28.24 -10.62 -0.20
CA LYS G 116 29.27 -11.64 -0.33
C LYS G 116 28.74 -12.73 -1.23
N PRO G 117 29.58 -13.21 -2.17
CA PRO G 117 29.12 -14.28 -3.06
C PRO G 117 28.92 -15.55 -2.26
N TYR G 118 28.20 -16.49 -2.83
CA TYR G 118 27.98 -17.75 -2.13
C TYR G 118 29.17 -18.65 -2.38
N GLU G 119 29.79 -19.12 -1.30
CA GLU G 119 30.93 -20.01 -1.43
C GLU G 119 30.32 -21.39 -1.62
N VAL G 120 29.78 -21.63 -2.82
CA VAL G 120 29.12 -22.89 -3.10
C VAL G 120 29.35 -23.42 -4.52
N GLU G 121 29.12 -24.71 -4.71
CA GLU G 121 29.20 -25.31 -6.03
C GLU G 121 28.12 -26.35 -5.97
N ILE G 122 27.30 -26.42 -7.01
CA ILE G 122 26.17 -27.34 -7.01
C ILE G 122 26.06 -28.24 -8.21
N CYS G 123 25.53 -29.44 -7.97
CA CYS G 123 25.33 -30.43 -9.02
C CYS G 123 23.89 -30.96 -8.98
N VAL G 124 23.23 -30.95 -10.14
CA VAL G 124 21.87 -31.44 -10.26
C VAL G 124 21.93 -32.69 -11.15
N ALA G 125 21.42 -33.80 -10.65
CA ALA G 125 21.44 -35.03 -11.42
C ALA G 125 20.04 -35.49 -11.75
N GLU G 126 19.85 -35.91 -12.99
CA GLU G 126 18.55 -36.40 -13.44
C GLU G 126 18.67 -37.75 -14.14
N VAL G 127 17.75 -38.65 -13.81
CA VAL G 127 17.73 -39.97 -14.39
C VAL G 127 16.44 -40.09 -15.19
N GLY G 128 16.41 -40.92 -16.22
CA GLY G 128 15.21 -41.05 -17.04
C GLY G 128 14.03 -41.71 -16.33
N ARG G 129 12.88 -41.77 -16.99
CA ARG G 129 11.69 -42.38 -16.38
C ARG G 129 11.86 -43.89 -16.36
N VAL G 130 11.05 -44.57 -15.56
CA VAL G 130 11.15 -46.01 -15.42
C VAL G 130 11.42 -46.76 -16.71
N GLY G 131 10.57 -46.58 -17.72
CA GLY G 131 10.79 -47.27 -18.97
C GLY G 131 11.88 -46.68 -19.84
N SER G 132 11.78 -45.37 -20.09
CA SER G 132 12.73 -44.64 -20.93
C SER G 132 14.16 -45.17 -20.97
N PRO G 133 14.75 -45.20 -22.18
CA PRO G 133 16.12 -45.67 -22.37
C PRO G 133 17.09 -44.49 -22.31
N LYS G 134 16.55 -43.32 -21.97
CA LYS G 134 17.34 -42.10 -21.89
C LYS G 134 18.46 -42.18 -20.86
N ALA G 135 19.65 -41.75 -21.26
CA ALA G 135 20.83 -41.76 -20.39
C ALA G 135 20.79 -40.64 -19.38
N PRO G 136 21.17 -40.92 -18.12
CA PRO G 136 21.16 -39.88 -17.10
C PRO G 136 21.92 -38.64 -17.51
N GLN G 137 21.57 -37.52 -16.88
CA GLN G 137 22.19 -36.23 -17.16
C GLN G 137 22.65 -35.54 -15.88
N LEU G 138 23.77 -34.82 -15.97
CA LEU G 138 24.31 -34.11 -14.83
C LEU G 138 24.55 -32.64 -15.20
N TYR G 139 24.32 -31.75 -14.24
CA TYR G 139 24.58 -30.33 -14.46
C TYR G 139 25.40 -29.82 -13.29
N ARG G 140 26.31 -28.90 -13.55
CA ARG G 140 27.11 -28.32 -12.48
C ARG G 140 26.97 -26.81 -12.55
N ILE G 141 26.63 -26.20 -11.42
CA ILE G 141 26.46 -24.76 -11.36
C ILE G 141 27.46 -24.19 -10.36
N THR G 142 28.19 -23.15 -10.75
CA THR G 142 29.18 -22.57 -9.85
C THR G 142 28.72 -21.27 -9.22
N TYR G 143 29.52 -20.78 -8.28
CA TYR G 143 29.24 -19.56 -7.54
C TYR G 143 29.00 -18.29 -8.34
N ASP G 144 29.45 -18.25 -9.59
CA ASP G 144 29.25 -17.03 -10.37
C ASP G 144 28.16 -17.16 -11.41
N GLY G 145 27.44 -18.27 -11.37
CA GLY G 145 26.35 -18.47 -12.31
C GLY G 145 26.75 -19.24 -13.54
N SER G 146 27.93 -19.84 -13.52
CA SER G 146 28.37 -20.63 -14.67
C SER G 146 27.69 -21.97 -14.56
N ILE G 147 27.42 -22.59 -15.71
CA ILE G 147 26.75 -23.87 -15.71
C ILE G 147 27.22 -24.70 -16.88
N VAL G 148 27.49 -25.98 -16.62
CA VAL G 148 27.95 -26.88 -17.65
C VAL G 148 27.23 -28.20 -17.53
N ASP G 149 27.06 -28.90 -18.64
CA ASP G 149 26.40 -30.19 -18.58
C ASP G 149 27.46 -31.27 -18.78
N GLU G 150 27.43 -32.27 -17.90
CA GLU G 150 28.37 -33.39 -17.95
C GLU G 150 27.55 -34.67 -18.10
N GLN G 151 27.99 -35.59 -18.95
CA GLN G 151 27.25 -36.82 -19.13
C GLN G 151 27.91 -38.05 -18.51
N HIS G 152 29.09 -37.87 -17.92
CA HIS G 152 29.80 -38.98 -17.30
C HIS G 152 30.01 -38.82 -15.80
N PHE G 153 30.67 -37.75 -15.40
CA PHE G 153 30.90 -37.54 -13.98
C PHE G 153 31.20 -36.08 -13.66
N VAL G 154 31.08 -35.73 -12.39
CA VAL G 154 31.35 -34.38 -11.92
C VAL G 154 32.14 -34.49 -10.61
N VAL G 155 33.15 -33.63 -10.47
CA VAL G 155 33.97 -33.58 -9.28
C VAL G 155 34.00 -32.13 -8.81
N MET G 156 33.77 -31.92 -7.51
CA MET G 156 33.80 -30.57 -6.95
C MET G 156 34.23 -30.60 -5.49
N GLY G 157 34.80 -29.48 -5.04
CA GLY G 157 35.26 -29.36 -3.66
C GLY G 157 36.74 -29.66 -3.47
N GLY G 158 37.40 -28.94 -2.57
CA GLY G 158 38.81 -29.15 -2.32
C GLY G 158 39.66 -29.04 -3.58
N THR G 159 40.71 -29.85 -3.65
CA THR G 159 41.61 -29.84 -4.80
C THR G 159 41.10 -30.89 -5.78
N THR G 160 40.41 -30.42 -6.81
CA THR G 160 39.80 -31.29 -7.79
C THR G 160 40.70 -31.93 -8.83
N GLU G 161 41.62 -31.16 -9.40
CA GLU G 161 42.53 -31.65 -10.44
C GLU G 161 42.99 -33.10 -10.32
N PRO G 162 43.58 -33.47 -9.17
CA PRO G 162 44.04 -34.85 -8.99
C PRO G 162 42.88 -35.86 -9.00
N ILE G 163 41.78 -35.52 -8.34
CA ILE G 163 40.61 -36.40 -8.30
C ILE G 163 39.95 -36.53 -9.66
N ALA G 164 39.93 -35.44 -10.40
CA ALA G 164 39.33 -35.41 -11.74
C ALA G 164 40.07 -36.35 -12.67
N THR G 165 41.36 -36.13 -12.85
CA THR G 165 42.18 -36.97 -13.71
C THR G 165 42.03 -38.44 -13.35
N ALA G 166 42.03 -38.74 -12.06
CA ALA G 166 41.87 -40.11 -11.59
C ALA G 166 40.58 -40.69 -12.19
N MET G 167 39.48 -39.96 -12.02
CA MET G 167 38.18 -40.36 -12.55
C MET G 167 38.23 -40.46 -14.07
N ARG G 168 38.81 -39.45 -14.68
CA ARG G 168 38.94 -39.37 -16.13
C ARG G 168 39.54 -40.65 -16.70
N GLU G 169 40.39 -41.29 -15.90
CA GLU G 169 41.05 -42.50 -16.33
C GLU G 169 40.34 -43.78 -15.89
N SER G 170 39.77 -43.79 -14.69
CA SER G 170 39.10 -44.97 -14.20
C SER G 170 37.61 -45.03 -14.53
N TYR G 171 37.13 -44.13 -15.39
CA TYR G 171 35.72 -44.14 -15.71
C TYR G 171 35.39 -45.02 -16.91
N ARG G 172 34.29 -45.75 -16.81
CA ARG G 172 33.85 -46.62 -17.88
C ARG G 172 32.32 -46.61 -17.83
N ALA G 173 31.68 -46.73 -18.99
CA ALA G 173 30.23 -46.73 -19.06
C ALA G 173 29.67 -48.04 -18.52
N ASP G 174 28.38 -48.04 -18.22
CA ASP G 174 27.67 -49.22 -17.71
C ASP G 174 28.35 -49.87 -16.51
N LEU G 175 28.94 -49.08 -15.64
CA LEU G 175 29.59 -49.63 -14.46
C LEU G 175 28.62 -50.24 -13.46
N ASP G 176 29.08 -51.29 -12.81
CA ASP G 176 28.33 -51.99 -11.78
C ASP G 176 28.25 -51.05 -10.58
N LEU G 177 27.28 -51.22 -9.68
CA LEU G 177 27.20 -50.35 -8.51
C LEU G 177 28.49 -50.42 -7.70
N GLU G 178 28.93 -51.63 -7.42
CA GLU G 178 30.15 -51.86 -6.64
C GLU G 178 31.37 -51.26 -7.33
N ALA G 179 31.42 -51.40 -8.66
CA ALA G 179 32.54 -50.87 -9.44
C ALA G 179 32.54 -49.34 -9.39
N ALA G 180 31.38 -48.74 -9.68
CA ALA G 180 31.20 -47.29 -9.67
C ALA G 180 31.64 -46.70 -8.34
N VAL G 181 31.24 -47.34 -7.25
CA VAL G 181 31.62 -46.87 -5.93
C VAL G 181 33.13 -46.89 -5.78
N GLY G 182 33.76 -47.97 -6.25
CA GLY G 182 35.21 -48.09 -6.17
C GLY G 182 35.91 -46.99 -6.94
N ILE G 183 35.44 -46.77 -8.16
CA ILE G 183 35.97 -45.75 -9.05
C ILE G 183 36.00 -44.42 -8.31
N ALA G 184 34.88 -44.08 -7.68
CA ALA G 184 34.77 -42.83 -6.96
C ALA G 184 35.61 -42.80 -5.70
N VAL G 185 35.52 -43.85 -4.89
CA VAL G 185 36.30 -43.89 -3.66
C VAL G 185 37.80 -43.79 -3.91
N ASN G 186 38.30 -44.50 -4.91
CA ASN G 186 39.73 -44.42 -5.19
C ASN G 186 40.11 -43.05 -5.72
N ALA G 187 39.28 -42.46 -6.58
CA ALA G 187 39.57 -41.15 -7.11
C ALA G 187 39.61 -40.13 -5.99
N LEU G 188 38.79 -40.33 -4.97
CA LEU G 188 38.76 -39.42 -3.84
C LEU G 188 40.06 -39.49 -3.05
N ARG G 189 40.72 -40.65 -3.09
CA ARG G 189 41.97 -40.83 -2.37
C ARG G 189 43.16 -40.10 -3.00
N GLN G 190 42.99 -39.67 -4.25
CA GLN G 190 44.04 -38.95 -4.97
C GLN G 190 44.02 -37.46 -4.62
N GLY G 191 43.31 -37.11 -3.55
CA GLY G 191 43.23 -35.72 -3.14
C GLY G 191 43.92 -35.47 -1.81
N GLY G 192 44.04 -34.20 -1.42
CA GLY G 192 44.69 -33.87 -0.16
C GLY G 192 45.94 -33.01 -0.34
N VAL G 201 41.91 -41.32 6.30
CA VAL G 201 41.05 -40.44 5.53
C VAL G 201 40.42 -41.21 4.37
N ASP G 202 39.10 -41.08 4.26
CA ASP G 202 38.32 -41.73 3.21
C ASP G 202 37.90 -43.16 3.55
N VAL G 203 37.38 -43.34 4.77
CA VAL G 203 36.93 -44.65 5.24
C VAL G 203 35.42 -44.76 4.94
N ALA G 204 34.71 -45.64 5.64
CA ALA G 204 33.27 -45.78 5.42
C ALA G 204 32.59 -44.60 6.11
N SER G 205 33.30 -43.47 6.16
CA SER G 205 32.77 -42.26 6.76
C SER G 205 32.60 -41.17 5.69
N LEU G 206 31.56 -41.36 4.88
CA LEU G 206 31.20 -40.45 3.81
C LEU G 206 29.70 -40.63 3.46
N GLU G 207 29.12 -39.66 2.76
CA GLU G 207 27.71 -39.67 2.38
C GLU G 207 27.47 -40.26 0.99
N VAL G 208 26.72 -41.34 0.92
CA VAL G 208 26.44 -41.99 -0.36
C VAL G 208 24.95 -42.21 -0.65
N ALA G 209 24.58 -42.03 -1.91
CA ALA G 209 23.20 -42.20 -2.36
C ALA G 209 23.14 -42.40 -3.85
N VAL G 210 21.99 -42.85 -4.33
CA VAL G 210 21.83 -43.07 -5.74
C VAL G 210 20.47 -42.61 -6.26
N LEU G 211 20.41 -42.48 -7.58
CA LEU G 211 19.20 -42.11 -8.25
C LEU G 211 18.92 -43.38 -9.08
N ASP G 212 18.22 -44.32 -8.45
CA ASP G 212 17.91 -45.61 -9.04
C ASP G 212 16.77 -45.53 -10.07
N GLN G 213 17.11 -45.60 -11.34
CA GLN G 213 16.11 -45.52 -12.39
C GLN G 213 15.07 -46.64 -12.40
N SER G 214 15.43 -47.80 -11.86
CA SER G 214 14.50 -48.91 -11.84
C SER G 214 13.26 -48.58 -10.99
N ARG G 215 13.40 -47.67 -10.04
CA ARG G 215 12.27 -47.32 -9.20
C ARG G 215 11.10 -46.66 -9.94
N PRO G 216 9.86 -46.96 -9.53
CA PRO G 216 8.64 -46.42 -10.14
C PRO G 216 8.57 -44.88 -10.18
N ARG G 217 8.55 -44.25 -9.02
CA ARG G 217 8.47 -42.80 -8.96
C ARG G 217 9.72 -42.15 -8.36
N ARG G 218 9.81 -42.15 -7.03
CA ARG G 218 10.94 -41.55 -6.34
C ARG G 218 12.20 -42.41 -6.48
N ALA G 219 13.12 -41.96 -7.32
CA ALA G 219 14.35 -42.69 -7.59
C ALA G 219 15.49 -42.49 -6.60
N PHE G 220 15.40 -41.46 -5.77
CA PHE G 220 16.46 -41.20 -4.82
C PHE G 220 16.46 -42.19 -3.68
N ARG G 221 17.65 -42.65 -3.33
CA ARG G 221 17.81 -43.61 -2.26
C ARG G 221 19.20 -43.49 -1.65
N ARG G 222 19.28 -43.51 -0.32
CA ARG G 222 20.55 -43.41 0.38
C ARG G 222 21.09 -44.81 0.68
N ILE G 223 22.41 -44.94 0.76
CA ILE G 223 23.03 -46.22 1.05
C ILE G 223 23.69 -46.19 2.42
N ALA G 224 23.04 -46.86 3.38
CA ALA G 224 23.49 -46.93 4.78
C ALA G 224 24.78 -47.70 5.02
N GLY G 225 25.20 -47.72 6.28
CA GLY G 225 26.42 -48.40 6.68
C GLY G 225 26.60 -49.82 6.16
N THR G 226 25.93 -50.76 6.81
CA THR G 226 26.04 -52.16 6.44
C THR G 226 26.10 -52.39 4.93
N ALA G 227 25.23 -51.74 4.18
CA ALA G 227 25.22 -51.90 2.74
C ALA G 227 26.44 -51.23 2.10
N LEU G 228 26.88 -50.12 2.67
CA LEU G 228 28.05 -49.40 2.15
C LEU G 228 29.33 -50.19 2.43
N GLU G 229 29.33 -50.90 3.54
CA GLU G 229 30.45 -51.73 3.96
C GLU G 229 30.97 -52.55 2.79
N GLN G 230 30.05 -53.28 2.17
CA GLN G 230 30.36 -54.16 1.06
C GLN G 230 30.38 -53.45 -0.29
N LEU G 231 30.98 -52.27 -0.35
CA LEU G 231 31.05 -51.52 -1.60
C LEU G 231 32.31 -50.68 -1.64
N VAL G 232 32.69 -50.16 -0.48
CA VAL G 232 33.89 -49.33 -0.36
C VAL G 232 35.14 -50.20 -0.25
N PRO G 233 35.96 -50.23 -1.31
CA PRO G 233 37.19 -51.03 -1.32
C PRO G 233 38.26 -50.55 -0.33
N ALA G 234 39.03 -51.49 0.20
CA ALA G 234 40.09 -51.17 1.16
C ALA G 234 41.28 -50.56 0.41
N GLU G 235 42.20 -49.94 1.14
CA GLU G 235 43.36 -49.32 0.52
C GLU G 235 44.62 -50.19 0.55
N THR H 1 -25.39 -23.86 -28.39
CA THR H 1 -24.07 -24.38 -28.83
C THR H 1 -23.92 -25.85 -28.48
N THR H 2 -23.20 -26.57 -29.33
CA THR H 2 -22.90 -27.97 -29.05
C THR H 2 -21.52 -28.29 -29.63
N ILE H 3 -20.67 -28.83 -28.76
CA ILE H 3 -19.33 -29.23 -29.12
C ILE H 3 -19.21 -30.65 -28.66
N VAL H 4 -18.70 -31.50 -29.54
CA VAL H 4 -18.57 -32.91 -29.26
C VAL H 4 -17.10 -33.35 -29.41
N ALA H 5 -16.73 -34.37 -28.66
CA ALA H 5 -15.39 -34.92 -28.71
C ALA H 5 -15.49 -36.42 -28.82
N LEU H 6 -14.77 -37.00 -29.78
CA LEU H 6 -14.78 -38.44 -30.00
C LEU H 6 -13.39 -39.07 -30.13
N THR H 7 -13.27 -40.22 -29.52
CA THR H 7 -12.07 -41.01 -29.49
C THR H 7 -12.19 -42.11 -30.55
N TYR H 8 -11.08 -42.43 -31.22
CA TYR H 8 -11.04 -43.48 -32.25
C TYR H 8 -9.64 -44.07 -32.38
N LYS H 9 -9.53 -45.16 -33.13
CA LYS H 9 -8.27 -45.88 -33.35
C LYS H 9 -7.04 -44.97 -33.46
N GLY H 10 -6.97 -44.19 -34.53
CA GLY H 10 -5.85 -43.28 -34.69
C GLY H 10 -5.62 -42.29 -33.54
N GLY H 11 -6.65 -41.48 -33.22
CA GLY H 11 -6.54 -40.48 -32.16
C GLY H 11 -7.85 -39.91 -31.61
N VAL H 12 -8.01 -38.58 -31.65
CA VAL H 12 -9.24 -37.92 -31.16
C VAL H 12 -9.67 -36.81 -32.09
N LEU H 13 -10.93 -36.40 -31.96
CA LEU H 13 -11.43 -35.29 -32.77
C LEU H 13 -12.38 -34.39 -31.97
N LEU H 14 -12.61 -33.20 -32.50
CA LEU H 14 -13.52 -32.22 -31.92
C LEU H 14 -14.33 -31.64 -33.06
N ALA H 15 -15.62 -31.43 -32.82
CA ALA H 15 -16.50 -30.86 -33.83
C ALA H 15 -17.48 -29.94 -33.11
N GLY H 16 -17.79 -28.81 -33.74
CA GLY H 16 -18.71 -27.87 -33.13
C GLY H 16 -19.60 -27.17 -34.14
N ASP H 17 -20.76 -26.70 -33.68
CA ASP H 17 -21.71 -26.01 -34.54
C ASP H 17 -21.25 -24.58 -34.78
N ARG H 18 -21.99 -23.85 -35.61
CA ARG H 18 -21.61 -22.47 -35.99
C ARG H 18 -22.51 -21.33 -35.53
N ARG H 19 -23.55 -21.65 -34.75
CA ARG H 19 -24.51 -20.66 -34.31
C ARG H 19 -24.26 -19.87 -33.06
N ALA H 20 -24.74 -18.63 -33.07
CA ALA H 20 -24.65 -17.75 -31.93
C ALA H 20 -26.02 -17.08 -31.82
N THR H 21 -26.59 -17.10 -30.62
CA THR H 21 -27.88 -16.47 -30.42
C THR H 21 -27.84 -15.46 -29.28
N GLN H 22 -28.71 -14.47 -29.38
CA GLN H 22 -28.84 -13.47 -28.35
C GLN H 22 -30.32 -13.63 -27.99
N GLY H 23 -30.58 -14.53 -27.05
CA GLY H 23 -31.95 -14.79 -26.67
C GLY H 23 -32.48 -15.70 -27.77
N ASN H 24 -33.55 -15.28 -28.42
CA ASN H 24 -34.13 -16.07 -29.50
C ASN H 24 -33.52 -15.64 -30.84
N LEU H 25 -33.06 -14.40 -30.92
CA LEU H 25 -32.46 -13.85 -32.14
C LEU H 25 -31.15 -14.52 -32.53
N ILE H 26 -30.97 -14.79 -33.82
CA ILE H 26 -29.75 -15.41 -34.29
C ILE H 26 -28.73 -14.30 -34.55
N ALA H 27 -27.57 -14.41 -33.91
CA ALA H 27 -26.53 -13.38 -34.03
C ALA H 27 -25.35 -13.73 -34.91
N SER H 28 -25.16 -15.01 -35.20
CA SER H 28 -24.05 -15.40 -36.04
C SER H 28 -24.34 -16.73 -36.68
N ARG H 29 -23.79 -16.94 -37.87
CA ARG H 29 -23.98 -18.17 -38.61
C ARG H 29 -22.67 -18.87 -38.94
N ASP H 30 -21.54 -18.25 -38.60
CA ASP H 30 -20.24 -18.84 -38.89
C ASP H 30 -19.23 -18.81 -37.75
N VAL H 31 -19.68 -18.98 -36.51
CA VAL H 31 -18.79 -18.95 -35.36
C VAL H 31 -17.85 -20.15 -35.38
N GLU H 32 -16.57 -19.92 -35.09
CA GLU H 32 -15.55 -20.97 -35.03
C GLU H 32 -15.45 -21.32 -33.56
N LYS H 33 -15.80 -22.55 -33.20
CA LYS H 33 -15.75 -22.92 -31.80
C LYS H 33 -14.67 -23.94 -31.44
N VAL H 34 -13.97 -24.43 -32.46
CA VAL H 34 -12.92 -25.42 -32.22
C VAL H 34 -11.57 -24.87 -32.67
N TYR H 35 -10.61 -24.92 -31.79
CA TYR H 35 -9.29 -24.40 -32.11
C TYR H 35 -8.18 -25.41 -31.83
N VAL H 36 -7.18 -25.41 -32.69
CA VAL H 36 -6.02 -26.25 -32.49
C VAL H 36 -5.24 -25.48 -31.45
N THR H 37 -4.97 -26.10 -30.30
CA THR H 37 -4.23 -25.38 -29.26
C THR H 37 -2.71 -25.60 -29.33
N ASP H 38 -2.29 -26.62 -30.06
CA ASP H 38 -0.88 -26.94 -30.31
C ASP H 38 -0.78 -28.23 -31.13
N GLU H 39 0.43 -28.56 -31.56
CA GLU H 39 0.68 -29.77 -32.37
C GLU H 39 -0.19 -30.98 -32.05
N TYR H 40 -0.37 -31.28 -30.77
CA TYR H 40 -1.15 -32.46 -30.42
C TYR H 40 -2.36 -32.23 -29.51
N SER H 41 -2.99 -31.06 -29.62
CA SER H 41 -4.17 -30.79 -28.79
C SER H 41 -5.08 -29.73 -29.42
N ALA H 42 -6.36 -29.79 -29.04
CA ALA H 42 -7.33 -28.85 -29.54
C ALA H 42 -8.37 -28.65 -28.47
N ALA H 43 -9.10 -27.54 -28.55
CA ALA H 43 -10.11 -27.26 -27.56
C ALA H 43 -11.35 -26.58 -28.14
N GLY H 44 -12.50 -26.93 -27.61
CA GLY H 44 -13.75 -26.33 -28.05
C GLY H 44 -14.28 -25.53 -26.87
N ILE H 45 -15.00 -24.43 -27.13
CA ILE H 45 -15.55 -23.64 -26.03
C ILE H 45 -17.02 -23.28 -26.16
N ALA H 46 -17.71 -23.35 -25.03
CA ALA H 46 -19.13 -22.99 -24.96
C ALA H 46 -19.25 -21.88 -23.93
N GLY H 47 -20.16 -20.94 -24.16
CA GLY H 47 -20.35 -19.82 -23.26
C GLY H 47 -20.02 -18.50 -23.92
N THR H 48 -20.16 -17.42 -23.17
CA THR H 48 -19.87 -16.04 -23.60
C THR H 48 -18.73 -15.96 -24.63
N ALA H 49 -19.06 -15.90 -25.91
CA ALA H 49 -18.05 -15.83 -26.97
C ALA H 49 -16.97 -14.78 -26.74
N GLY H 50 -17.37 -13.64 -26.18
CA GLY H 50 -16.40 -12.60 -25.91
C GLY H 50 -15.19 -13.15 -25.19
N ILE H 51 -15.44 -13.71 -24.02
CA ILE H 51 -14.40 -14.28 -23.21
C ILE H 51 -13.79 -15.58 -23.75
N ALA H 52 -14.64 -16.52 -24.14
CA ALA H 52 -14.19 -17.83 -24.63
C ALA H 52 -13.15 -17.83 -25.74
N ILE H 53 -13.42 -17.12 -26.83
CA ILE H 53 -12.49 -17.13 -27.94
C ILE H 53 -11.11 -16.58 -27.57
N GLU H 54 -11.05 -15.49 -26.82
CA GLU H 54 -9.75 -14.97 -26.46
C GLU H 54 -9.04 -15.79 -25.41
N LEU H 55 -9.81 -16.52 -24.61
CA LEU H 55 -9.25 -17.39 -23.57
C LEU H 55 -8.52 -18.58 -24.20
N VAL H 56 -9.15 -19.21 -25.18
CA VAL H 56 -8.55 -20.36 -25.83
C VAL H 56 -7.35 -19.89 -26.63
N ARG H 57 -7.38 -18.64 -27.06
CA ARG H 57 -6.29 -18.04 -27.82
C ARG H 57 -5.09 -17.85 -26.88
N LEU H 58 -5.35 -17.37 -25.68
CA LEU H 58 -4.31 -17.15 -24.69
C LEU H 58 -3.73 -18.52 -24.29
N PHE H 59 -4.59 -19.53 -24.19
CA PHE H 59 -4.16 -20.88 -23.84
C PHE H 59 -3.11 -21.36 -24.86
N ALA H 60 -3.42 -21.20 -26.14
CA ALA H 60 -2.52 -21.60 -27.21
C ALA H 60 -1.18 -20.89 -27.07
N VAL H 61 -1.24 -19.58 -26.86
CA VAL H 61 -0.03 -18.80 -26.71
C VAL H 61 0.78 -19.34 -25.52
N GLU H 62 0.11 -19.57 -24.39
CA GLU H 62 0.78 -20.07 -23.19
C GLU H 62 1.49 -21.42 -23.43
N LEU H 63 0.87 -22.31 -24.20
CA LEU H 63 1.49 -23.60 -24.48
C LEU H 63 2.76 -23.45 -25.30
N GLU H 64 2.72 -22.60 -26.31
CA GLU H 64 3.85 -22.40 -27.17
C GLU H 64 4.95 -21.62 -26.46
N HIS H 65 4.56 -20.77 -25.52
CA HIS H 65 5.51 -19.98 -24.77
C HIS H 65 6.30 -20.94 -23.89
N TYR H 66 5.59 -21.89 -23.28
CA TYR H 66 6.25 -22.85 -22.41
C TYR H 66 7.30 -23.59 -23.21
N GLU H 67 6.91 -24.10 -24.37
CA GLU H 67 7.84 -24.83 -25.21
C GLU H 67 9.06 -24.01 -25.63
N LYS H 68 8.87 -22.74 -26.02
CA LYS H 68 10.00 -21.94 -26.42
C LYS H 68 10.95 -21.64 -25.26
N ILE H 69 10.40 -21.48 -24.07
CA ILE H 69 11.24 -21.20 -22.91
C ILE H 69 11.96 -22.46 -22.39
N GLU H 70 11.23 -23.57 -22.27
CA GLU H 70 11.81 -24.81 -21.75
C GLU H 70 12.45 -25.72 -22.81
N GLY H 71 12.15 -25.47 -24.08
CA GLY H 71 12.69 -26.29 -25.15
C GLY H 71 11.98 -27.62 -25.23
N VAL H 72 10.96 -27.78 -24.42
CA VAL H 72 10.20 -29.02 -24.41
C VAL H 72 8.74 -28.69 -24.22
N PRO H 73 7.85 -29.36 -24.97
CA PRO H 73 6.42 -29.09 -24.82
C PRO H 73 5.93 -29.69 -23.50
N LEU H 74 4.78 -29.23 -23.03
CA LEU H 74 4.20 -29.73 -21.79
C LEU H 74 3.57 -31.10 -22.00
N THR H 75 3.35 -31.79 -20.88
CA THR H 75 2.70 -33.09 -20.90
C THR H 75 1.24 -32.81 -21.23
N PHE H 76 0.50 -33.77 -21.75
CA PHE H 76 -0.89 -33.50 -22.01
C PHE H 76 -1.57 -33.10 -20.69
N ASP H 77 -1.29 -33.86 -19.63
CA ASP H 77 -1.88 -33.54 -18.34
C ASP H 77 -1.48 -32.14 -17.89
N GLY H 78 -0.26 -31.76 -18.21
CA GLY H 78 0.18 -30.42 -17.86
C GLY H 78 -0.64 -29.40 -18.64
N LYS H 79 -0.95 -29.69 -19.89
CA LYS H 79 -1.74 -28.76 -20.68
C LYS H 79 -3.14 -28.63 -20.08
N ALA H 80 -3.70 -29.74 -19.61
CA ALA H 80 -5.03 -29.73 -19.04
C ALA H 80 -5.05 -28.97 -17.73
N ASN H 81 -3.98 -29.11 -16.96
CA ASN H 81 -3.94 -28.40 -15.68
C ASN H 81 -3.89 -26.90 -15.89
N ARG H 82 -3.22 -26.47 -16.96
CA ARG H 82 -3.11 -25.07 -17.29
C ARG H 82 -4.45 -24.48 -17.72
N LEU H 83 -5.24 -25.26 -18.46
CA LEU H 83 -6.53 -24.79 -18.91
C LEU H 83 -7.40 -24.62 -17.69
N ALA H 84 -7.28 -25.57 -16.78
CA ALA H 84 -8.07 -25.54 -15.53
C ALA H 84 -7.78 -24.25 -14.78
N SER H 85 -6.51 -23.88 -14.73
CA SER H 85 -6.12 -22.67 -14.05
C SER H 85 -6.78 -21.45 -14.69
N MET H 86 -6.88 -21.46 -16.01
CA MET H 86 -7.50 -20.34 -16.70
C MET H 86 -8.99 -20.30 -16.46
N VAL H 87 -9.62 -21.46 -16.38
CA VAL H 87 -11.06 -21.52 -16.15
C VAL H 87 -11.32 -21.03 -14.73
N ARG H 88 -10.45 -21.43 -13.83
CA ARG H 88 -10.58 -21.05 -12.44
C ARG H 88 -10.46 -19.54 -12.32
N GLY H 89 -9.58 -18.96 -13.13
CA GLY H 89 -9.40 -17.52 -13.10
C GLY H 89 -10.57 -16.75 -13.69
N ASN H 90 -11.61 -17.44 -14.16
CA ASN H 90 -12.75 -16.75 -14.72
C ASN H 90 -13.99 -16.94 -13.85
N LEU H 91 -13.82 -17.63 -12.72
CA LEU H 91 -14.92 -17.88 -11.80
C LEU H 91 -15.65 -16.57 -11.49
N GLY H 92 -14.89 -15.50 -11.24
CA GLY H 92 -15.49 -14.23 -10.95
C GLY H 92 -16.49 -13.85 -12.02
N ALA H 93 -16.03 -13.75 -13.25
CA ALA H 93 -16.91 -13.40 -14.36
C ALA H 93 -18.07 -14.39 -14.44
N ALA H 94 -17.79 -15.68 -14.30
CA ALA H 94 -18.84 -16.69 -14.37
C ALA H 94 -19.96 -16.43 -13.37
N MET H 95 -19.61 -15.96 -12.19
CA MET H 95 -20.63 -15.70 -11.18
C MET H 95 -21.48 -14.48 -11.51
N GLN H 96 -21.10 -13.75 -12.56
CA GLN H 96 -21.84 -12.57 -12.99
C GLN H 96 -22.52 -12.82 -14.32
N GLY H 97 -22.56 -14.08 -14.74
CA GLY H 97 -23.20 -14.45 -15.99
C GLY H 97 -22.27 -14.64 -17.18
N LEU H 98 -20.99 -14.29 -17.05
CA LEU H 98 -20.06 -14.45 -18.18
C LEU H 98 -19.22 -15.74 -18.07
N ALA H 99 -19.90 -16.87 -17.91
CA ALA H 99 -19.22 -18.16 -17.79
C ALA H 99 -18.79 -18.76 -19.13
N VAL H 100 -17.72 -19.54 -19.09
CA VAL H 100 -17.22 -20.21 -20.28
C VAL H 100 -16.73 -21.59 -19.86
N VAL H 101 -17.00 -22.59 -20.68
CA VAL H 101 -16.58 -23.95 -20.37
C VAL H 101 -15.98 -24.61 -21.59
N PRO H 102 -14.71 -25.01 -21.49
CA PRO H 102 -14.02 -25.65 -22.59
C PRO H 102 -14.09 -27.16 -22.53
N LEU H 103 -13.71 -27.79 -23.64
CA LEU H 103 -13.65 -29.24 -23.79
C LEU H 103 -12.30 -29.43 -24.46
N LEU H 104 -11.41 -30.16 -23.81
CA LEU H 104 -10.07 -30.37 -24.33
C LEU H 104 -9.82 -31.78 -24.83
N VAL H 105 -9.12 -31.90 -25.96
CA VAL H 105 -8.75 -33.21 -26.51
C VAL H 105 -7.28 -33.16 -26.90
N GLY H 106 -6.66 -34.32 -26.99
CA GLY H 106 -5.26 -34.37 -27.38
C GLY H 106 -4.74 -35.77 -27.64
N TYR H 107 -3.65 -35.86 -28.38
CA TYR H 107 -3.01 -37.14 -28.65
C TYR H 107 -1.85 -37.15 -27.65
N ASP H 108 -1.95 -37.97 -26.61
CA ASP H 108 -0.91 -38.04 -25.59
C ASP H 108 0.36 -38.71 -26.06
N LEU H 109 1.39 -37.92 -26.35
CA LEU H 109 2.67 -38.49 -26.81
C LEU H 109 3.30 -39.44 -25.79
N ASP H 110 3.00 -39.24 -24.52
CA ASP H 110 3.54 -40.07 -23.45
C ASP H 110 2.63 -41.25 -23.10
N ALA H 111 1.67 -41.53 -23.96
CA ALA H 111 0.74 -42.62 -23.73
C ALA H 111 1.37 -43.96 -24.10
N ASP H 112 1.07 -44.98 -23.31
CA ASP H 112 1.58 -46.33 -23.51
C ASP H 112 0.96 -46.97 -24.75
N ASP H 113 -0.36 -47.16 -24.68
CA ASP H 113 -1.11 -47.74 -25.78
C ASP H 113 -1.26 -46.67 -26.88
N GLU H 114 -0.41 -46.73 -27.89
CA GLU H 114 -0.46 -45.74 -28.98
C GLU H 114 -1.76 -45.70 -29.79
N SER H 115 -2.61 -46.71 -29.62
CA SER H 115 -3.87 -46.73 -30.37
C SER H 115 -4.95 -46.07 -29.54
N ARG H 116 -4.61 -45.81 -28.28
CA ARG H 116 -5.52 -45.19 -27.30
C ARG H 116 -4.88 -43.96 -26.65
N ALA H 117 -4.05 -43.26 -27.41
CA ALA H 117 -3.37 -42.07 -26.94
C ALA H 117 -4.32 -40.89 -27.00
N GLY H 118 -5.45 -41.07 -27.67
CA GLY H 118 -6.44 -40.01 -27.77
C GLY H 118 -7.13 -39.84 -26.42
N ARG H 119 -7.23 -38.59 -25.96
CA ARG H 119 -7.86 -38.31 -24.68
C ARG H 119 -8.85 -37.16 -24.74
N ILE H 120 -9.82 -37.22 -23.84
CA ILE H 120 -10.86 -36.20 -23.74
C ILE H 120 -10.95 -35.75 -22.29
N VAL H 121 -10.89 -34.44 -22.09
CA VAL H 121 -10.97 -33.85 -20.76
C VAL H 121 -12.04 -32.77 -20.71
N SER H 122 -12.99 -32.90 -19.79
CA SER H 122 -14.06 -31.91 -19.65
C SER H 122 -13.79 -31.07 -18.41
N TYR H 123 -14.42 -29.90 -18.35
CA TYR H 123 -14.21 -28.97 -17.24
C TYR H 123 -15.46 -28.49 -16.51
N ASP H 124 -15.18 -27.87 -15.37
CA ASP H 124 -16.11 -27.28 -14.40
C ASP H 124 -16.06 -25.80 -14.56
N VAL H 125 -17.01 -25.14 -13.94
CA VAL H 125 -17.01 -23.71 -13.97
C VAL H 125 -16.05 -23.24 -12.87
N VAL H 126 -15.75 -24.12 -11.90
CA VAL H 126 -14.84 -23.77 -10.82
C VAL H 126 -13.41 -24.15 -11.15
N GLY H 127 -13.18 -24.73 -12.33
CA GLY H 127 -11.83 -25.11 -12.69
C GLY H 127 -11.51 -26.59 -12.64
N GLY H 128 -12.47 -27.39 -12.19
CA GLY H 128 -12.25 -28.83 -12.12
C GLY H 128 -12.01 -29.38 -13.51
N ARG H 129 -11.25 -30.48 -13.60
CA ARG H 129 -10.97 -31.12 -14.88
C ARG H 129 -11.30 -32.60 -14.73
N TYR H 130 -11.89 -33.19 -15.76
CA TYR H 130 -12.27 -34.60 -15.68
C TYR H 130 -11.95 -35.45 -16.90
N GLU H 131 -11.34 -36.61 -16.67
CA GLU H 131 -11.02 -37.54 -17.74
C GLU H 131 -12.34 -38.15 -18.17
N GLU H 132 -12.60 -38.16 -19.47
CA GLU H 132 -13.85 -38.74 -19.90
C GLU H 132 -13.80 -40.24 -20.10
N ARG H 133 -12.99 -40.71 -21.01
CA ARG H 133 -12.88 -42.15 -21.23
C ARG H 133 -14.19 -42.95 -21.34
N ALA H 134 -15.06 -42.51 -22.23
CA ALA H 134 -16.31 -43.21 -22.48
C ALA H 134 -16.36 -43.30 -24.00
N GLY H 135 -15.41 -42.63 -24.63
CA GLY H 135 -15.30 -42.65 -26.08
C GLY H 135 -15.71 -41.31 -26.67
N TYR H 136 -16.60 -40.62 -25.97
CA TYR H 136 -17.08 -39.34 -26.46
C TYR H 136 -17.58 -38.48 -25.30
N HIS H 137 -17.85 -37.22 -25.61
CA HIS H 137 -18.38 -36.31 -24.61
C HIS H 137 -18.85 -35.07 -25.37
N ALA H 138 -19.63 -34.21 -24.70
CA ALA H 138 -20.10 -33.02 -25.35
C ALA H 138 -20.35 -31.90 -24.35
N VAL H 139 -20.34 -30.67 -24.84
CA VAL H 139 -20.63 -29.52 -23.99
C VAL H 139 -21.49 -28.52 -24.74
N GLY H 140 -22.26 -27.74 -23.97
CA GLY H 140 -23.11 -26.74 -24.56
C GLY H 140 -24.55 -27.10 -24.36
N SER H 141 -25.42 -26.16 -24.69
CA SER H 141 -26.87 -26.32 -24.57
C SER H 141 -27.43 -27.58 -25.20
N GLY H 142 -26.84 -28.00 -26.30
CA GLY H 142 -27.33 -29.17 -26.99
C GLY H 142 -26.61 -30.46 -26.63
N SER H 143 -25.65 -30.39 -25.73
CA SER H 143 -24.85 -31.56 -25.34
C SER H 143 -25.65 -32.78 -24.91
N LEU H 144 -26.74 -32.54 -24.23
CA LEU H 144 -27.62 -33.60 -23.76
C LEU H 144 -28.07 -34.50 -24.92
N PHE H 145 -28.53 -33.88 -26.00
CA PHE H 145 -29.01 -34.61 -27.16
C PHE H 145 -27.89 -35.29 -27.92
N ALA H 146 -26.77 -34.58 -28.10
CA ALA H 146 -25.64 -35.14 -28.79
C ALA H 146 -25.13 -36.37 -28.06
N LYS H 147 -25.04 -36.32 -26.74
CA LYS H 147 -24.56 -37.48 -26.00
C LYS H 147 -25.50 -38.67 -26.14
N SER H 148 -26.80 -38.42 -26.09
CA SER H 148 -27.76 -39.51 -26.20
C SER H 148 -27.76 -40.12 -27.59
N ALA H 149 -27.45 -39.32 -28.61
CA ALA H 149 -27.37 -39.84 -29.96
C ALA H 149 -26.11 -40.72 -30.03
N LEU H 150 -24.98 -40.18 -29.57
CA LEU H 150 -23.72 -40.90 -29.59
C LEU H 150 -23.80 -42.21 -28.84
N LYS H 151 -24.53 -42.23 -27.73
CA LYS H 151 -24.71 -43.45 -26.94
C LYS H 151 -25.24 -44.60 -27.81
N LYS H 152 -25.90 -44.25 -28.92
CA LYS H 152 -26.45 -45.24 -29.81
C LYS H 152 -25.67 -45.45 -31.10
N ILE H 153 -25.12 -44.38 -31.67
CA ILE H 153 -24.38 -44.50 -32.93
C ILE H 153 -22.85 -44.57 -32.85
N TYR H 154 -22.30 -44.38 -31.67
CA TYR H 154 -20.85 -44.40 -31.52
C TYR H 154 -20.26 -45.81 -31.44
N SER H 155 -19.12 -46.00 -32.11
CA SER H 155 -18.42 -47.28 -32.10
C SER H 155 -17.00 -47.09 -31.63
N PRO H 156 -16.65 -47.75 -30.52
CA PRO H 156 -15.29 -47.64 -29.99
C PRO H 156 -14.22 -48.17 -30.96
N ASP H 157 -13.07 -47.50 -30.97
CA ASP H 157 -11.96 -47.88 -31.82
C ASP H 157 -12.30 -47.91 -33.31
N SER H 158 -13.27 -47.10 -33.72
CA SER H 158 -13.64 -47.05 -35.13
C SER H 158 -12.54 -46.29 -35.85
N ASP H 159 -12.68 -46.14 -37.16
CA ASP H 159 -11.68 -45.41 -37.90
C ASP H 159 -12.07 -43.94 -37.92
N GLU H 160 -11.20 -43.08 -38.42
CA GLU H 160 -11.44 -41.65 -38.49
C GLU H 160 -12.71 -41.26 -39.24
N GLU H 161 -12.87 -41.82 -40.43
CA GLU H 161 -14.03 -41.55 -41.26
C GLU H 161 -15.34 -41.82 -40.52
N THR H 162 -15.39 -42.95 -39.81
CA THR H 162 -16.57 -43.33 -39.05
C THR H 162 -16.82 -42.37 -37.90
N ALA H 163 -15.75 -42.01 -37.19
CA ALA H 163 -15.85 -41.11 -36.05
C ALA H 163 -16.33 -39.74 -36.49
N LEU H 164 -15.79 -39.25 -37.59
CA LEU H 164 -16.19 -37.96 -38.09
C LEU H 164 -17.66 -37.93 -38.47
N ARG H 165 -18.16 -39.03 -39.02
CA ARG H 165 -19.54 -39.10 -39.42
C ARG H 165 -20.46 -39.12 -38.20
N ALA H 166 -20.12 -39.90 -37.18
CA ALA H 166 -20.93 -39.97 -35.97
C ALA H 166 -20.96 -38.61 -35.29
N ALA H 167 -19.84 -37.88 -35.37
CA ALA H 167 -19.74 -36.56 -34.75
C ALA H 167 -20.72 -35.57 -35.41
N ILE H 168 -20.63 -35.40 -36.73
CA ILE H 168 -21.53 -34.49 -37.41
C ILE H 168 -22.99 -34.89 -37.21
N GLU H 169 -23.25 -36.19 -37.08
CA GLU H 169 -24.62 -36.68 -36.89
C GLU H 169 -25.12 -36.31 -35.49
N SER H 170 -24.27 -36.48 -34.48
CA SER H 170 -24.68 -36.13 -33.14
C SER H 170 -24.96 -34.61 -33.11
N LEU H 171 -24.14 -33.82 -33.82
CA LEU H 171 -24.36 -32.38 -33.88
C LEU H 171 -25.65 -32.07 -34.60
N TYR H 172 -26.00 -32.93 -35.56
CA TYR H 172 -27.23 -32.74 -36.33
C TYR H 172 -28.42 -32.93 -35.39
N ASP H 173 -28.37 -34.01 -34.62
CA ASP H 173 -29.42 -34.34 -33.68
C ASP H 173 -29.54 -33.25 -32.63
N ALA H 174 -28.42 -32.61 -32.32
CA ALA H 174 -28.43 -31.54 -31.33
C ALA H 174 -29.19 -30.33 -31.89
N ALA H 175 -28.86 -29.92 -33.12
CA ALA H 175 -29.53 -28.80 -33.72
C ALA H 175 -31.02 -29.08 -33.97
N ASP H 176 -31.36 -30.36 -34.05
CA ASP H 176 -32.72 -30.79 -34.31
C ASP H 176 -33.61 -30.55 -33.08
N ASP H 177 -33.03 -30.63 -31.89
CA ASP H 177 -33.80 -30.43 -30.66
C ASP H 177 -33.44 -29.17 -29.84
N ASP H 178 -32.36 -28.50 -30.19
CA ASP H 178 -31.92 -27.30 -29.49
C ASP H 178 -31.75 -26.16 -30.49
N SER H 179 -32.66 -25.19 -30.45
CA SER H 179 -32.60 -24.06 -31.38
C SER H 179 -31.35 -23.23 -31.21
N ALA H 180 -30.62 -23.46 -30.12
CA ALA H 180 -29.41 -22.69 -29.88
C ALA H 180 -28.19 -23.31 -30.52
N THR H 181 -28.36 -24.45 -31.18
CA THR H 181 -27.24 -25.10 -31.82
C THR H 181 -27.19 -24.87 -33.32
N GLY H 182 -28.24 -25.16 -34.05
CA GLY H 182 -28.13 -24.88 -35.48
C GLY H 182 -27.33 -25.88 -36.31
N GLY H 183 -28.04 -26.51 -37.24
CA GLY H 183 -27.45 -27.50 -38.08
C GLY H 183 -26.87 -26.95 -39.36
N PRO H 184 -26.56 -27.84 -40.31
CA PRO H 184 -25.99 -27.54 -41.62
C PRO H 184 -26.90 -26.60 -42.36
N ASP H 185 -26.29 -25.59 -43.00
CA ASP H 185 -27.05 -24.62 -43.78
C ASP H 185 -26.70 -24.88 -45.25
N LEU H 186 -27.44 -25.77 -45.91
CA LEU H 186 -27.15 -26.06 -47.32
C LEU H 186 -27.42 -24.85 -48.20
N THR H 187 -28.08 -23.86 -47.64
CA THR H 187 -28.41 -22.64 -48.35
C THR H 187 -27.22 -21.72 -48.54
N ARG H 188 -26.37 -21.62 -47.52
CA ARG H 188 -25.22 -20.76 -47.57
C ARG H 188 -23.94 -21.57 -47.61
N GLY H 189 -24.08 -22.88 -47.52
CA GLY H 189 -22.89 -23.73 -47.54
C GLY H 189 -22.02 -23.51 -46.32
N ILE H 190 -22.64 -23.53 -45.16
CA ILE H 190 -21.93 -23.34 -43.90
C ILE H 190 -22.16 -24.58 -43.06
N TYR H 191 -21.09 -25.23 -42.61
CA TYR H 191 -21.26 -26.46 -41.83
C TYR H 191 -20.41 -26.49 -40.57
N PRO H 192 -20.69 -27.45 -39.67
CA PRO H 192 -19.91 -27.57 -38.43
C PRO H 192 -18.44 -27.67 -38.80
N THR H 193 -17.56 -27.32 -37.87
CA THR H 193 -16.13 -27.41 -38.14
C THR H 193 -15.58 -28.55 -37.31
N ALA H 194 -14.38 -29.02 -37.63
CA ALA H 194 -13.78 -30.12 -36.89
C ALA H 194 -12.26 -30.15 -36.96
N VAL H 195 -11.66 -30.83 -36.01
CA VAL H 195 -10.23 -30.97 -35.93
C VAL H 195 -9.94 -32.40 -35.51
N THR H 196 -8.97 -33.01 -36.17
CA THR H 196 -8.60 -34.39 -35.84
C THR H 196 -7.13 -34.36 -35.41
N ILE H 197 -6.83 -35.15 -34.38
CA ILE H 197 -5.48 -35.24 -33.87
C ILE H 197 -5.07 -36.70 -33.83
N THR H 198 -3.88 -36.96 -34.38
CA THR H 198 -3.34 -38.30 -34.43
C THR H 198 -1.81 -38.26 -34.26
N GLN H 199 -1.16 -39.40 -34.46
CA GLN H 199 0.29 -39.51 -34.37
C GLN H 199 0.97 -38.39 -35.17
N ALA H 200 0.32 -37.97 -36.25
CA ALA H 200 0.86 -36.92 -37.11
C ALA H 200 0.52 -35.49 -36.68
N GLY H 201 -0.30 -35.33 -35.64
CA GLY H 201 -0.63 -34.00 -35.18
C GLY H 201 -2.09 -33.57 -35.39
N ALA H 202 -2.36 -32.32 -35.06
CA ALA H 202 -3.72 -31.79 -35.17
C ALA H 202 -3.96 -31.12 -36.49
N VAL H 203 -5.01 -31.57 -37.18
CA VAL H 203 -5.35 -31.03 -38.49
C VAL H 203 -6.78 -30.52 -38.58
N HIS H 204 -6.99 -29.47 -39.38
CA HIS H 204 -8.31 -28.91 -39.59
C HIS H 204 -9.00 -29.69 -40.68
N VAL H 205 -10.16 -30.25 -40.38
CA VAL H 205 -10.91 -30.99 -41.39
C VAL H 205 -11.33 -29.98 -42.47
N SER H 206 -11.15 -30.35 -43.75
CA SER H 206 -11.50 -29.46 -44.86
C SER H 206 -12.98 -29.19 -44.90
N GLU H 207 -13.39 -28.01 -45.35
CA GLU H 207 -14.81 -27.72 -45.39
C GLU H 207 -15.51 -28.52 -46.48
N GLU H 208 -14.72 -29.25 -47.26
CA GLU H 208 -15.27 -30.07 -48.32
C GLU H 208 -15.71 -31.39 -47.70
N THR H 209 -14.99 -31.80 -46.66
CA THR H 209 -15.31 -33.04 -45.97
C THR H 209 -16.51 -32.82 -45.04
N THR H 210 -16.57 -31.63 -44.45
CA THR H 210 -17.66 -31.30 -43.56
C THR H 210 -18.92 -31.16 -44.40
N SER H 211 -18.77 -30.49 -45.54
CA SER H 211 -19.88 -30.30 -46.47
C SER H 211 -20.45 -31.64 -46.89
N GLU H 212 -19.55 -32.55 -47.28
CA GLU H 212 -19.94 -33.88 -47.72
C GLU H 212 -20.67 -34.65 -46.62
N LEU H 213 -20.11 -34.64 -45.42
CA LEU H 213 -20.72 -35.34 -44.29
C LEU H 213 -22.10 -34.79 -43.93
N ALA H 214 -22.25 -33.47 -44.02
CA ALA H 214 -23.51 -32.81 -43.73
C ALA H 214 -24.58 -33.25 -44.73
N ARG H 215 -24.28 -33.09 -46.01
CA ARG H 215 -25.18 -33.47 -47.09
C ARG H 215 -25.68 -34.88 -46.91
N ARG H 216 -24.78 -35.75 -46.47
CA ARG H 216 -25.11 -37.16 -46.27
C ARG H 216 -26.13 -37.34 -45.16
N ILE H 217 -25.87 -36.80 -43.97
CA ILE H 217 -26.79 -36.93 -42.85
C ILE H 217 -28.15 -36.34 -43.25
N VAL H 218 -28.13 -35.17 -43.89
CA VAL H 218 -29.37 -34.56 -44.30
C VAL H 218 -30.13 -35.50 -45.23
N ALA H 219 -29.44 -36.10 -46.18
CA ALA H 219 -30.07 -37.02 -47.10
C ALA H 219 -30.62 -38.25 -46.38
N GLU H 220 -29.86 -38.80 -45.44
CA GLU H 220 -30.33 -39.97 -44.69
C GLU H 220 -31.60 -39.65 -43.92
N ARG H 221 -31.69 -38.43 -43.40
CA ARG H 221 -32.89 -38.02 -42.64
C ARG H 221 -34.03 -37.64 -43.57
N THR H 222 -33.73 -36.92 -44.64
CA THR H 222 -34.75 -36.53 -45.61
C THR H 222 -35.41 -37.75 -46.17
N GLU H 223 -34.68 -38.85 -46.21
CA GLU H 223 -35.22 -40.09 -46.72
C GLU H 223 -36.13 -40.71 -45.67
N GLN H 224 -36.82 -39.86 -44.92
CA GLN H 224 -37.74 -40.29 -43.87
C GLN H 224 -37.09 -41.27 -42.91
N THR I 1 -30.42 5.10 -32.57
CA THR I 1 -29.21 5.21 -33.44
C THR I 1 -29.12 4.03 -34.41
N THR I 2 -28.57 4.27 -35.59
CA THR I 2 -28.32 3.19 -36.53
C THR I 2 -27.05 3.53 -37.33
N ILE I 3 -26.12 2.59 -37.31
CA ILE I 3 -24.87 2.71 -38.03
C ILE I 3 -24.79 1.44 -38.86
N VAL I 4 -24.47 1.63 -40.13
CA VAL I 4 -24.39 0.52 -41.06
C VAL I 4 -23.00 0.45 -41.72
N ALA I 5 -22.58 -0.76 -42.03
CA ALA I 5 -21.29 -0.97 -42.68
C ALA I 5 -21.52 -1.87 -43.90
N LEU I 6 -20.96 -1.46 -45.03
CA LEU I 6 -21.09 -2.20 -46.28
C LEU I 6 -19.77 -2.40 -47.01
N THR I 7 -19.64 -3.60 -47.55
CA THR I 7 -18.50 -4.03 -48.32
C THR I 7 -18.86 -3.93 -49.81
N TYR I 8 -17.88 -3.52 -50.61
CA TYR I 8 -18.05 -3.40 -52.07
C TYR I 8 -16.71 -3.60 -52.80
N LYS I 9 -16.77 -3.72 -54.13
CA LYS I 9 -15.60 -3.93 -54.99
C LYS I 9 -14.35 -3.18 -54.50
N GLY I 10 -14.37 -1.85 -54.59
CA GLY I 10 -13.23 -1.08 -54.14
C GLY I 10 -12.78 -1.31 -52.70
N GLY I 11 -13.69 -1.09 -51.73
CA GLY I 11 -13.37 -1.26 -50.32
C GLY I 11 -14.55 -1.41 -49.37
N VAL I 12 -14.66 -0.55 -48.36
CA VAL I 12 -15.75 -0.61 -47.37
C VAL I 12 -16.23 0.78 -47.02
N LEU I 13 -17.43 0.87 -46.46
CA LEU I 13 -17.95 2.16 -46.05
C LEU I 13 -18.73 2.05 -44.73
N LEU I 14 -18.96 3.21 -44.11
CA LEU I 14 -19.71 3.33 -42.87
C LEU I 14 -20.63 4.53 -43.03
N ALA I 15 -21.86 4.38 -42.56
CA ALA I 15 -22.84 5.48 -42.63
C ALA I 15 -23.66 5.44 -41.35
N GLY I 16 -23.95 6.61 -40.79
CA GLY I 16 -24.73 6.67 -39.58
C GLY I 16 -25.70 7.84 -39.54
N ASP I 17 -26.76 7.71 -38.75
CA ASP I 17 -27.77 8.75 -38.61
C ASP I 17 -27.23 9.88 -37.74
N ARG I 18 -28.03 10.92 -37.57
CA ARG I 18 -27.63 12.12 -36.80
C ARG I 18 -28.39 12.41 -35.50
N ARG I 19 -29.33 11.56 -35.15
CA ARG I 19 -30.16 11.78 -33.98
C ARG I 19 -29.66 11.35 -32.61
N ALA I 20 -30.10 12.09 -31.61
CA ALA I 20 -29.77 11.78 -30.23
C ALA I 20 -31.05 12.06 -29.45
N THR I 21 -31.49 11.08 -28.66
CA THR I 21 -32.69 11.25 -27.85
C THR I 21 -32.43 10.99 -26.38
N GLN I 22 -33.23 11.65 -25.55
CA GLN I 22 -33.16 11.49 -24.12
C GLN I 22 -34.57 11.04 -23.82
N GLY I 23 -34.77 9.73 -23.89
CA GLY I 23 -36.09 9.20 -23.69
C GLY I 23 -36.82 9.40 -24.99
N ASN I 24 -37.94 10.12 -24.94
CA ASN I 24 -38.72 10.39 -26.14
C ASN I 24 -38.27 11.73 -26.72
N LEU I 25 -37.74 12.61 -25.88
CA LEU I 25 -37.29 13.93 -26.31
C LEU I 25 -36.10 13.89 -27.25
N ILE I 26 -36.11 14.74 -28.26
CA ILE I 26 -34.99 14.80 -29.20
C ILE I 26 -33.94 15.74 -28.65
N ALA I 27 -32.72 15.25 -28.49
CA ALA I 27 -31.64 16.06 -27.91
C ALA I 27 -30.62 16.62 -28.89
N SER I 28 -30.54 16.04 -30.08
CA SER I 28 -29.58 16.52 -31.05
C SER I 28 -30.04 16.12 -32.43
N ARG I 29 -29.68 16.96 -33.41
CA ARG I 29 -30.06 16.74 -34.80
C ARG I 29 -28.85 16.61 -35.72
N ASP I 30 -27.65 16.80 -35.18
CA ASP I 30 -26.44 16.75 -35.99
C ASP I 30 -25.27 15.95 -35.41
N VAL I 31 -25.57 14.87 -34.69
CA VAL I 31 -24.52 14.05 -34.08
C VAL I 31 -23.67 13.37 -35.16
N GLU I 32 -22.36 13.40 -34.96
CA GLU I 32 -21.40 12.74 -35.86
C GLU I 32 -21.13 11.39 -35.23
N LYS I 33 -21.50 10.31 -35.90
CA LYS I 33 -21.28 8.99 -35.33
C LYS I 33 -20.24 8.12 -36.04
N VAL I 34 -19.71 8.64 -37.14
CA VAL I 34 -18.71 7.91 -37.90
C VAL I 34 -17.42 8.70 -37.95
N TYR I 35 -16.34 8.05 -37.56
CA TYR I 35 -15.06 8.72 -37.55
C TYR I 35 -13.99 7.93 -38.30
N VAL I 36 -13.11 8.65 -38.98
CA VAL I 36 -11.99 8.04 -39.67
C VAL I 36 -11.02 7.77 -38.52
N THR I 37 -10.62 6.51 -38.32
CA THR I 37 -9.72 6.21 -37.21
C THR I 37 -8.24 6.23 -37.61
N ASP I 38 -7.98 6.16 -38.93
CA ASP I 38 -6.64 6.25 -39.51
C ASP I 38 -6.72 6.06 -41.03
N GLU I 39 -5.62 6.26 -41.73
CA GLU I 39 -5.57 6.13 -43.18
C GLU I 39 -6.47 5.07 -43.80
N TYR I 40 -6.49 3.88 -43.21
CA TYR I 40 -7.28 2.80 -43.78
C TYR I 40 -8.33 2.17 -42.88
N SER I 41 -8.89 2.95 -41.97
CA SER I 41 -9.93 2.43 -41.09
C SER I 41 -10.87 3.52 -40.53
N ALA I 42 -12.07 3.12 -40.19
CA ALA I 42 -13.05 4.05 -39.63
C ALA I 42 -13.94 3.27 -38.67
N ALA I 43 -14.58 3.99 -37.76
CA ALA I 43 -15.43 3.34 -36.78
C ALA I 43 -16.68 4.14 -36.45
N GLY I 44 -17.78 3.42 -36.25
CA GLY I 44 -19.03 4.06 -35.87
C GLY I 44 -19.35 3.62 -34.45
N ILE I 45 -20.01 4.47 -33.68
CA ILE I 45 -20.36 4.10 -32.32
C ILE I 45 -21.80 4.34 -31.91
N ALA I 46 -22.34 3.39 -31.16
CA ALA I 46 -23.71 3.48 -30.66
C ALA I 46 -23.62 3.37 -29.14
N GLY I 47 -24.50 4.08 -28.45
CA GLY I 47 -24.49 4.10 -27.00
C GLY I 47 -24.16 5.46 -26.43
N THR I 48 -24.12 5.56 -25.10
CA THR I 48 -23.80 6.78 -24.36
C THR I 48 -22.81 7.71 -25.08
N ALA I 49 -23.30 8.70 -25.81
CA ALA I 49 -22.45 9.61 -26.56
C ALA I 49 -21.29 10.18 -25.74
N GLY I 50 -21.54 10.45 -24.46
CA GLY I 50 -20.49 10.98 -23.61
C GLY I 50 -19.22 10.16 -23.75
N ILE I 51 -19.35 8.88 -23.44
CA ILE I 51 -18.24 7.96 -23.50
C ILE I 51 -17.77 7.60 -24.92
N ALA I 52 -18.72 7.24 -25.78
CA ALA I 52 -18.44 6.82 -27.15
C ALA I 52 -17.56 7.73 -28.01
N ILE I 53 -17.92 9.01 -28.11
CA ILE I 53 -17.16 9.90 -28.94
C ILE I 53 -15.72 10.06 -28.46
N GLU I 54 -15.50 10.17 -27.15
CA GLU I 54 -14.12 10.32 -26.70
C GLU I 54 -13.33 9.02 -26.75
N LEU I 55 -14.04 7.89 -26.77
CA LEU I 55 -13.40 6.59 -26.83
C LEU I 55 -12.84 6.37 -28.21
N VAL I 56 -13.63 6.69 -29.23
CA VAL I 56 -13.20 6.50 -30.61
C VAL I 56 -12.09 7.50 -30.92
N ARG I 57 -12.11 8.61 -30.20
CA ARG I 57 -11.09 9.65 -30.36
C ARG I 57 -9.77 9.12 -29.82
N LEU I 58 -9.82 8.48 -28.65
CA LEU I 58 -8.64 7.92 -28.02
C LEU I 58 -8.11 6.78 -28.88
N PHE I 59 -9.03 6.02 -29.48
CA PHE I 59 -8.64 4.92 -30.37
C PHE I 59 -7.77 5.45 -31.50
N ALA I 60 -8.23 6.52 -32.13
CA ALA I 60 -7.51 7.15 -33.23
C ALA I 60 -6.12 7.58 -32.78
N VAL I 61 -6.05 8.25 -31.64
CA VAL I 61 -4.78 8.68 -31.10
C VAL I 61 -3.87 7.49 -30.89
N GLU I 62 -4.40 6.42 -30.28
CA GLU I 62 -3.61 5.23 -30.01
C GLU I 62 -3.02 4.61 -31.29
N LEU I 63 -3.79 4.60 -32.37
CA LEU I 63 -3.30 4.03 -33.62
C LEU I 63 -2.15 4.84 -34.20
N GLU I 64 -2.28 6.16 -34.16
CA GLU I 64 -1.26 7.03 -34.69
C GLU I 64 -0.01 7.04 -33.81
N HIS I 65 -0.22 6.86 -32.51
CA HIS I 65 0.88 6.84 -31.56
C HIS I 65 1.70 5.58 -31.86
N TYR I 66 1.03 4.47 -32.11
CA TYR I 66 1.72 3.23 -32.42
C TYR I 66 2.62 3.44 -33.63
N GLU I 67 2.04 4.02 -34.67
CA GLU I 67 2.80 4.25 -35.89
C GLU I 67 4.01 5.18 -35.71
N LYS I 68 3.85 6.25 -34.95
CA LYS I 68 4.97 7.14 -34.74
C LYS I 68 6.07 6.51 -33.92
N ILE I 69 5.72 5.64 -32.99
CA ILE I 69 6.72 4.99 -32.15
C ILE I 69 7.42 3.84 -32.89
N GLU I 70 6.64 2.99 -33.55
CA GLU I 70 7.20 1.84 -34.26
C GLU I 70 7.62 2.12 -35.71
N GLY I 71 7.17 3.25 -36.27
CA GLY I 71 7.53 3.56 -37.64
C GLY I 71 6.73 2.73 -38.62
N VAL I 72 5.78 1.96 -38.10
CA VAL I 72 4.97 1.12 -38.94
C VAL I 72 3.57 1.08 -38.37
N PRO I 73 2.55 1.15 -39.23
CA PRO I 73 1.19 1.12 -38.73
C PRO I 73 0.83 -0.30 -38.30
N LEU I 74 -0.22 -0.44 -37.49
CA LEU I 74 -0.66 -1.75 -37.02
C LEU I 74 -1.39 -2.51 -38.13
N THR I 75 -1.49 -3.81 -37.96
CA THR I 75 -2.22 -4.66 -38.88
C THR I 75 -3.68 -4.31 -38.66
N PHE I 76 -4.55 -4.60 -39.63
CA PHE I 76 -5.96 -4.29 -39.39
C PHE I 76 -6.42 -5.10 -38.17
N ASP I 77 -6.06 -6.39 -38.13
CA ASP I 77 -6.41 -7.24 -36.99
C ASP I 77 -5.87 -6.66 -35.69
N GLY I 78 -4.70 -6.08 -35.75
CA GLY I 78 -4.14 -5.46 -34.57
C GLY I 78 -5.00 -4.26 -34.16
N LYS I 79 -5.48 -3.51 -35.13
CA LYS I 79 -6.31 -2.35 -34.78
C LYS I 79 -7.59 -2.83 -34.12
N ALA I 80 -8.13 -3.93 -34.62
CA ALA I 80 -9.38 -4.46 -34.09
C ALA I 80 -9.18 -4.98 -32.68
N ASN I 81 -8.03 -5.61 -32.44
CA ASN I 81 -7.78 -6.13 -31.11
C ASN I 81 -7.67 -5.00 -30.10
N ARG I 82 -7.10 -3.88 -30.52
CA ARG I 82 -6.96 -2.71 -29.66
C ARG I 82 -8.30 -2.10 -29.29
N LEU I 83 -9.23 -2.08 -30.23
CA LEU I 83 -10.55 -1.51 -29.97
C LEU I 83 -11.24 -2.43 -28.95
N ALA I 84 -11.07 -3.73 -29.13
CA ALA I 84 -11.65 -4.71 -28.23
C ALA I 84 -11.20 -4.43 -26.81
N SER I 85 -9.91 -4.17 -26.68
CA SER I 85 -9.35 -3.89 -25.37
C SER I 85 -10.01 -2.66 -24.74
N MET I 86 -10.30 -1.66 -25.57
CA MET I 86 -10.93 -0.45 -25.04
C MET I 86 -12.39 -0.71 -24.66
N VAL I 87 -13.06 -1.56 -25.41
CA VAL I 87 -14.45 -1.87 -25.12
C VAL I 87 -14.49 -2.65 -23.82
N ARG I 88 -13.54 -3.57 -23.70
CA ARG I 88 -13.46 -4.40 -22.52
C ARG I 88 -13.21 -3.52 -21.31
N GLY I 89 -12.43 -2.46 -21.50
CA GLY I 89 -12.13 -1.57 -20.41
C GLY I 89 -13.31 -0.71 -19.99
N ASN I 90 -14.44 -0.84 -20.69
CA ASN I 90 -15.60 -0.03 -20.35
C ASN I 90 -16.72 -0.92 -19.77
N LEU I 91 -16.43 -2.21 -19.63
CA LEU I 91 -17.41 -3.15 -19.10
C LEU I 91 -18.02 -2.62 -17.80
N GLY I 92 -17.17 -2.05 -16.94
CA GLY I 92 -17.65 -1.50 -15.67
C GLY I 92 -18.75 -0.51 -15.92
N ALA I 93 -18.45 0.53 -16.68
CA ALA I 93 -19.45 1.54 -16.98
C ALA I 93 -20.69 0.89 -17.62
N ALA I 94 -20.48 0.00 -18.58
CA ALA I 94 -21.59 -0.64 -19.25
C ALA I 94 -22.54 -1.31 -18.28
N MET I 95 -22.00 -1.93 -17.25
CA MET I 95 -22.86 -2.60 -16.28
C MET I 95 -23.65 -1.62 -15.42
N GLN I 96 -23.37 -0.33 -15.56
CA GLN I 96 -24.09 0.69 -14.81
C GLN I 96 -24.98 1.50 -15.73
N GLY I 97 -25.13 1.04 -16.97
CA GLY I 97 -25.96 1.74 -17.93
C GLY I 97 -25.23 2.58 -18.95
N LEU I 98 -23.93 2.81 -18.78
CA LEU I 98 -23.17 3.63 -19.73
C LEU I 98 -22.41 2.79 -20.78
N ALA I 99 -23.13 1.91 -21.46
CA ALA I 99 -22.53 1.03 -22.46
C ALA I 99 -22.32 1.70 -23.81
N VAL I 100 -21.30 1.25 -24.54
CA VAL I 100 -21.00 1.76 -25.86
C VAL I 100 -20.55 0.60 -26.72
N VAL I 101 -21.00 0.56 -27.97
CA VAL I 101 -20.62 -0.50 -28.87
C VAL I 101 -20.24 0.06 -30.22
N PRO I 102 -18.99 -0.19 -30.65
CA PRO I 102 -18.51 0.30 -31.93
C PRO I 102 -18.69 -0.72 -33.06
N LEU I 103 -18.50 -0.25 -34.28
CA LEU I 103 -18.56 -1.05 -35.48
C LEU I 103 -17.30 -0.57 -36.21
N LEU I 104 -16.39 -1.49 -36.52
CA LEU I 104 -15.14 -1.14 -37.18
C LEU I 104 -15.05 -1.64 -38.61
N VAL I 105 -14.52 -0.79 -39.49
CA VAL I 105 -14.33 -1.16 -40.89
C VAL I 105 -12.92 -0.75 -41.30
N GLY I 106 -12.39 -1.40 -42.31
CA GLY I 106 -11.07 -1.04 -42.80
C GLY I 106 -10.67 -1.68 -44.11
N TYR I 107 -9.70 -1.08 -44.80
CA TYR I 107 -9.19 -1.64 -46.05
C TYR I 107 -7.92 -2.33 -45.60
N ASP I 108 -7.92 -3.66 -45.57
CA ASP I 108 -6.75 -4.44 -45.12
C ASP I 108 -5.59 -4.41 -46.11
N LEU I 109 -4.56 -3.63 -45.82
CA LEU I 109 -3.41 -3.55 -46.71
C LEU I 109 -2.71 -4.91 -46.88
N ASP I 110 -2.84 -5.79 -45.89
CA ASP I 110 -2.21 -7.10 -45.94
C ASP I 110 -3.13 -8.17 -46.49
N ALA I 111 -4.22 -7.73 -47.13
CA ALA I 111 -5.18 -8.66 -47.70
C ALA I 111 -4.68 -9.18 -49.04
N ASP I 112 -4.95 -10.46 -49.29
CA ASP I 112 -4.56 -11.12 -50.54
C ASP I 112 -5.39 -10.61 -51.70
N ASP I 113 -6.69 -10.87 -51.62
CA ASP I 113 -7.61 -10.44 -52.66
C ASP I 113 -7.84 -8.94 -52.50
N GLU I 114 -7.14 -8.13 -53.29
CA GLU I 114 -7.27 -6.68 -53.21
C GLU I 114 -8.66 -6.11 -53.51
N SER I 115 -9.54 -6.93 -54.05
CA SER I 115 -10.89 -6.45 -54.38
C SER I 115 -11.81 -6.75 -53.19
N ARG I 116 -11.27 -7.54 -52.26
CA ARG I 116 -11.99 -7.95 -51.05
C ARG I 116 -11.20 -7.64 -49.78
N ALA I 117 -10.44 -6.55 -49.84
CA ALA I 117 -9.63 -6.10 -48.72
C ALA I 117 -10.49 -5.35 -47.71
N GLY I 118 -11.72 -5.04 -48.12
CA GLY I 118 -12.63 -4.35 -47.23
C GLY I 118 -13.14 -5.33 -46.18
N ARG I 119 -13.08 -4.90 -44.92
CA ARG I 119 -13.52 -5.75 -43.81
C ARG I 119 -14.44 -5.04 -42.81
N ILE I 120 -15.29 -5.83 -42.18
CA ILE I 120 -16.23 -5.33 -41.19
C ILE I 120 -16.06 -6.17 -39.91
N VAL I 121 -15.91 -5.49 -38.77
CA VAL I 121 -15.77 -6.17 -37.50
C VAL I 121 -16.75 -5.56 -36.49
N SER I 122 -17.58 -6.42 -35.88
CA SER I 122 -18.56 -5.96 -34.89
C SER I 122 -18.09 -6.36 -33.50
N TYR I 123 -18.62 -5.68 -32.49
CA TYR I 123 -18.21 -5.95 -31.12
C TYR I 123 -19.31 -6.27 -30.10
N ASP I 124 -18.83 -6.78 -28.96
CA ASP I 124 -19.59 -7.20 -27.79
C ASP I 124 -19.45 -6.13 -26.75
N VAL I 125 -20.28 -6.23 -25.74
CA VAL I 125 -20.18 -5.31 -24.64
C VAL I 125 -19.06 -5.81 -23.75
N VAL I 126 -18.70 -7.10 -23.86
CA VAL I 126 -17.62 -7.66 -23.06
C VAL I 126 -16.27 -7.57 -23.76
N GLY I 127 -16.22 -6.98 -24.94
CA GLY I 127 -14.96 -6.85 -25.63
C GLY I 127 -14.75 -7.82 -26.77
N GLY I 128 -15.70 -8.73 -26.98
CA GLY I 128 -15.58 -9.68 -28.07
C GLY I 128 -15.56 -8.95 -29.41
N ARG I 129 -14.88 -9.52 -30.40
CA ARG I 129 -14.80 -8.93 -31.73
C ARG I 129 -15.22 -10.00 -32.73
N TYR I 130 -15.95 -9.62 -33.76
CA TYR I 130 -16.41 -10.62 -34.73
C TYR I 130 -16.33 -10.20 -36.20
N GLU I 131 -15.77 -11.07 -37.02
CA GLU I 131 -15.66 -10.83 -38.46
C GLU I 131 -17.05 -10.96 -39.02
N GLU I 132 -17.49 -10.00 -39.80
CA GLU I 132 -18.82 -10.11 -40.34
C GLU I 132 -18.89 -10.92 -41.63
N ARG I 133 -18.25 -10.44 -42.68
CA ARG I 133 -18.27 -11.19 -43.94
C ARG I 133 -19.63 -11.69 -44.43
N ALA I 134 -20.57 -10.78 -44.58
CA ALA I 134 -21.89 -11.11 -45.09
C ALA I 134 -22.16 -10.01 -46.10
N GLY I 135 -21.27 -9.03 -46.10
CA GLY I 135 -21.36 -7.91 -47.03
C GLY I 135 -21.75 -6.64 -46.31
N TYR I 136 -22.51 -6.77 -45.22
CA TYR I 136 -22.95 -5.62 -44.46
C TYR I 136 -23.23 -6.00 -43.02
N HIS I 137 -23.46 -4.99 -42.20
CA HIS I 137 -23.79 -5.21 -40.80
C HIS I 137 -24.27 -3.86 -40.25
N ALA I 138 -24.90 -3.90 -39.08
CA ALA I 138 -25.39 -2.68 -38.47
C ALA I 138 -25.43 -2.75 -36.96
N VAL I 139 -25.43 -1.59 -36.32
CA VAL I 139 -25.50 -1.53 -34.87
C VAL I 139 -26.37 -0.37 -34.45
N GLY I 140 -26.96 -0.51 -33.26
CA GLY I 140 -27.82 0.52 -32.74
C GLY I 140 -29.24 0.03 -32.67
N SER I 141 -30.09 0.83 -32.06
CA SER I 141 -31.51 0.54 -31.90
C SER I 141 -32.25 0.22 -33.19
N GLY I 142 -31.82 0.81 -34.31
CA GLY I 142 -32.50 0.56 -35.57
C GLY I 142 -31.85 -0.49 -36.44
N SER I 143 -30.76 -1.09 -35.95
CA SER I 143 -29.98 -2.07 -36.72
C SER I 143 -30.77 -3.24 -37.28
N LEU I 144 -31.76 -3.68 -36.52
CA LEU I 144 -32.62 -4.77 -36.92
C LEU I 144 -33.29 -4.47 -38.28
N PHE I 145 -33.86 -3.27 -38.41
CA PHE I 145 -34.52 -2.86 -39.63
C PHE I 145 -33.55 -2.62 -40.79
N ALA I 146 -32.42 -1.99 -40.49
CA ALA I 146 -31.43 -1.72 -41.52
C ALA I 146 -30.93 -3.04 -42.08
N LYS I 147 -30.63 -4.02 -41.23
CA LYS I 147 -30.15 -5.29 -41.72
C LYS I 147 -31.17 -6.02 -42.57
N SER I 148 -32.44 -5.97 -42.20
CA SER I 148 -33.48 -6.64 -42.96
C SER I 148 -33.71 -5.94 -44.30
N ALA I 149 -33.49 -4.64 -44.35
CA ALA I 149 -33.64 -3.93 -45.60
C ALA I 149 -32.45 -4.34 -46.49
N LEU I 150 -31.24 -4.30 -45.95
CA LEU I 150 -30.03 -4.64 -46.69
C LEU I 150 -30.10 -6.06 -47.24
N LYS I 151 -30.68 -6.96 -46.48
CA LYS I 151 -30.81 -8.35 -46.89
C LYS I 151 -31.52 -8.43 -48.23
N LYS I 152 -32.31 -7.42 -48.56
CA LYS I 152 -33.05 -7.39 -49.81
C LYS I 152 -32.44 -6.48 -50.88
N ILE I 153 -31.91 -5.33 -50.49
CA ILE I 153 -31.37 -4.39 -51.47
C ILE I 153 -29.85 -4.38 -51.66
N TYR I 154 -29.14 -5.17 -50.87
CA TYR I 154 -27.68 -5.20 -50.99
C TYR I 154 -27.20 -6.11 -52.11
N SER I 155 -26.16 -5.64 -52.81
CA SER I 155 -25.54 -6.41 -53.90
C SER I 155 -24.06 -6.58 -53.65
N PRO I 156 -23.61 -7.82 -53.54
CA PRO I 156 -22.19 -8.08 -53.30
C PRO I 156 -21.31 -7.60 -54.44
N ASP I 157 -20.13 -7.09 -54.09
CA ASP I 157 -19.17 -6.59 -55.07
C ASP I 157 -19.69 -5.49 -55.97
N SER I 158 -20.67 -4.72 -55.49
CA SER I 158 -21.22 -3.63 -56.28
C SER I 158 -20.18 -2.52 -56.29
N ASP I 159 -20.48 -1.42 -56.97
CA ASP I 159 -19.53 -0.33 -57.00
C ASP I 159 -19.84 0.58 -55.82
N GLU I 160 -18.99 1.58 -55.60
CA GLU I 160 -19.15 2.51 -54.50
C GLU I 160 -20.49 3.26 -54.50
N GLU I 161 -20.84 3.82 -55.65
CA GLU I 161 -22.08 4.56 -55.79
C GLU I 161 -23.31 3.72 -55.37
N THR I 162 -23.32 2.46 -55.81
CA THR I 162 -24.42 1.56 -55.46
C THR I 162 -24.43 1.25 -53.97
N ALA I 163 -23.26 1.00 -53.40
CA ALA I 163 -23.16 0.69 -51.98
C ALA I 163 -23.60 1.88 -51.15
N LEU I 164 -23.17 3.07 -51.53
CA LEU I 164 -23.55 4.26 -50.78
C LEU I 164 -25.06 4.47 -50.79
N ARG I 165 -25.69 4.16 -51.91
CA ARG I 165 -27.13 4.34 -52.01
C ARG I 165 -27.87 3.33 -51.13
N ALA I 166 -27.43 2.08 -51.15
CA ALA I 166 -28.08 1.06 -50.34
C ALA I 166 -27.94 1.40 -48.87
N ALA I 167 -26.79 1.97 -48.50
CA ALA I 167 -26.52 2.35 -47.13
C ALA I 167 -27.49 3.43 -46.65
N ILE I 168 -27.60 4.53 -47.38
CA ILE I 168 -28.52 5.59 -46.98
C ILE I 168 -29.97 5.09 -46.96
N GLU I 169 -30.28 4.15 -47.85
CA GLU I 169 -31.63 3.62 -47.92
C GLU I 169 -31.93 2.76 -46.68
N SER I 170 -30.97 1.92 -46.27
CA SER I 170 -31.15 1.08 -45.10
C SER I 170 -31.31 1.99 -43.88
N LEU I 171 -30.56 3.08 -43.83
CA LEU I 171 -30.70 4.02 -42.72
C LEU I 171 -32.08 4.69 -42.75
N TYR I 172 -32.61 4.88 -43.96
CA TYR I 172 -33.91 5.52 -44.13
C TYR I 172 -34.97 4.60 -43.58
N ASP I 173 -34.86 3.31 -43.91
CA ASP I 173 -35.80 2.30 -43.42
C ASP I 173 -35.71 2.18 -41.92
N ALA I 174 -34.52 2.41 -41.38
CA ALA I 174 -34.34 2.33 -39.94
C ALA I 174 -35.08 3.49 -39.28
N ALA I 175 -34.87 4.70 -39.77
CA ALA I 175 -35.56 5.85 -39.19
C ALA I 175 -37.09 5.76 -39.36
N ASP I 176 -37.51 5.00 -40.35
CA ASP I 176 -38.92 4.83 -40.66
C ASP I 176 -39.61 3.99 -39.58
N ASP I 177 -38.88 3.05 -38.97
CA ASP I 177 -39.46 2.17 -37.93
C ASP I 177 -38.93 2.36 -36.53
N ASP I 178 -37.87 3.15 -36.36
CA ASP I 178 -37.26 3.39 -35.06
C ASP I 178 -37.15 4.90 -34.82
N SER I 179 -37.99 5.41 -33.94
CA SER I 179 -37.98 6.85 -33.64
C SER I 179 -36.67 7.34 -33.07
N ALA I 180 -35.82 6.41 -32.66
CA ALA I 180 -34.54 6.79 -32.08
C ALA I 180 -33.45 6.96 -33.14
N THR I 181 -33.80 6.69 -34.39
CA THR I 181 -32.82 6.87 -35.45
C THR I 181 -32.93 8.19 -36.21
N GLY I 182 -34.08 8.52 -36.75
CA GLY I 182 -34.14 9.80 -37.44
C GLY I 182 -33.54 9.86 -38.83
N GLY I 183 -34.42 10.12 -39.79
CA GLY I 183 -34.03 10.17 -41.18
C GLY I 183 -33.61 11.54 -41.63
N PRO I 184 -33.46 11.71 -42.95
CA PRO I 184 -33.05 12.95 -43.61
C PRO I 184 -33.97 14.07 -43.21
N ASP I 185 -33.40 15.23 -42.93
CA ASP I 185 -34.20 16.39 -42.58
C ASP I 185 -34.08 17.39 -43.74
N LEU I 186 -34.94 17.28 -44.75
CA LEU I 186 -34.88 18.21 -45.87
C LEU I 186 -35.18 19.64 -45.46
N THR I 187 -35.70 19.79 -44.26
CA THR I 187 -36.06 21.10 -43.73
C THR I 187 -34.84 21.89 -43.28
N ARG I 188 -33.86 21.22 -42.68
CA ARG I 188 -32.67 21.90 -42.20
C ARG I 188 -31.45 21.50 -43.03
N GLY I 189 -31.65 20.62 -44.00
CA GLY I 189 -30.53 20.17 -44.81
C GLY I 189 -29.49 19.41 -43.98
N ILE I 190 -29.96 18.47 -43.17
CA ILE I 190 -29.09 17.65 -42.35
C ILE I 190 -29.28 16.18 -42.75
N TYR I 191 -28.20 15.51 -43.14
CA TYR I 191 -28.33 14.12 -43.56
C TYR I 191 -27.30 13.19 -42.92
N PRO I 192 -27.53 11.86 -43.03
CA PRO I 192 -26.61 10.88 -42.47
C PRO I 192 -25.20 11.20 -42.98
N THR I 193 -24.18 10.79 -42.24
CA THR I 193 -22.82 11.03 -42.69
C THR I 193 -22.25 9.69 -43.12
N ALA I 194 -21.12 9.71 -43.83
CA ALA I 194 -20.50 8.47 -44.29
C ALA I 194 -19.01 8.61 -44.57
N VAL I 195 -18.34 7.47 -44.59
CA VAL I 195 -16.91 7.42 -44.86
C VAL I 195 -16.68 6.21 -45.74
N THR I 196 -15.83 6.38 -46.75
CA THR I 196 -15.51 5.27 -47.64
C THR I 196 -14.02 5.07 -47.56
N ILE I 197 -13.61 3.80 -47.58
CA ILE I 197 -12.21 3.45 -47.51
C ILE I 197 -11.88 2.53 -48.66
N THR I 198 -10.80 2.85 -49.35
CA THR I 198 -10.36 2.08 -50.50
C THR I 198 -8.83 2.09 -50.56
N GLN I 199 -8.29 1.54 -51.64
CA GLN I 199 -6.85 1.48 -51.87
C GLN I 199 -6.22 2.84 -51.59
N ALA I 200 -7.00 3.90 -51.84
CA ALA I 200 -6.52 5.26 -51.65
C ALA I 200 -6.69 5.82 -50.24
N GLY I 201 -7.35 5.06 -49.37
CA GLY I 201 -7.52 5.55 -48.02
C GLY I 201 -8.95 5.85 -47.61
N ALA I 202 -9.11 6.39 -46.41
CA ALA I 202 -10.42 6.72 -45.89
C ALA I 202 -10.81 8.16 -46.17
N VAL I 203 -11.96 8.34 -46.82
CA VAL I 203 -12.44 9.66 -47.16
C VAL I 203 -13.84 9.97 -46.64
N HIS I 204 -14.07 11.23 -46.28
CA HIS I 204 -15.38 11.67 -45.81
C HIS I 204 -16.26 11.97 -47.01
N VAL I 205 -17.42 11.31 -47.09
CA VAL I 205 -18.34 11.57 -48.17
C VAL I 205 -18.84 13.01 -48.03
N SER I 206 -18.84 13.76 -49.12
CA SER I 206 -19.28 15.18 -49.10
C SER I 206 -20.75 15.28 -48.70
N GLU I 207 -21.12 16.36 -48.02
CA GLU I 207 -22.52 16.47 -47.64
C GLU I 207 -23.41 16.76 -48.83
N GLU I 208 -22.79 16.94 -49.98
CA GLU I 208 -23.54 17.20 -51.19
C GLU I 208 -23.97 15.86 -51.77
N THR I 209 -23.15 14.84 -51.53
CA THR I 209 -23.44 13.51 -52.02
C THR I 209 -24.47 12.85 -51.12
N THR I 210 -24.38 13.16 -49.83
CA THR I 210 -25.33 12.60 -48.87
C THR I 210 -26.68 13.26 -49.11
N SER I 211 -26.66 14.57 -49.31
CA SER I 211 -27.87 15.33 -49.60
C SER I 211 -28.57 14.78 -50.83
N GLU I 212 -27.80 14.55 -51.88
CA GLU I 212 -28.31 14.03 -53.13
C GLU I 212 -28.94 12.65 -52.93
N LEU I 213 -28.22 11.76 -52.26
CA LEU I 213 -28.71 10.40 -52.00
C LEU I 213 -29.99 10.38 -51.15
N ALA I 214 -30.07 11.29 -50.19
CA ALA I 214 -31.23 11.40 -49.32
C ALA I 214 -32.46 11.84 -50.12
N ARG I 215 -32.30 12.93 -50.87
CA ARG I 215 -33.37 13.47 -51.71
C ARG I 215 -33.93 12.39 -52.63
N ARG I 216 -33.04 11.55 -53.14
CA ARG I 216 -33.43 10.48 -54.05
C ARG I 216 -34.31 9.45 -53.35
N ILE I 217 -33.84 8.90 -52.21
CA ILE I 217 -34.62 7.90 -51.48
C ILE I 217 -35.97 8.50 -51.10
N VAL I 218 -35.97 9.73 -50.60
CA VAL I 218 -37.22 10.36 -50.23
C VAL I 218 -38.16 10.41 -51.43
N ALA I 219 -37.65 10.82 -52.58
CA ALA I 219 -38.46 10.90 -53.78
C ALA I 219 -38.98 9.53 -54.21
N GLU I 220 -38.13 8.50 -54.13
CA GLU I 220 -38.56 7.15 -54.52
C GLU I 220 -39.70 6.69 -53.62
N ARG I 221 -39.64 7.06 -52.35
CA ARG I 221 -40.68 6.66 -51.40
C ARG I 221 -41.92 7.53 -51.51
N THR I 222 -41.72 8.83 -51.71
CA THR I 222 -42.84 9.75 -51.83
C THR I 222 -43.65 9.36 -53.04
N GLU I 223 -42.99 8.75 -54.00
CA GLU I 223 -43.68 8.32 -55.20
C GLU I 223 -44.49 7.07 -54.91
N GLN I 224 -44.99 6.99 -53.69
CA GLN I 224 -45.80 5.85 -53.23
C GLN I 224 -45.09 4.53 -53.48
N THR J 1 -34.11 26.50 -12.27
CA THR J 1 -33.02 27.30 -12.90
C THR J 1 -33.13 27.28 -14.42
N THR J 2 -32.72 28.37 -15.05
CA THR J 2 -32.67 28.44 -16.50
C THR J 2 -31.51 29.34 -16.92
N ILE J 3 -30.65 28.79 -17.75
CA ILE J 3 -29.49 29.51 -18.27
C ILE J 3 -29.62 29.34 -19.77
N VAL J 4 -29.44 30.46 -20.47
CA VAL J 4 -29.58 30.47 -21.91
C VAL J 4 -28.30 31.01 -22.56
N ALA J 5 -28.00 30.52 -23.75
CA ALA J 5 -26.83 30.96 -24.49
C ALA J 5 -27.26 31.31 -25.92
N LEU J 6 -26.85 32.48 -26.38
CA LEU J 6 -27.19 32.96 -27.71
C LEU J 6 -26.01 33.48 -28.51
N THR J 7 -26.04 33.13 -29.78
CA THR J 7 -25.04 33.52 -30.74
C THR J 7 -25.57 34.74 -31.53
N TYR J 8 -24.69 35.68 -31.87
CA TYR J 8 -25.03 36.86 -32.65
C TYR J 8 -23.82 37.38 -33.45
N LYS J 9 -24.07 38.32 -34.35
CA LYS J 9 -23.04 38.94 -35.20
C LYS J 9 -21.69 39.11 -34.51
N GLY J 10 -21.63 40.00 -33.53
CA GLY J 10 -20.38 40.23 -32.81
C GLY J 10 -19.78 39.00 -32.15
N GLY J 11 -20.53 38.32 -31.27
CA GLY J 11 -20.04 37.15 -30.56
C GLY J 11 -21.10 36.25 -29.91
N VAL J 12 -21.00 36.01 -28.61
CA VAL J 12 -21.97 35.16 -27.89
C VAL J 12 -22.29 35.74 -26.54
N LEU J 13 -23.40 35.28 -25.96
CA LEU J 13 -23.78 35.75 -24.63
C LEU J 13 -24.38 34.62 -23.78
N LEU J 14 -24.45 34.87 -22.48
CA LEU J 14 -25.01 33.94 -21.52
C LEU J 14 -25.86 34.76 -20.56
N ALA J 15 -27.03 34.23 -20.21
CA ALA J 15 -27.92 34.93 -19.28
C ALA J 15 -28.58 33.88 -18.40
N GLY J 16 -28.74 34.20 -17.13
CA GLY J 16 -29.34 33.23 -16.21
C GLY J 16 -30.20 33.87 -15.15
N ASP J 17 -31.14 33.10 -14.62
CA ASP J 17 -32.05 33.57 -13.58
C ASP J 17 -31.34 33.64 -12.23
N ARG J 18 -32.04 34.14 -11.22
CA ARG J 18 -31.46 34.33 -9.90
C ARG J 18 -32.01 33.48 -8.77
N ARG J 19 -32.97 32.62 -9.08
CA ARG J 19 -33.61 31.79 -8.07
C ARG J 19 -32.95 30.49 -7.60
N ALA J 20 -33.20 30.15 -6.35
CA ALA J 20 -32.72 28.93 -5.77
C ALA J 20 -33.87 28.43 -4.90
N THR J 21 -34.25 27.18 -5.09
CA THR J 21 -35.32 26.59 -4.30
C THR J 21 -34.88 25.31 -3.61
N GLN J 22 -35.54 25.03 -2.49
CA GLN J 22 -35.28 23.83 -1.73
C GLN J 22 -36.67 23.22 -1.70
N GLY J 23 -36.96 22.43 -2.71
CA GLY J 23 -38.27 21.84 -2.81
C GLY J 23 -39.16 22.94 -3.37
N ASN J 24 -40.21 23.28 -2.64
CA ASN J 24 -41.11 24.33 -3.08
C ASN J 24 -40.67 25.67 -2.47
N LEU J 25 -39.97 25.61 -1.35
CA LEU J 25 -39.48 26.80 -0.65
C LEU J 25 -38.43 27.58 -1.44
N ILE J 26 -38.52 28.90 -1.42
CA ILE J 26 -37.54 29.72 -2.11
C ILE J 26 -36.36 29.96 -1.16
N ALA J 27 -35.16 29.60 -1.60
CA ALA J 27 -33.98 29.74 -0.77
C ALA J 27 -33.08 30.92 -1.10
N SER J 28 -33.19 31.46 -2.31
CA SER J 28 -32.35 32.58 -2.67
C SER J 28 -33.00 33.37 -3.77
N ARG J 29 -32.74 34.68 -3.78
CA ARG J 29 -33.30 35.58 -4.77
C ARG J 29 -32.23 36.29 -5.60
N ASP J 30 -30.96 36.06 -5.28
CA ASP J 30 -29.86 36.74 -5.99
C ASP J 30 -28.69 35.85 -6.40
N VAL J 31 -28.97 34.60 -6.74
CA VAL J 31 -27.91 33.68 -7.13
C VAL J 31 -27.26 34.12 -8.43
N GLU J 32 -25.93 34.05 -8.47
CA GLU J 32 -25.16 34.40 -9.66
C GLU J 32 -24.88 33.07 -10.36
N LYS J 33 -25.41 32.88 -11.55
CA LYS J 33 -25.20 31.60 -12.23
C LYS J 33 -24.32 31.69 -13.48
N VAL J 34 -23.90 32.90 -13.84
CA VAL J 34 -23.06 33.07 -15.01
C VAL J 34 -21.74 33.70 -14.61
N TYR J 35 -20.66 33.05 -15.01
CA TYR J 35 -19.36 33.55 -14.67
C TYR J 35 -18.45 33.69 -15.89
N VAL J 36 -17.61 34.70 -15.85
CA VAL J 36 -16.64 34.92 -16.92
C VAL J 36 -15.55 33.93 -16.55
N THR J 37 -15.22 33.00 -17.44
CA THR J 37 -14.19 32.02 -17.11
C THR J 37 -12.78 32.45 -17.55
N ASP J 38 -12.71 33.43 -18.45
CA ASP J 38 -11.45 34.02 -18.93
C ASP J 38 -11.76 35.05 -20.01
N GLU J 39 -10.74 35.79 -20.43
CA GLU J 39 -10.89 36.84 -21.45
C GLU J 39 -11.94 36.59 -22.54
N TYR J 40 -11.95 35.39 -23.10
CA TYR J 40 -12.88 35.10 -24.17
C TYR J 40 -13.86 33.94 -23.96
N SER J 41 -14.24 33.69 -22.71
CA SER J 41 -15.17 32.60 -22.42
C SER J 41 -15.93 32.81 -21.13
N ALA J 42 -17.10 32.19 -21.05
CA ALA J 42 -17.92 32.30 -19.85
C ALA J 42 -18.72 31.02 -19.73
N ALA J 43 -19.22 30.74 -18.54
CA ALA J 43 -19.96 29.53 -18.31
C ALA J 43 -21.09 29.71 -17.33
N GLY J 44 -22.20 29.01 -17.59
CA GLY J 44 -23.34 29.05 -16.69
C GLY J 44 -23.51 27.67 -16.10
N ILE J 45 -24.00 27.57 -14.86
CA ILE J 45 -24.19 26.25 -14.25
C ILE J 45 -25.55 26.00 -13.62
N ALA J 46 -26.05 24.79 -13.81
CA ALA J 46 -27.33 24.38 -13.25
C ALA J 46 -27.04 23.15 -12.40
N GLY J 47 -27.77 23.01 -11.30
CA GLY J 47 -27.57 21.90 -10.40
C GLY J 47 -27.07 22.35 -9.03
N THR J 48 -26.85 21.39 -8.14
CA THR J 48 -26.35 21.63 -6.78
C THR J 48 -25.40 22.83 -6.67
N ALA J 49 -25.93 23.99 -6.28
CA ALA J 49 -25.12 25.19 -6.16
C ALA J 49 -23.84 24.99 -5.37
N GLY J 50 -23.89 24.16 -4.32
CA GLY J 50 -22.71 23.91 -3.52
C GLY J 50 -21.53 23.56 -4.40
N ILE J 51 -21.69 22.50 -5.19
CA ILE J 51 -20.66 22.03 -6.08
C ILE J 51 -20.43 22.92 -7.30
N ALA J 52 -21.50 23.31 -7.98
CA ALA J 52 -21.43 24.12 -9.20
C ALA J 52 -20.61 25.40 -9.14
N ILE J 53 -20.91 26.27 -8.18
CA ILE J 53 -20.20 27.53 -8.09
C ILE J 53 -18.70 27.36 -7.87
N GLU J 54 -18.29 26.45 -6.99
CA GLU J 54 -16.86 26.26 -6.79
C GLU J 54 -16.18 25.53 -7.95
N LEU J 55 -16.96 24.77 -8.71
CA LEU J 55 -16.42 24.04 -9.84
C LEU J 55 -16.06 25.00 -10.97
N VAL J 56 -16.97 25.93 -11.26
CA VAL J 56 -16.73 26.91 -12.32
C VAL J 56 -15.61 27.86 -11.88
N ARG J 57 -15.45 28.01 -10.58
CA ARG J 57 -14.41 28.87 -10.03
C ARG J 57 -13.06 28.16 -10.27
N LEU J 58 -13.01 26.87 -10.02
CA LEU J 58 -11.79 26.10 -10.22
C LEU J 58 -11.43 26.09 -11.70
N PHE J 59 -12.46 26.00 -12.55
CA PHE J 59 -12.26 26.00 -13.99
C PHE J 59 -11.52 27.28 -14.40
N ALA J 60 -12.00 28.42 -13.91
CA ALA J 60 -11.39 29.72 -14.21
C ALA J 60 -9.95 29.72 -13.79
N VAL J 61 -9.68 29.28 -12.57
CA VAL J 61 -8.32 29.22 -12.07
C VAL J 61 -7.47 28.34 -12.99
N GLU J 62 -7.97 27.16 -13.35
CA GLU J 62 -7.23 26.24 -14.20
C GLU J 62 -6.87 26.87 -15.56
N LEU J 63 -7.79 27.65 -16.13
CA LEU J 63 -7.51 28.28 -17.42
C LEU J 63 -6.39 29.30 -17.32
N GLU J 64 -6.42 30.10 -16.26
CA GLU J 64 -5.43 31.12 -16.05
C GLU J 64 -4.08 30.53 -15.64
N HIS J 65 -4.13 29.40 -14.97
CA HIS J 65 -2.91 28.73 -14.53
C HIS J 65 -2.20 28.23 -15.79
N TYR J 66 -2.97 27.67 -16.73
CA TYR J 66 -2.40 27.16 -17.97
C TYR J 66 -1.67 28.29 -18.67
N GLU J 67 -2.35 29.42 -18.81
CA GLU J 67 -1.76 30.55 -19.49
C GLU J 67 -0.48 31.07 -18.83
N LYS J 68 -0.46 31.15 -17.51
CA LYS J 68 0.74 31.63 -16.83
C LYS J 68 1.90 30.66 -16.95
N ILE J 69 1.61 29.35 -16.99
CA ILE J 69 2.65 28.36 -17.12
C ILE J 69 3.18 28.25 -18.55
N GLU J 70 2.27 28.20 -19.52
CA GLU J 70 2.66 28.05 -20.92
C GLU J 70 2.89 29.36 -21.65
N GLY J 71 2.43 30.47 -21.08
CA GLY J 71 2.61 31.76 -21.72
C GLY J 71 1.64 31.95 -22.87
N VAL J 72 0.76 30.97 -23.05
CA VAL J 72 -0.23 31.03 -24.11
C VAL J 72 -1.55 30.49 -23.60
N PRO J 73 -2.65 31.15 -23.88
CA PRO J 73 -3.96 30.67 -23.42
C PRO J 73 -4.33 29.41 -24.22
N LEU J 74 -5.26 28.62 -23.69
CA LEU J 74 -5.72 27.40 -24.34
C LEU J 74 -6.65 27.71 -25.52
N THR J 75 -6.81 26.73 -26.39
CA THR J 75 -7.70 26.88 -27.53
C THR J 75 -9.10 26.86 -26.94
N PHE J 76 -10.11 27.36 -27.64
CA PHE J 76 -11.45 27.28 -27.08
C PHE J 76 -11.78 25.79 -26.87
N ASP J 77 -11.52 24.96 -27.88
CA ASP J 77 -11.80 23.53 -27.77
C ASP J 77 -11.05 22.93 -26.61
N GLY J 78 -9.86 23.43 -26.34
CA GLY J 78 -9.10 22.94 -25.21
C GLY J 78 -9.81 23.31 -23.92
N LYS J 79 -10.35 24.52 -23.86
CA LYS J 79 -11.04 24.94 -22.65
C LYS J 79 -12.25 24.05 -22.43
N ALA J 80 -12.93 23.70 -23.52
CA ALA J 80 -14.11 22.86 -23.44
C ALA J 80 -13.75 21.46 -22.98
N ASN J 81 -12.64 20.94 -23.45
CA ASN J 81 -12.25 19.61 -23.07
C ASN J 81 -11.94 19.56 -21.58
N ARG J 82 -11.35 20.63 -21.06
CA ARG J 82 -11.02 20.70 -19.64
C ARG J 82 -12.26 20.72 -18.76
N LEU J 83 -13.31 21.43 -19.21
CA LEU J 83 -14.54 21.50 -18.43
C LEU J 83 -15.13 20.09 -18.41
N ALA J 84 -15.08 19.43 -19.55
CA ALA J 84 -15.62 18.08 -19.66
C ALA J 84 -14.96 17.18 -18.63
N SER J 85 -13.64 17.32 -18.51
CA SER J 85 -12.90 16.52 -17.57
C SER J 85 -13.38 16.77 -16.14
N MET J 86 -13.71 18.03 -15.84
CA MET J 86 -14.19 18.34 -14.50
C MET J 86 -15.61 17.80 -14.25
N VAL J 87 -16.44 17.79 -15.28
CA VAL J 87 -17.79 17.29 -15.15
C VAL J 87 -17.71 15.79 -14.97
N ARG J 88 -16.79 15.18 -15.70
CA ARG J 88 -16.60 13.75 -15.61
C ARG J 88 -16.15 13.39 -14.20
N GLY J 89 -15.33 14.25 -13.63
CA GLY J 89 -14.83 13.98 -12.30
C GLY J 89 -15.89 14.13 -11.23
N ASN J 90 -17.10 14.52 -11.61
CA ASN J 90 -18.16 14.70 -10.63
C ASN J 90 -19.23 13.63 -10.79
N LEU J 91 -19.01 12.71 -11.73
CA LEU J 91 -19.98 11.64 -11.98
C LEU J 91 -20.38 10.94 -10.68
N GLY J 92 -19.39 10.67 -9.84
CA GLY J 92 -19.66 10.02 -8.58
C GLY J 92 -20.72 10.77 -7.79
N ALA J 93 -20.46 12.04 -7.51
CA ALA J 93 -21.42 12.85 -6.78
C ALA J 93 -22.75 12.88 -7.51
N ALA J 94 -22.72 13.04 -8.82
CA ALA J 94 -23.97 13.10 -9.59
C ALA J 94 -24.84 11.87 -9.36
N MET J 95 -24.20 10.70 -9.26
CA MET J 95 -24.96 9.47 -9.07
C MET J 95 -25.56 9.40 -7.67
N GLN J 96 -25.23 10.34 -6.80
CA GLN J 96 -25.77 10.36 -5.46
C GLN J 96 -26.70 11.55 -5.30
N GLY J 97 -27.06 12.18 -6.40
CA GLY J 97 -27.97 13.32 -6.37
C GLY J 97 -27.32 14.70 -6.45
N LEU J 98 -26.00 14.78 -6.35
CA LEU J 98 -25.30 16.07 -6.41
C LEU J 98 -24.76 16.40 -7.80
N ALA J 99 -25.61 16.32 -8.81
CA ALA J 99 -25.20 16.57 -10.18
C ALA J 99 -25.14 18.05 -10.53
N VAL J 100 -24.26 18.38 -11.49
CA VAL J 100 -24.12 19.75 -11.95
C VAL J 100 -23.87 19.69 -13.45
N VAL J 101 -24.44 20.64 -14.18
CA VAL J 101 -24.28 20.67 -15.62
C VAL J 101 -24.04 22.08 -16.07
N PRO J 102 -22.89 22.33 -16.71
CA PRO J 102 -22.55 23.66 -17.20
C PRO J 102 -22.94 23.87 -18.65
N LEU J 103 -22.88 25.13 -19.07
CA LEU J 103 -23.17 25.55 -20.44
C LEU J 103 -22.00 26.50 -20.70
N LEU J 104 -21.21 26.20 -21.71
CA LEU J 104 -20.03 27.01 -22.02
C LEU J 104 -20.16 27.79 -23.31
N VAL J 105 -19.72 29.06 -23.27
CA VAL J 105 -19.72 29.91 -24.47
C VAL J 105 -18.35 30.58 -24.58
N GLY J 106 -18.01 31.03 -25.78
CA GLY J 106 -16.74 31.70 -25.97
C GLY J 106 -16.57 32.31 -27.35
N TYR J 107 -15.63 33.25 -27.46
CA TYR J 107 -15.33 33.87 -28.74
C TYR J 107 -14.06 33.16 -29.16
N ASP J 108 -14.16 32.30 -30.16
CA ASP J 108 -13.01 31.53 -30.65
C ASP J 108 -11.99 32.38 -31.41
N LEU J 109 -10.88 32.74 -30.75
CA LEU J 109 -9.85 33.54 -31.40
C LEU J 109 -9.27 32.87 -32.64
N ASP J 110 -9.33 31.54 -32.69
CA ASP J 110 -8.79 30.78 -33.81
C ASP J 110 -9.85 30.48 -34.85
N ALA J 111 -10.97 31.18 -34.78
CA ALA J 111 -12.06 30.97 -35.71
C ALA J 111 -11.78 31.71 -37.02
N ASP J 112 -12.16 31.07 -38.12
CA ASP J 112 -11.98 31.61 -39.47
C ASP J 112 -12.93 32.78 -39.68
N ASP J 113 -14.22 32.48 -39.67
CA ASP J 113 -15.24 33.48 -39.86
C ASP J 113 -15.35 34.31 -38.57
N GLU J 114 -14.70 35.47 -38.54
CA GLU J 114 -14.73 36.32 -37.35
C GLU J 114 -16.11 36.83 -36.91
N SER J 115 -17.11 36.69 -37.77
CA SER J 115 -18.46 37.14 -37.43
C SER J 115 -19.23 35.98 -36.79
N ARG J 116 -18.64 34.80 -36.88
CA ARG J 116 -19.21 33.56 -36.34
C ARG J 116 -18.24 32.83 -35.41
N ALA J 117 -17.41 33.60 -34.72
CA ALA J 117 -16.43 33.06 -33.80
C ALA J 117 -17.11 32.70 -32.49
N GLY J 118 -18.36 33.14 -32.32
CA GLY J 118 -19.10 32.86 -31.11
C GLY J 118 -19.52 31.41 -31.13
N ARG J 119 -19.26 30.72 -30.02
CA ARG J 119 -19.60 29.31 -29.92
C ARG J 119 -20.33 28.92 -28.64
N ILE J 120 -21.14 27.87 -28.74
CA ILE J 120 -21.92 27.36 -27.61
C ILE J 120 -21.66 25.86 -27.46
N VAL J 121 -21.30 25.44 -26.26
CA VAL J 121 -21.02 24.03 -25.98
C VAL J 121 -21.81 23.57 -24.77
N SER J 122 -22.61 22.52 -24.94
CA SER J 122 -23.41 21.97 -23.84
C SER J 122 -22.77 20.67 -23.36
N TYR J 123 -23.12 20.27 -22.14
CA TYR J 123 -22.54 19.08 -21.54
C TYR J 123 -23.51 18.02 -21.00
N ASP J 124 -22.91 16.86 -20.74
CA ASP J 124 -23.53 15.65 -20.23
C ASP J 124 -23.20 15.52 -18.78
N VAL J 125 -23.91 14.65 -18.11
CA VAL J 125 -23.59 14.41 -16.74
C VAL J 125 -22.39 13.46 -16.72
N VAL J 126 -22.14 12.75 -17.83
CA VAL J 126 -21.00 11.84 -17.90
C VAL J 126 -19.74 12.51 -18.45
N GLY J 127 -19.83 13.80 -18.74
CA GLY J 127 -18.66 14.50 -19.25
C GLY J 127 -18.67 14.77 -20.75
N GLY J 128 -19.68 14.27 -21.44
CA GLY J 128 -19.77 14.52 -22.87
C GLY J 128 -19.88 16.02 -23.14
N ARG J 129 -19.39 16.46 -24.29
CA ARG J 129 -19.46 17.87 -24.67
C ARG J 129 -20.07 17.94 -26.07
N TYR J 130 -20.93 18.92 -26.31
CA TYR J 130 -21.57 19.03 -27.62
C TYR J 130 -21.64 20.44 -28.21
N GLU J 131 -21.26 20.55 -29.48
CA GLU J 131 -21.33 21.82 -30.21
C GLU J 131 -22.79 22.08 -30.47
N GLU J 132 -23.27 23.26 -30.15
CA GLU J 132 -24.66 23.54 -30.40
C GLU J 132 -24.94 24.01 -31.80
N ARG J 133 -24.41 25.15 -32.18
CA ARG J 133 -24.66 25.64 -33.53
C ARG J 133 -26.10 25.61 -34.04
N ALA J 134 -27.00 26.26 -33.31
CA ALA J 134 -28.40 26.36 -33.72
C ALA J 134 -28.73 27.83 -33.49
N GLY J 135 -27.80 28.49 -32.82
CA GLY J 135 -27.94 29.90 -32.53
C GLY J 135 -28.13 30.13 -31.05
N TYR J 136 -28.75 29.15 -30.40
CA TYR J 136 -29.01 29.27 -28.95
C TYR J 136 -29.12 27.90 -28.31
N HIS J 137 -29.17 27.90 -26.99
CA HIS J 137 -29.32 26.67 -26.24
C HIS J 137 -29.61 27.06 -24.81
N ALA J 138 -30.10 26.11 -24.01
CA ALA J 138 -30.43 26.40 -22.62
C ALA J 138 -30.29 25.17 -21.74
N VAL J 139 -30.11 25.40 -20.45
CA VAL J 139 -29.99 24.33 -19.48
C VAL J 139 -30.71 24.69 -18.21
N GLY J 140 -31.16 23.66 -17.49
CA GLY J 140 -31.85 23.86 -16.25
C GLY J 140 -33.28 23.43 -16.41
N SER J 141 -34.00 23.40 -15.29
CA SER J 141 -35.41 23.00 -15.23
C SER J 141 -36.34 23.74 -16.20
N GLY J 142 -36.01 24.99 -16.49
CA GLY J 142 -36.86 25.76 -17.36
C GLY J 142 -36.39 25.84 -18.80
N SER J 143 -35.28 25.16 -19.10
CA SER J 143 -34.69 25.16 -20.44
C SER J 143 -35.65 24.80 -21.58
N LEU J 144 -36.52 23.86 -21.31
CA LEU J 144 -37.51 23.43 -22.28
C LEU J 144 -38.33 24.62 -22.81
N PHE J 145 -38.82 25.44 -21.89
CA PHE J 145 -39.61 26.59 -22.25
C PHE J 145 -38.81 27.69 -22.91
N ALA J 146 -37.61 27.92 -22.39
CA ALA J 146 -36.76 28.94 -22.97
C ALA J 146 -36.40 28.59 -24.41
N LYS J 147 -36.08 27.32 -24.67
CA LYS J 147 -35.74 26.94 -26.03
C LYS J 147 -36.92 27.06 -26.99
N SER J 148 -38.12 26.74 -26.52
CA SER J 148 -39.28 26.84 -27.38
C SER J 148 -39.64 28.29 -27.67
N ALA J 149 -39.35 29.17 -26.72
CA ALA J 149 -39.60 30.59 -26.94
C ALA J 149 -38.59 31.10 -27.96
N LEU J 150 -37.31 30.78 -27.73
CA LEU J 150 -36.25 31.20 -28.64
C LEU J 150 -36.48 30.70 -30.05
N LYS J 151 -37.04 29.50 -30.19
CA LYS J 151 -37.30 28.92 -31.50
C LYS J 151 -38.19 29.85 -32.32
N LYS J 152 -38.92 30.72 -31.64
CA LYS J 152 -39.81 31.66 -32.32
C LYS J 152 -39.29 33.11 -32.38
N ILE J 153 -38.66 33.56 -31.31
CA ILE J 153 -38.19 34.94 -31.26
C ILE J 153 -36.73 35.19 -31.59
N TYR J 154 -35.94 34.14 -31.77
CA TYR J 154 -34.52 34.29 -32.06
C TYR J 154 -34.24 34.61 -33.52
N SER J 155 -33.29 35.50 -33.75
CA SER J 155 -32.88 35.89 -35.10
C SER J 155 -31.40 35.68 -35.29
N PRO J 156 -31.01 34.82 -36.22
CA PRO J 156 -29.60 34.57 -36.46
C PRO J 156 -28.85 35.83 -36.92
N ASP J 157 -27.60 35.95 -36.48
CA ASP J 157 -26.75 37.08 -36.84
C ASP J 157 -27.34 38.44 -36.49
N SER J 158 -28.18 38.49 -35.46
CA SER J 158 -28.76 39.75 -35.03
C SER J 158 -27.66 40.53 -34.33
N ASP J 159 -27.98 41.72 -33.84
CA ASP J 159 -26.97 42.51 -33.16
C ASP J 159 -27.06 42.17 -31.68
N GLU J 160 -26.12 42.69 -30.90
CA GLU J 160 -26.06 42.42 -29.47
C GLU J 160 -27.34 42.81 -28.73
N GLU J 161 -27.82 44.02 -28.97
CA GLU J 161 -29.02 44.52 -28.32
C GLU J 161 -30.20 43.60 -28.54
N THR J 162 -30.35 43.10 -29.76
CA THR J 162 -31.45 42.21 -30.09
C THR J 162 -31.30 40.87 -29.40
N ALA J 163 -30.08 40.35 -29.38
CA ALA J 163 -29.80 39.07 -28.76
C ALA J 163 -30.06 39.15 -27.26
N LEU J 164 -29.59 40.21 -26.63
CA LEU J 164 -29.80 40.37 -25.20
C LEU J 164 -31.28 40.42 -24.86
N ARG J 165 -32.07 41.05 -25.71
CA ARG J 165 -33.50 41.16 -25.45
C ARG J 165 -34.18 39.81 -25.56
N ALA J 166 -33.84 39.06 -26.60
CA ALA J 166 -34.42 37.73 -26.80
C ALA J 166 -34.05 36.81 -25.64
N ALA J 167 -32.85 37.00 -25.11
CA ALA J 167 -32.37 36.18 -24.00
C ALA J 167 -33.21 36.41 -22.75
N ILE J 168 -33.33 37.68 -22.32
CA ILE J 168 -34.12 37.99 -21.14
C ILE J 168 -35.57 37.58 -21.32
N GLU J 169 -36.05 37.63 -22.57
CA GLU J 169 -37.44 37.25 -22.84
C GLU J 169 -37.62 35.73 -22.68
N SER J 170 -36.67 34.95 -23.21
CA SER J 170 -36.76 33.51 -23.09
C SER J 170 -36.71 33.15 -21.60
N LEU J 171 -35.87 33.84 -20.83
CA LEU J 171 -35.80 33.59 -19.40
C LEU J 171 -37.11 33.96 -18.71
N TYR J 172 -37.79 34.97 -19.25
CA TYR J 172 -39.06 35.43 -18.70
C TYR J 172 -40.09 34.34 -18.92
N ASP J 173 -40.13 33.80 -20.14
CA ASP J 173 -41.05 32.73 -20.49
C ASP J 173 -40.77 31.50 -19.64
N ALA J 174 -39.50 31.30 -19.30
CA ALA J 174 -39.14 30.16 -18.49
C ALA J 174 -39.72 30.31 -17.09
N ALA J 175 -39.53 31.47 -16.48
CA ALA J 175 -40.04 31.70 -15.13
C ALA J 175 -41.57 31.69 -15.10
N ASP J 176 -42.17 31.93 -16.25
CA ASP J 176 -43.62 31.98 -16.39
C ASP J 176 -44.23 30.58 -16.28
N ASP J 177 -43.48 29.55 -16.70
CA ASP J 177 -43.96 28.18 -16.67
C ASP J 177 -43.22 27.24 -15.71
N ASP J 178 -42.09 27.68 -15.15
CA ASP J 178 -41.32 26.86 -14.23
C ASP J 178 -41.06 27.64 -12.93
N SER J 179 -41.76 27.26 -11.87
CA SER J 179 -41.63 27.93 -10.58
C SER J 179 -40.22 27.88 -10.04
N ALA J 180 -39.37 27.04 -10.62
CA ALA J 180 -38.00 26.92 -10.12
C ALA J 180 -37.05 27.91 -10.81
N THR J 181 -37.56 28.70 -11.73
CA THR J 181 -36.72 29.67 -12.40
C THR J 181 -36.85 31.08 -11.82
N GLY J 182 -38.05 31.63 -11.77
CA GLY J 182 -38.11 32.97 -11.19
C GLY J 182 -37.72 34.12 -12.11
N GLY J 183 -38.71 34.96 -12.36
CA GLY J 183 -38.52 36.09 -13.24
C GLY J 183 -38.04 37.34 -12.54
N PRO J 184 -38.07 38.47 -13.25
CA PRO J 184 -37.66 39.79 -12.77
C PRO J 184 -38.45 40.14 -11.52
N ASP J 185 -37.76 40.68 -10.53
CA ASP J 185 -38.42 41.10 -9.31
C ASP J 185 -38.40 42.65 -9.28
N LEU J 186 -39.40 43.30 -9.86
CA LEU J 186 -39.42 44.76 -9.88
C LEU J 186 -39.57 45.33 -8.48
N THR J 187 -39.93 44.47 -7.54
CA THR J 187 -40.12 44.85 -6.16
C THR J 187 -38.80 45.09 -5.42
N ARG J 188 -37.80 44.27 -5.72
CA ARG J 188 -36.51 44.41 -5.05
C ARG J 188 -35.44 44.86 -6.04
N GLY J 189 -35.83 45.01 -7.30
CA GLY J 189 -34.87 45.43 -8.31
C GLY J 189 -33.78 44.39 -8.50
N ILE J 190 -34.19 43.13 -8.70
CA ILE J 190 -33.26 42.04 -8.91
C ILE J 190 -33.59 41.41 -10.25
N TYR J 191 -32.63 41.35 -11.15
CA TYR J 191 -32.91 40.79 -12.46
C TYR J 191 -31.87 39.76 -12.93
N PRO J 192 -32.21 38.98 -13.98
CA PRO J 192 -31.27 37.98 -14.51
C PRO J 192 -29.95 38.67 -14.78
N THR J 193 -28.86 37.90 -14.77
CA THR J 193 -27.55 38.47 -15.05
C THR J 193 -27.13 37.98 -16.44
N ALA J 194 -26.14 38.64 -17.04
CA ALA J 194 -25.67 38.25 -18.36
C ALA J 194 -24.22 38.65 -18.62
N VAL J 195 -23.62 37.98 -19.59
CA VAL J 195 -22.25 38.24 -19.98
C VAL J 195 -22.20 38.17 -21.50
N THR J 196 -21.50 39.12 -22.10
CA THR J 196 -21.37 39.14 -23.54
C THR J 196 -19.88 39.03 -23.87
N ILE J 197 -19.57 38.27 -24.91
CA ILE J 197 -18.21 38.05 -25.32
C ILE J 197 -18.10 38.36 -26.79
N THR J 198 -17.11 39.16 -27.13
CA THR J 198 -16.87 39.58 -28.49
C THR J 198 -15.37 39.72 -28.75
N GLN J 199 -15.02 40.26 -29.91
CA GLN J 199 -13.62 40.49 -30.30
C GLN J 199 -12.86 41.20 -29.16
N ALA J 200 -13.58 42.01 -28.40
CA ALA J 200 -13.00 42.75 -27.29
C ALA J 200 -12.95 42.01 -25.96
N GLY J 201 -13.54 40.82 -25.90
CA GLY J 201 -13.49 40.06 -24.67
C GLY J 201 -14.83 39.87 -23.98
N ALA J 202 -14.79 39.27 -22.80
CA ALA J 202 -16.00 39.01 -22.05
C ALA J 202 -16.32 40.12 -21.07
N VAL J 203 -17.54 40.64 -21.17
CA VAL J 203 -17.97 41.72 -20.29
C VAL J 203 -19.27 41.41 -19.54
N HIS J 204 -19.37 41.93 -18.32
CA HIS J 204 -20.58 41.76 -17.52
C HIS J 204 -21.60 42.82 -17.90
N VAL J 205 -22.79 42.40 -18.30
CA VAL J 205 -23.83 43.34 -18.66
C VAL J 205 -24.21 44.10 -17.40
N SER J 206 -24.31 45.43 -17.49
CA SER J 206 -24.64 46.27 -16.33
C SER J 206 -26.04 45.95 -15.81
N GLU J 207 -26.25 46.07 -14.51
CA GLU J 207 -27.57 45.77 -13.99
C GLU J 207 -28.58 46.81 -14.39
N GLU J 208 -28.11 47.86 -15.06
CA GLU J 208 -29.00 48.91 -15.51
C GLU J 208 -29.58 48.47 -16.84
N THR J 209 -28.81 47.70 -17.60
CA THR J 209 -29.26 47.21 -18.89
C THR J 209 -30.21 46.03 -18.68
N THR J 210 -29.93 45.23 -17.65
CA THR J 210 -30.77 44.07 -17.36
C THR J 210 -32.08 44.61 -16.82
N SER J 211 -32.00 45.60 -15.95
CA SER J 211 -33.18 46.22 -15.36
C SER J 211 -34.07 46.78 -16.46
N GLU J 212 -33.46 47.49 -17.40
CA GLU J 212 -34.18 48.09 -18.51
C GLU J 212 -34.87 47.01 -19.36
N LEU J 213 -34.12 45.98 -19.72
CA LEU J 213 -34.66 44.90 -20.53
C LEU J 213 -35.82 44.16 -19.85
N ALA J 214 -35.71 43.98 -18.55
CA ALA J 214 -36.74 43.30 -17.76
C ALA J 214 -38.02 44.13 -17.77
N ARG J 215 -37.92 45.40 -17.40
CA ARG J 215 -39.05 46.32 -17.37
C ARG J 215 -39.78 46.31 -18.70
N ARG J 216 -39.02 46.23 -19.78
CA ARG J 216 -39.60 46.24 -21.12
C ARG J 216 -40.44 44.98 -21.35
N ILE J 217 -39.86 43.80 -21.14
CA ILE J 217 -40.60 42.55 -21.36
C ILE J 217 -41.85 42.55 -20.47
N VAL J 218 -41.70 42.97 -19.22
CA VAL J 218 -42.84 42.99 -18.32
C VAL J 218 -43.93 43.88 -18.90
N ALA J 219 -43.54 45.05 -19.38
CA ALA J 219 -44.50 45.98 -19.96
C ALA J 219 -45.17 45.39 -21.21
N GLU J 220 -44.39 44.75 -22.08
CA GLU J 220 -44.96 44.16 -23.29
C GLU J 220 -46.00 43.10 -22.94
N ARG J 221 -45.76 42.34 -21.86
CA ARG J 221 -46.68 41.29 -21.44
C ARG J 221 -47.87 41.87 -20.69
N THR J 222 -47.61 42.83 -19.82
CA THR J 222 -48.65 43.46 -19.04
C THR J 222 -49.65 44.09 -19.99
N GLU J 223 -49.18 44.49 -21.15
CA GLU J 223 -50.03 45.11 -22.13
C GLU J 223 -50.88 44.03 -22.80
N GLN J 224 -51.23 43.02 -22.03
CA GLN J 224 -52.03 41.89 -22.52
C GLN J 224 -51.44 41.29 -23.79
N THR K 1 -33.63 24.16 17.28
CA THR K 1 -32.58 25.21 17.38
C THR K 1 -32.89 26.37 16.44
N THR K 2 -32.53 27.58 16.85
CA THR K 2 -32.67 28.74 15.98
C THR K 2 -31.53 29.70 16.27
N ILE K 3 -30.83 30.07 15.20
CA ILE K 3 -29.71 30.99 15.25
C ILE K 3 -30.04 32.02 14.21
N VAL K 4 -29.91 33.28 14.60
CA VAL K 4 -30.23 34.39 13.73
C VAL K 4 -29.02 35.31 13.56
N ALA K 5 -28.92 35.95 12.41
CA ALA K 5 -27.82 36.87 12.13
C ALA K 5 -28.41 38.15 11.58
N LEU K 6 -27.99 39.29 12.14
CA LEU K 6 -28.48 40.60 11.72
C LEU K 6 -27.38 41.62 11.45
N THR K 7 -27.61 42.37 10.39
CA THR K 7 -26.71 43.43 9.96
C THR K 7 -27.29 44.78 10.45
N TYR K 8 -26.40 45.69 10.86
CA TYR K 8 -26.77 47.02 11.33
C TYR K 8 -25.64 48.04 11.09
N LYS K 9 -25.96 49.32 11.26
CA LYS K 9 -25.01 50.43 11.06
C LYS K 9 -23.57 50.10 11.45
N GLY K 10 -23.33 49.93 12.74
CA GLY K 10 -21.99 49.59 13.20
C GLY K 10 -21.36 48.34 12.58
N GLY K 11 -22.03 47.18 12.73
CA GLY K 11 -21.53 45.91 12.19
C GLY K 11 -22.54 44.78 12.04
N VAL K 12 -22.27 43.62 12.67
CA VAL K 12 -23.19 42.46 12.58
C VAL K 12 -23.31 41.77 13.91
N LEU K 13 -24.35 40.95 14.06
CA LEU K 13 -24.53 40.20 15.30
C LEU K 13 -25.07 38.81 15.04
N LEU K 14 -24.97 37.95 16.06
CA LEU K 14 -25.44 36.59 16.03
C LEU K 14 -26.10 36.34 17.37
N ALA K 15 -27.23 35.62 17.35
CA ALA K 15 -27.93 35.29 18.59
C ALA K 15 -28.51 33.89 18.40
N GLY K 16 -28.48 33.09 19.45
CA GLY K 16 -29.01 31.75 19.37
C GLY K 16 -29.71 31.30 20.64
N ASP K 17 -30.61 30.33 20.51
CA ASP K 17 -31.34 29.81 21.66
C ASP K 17 -30.45 28.86 22.47
N ARG K 18 -30.98 28.34 23.58
CA ARG K 18 -30.19 27.49 24.47
C ARG K 18 -30.64 26.04 24.60
N ARG K 19 -31.69 25.67 23.87
CA ARG K 19 -32.23 24.32 23.97
C ARG K 19 -31.61 23.19 23.17
N ALA K 20 -31.72 21.99 23.73
CA ALA K 20 -31.24 20.79 23.08
C ALA K 20 -32.30 19.75 23.39
N THR K 21 -32.77 19.05 22.36
CA THR K 21 -33.76 18.01 22.53
C THR K 21 -33.31 16.69 21.92
N GLN K 22 -33.79 15.61 22.50
CA GLN K 22 -33.52 14.28 22.01
C GLN K 22 -34.92 13.77 21.73
N GLY K 23 -35.41 14.06 20.54
CA GLY K 23 -36.76 13.67 20.20
C GLY K 23 -37.63 14.74 20.83
N ASN K 24 -38.55 14.32 21.68
CA ASN K 24 -39.45 15.26 22.33
C ASN K 24 -38.86 15.68 23.69
N LEU K 25 -38.02 14.80 24.25
CA LEU K 25 -37.37 15.06 25.53
C LEU K 25 -36.38 16.22 25.48
N ILE K 26 -36.39 17.06 26.52
CA ILE K 26 -35.46 18.19 26.59
C ILE K 26 -34.17 17.70 27.21
N ALA K 27 -33.06 17.88 26.51
CA ALA K 27 -31.77 17.38 26.99
C ALA K 27 -30.82 18.42 27.55
N SER K 28 -31.06 19.69 27.25
CA SER K 28 -30.21 20.74 27.76
C SER K 28 -30.96 22.04 27.77
N ARG K 29 -30.60 22.90 28.73
CA ARG K 29 -31.25 24.21 28.87
C ARG K 29 -30.27 25.37 28.73
N ASP K 30 -28.98 25.07 28.61
CA ASP K 30 -27.96 26.11 28.53
C ASP K 30 -26.92 25.95 27.43
N VAL K 31 -27.31 25.38 26.30
CA VAL K 31 -26.37 25.17 25.20
C VAL K 31 -25.86 26.50 24.65
N GLU K 32 -24.56 26.57 24.38
CA GLU K 32 -23.93 27.76 23.81
C GLU K 32 -23.83 27.46 22.32
N LYS K 33 -24.53 28.23 21.49
CA LYS K 33 -24.49 27.96 20.06
C LYS K 33 -23.80 29.03 19.24
N VAL K 34 -23.35 30.10 19.89
CA VAL K 34 -22.67 31.16 19.17
C VAL K 34 -21.27 31.32 19.73
N TYR K 35 -20.29 31.30 18.84
CA TYR K 35 -18.92 31.43 19.25
C TYR K 35 -18.20 32.53 18.49
N VAL K 36 -17.30 33.22 19.18
CA VAL K 36 -16.46 34.23 18.54
C VAL K 36 -15.39 33.37 17.85
N THR K 37 -15.25 33.50 16.53
CA THR K 37 -14.25 32.68 15.86
C THR K 37 -12.90 33.39 15.72
N ASP K 38 -12.90 34.71 15.89
CA ASP K 38 -11.68 35.54 15.88
C ASP K 38 -12.07 37.00 16.04
N GLU K 39 -11.07 37.88 16.21
CA GLU K 39 -11.29 39.31 16.40
C GLU K 39 -12.48 39.92 15.67
N TYR K 40 -12.65 39.57 14.40
CA TYR K 40 -13.73 40.16 13.63
C TYR K 40 -14.73 39.19 13.00
N SER K 41 -14.95 38.06 13.65
CA SER K 41 -15.90 37.09 13.13
C SER K 41 -16.47 36.15 14.20
N ALA K 42 -17.66 35.64 13.94
CA ALA K 42 -18.31 34.73 14.87
C ALA K 42 -19.15 33.76 14.06
N ALA K 43 -19.50 32.64 14.67
CA ALA K 43 -20.27 31.64 13.96
C ALA K 43 -21.25 30.92 14.87
N GLY K 44 -22.42 30.61 14.31
CA GLY K 44 -23.42 29.87 15.06
C GLY K 44 -23.59 28.52 14.38
N ILE K 45 -23.91 27.47 15.14
CA ILE K 45 -24.10 26.15 14.54
C ILE K 45 -25.38 25.43 14.93
N ALA K 46 -25.98 24.78 13.94
CA ALA K 46 -27.20 24.00 14.14
C ALA K 46 -26.88 22.59 13.70
N GLY K 47 -27.43 21.59 14.40
CA GLY K 47 -27.19 20.21 14.08
C GLY K 47 -26.51 19.49 15.21
N THR K 48 -26.22 18.21 15.00
CA THR K 48 -25.54 17.33 15.95
C THR K 48 -24.53 18.06 16.81
N ALA K 49 -24.93 18.47 18.02
CA ALA K 49 -24.03 19.20 18.92
C ALA K 49 -22.64 18.55 19.07
N GLY K 50 -22.61 17.21 19.10
CA GLY K 50 -21.35 16.52 19.25
C GLY K 50 -20.31 17.06 18.28
N ILE K 51 -20.65 16.96 17.00
CA ILE K 51 -19.78 17.43 15.94
C ILE K 51 -19.66 18.96 15.83
N ALA K 52 -20.79 19.66 15.84
CA ALA K 52 -20.83 21.11 15.70
C ALA K 52 -19.95 21.93 16.61
N ILE K 53 -20.05 21.72 17.91
CA ILE K 53 -19.25 22.51 18.84
C ILE K 53 -17.75 22.34 18.64
N GLU K 54 -17.29 21.10 18.42
CA GLU K 54 -15.86 20.91 18.23
C GLU K 54 -15.38 21.37 16.87
N LEU K 55 -16.29 21.42 15.91
CA LEU K 55 -15.97 21.87 14.56
C LEU K 55 -15.71 23.38 14.55
N VAL K 56 -16.59 24.13 15.21
CA VAL K 56 -16.44 25.58 15.27
C VAL K 56 -15.21 25.92 16.10
N ARG K 57 -14.86 25.02 17.02
CA ARG K 57 -13.70 25.20 17.88
C ARG K 57 -12.44 25.05 17.01
N LEU K 58 -12.44 24.01 16.17
CA LEU K 58 -11.31 23.78 15.29
C LEU K 58 -11.17 24.94 14.32
N PHE K 59 -12.30 25.45 13.86
CA PHE K 59 -12.30 26.58 12.93
C PHE K 59 -11.54 27.77 13.55
N ALA K 60 -11.87 28.07 14.82
CA ALA K 60 -11.24 29.18 15.53
C ALA K 60 -9.74 28.95 15.60
N VAL K 61 -9.35 27.74 15.98
CA VAL K 61 -7.94 27.40 16.06
C VAL K 61 -7.27 27.60 14.70
N GLU K 62 -7.90 27.11 13.63
CA GLU K 62 -7.33 27.23 12.30
C GLU K 62 -7.13 28.69 11.90
N LEU K 63 -8.07 29.56 12.23
CA LEU K 63 -7.93 30.98 11.88
C LEU K 63 -6.74 31.64 12.60
N GLU K 64 -6.58 31.32 13.88
CA GLU K 64 -5.50 31.88 14.67
C GLU K 64 -4.16 31.28 14.27
N HIS K 65 -4.17 30.02 13.85
CA HIS K 65 -2.96 29.36 13.42
C HIS K 65 -2.47 30.05 12.15
N TYR K 66 -3.40 30.34 11.24
CA TYR K 66 -3.02 31.01 10.00
C TYR K 66 -2.30 32.32 10.34
N GLU K 67 -2.94 33.13 11.19
CA GLU K 67 -2.37 34.42 11.57
C GLU K 67 -0.99 34.30 12.22
N LYS K 68 -0.79 33.36 13.12
CA LYS K 68 0.52 33.21 13.74
C LYS K 68 1.59 32.75 12.75
N ILE K 69 1.22 31.93 11.77
CA ILE K 69 2.18 31.46 10.78
C ILE K 69 2.49 32.53 9.73
N GLU K 70 1.44 33.18 9.22
CA GLU K 70 1.61 34.19 8.18
C GLU K 70 1.85 35.59 8.69
N GLY K 71 1.53 35.83 9.96
CA GLY K 71 1.72 37.16 10.53
C GLY K 71 0.61 38.09 10.09
N VAL K 72 -0.35 37.55 9.36
CA VAL K 72 -1.46 38.35 8.87
C VAL K 72 -2.72 37.50 8.95
N PRO K 73 -3.82 38.10 9.39
CA PRO K 73 -5.08 37.35 9.48
C PRO K 73 -5.63 37.13 8.08
N LEU K 74 -6.53 36.17 7.93
CA LEU K 74 -7.16 35.87 6.65
C LEU K 74 -8.20 36.91 6.29
N THR K 75 -8.56 36.96 5.01
CA THR K 75 -9.59 37.86 4.53
C THR K 75 -10.87 37.29 5.07
N PHE K 76 -11.92 38.09 5.14
CA PHE K 76 -13.19 37.52 5.61
C PHE K 76 -13.58 36.39 4.65
N ASP K 77 -13.52 36.68 3.35
CA ASP K 77 -13.85 35.67 2.36
C ASP K 77 -13.00 34.43 2.53
N GLY K 78 -11.74 34.62 2.90
CA GLY K 78 -10.87 33.49 3.12
C GLY K 78 -11.36 32.70 4.32
N LYS K 79 -11.84 33.37 5.36
CA LYS K 79 -12.32 32.65 6.52
C LYS K 79 -13.55 31.84 6.13
N ALA K 80 -14.39 32.42 5.28
CA ALA K 80 -15.61 31.74 4.86
C ALA K 80 -15.28 30.51 4.02
N ASN K 81 -14.27 30.63 3.17
CA ASN K 81 -13.92 29.51 2.33
C ASN K 81 -13.42 28.35 3.17
N ARG K 82 -12.70 28.67 4.24
CA ARG K 82 -12.18 27.64 5.14
C ARG K 82 -13.30 26.90 5.87
N LEU K 83 -14.33 27.63 6.27
CA LEU K 83 -15.44 27.00 6.98
C LEU K 83 -16.12 26.04 6.01
N ALA K 84 -16.26 26.48 4.77
CA ALA K 84 -16.89 25.69 3.73
C ALA K 84 -16.15 24.37 3.59
N SER K 85 -14.83 24.46 3.60
CA SER K 85 -14.01 23.27 3.48
C SER K 85 -14.29 22.32 4.62
N MET K 86 -14.48 22.84 5.82
CA MET K 86 -14.75 21.97 6.96
C MET K 86 -16.14 21.35 6.88
N VAL K 87 -17.10 22.11 6.34
CA VAL K 87 -18.45 21.59 6.22
C VAL K 87 -18.42 20.48 5.19
N ARG K 88 -17.68 20.73 4.13
CA ARG K 88 -17.56 19.76 3.06
C ARG K 88 -16.95 18.47 3.58
N GLY K 89 -16.01 18.61 4.50
CA GLY K 89 -15.36 17.44 5.06
C GLY K 89 -16.26 16.65 5.99
N ASN K 90 -17.49 17.11 6.20
CA ASN K 90 -18.38 16.41 7.12
C ASN K 90 -19.54 15.79 6.35
N LEU K 91 -19.52 15.95 5.03
CA LEU K 91 -20.57 15.41 4.17
C LEU K 91 -20.83 13.93 4.48
N GLY K 92 -19.75 13.19 4.71
CA GLY K 92 -19.89 11.78 5.01
C GLY K 92 -20.79 11.60 6.21
N ALA K 93 -20.41 12.18 7.33
CA ALA K 93 -21.19 12.08 8.54
C ALA K 93 -22.61 12.57 8.29
N ALA K 94 -22.75 13.69 7.59
CA ALA K 94 -24.08 14.24 7.32
C ALA K 94 -24.98 13.22 6.63
N MET K 95 -24.41 12.45 5.70
CA MET K 95 -25.21 11.46 4.99
C MET K 95 -25.63 10.28 5.87
N GLN K 96 -25.13 10.26 7.10
CA GLN K 96 -25.48 9.20 8.03
C GLN K 96 -26.32 9.77 9.18
N GLY K 97 -26.79 11.01 9.00
CA GLY K 97 -27.60 11.63 10.03
C GLY K 97 -26.89 12.62 10.96
N LEU K 98 -25.55 12.68 10.92
CA LEU K 98 -24.80 13.59 11.78
C LEU K 98 -24.43 14.90 11.08
N ALA K 99 -25.41 15.57 10.51
CA ALA K 99 -25.18 16.83 9.79
C ALA K 99 -25.07 18.05 10.71
N VAL K 100 -24.30 19.03 10.25
CA VAL K 100 -24.14 20.28 10.97
C VAL K 100 -24.09 21.40 9.98
N VAL K 101 -24.72 22.52 10.31
CA VAL K 101 -24.73 23.66 9.41
C VAL K 101 -24.47 24.93 10.19
N PRO K 102 -23.42 25.64 9.81
CA PRO K 102 -23.06 26.89 10.47
C PRO K 102 -23.63 28.11 9.77
N LEU K 103 -23.57 29.25 10.48
CA LEU K 103 -23.99 30.55 9.98
C LEU K 103 -22.80 31.41 10.42
N LEU K 104 -22.15 32.07 9.45
CA LEU K 104 -20.99 32.89 9.72
C LEU K 104 -21.24 34.38 9.55
N VAL K 105 -20.72 35.18 10.47
CA VAL K 105 -20.85 36.65 10.39
C VAL K 105 -19.46 37.25 10.66
N GLY K 106 -19.25 38.48 10.20
CA GLY K 106 -17.99 39.13 10.42
C GLY K 106 -17.97 40.58 10.01
N TYR K 107 -16.99 41.32 10.54
CA TYR K 107 -16.84 42.73 10.19
C TYR K 107 -15.68 42.70 9.21
N ASP K 108 -15.97 42.93 7.93
CA ASP K 108 -14.94 42.89 6.88
C ASP K 108 -13.98 44.08 6.93
N LEU K 109 -12.76 43.86 7.44
CA LEU K 109 -11.78 44.93 7.52
C LEU K 109 -11.43 45.50 6.15
N ASP K 110 -11.58 44.69 5.11
CA ASP K 110 -11.24 45.11 3.75
C ASP K 110 -12.45 45.65 3.00
N ALA K 111 -13.51 45.95 3.75
CA ALA K 111 -14.73 46.47 3.14
C ALA K 111 -14.59 47.96 2.86
N ASP K 112 -15.15 48.39 1.73
CA ASP K 112 -15.12 49.78 1.28
C ASP K 112 -16.02 50.62 2.18
N ASP K 113 -17.31 50.33 2.13
CA ASP K 113 -18.29 51.05 2.93
C ASP K 113 -18.17 50.57 4.37
N GLU K 114 -17.45 51.32 5.20
CA GLU K 114 -17.26 50.94 6.60
C GLU K 114 -18.52 50.85 7.44
N SER K 115 -19.65 51.35 6.94
CA SER K 115 -20.91 51.29 7.68
C SER K 115 -21.64 50.01 7.29
N ARG K 116 -21.15 49.37 6.23
CA ARG K 116 -21.73 48.14 5.70
C ARG K 116 -20.69 47.02 5.59
N ALA K 117 -19.73 47.03 6.51
CA ALA K 117 -18.67 46.03 6.55
C ALA K 117 -19.19 44.75 7.20
N GLY K 118 -20.37 44.83 7.79
CA GLY K 118 -20.97 43.67 8.42
C GLY K 118 -21.45 42.73 7.34
N ARG K 119 -21.11 41.45 7.49
CA ARG K 119 -21.51 40.45 6.49
C ARG K 119 -22.08 39.19 7.10
N ILE K 120 -22.94 38.54 6.33
CA ILE K 120 -23.59 37.30 6.74
C ILE K 120 -23.41 36.25 5.65
N VAL K 121 -22.92 35.08 6.02
CA VAL K 121 -22.71 33.99 5.07
C VAL K 121 -23.35 32.72 5.58
N SER K 122 -24.24 32.13 4.77
CA SER K 122 -24.91 30.89 5.15
C SER K 122 -24.29 29.73 4.38
N TYR K 123 -24.47 28.51 4.88
CA TYR K 123 -23.90 27.33 4.27
C TYR K 123 -24.85 26.19 3.91
N ASP K 124 -24.30 25.28 3.10
CA ASP K 124 -24.94 24.07 2.57
C ASP K 124 -24.43 22.90 3.33
N VAL K 125 -25.08 21.78 3.14
CA VAL K 125 -24.61 20.59 3.77
C VAL K 125 -23.47 20.04 2.91
N VAL K 126 -23.42 20.47 1.65
CA VAL K 126 -22.35 20.01 0.75
C VAL K 126 -21.13 20.94 0.75
N GLY K 127 -21.17 21.98 1.58
CA GLY K 127 -20.04 22.90 1.64
C GLY K 127 -20.26 24.22 0.92
N GLY K 128 -21.40 24.38 0.25
CA GLY K 128 -21.65 25.64 -0.43
C GLY K 128 -21.71 26.79 0.55
N ARG K 129 -21.37 27.99 0.09
CA ARG K 129 -21.39 29.17 0.96
C ARG K 129 -22.18 30.24 0.23
N TYR K 130 -22.99 31.00 0.95
CA TYR K 130 -23.80 32.03 0.30
C TYR K 130 -23.88 33.38 1.01
N GLU K 131 -23.66 34.45 0.24
CA GLU K 131 -23.73 35.81 0.78
C GLU K 131 -25.20 36.09 0.99
N GLU K 132 -25.55 36.53 2.20
CA GLU K 132 -26.94 36.82 2.44
C GLU K 132 -27.39 38.19 1.97
N ARG K 133 -26.84 39.24 2.53
CA ARG K 133 -27.23 40.58 2.10
C ARG K 133 -28.72 40.86 1.96
N ALA K 134 -29.48 40.64 3.03
CA ALA K 134 -30.91 40.91 3.03
C ALA K 134 -31.10 41.63 4.37
N GLY K 135 -30.03 41.63 5.15
CA GLY K 135 -30.06 42.30 6.44
C GLY K 135 -30.04 41.30 7.55
N TYR K 136 -30.62 40.13 7.31
CA TYR K 136 -30.69 39.09 8.33
C TYR K 136 -30.79 37.71 7.71
N HIS K 137 -30.68 36.68 8.55
CA HIS K 137 -30.80 35.32 8.09
C HIS K 137 -30.89 34.45 9.32
N ALA K 138 -31.30 33.20 9.14
CA ALA K 138 -31.41 32.30 10.26
C ALA K 138 -31.21 30.85 9.85
N VAL K 139 -30.84 30.01 10.81
CA VAL K 139 -30.67 28.59 10.57
C VAL K 139 -31.20 27.78 11.73
N GLY K 140 -31.60 26.55 11.44
CA GLY K 140 -32.13 25.68 12.47
C GLY K 140 -33.59 25.43 12.22
N SER K 141 -34.15 24.52 13.02
CA SER K 141 -35.55 24.12 12.94
C SER K 141 -36.54 25.26 13.03
N GLY K 142 -36.19 26.31 13.77
CA GLY K 142 -37.11 27.43 13.93
C GLY K 142 -36.83 28.61 13.00
N SER K 143 -35.82 28.46 12.14
CA SER K 143 -35.42 29.54 11.24
C SER K 143 -36.53 30.13 10.39
N LEU K 144 -37.43 29.28 9.96
CA LEU K 144 -38.56 29.68 9.15
C LEU K 144 -39.37 30.78 9.84
N PHE K 145 -39.68 30.56 11.12
CA PHE K 145 -40.44 31.53 11.89
C PHE K 145 -39.65 32.80 12.21
N ALA K 146 -38.39 32.62 12.58
CA ALA K 146 -37.55 33.78 12.88
C ALA K 146 -37.45 34.67 11.64
N LYS K 147 -37.23 34.08 10.47
CA LYS K 147 -37.11 34.91 9.28
C LYS K 147 -38.37 35.66 8.94
N SER K 148 -39.51 35.03 9.13
CA SER K 148 -40.78 35.67 8.81
C SER K 148 -41.09 36.79 9.81
N ALA K 149 -40.62 36.63 11.05
CA ALA K 149 -40.80 37.68 12.04
C ALA K 149 -39.91 38.85 11.66
N LEU K 150 -38.64 38.55 11.37
CA LEU K 150 -37.69 39.59 10.98
C LEU K 150 -38.14 40.35 9.75
N LYS K 151 -38.76 39.64 8.80
CA LYS K 151 -39.24 40.27 7.58
C LYS K 151 -40.17 41.46 7.90
N LYS K 152 -40.76 41.43 9.10
CA LYS K 152 -41.68 42.49 9.51
C LYS K 152 -41.07 43.48 10.51
N ILE K 153 -40.29 42.99 11.48
CA ILE K 153 -39.73 43.86 12.50
C ILE K 153 -38.30 44.37 12.29
N TYR K 154 -37.62 43.88 11.26
CA TYR K 154 -36.25 44.30 11.00
C TYR K 154 -36.15 45.65 10.28
N SER K 155 -35.18 46.46 10.71
CA SER K 155 -34.94 47.77 10.11
C SER K 155 -33.49 47.86 9.64
N PRO K 156 -33.29 48.08 8.35
CA PRO K 156 -31.94 48.18 7.80
C PRO K 156 -31.18 49.38 8.38
N ASP K 157 -29.87 49.20 8.59
CA ASP K 157 -29.01 50.25 9.11
C ASP K 157 -29.46 50.81 10.46
N SER K 158 -30.14 49.98 11.25
CA SER K 158 -30.58 50.42 12.57
C SER K 158 -29.36 50.45 13.48
N ASP K 159 -29.53 50.83 14.73
CA ASP K 159 -28.40 50.86 15.63
C ASP K 159 -28.30 49.49 16.30
N GLU K 160 -27.24 49.29 17.07
CA GLU K 160 -27.01 48.04 17.74
C GLU K 160 -28.14 47.63 18.67
N GLU K 161 -28.56 48.55 19.52
CA GLU K 161 -29.63 48.29 20.48
C GLU K 161 -30.89 47.79 19.79
N THR K 162 -31.24 48.41 18.67
CA THR K 162 -32.43 48.04 17.91
C THR K 162 -32.28 46.64 17.31
N ALA K 163 -31.11 46.39 16.72
CA ALA K 163 -30.83 45.11 16.10
C ALA K 163 -30.87 43.99 17.13
N LEU K 164 -30.27 44.22 18.29
CA LEU K 164 -30.27 43.20 19.32
C LEU K 164 -31.67 42.87 19.78
N ARG K 165 -32.53 43.87 19.84
CA ARG K 165 -33.90 43.64 20.28
C ARG K 165 -34.68 42.81 19.24
N ALA K 166 -34.55 43.18 17.97
CA ALA K 166 -35.23 42.46 16.91
C ALA K 166 -34.76 41.00 16.89
N ALA K 167 -33.48 40.78 17.20
CA ALA K 167 -32.93 39.44 17.20
C ALA K 167 -33.57 38.57 18.28
N ILE K 168 -33.54 39.03 19.53
CA ILE K 168 -34.14 38.28 20.62
C ILE K 168 -35.62 38.05 20.38
N GLU K 169 -36.28 39.02 19.72
CA GLU K 169 -37.70 38.89 19.43
C GLU K 169 -37.95 37.79 18.39
N SER K 170 -37.16 37.78 17.32
CA SER K 170 -37.31 36.76 16.30
C SER K 170 -37.07 35.41 16.96
N LEU K 171 -36.10 35.31 17.86
CA LEU K 171 -35.86 34.05 18.53
C LEU K 171 -37.03 33.67 19.42
N TYR K 172 -37.71 34.69 19.94
CA TYR K 172 -38.85 34.48 20.83
C TYR K 172 -39.99 33.87 19.99
N ASP K 173 -40.23 34.46 18.81
CA ASP K 173 -41.26 33.98 17.90
C ASP K 173 -40.94 32.56 17.44
N ALA K 174 -39.65 32.25 17.32
CA ALA K 174 -39.24 30.92 16.89
C ALA K 174 -39.59 29.91 17.98
N ALA K 175 -39.25 30.22 19.23
CA ALA K 175 -39.55 29.28 20.33
C ALA K 175 -41.06 29.15 20.54
N ASP K 176 -41.80 30.16 20.09
CA ASP K 176 -43.25 30.20 20.22
C ASP K 176 -43.94 29.17 19.29
N ASP K 177 -43.32 28.89 18.13
CA ASP K 177 -43.87 27.96 17.17
C ASP K 177 -43.06 26.68 16.96
N ASP K 178 -41.86 26.61 17.50
CA ASP K 178 -41.00 25.45 17.34
C ASP K 178 -40.54 24.96 18.70
N SER K 179 -41.09 23.84 19.17
CA SER K 179 -40.74 23.29 20.47
C SER K 179 -39.27 22.92 20.58
N ALA K 180 -38.58 22.89 19.46
CA ALA K 180 -37.17 22.53 19.48
C ALA K 180 -36.26 23.73 19.69
N THR K 181 -36.85 24.91 19.79
CA THR K 181 -36.03 26.09 20.02
C THR K 181 -36.00 26.54 21.49
N GLY K 182 -37.16 26.75 22.10
CA GLY K 182 -37.07 27.15 23.50
C GLY K 182 -36.72 28.63 23.75
N GLY K 183 -37.68 29.32 24.35
CA GLY K 183 -37.51 30.73 24.65
C GLY K 183 -36.89 31.00 26.00
N PRO K 184 -36.94 32.26 26.43
CA PRO K 184 -36.41 32.75 27.70
C PRO K 184 -36.98 31.98 28.85
N ASP K 185 -36.14 31.61 29.81
CA ASP K 185 -36.60 30.89 30.98
C ASP K 185 -36.46 31.85 32.17
N LEU K 186 -37.51 32.64 32.45
CA LEU K 186 -37.44 33.59 33.57
C LEU K 186 -37.37 32.86 34.91
N THR K 187 -37.63 31.55 34.87
CA THR K 187 -37.61 30.72 36.06
C THR K 187 -36.20 30.40 36.53
N ARG K 188 -35.30 30.18 35.57
CA ARG K 188 -33.93 29.84 35.93
C ARG K 188 -32.98 30.96 35.52
N GLY K 189 -33.51 31.99 34.88
CA GLY K 189 -32.66 33.09 34.45
C GLY K 189 -31.69 32.66 33.37
N ILE K 190 -32.21 31.98 32.36
CA ILE K 190 -31.39 31.49 31.24
C ILE K 190 -31.96 32.10 29.97
N TYR K 191 -31.13 32.83 29.21
CA TYR K 191 -31.63 33.47 28.00
C TYR K 191 -30.72 33.24 26.79
N PRO K 192 -31.23 33.51 25.59
CA PRO K 192 -30.44 33.34 24.36
C PRO K 192 -29.12 34.08 24.55
N THR K 193 -28.09 33.67 23.81
CA THR K 193 -26.80 34.34 23.90
C THR K 193 -26.58 35.12 22.61
N ALA K 194 -25.64 36.05 22.62
CA ALA K 194 -25.37 36.85 21.43
C ALA K 194 -23.94 37.39 21.37
N VAL K 195 -23.53 37.76 20.16
CA VAL K 195 -22.21 38.32 19.93
C VAL K 195 -22.38 39.43 18.92
N THR K 196 -21.70 40.55 19.17
CA THR K 196 -21.78 41.68 18.26
C THR K 196 -20.36 41.96 17.79
N ILE K 197 -20.25 42.30 16.52
CA ILE K 197 -18.96 42.58 15.90
C ILE K 197 -19.03 43.92 15.21
N THR K 198 -18.02 44.74 15.48
CA THR K 198 -17.97 46.07 14.92
C THR K 198 -16.50 46.45 14.67
N GLN K 199 -16.27 47.72 14.33
CA GLN K 199 -14.93 48.26 14.08
C GLN K 199 -13.99 47.87 15.22
N ALA K 200 -14.55 47.74 16.42
CA ALA K 200 -13.78 47.41 17.60
C ALA K 200 -13.61 45.92 17.86
N GLY K 201 -14.24 45.09 17.04
CA GLY K 201 -14.09 43.66 17.24
C GLY K 201 -15.33 42.92 17.70
N ALA K 202 -15.16 41.63 17.98
CA ALA K 202 -16.26 40.81 18.40
C ALA K 202 -16.39 40.73 19.91
N VAL K 203 -17.58 41.05 20.42
CA VAL K 203 -17.82 41.04 21.85
C VAL K 203 -19.03 40.19 22.25
N HIS K 204 -18.93 39.57 23.42
CA HIS K 204 -20.03 38.77 23.95
C HIS K 204 -21.01 39.68 24.66
N VAL K 205 -22.27 39.63 24.25
CA VAL K 205 -23.28 40.45 24.89
C VAL K 205 -23.43 39.94 26.31
N SER K 206 -23.46 40.84 27.30
CA SER K 206 -23.59 40.46 28.72
C SER K 206 -24.92 39.76 28.98
N GLU K 207 -24.94 38.83 29.92
CA GLU K 207 -26.19 38.15 30.18
C GLU K 207 -27.20 39.07 30.88
N GLU K 208 -26.75 40.26 31.20
CA GLU K 208 -27.63 41.22 31.85
C GLU K 208 -28.41 41.94 30.76
N THR K 209 -27.80 42.08 29.60
CA THR K 209 -28.45 42.73 28.48
C THR K 209 -29.42 41.75 27.81
N THR K 210 -29.06 40.47 27.80
CA THR K 210 -29.92 39.46 27.21
C THR K 210 -31.12 39.31 28.14
N SER K 211 -30.85 39.25 29.44
CA SER K 211 -31.91 39.13 30.44
C SER K 211 -32.90 40.26 30.29
N GLU K 212 -32.38 41.48 30.16
CA GLU K 212 -33.20 42.67 30.02
C GLU K 212 -34.06 42.62 28.77
N LEU K 213 -33.44 42.27 27.64
CA LEU K 213 -34.16 42.18 26.38
C LEU K 213 -35.25 41.11 26.38
N ALA K 214 -34.97 40.00 27.06
CA ALA K 214 -35.92 38.90 27.17
C ALA K 214 -37.15 39.35 27.96
N ARG K 215 -36.92 39.87 29.16
CA ARG K 215 -37.98 40.37 30.04
C ARG K 215 -38.89 41.33 29.30
N ARG K 216 -38.29 42.16 28.45
CA ARG K 216 -39.03 43.15 27.69
C ARG K 216 -39.98 42.50 26.69
N ILE K 217 -39.46 41.61 25.83
CA ILE K 217 -40.29 40.93 24.83
C ILE K 217 -41.41 40.16 25.55
N VAL K 218 -41.07 39.45 26.64
CA VAL K 218 -42.07 38.71 27.38
C VAL K 218 -43.17 39.66 27.85
N ALA K 219 -42.78 40.80 28.41
CA ALA K 219 -43.76 41.78 28.89
C ALA K 219 -44.61 42.33 27.75
N GLU K 220 -43.99 42.66 26.61
CA GLU K 220 -44.76 43.17 25.47
C GLU K 220 -45.80 42.15 25.01
N ARG K 221 -45.46 40.86 25.06
CA ARG K 221 -46.38 39.82 24.65
C ARG K 221 -47.42 39.52 25.73
N THR K 222 -46.98 39.47 26.99
CA THR K 222 -47.88 39.20 28.10
C THR K 222 -48.95 40.26 28.13
N GLU K 223 -48.61 41.44 27.63
CA GLU K 223 -49.56 42.53 27.61
C GLU K 223 -50.54 42.30 26.47
N GLN K 224 -50.85 41.04 26.22
CA GLN K 224 -51.79 40.66 25.16
C GLN K 224 -51.40 41.29 23.82
N THR L 1 -29.39 -0.14 33.86
CA THR L 1 -28.28 0.54 34.58
C THR L 1 -28.65 1.96 34.92
N THR L 2 -28.12 2.47 36.04
CA THR L 2 -28.32 3.85 36.42
C THR L 2 -27.08 4.31 37.18
N ILE L 3 -26.52 5.43 36.71
CA ILE L 3 -25.35 6.03 37.32
C ILE L 3 -25.73 7.47 37.53
N VAL L 4 -25.44 7.96 38.72
CA VAL L 4 -25.80 9.31 39.08
C VAL L 4 -24.57 10.08 39.54
N ALA L 5 -24.59 11.38 39.31
CA ALA L 5 -23.50 12.26 39.70
C ALA L 5 -24.08 13.45 40.43
N LEU L 6 -23.52 13.76 41.60
CA LEU L 6 -23.97 14.88 42.41
C LEU L 6 -22.86 15.80 42.88
N THR L 7 -23.18 17.08 42.84
CA THR L 7 -22.29 18.14 43.26
C THR L 7 -22.68 18.57 44.67
N TYR L 8 -21.69 18.91 45.50
CA TYR L 8 -21.92 19.36 46.88
C TYR L 8 -20.78 20.26 47.37
N LYS L 9 -20.97 20.90 48.52
CA LYS L 9 -20.01 21.82 49.13
C LYS L 9 -18.55 21.41 48.91
N GLY L 10 -18.15 20.30 49.55
CA GLY L 10 -16.78 19.82 49.40
C GLY L 10 -16.32 19.55 47.96
N GLY L 11 -17.04 18.67 47.25
CA GLY L 11 -16.71 18.31 45.88
C GLY L 11 -17.81 17.65 45.04
N VAL L 12 -17.54 16.47 44.48
CA VAL L 12 -18.52 15.73 43.65
C VAL L 12 -18.49 14.26 43.95
N LEU L 13 -19.55 13.55 43.57
CA LEU L 13 -19.58 12.12 43.78
C LEU L 13 -20.25 11.40 42.60
N LEU L 14 -20.07 10.08 42.58
CA LEU L 14 -20.63 9.22 41.55
C LEU L 14 -21.13 7.97 42.27
N ALA L 15 -22.29 7.48 41.86
CA ALA L 15 -22.83 6.26 42.47
C ALA L 15 -23.55 5.50 41.36
N GLY L 16 -23.43 4.17 41.39
CA GLY L 16 -24.06 3.36 40.38
C GLY L 16 -24.58 2.05 40.91
N ASP L 17 -25.56 1.48 40.21
CA ASP L 17 -26.16 0.20 40.61
C ASP L 17 -25.23 -0.95 40.24
N ARG L 18 -25.61 -2.17 40.61
CA ARG L 18 -24.78 -3.35 40.39
C ARG L 18 -25.30 -4.39 39.41
N ARG L 19 -26.46 -4.14 38.81
CA ARG L 19 -27.07 -5.11 37.90
C ARG L 19 -26.63 -5.15 36.44
N ALA L 20 -26.73 -6.35 35.89
CA ALA L 20 -26.44 -6.57 34.49
C ALA L 20 -27.49 -7.55 33.99
N THR L 21 -28.16 -7.20 32.91
CA THR L 21 -29.17 -8.06 32.34
C THR L 21 -28.92 -8.38 30.86
N GLN L 22 -29.36 -9.55 30.46
CA GLN L 22 -29.26 -9.98 29.09
C GLN L 22 -30.72 -10.18 28.73
N GLY L 23 -31.35 -9.10 28.28
CA GLY L 23 -32.75 -9.17 27.94
C GLY L 23 -33.47 -9.03 29.27
N ASN L 24 -34.28 -10.04 29.59
CA ASN L 24 -35.01 -10.01 30.85
C ASN L 24 -34.21 -10.76 31.93
N LEU L 25 -33.37 -11.70 31.50
CA LEU L 25 -32.55 -12.48 32.41
C LEU L 25 -31.50 -11.64 33.15
N ILE L 26 -31.29 -11.96 34.42
CA ILE L 26 -30.29 -11.23 35.20
C ILE L 26 -28.95 -11.93 35.03
N ALA L 27 -27.95 -11.18 34.58
CA ALA L 27 -26.64 -11.77 34.33
C ALA L 27 -25.58 -11.48 35.37
N SER L 28 -25.77 -10.46 36.18
CA SER L 28 -24.80 -10.14 37.20
C SER L 28 -25.45 -9.37 38.32
N ARG L 29 -24.91 -9.54 39.53
CA ARG L 29 -25.43 -8.89 40.72
C ARG L 29 -24.40 -8.01 41.41
N ASP L 30 -23.16 -8.01 40.91
CA ASP L 30 -22.09 -7.22 41.53
C ASP L 30 -21.23 -6.41 40.57
N VAL L 31 -21.81 -5.90 39.50
CA VAL L 31 -21.05 -5.12 38.52
C VAL L 31 -20.53 -3.81 39.13
N GLU L 32 -19.28 -3.49 38.84
CA GLU L 32 -18.67 -2.26 39.32
C GLU L 32 -18.79 -1.28 38.17
N LYS L 33 -19.55 -0.22 38.35
CA LYS L 33 -19.73 0.72 37.25
C LYS L 33 -19.07 2.08 37.46
N VAL L 34 -18.48 2.28 38.63
CA VAL L 34 -17.83 3.55 38.93
C VAL L 34 -16.36 3.31 39.21
N TYR L 35 -15.52 4.05 38.49
CA TYR L 35 -14.09 3.91 38.67
C TYR L 35 -13.41 5.24 38.92
N VAL L 36 -12.38 5.20 39.76
CA VAL L 36 -11.59 6.38 40.05
C VAL L 36 -10.68 6.45 38.83
N THR L 37 -10.71 7.55 38.09
CA THR L 37 -9.87 7.62 36.90
C THR L 37 -8.50 8.27 37.16
N ASP L 38 -8.38 8.96 38.31
CA ASP L 38 -7.13 9.57 38.77
C ASP L 38 -7.39 10.35 40.06
N GLU L 39 -6.32 10.83 40.70
CA GLU L 39 -6.41 11.58 41.95
C GLU L 39 -7.65 12.45 42.14
N TYR L 40 -8.01 13.21 41.11
CA TYR L 40 -9.15 14.10 41.24
C TYR L 40 -10.30 13.90 40.23
N SER L 41 -10.51 12.66 39.80
CA SER L 41 -11.59 12.40 38.85
C SER L 41 -12.06 10.95 38.87
N ALA L 42 -13.32 10.75 38.49
CA ALA L 42 -13.89 9.43 38.45
C ALA L 42 -14.89 9.38 37.29
N ALA L 43 -15.21 8.17 36.85
CA ALA L 43 -16.14 8.04 35.75
C ALA L 43 -17.04 6.82 35.90
N GLY L 44 -18.28 6.96 35.46
CA GLY L 44 -19.22 5.86 35.49
C GLY L 44 -19.57 5.53 34.05
N ILE L 45 -19.86 4.27 33.76
CA ILE L 45 -20.21 3.90 32.39
C ILE L 45 -21.47 3.05 32.26
N ALA L 46 -22.24 3.35 31.21
CA ALA L 46 -23.45 2.62 30.89
C ALA L 46 -23.29 2.09 29.47
N GLY L 47 -23.83 0.90 29.23
CA GLY L 47 -23.72 0.30 27.92
C GLY L 47 -22.93 -0.99 27.96
N THR L 48 -22.77 -1.62 26.80
CA THR L 48 -22.03 -2.87 26.61
C THR L 48 -20.85 -3.01 27.58
N ALA L 49 -21.06 -3.70 28.69
CA ALA L 49 -19.99 -3.87 29.68
C ALA L 49 -18.65 -4.31 29.09
N GLY L 50 -18.69 -5.17 28.08
CA GLY L 50 -17.46 -5.65 27.45
C GLY L 50 -16.54 -4.49 27.12
N ILE L 51 -17.05 -3.58 26.32
CA ILE L 51 -16.31 -2.41 25.90
C ILE L 51 -16.10 -1.35 27.00
N ALA L 52 -17.17 -0.99 27.70
CA ALA L 52 -17.15 0.04 28.75
C ALA L 52 -16.09 -0.07 29.84
N ILE L 53 -16.02 -1.22 30.50
CA ILE L 53 -15.06 -1.40 31.57
C ILE L 53 -13.62 -1.26 31.09
N GLU L 54 -13.27 -1.85 29.95
CA GLU L 54 -11.90 -1.72 29.48
C GLU L 54 -11.58 -0.34 28.94
N LEU L 55 -12.62 0.36 28.49
CA LEU L 55 -12.46 1.71 27.96
C LEU L 55 -12.10 2.68 29.08
N VAL L 56 -12.82 2.59 30.19
CA VAL L 56 -12.57 3.48 31.32
C VAL L 56 -11.22 3.12 31.94
N ARG L 57 -10.81 1.87 31.79
CA ARG L 57 -9.53 1.39 32.29
C ARG L 57 -8.42 2.04 31.47
N LEU L 58 -8.59 2.06 30.15
CA LEU L 58 -7.61 2.65 29.25
C LEU L 58 -7.53 4.16 29.53
N PHE L 59 -8.68 4.77 29.80
CA PHE L 59 -8.75 6.18 30.12
C PHE L 59 -7.81 6.49 31.30
N ALA L 60 -7.98 5.70 32.36
CA ALA L 60 -7.18 5.86 33.57
C ALA L 60 -5.69 5.76 33.24
N VAL L 61 -5.34 4.74 32.47
CA VAL L 61 -3.96 4.56 32.08
C VAL L 61 -3.47 5.79 31.30
N GLU L 62 -4.26 6.25 30.35
CA GLU L 62 -3.88 7.40 29.53
C GLU L 62 -3.61 8.64 30.39
N LEU L 63 -4.44 8.88 31.40
CA LEU L 63 -4.25 10.04 32.25
C LEU L 63 -2.94 9.97 33.03
N GLU L 64 -2.63 8.79 33.55
CA GLU L 64 -1.43 8.62 34.33
C GLU L 64 -0.20 8.65 33.44
N HIS L 65 -0.36 8.18 32.22
CA HIS L 65 0.73 8.17 31.27
C HIS L 65 1.09 9.62 30.96
N TYR L 66 0.07 10.46 30.76
CA TYR L 66 0.32 11.86 30.45
C TYR L 66 1.14 12.47 31.56
N GLU L 67 0.70 12.26 32.80
CA GLU L 67 1.40 12.83 33.94
C GLU L 67 2.85 12.35 34.06
N LYS L 68 3.09 11.07 33.86
CA LYS L 68 4.45 10.57 33.96
C LYS L 68 5.37 11.13 32.85
N ILE L 69 4.82 11.36 31.67
CA ILE L 69 5.61 11.88 30.57
C ILE L 69 5.82 13.38 30.70
N GLU L 70 4.77 14.13 31.02
CA GLU L 70 4.86 15.57 31.12
C GLU L 70 5.26 16.09 32.51
N GLY L 71 5.15 15.24 33.53
CA GLY L 71 5.49 15.66 34.88
C GLY L 71 4.41 16.52 35.48
N VAL L 72 3.31 16.67 34.75
CA VAL L 72 2.19 17.47 35.22
C VAL L 72 0.90 16.80 34.79
N PRO L 73 -0.08 16.72 35.68
CA PRO L 73 -1.35 16.10 35.32
C PRO L 73 -2.11 17.02 34.36
N LEU L 74 -3.09 16.47 33.65
CA LEU L 74 -3.89 17.23 32.71
C LEU L 74 -4.92 18.10 33.42
N THR L 75 -5.40 19.12 32.73
CA THR L 75 -6.45 19.98 33.25
C THR L 75 -7.70 19.11 33.32
N PHE L 76 -8.69 19.48 34.14
CA PHE L 76 -9.89 18.68 34.16
C PHE L 76 -10.49 18.68 32.74
N ASP L 77 -10.59 19.87 32.14
CA ASP L 77 -11.13 19.97 30.79
C ASP L 77 -10.34 19.11 29.82
N GLY L 78 -9.03 19.04 30.03
CA GLY L 78 -8.20 18.22 29.18
C GLY L 78 -8.57 16.76 29.37
N LYS L 79 -8.88 16.35 30.60
CA LYS L 79 -9.24 14.96 30.82
C LYS L 79 -10.57 14.66 30.12
N ALA L 80 -11.47 15.63 30.16
CA ALA L 80 -12.78 15.45 29.54
C ALA L 80 -12.64 15.35 28.03
N ASN L 81 -11.75 16.15 27.46
CA ASN L 81 -11.59 16.12 26.02
C ASN L 81 -11.04 14.78 25.57
N ARG L 82 -10.18 14.19 26.40
CA ARG L 82 -9.61 12.89 26.09
C ARG L 82 -10.65 11.78 26.12
N LEU L 83 -11.58 11.86 27.06
CA LEU L 83 -12.62 10.84 27.17
C LEU L 83 -13.49 10.94 25.91
N ALA L 84 -13.79 12.18 25.52
CA ALA L 84 -14.58 12.44 24.34
C ALA L 84 -13.95 11.76 23.15
N SER L 85 -12.65 11.89 23.03
CA SER L 85 -11.93 11.30 21.91
C SER L 85 -12.13 9.79 21.93
N MET L 86 -12.11 9.18 23.12
CA MET L 86 -12.28 7.73 23.20
C MET L 86 -13.71 7.31 22.85
N VAL L 87 -14.68 8.13 23.25
CA VAL L 87 -16.07 7.83 22.95
C VAL L 87 -16.27 7.94 21.44
N ARG L 88 -15.64 8.95 20.86
CA ARG L 88 -15.74 9.19 19.44
C ARG L 88 -15.14 8.01 18.70
N GLY L 89 -14.08 7.44 19.23
CA GLY L 89 -13.46 6.32 18.58
C GLY L 89 -14.25 5.03 18.67
N ASN L 90 -15.40 5.09 19.34
CA ASN L 90 -16.22 3.88 19.47
C ASN L 90 -17.50 4.01 18.67
N LEU L 91 -17.66 5.14 17.98
CA LEU L 91 -18.85 5.38 17.17
C LEU L 91 -19.13 4.19 16.28
N GLY L 92 -18.08 3.65 15.67
CA GLY L 92 -18.25 2.50 14.80
C GLY L 92 -19.00 1.39 15.52
N ALA L 93 -18.42 0.92 16.62
CA ALA L 93 -19.07 -0.13 17.37
C ALA L 93 -20.47 0.29 17.80
N ALA L 94 -20.64 1.52 18.25
CA ALA L 94 -21.96 1.98 18.68
C ALA L 94 -23.02 1.82 17.58
N MET L 95 -22.63 2.06 16.34
CA MET L 95 -23.58 1.96 15.25
C MET L 95 -23.94 0.51 14.96
N GLN L 96 -23.27 -0.43 15.62
CA GLN L 96 -23.57 -1.85 15.43
C GLN L 96 -24.20 -2.44 16.68
N GLY L 97 -24.60 -1.56 17.59
CA GLY L 97 -25.22 -2.01 18.83
C GLY L 97 -24.33 -2.05 20.06
N LEU L 98 -23.01 -1.89 19.89
CA LEU L 98 -22.10 -1.93 21.03
C LEU L 98 -21.74 -0.54 21.57
N ALA L 99 -22.75 0.27 21.85
CA ALA L 99 -22.54 1.62 22.36
C ALA L 99 -22.22 1.69 23.85
N VAL L 100 -21.47 2.72 24.24
CA VAL L 100 -21.13 2.94 25.64
C VAL L 100 -21.14 4.42 25.89
N VAL L 101 -21.66 4.84 27.04
CA VAL L 101 -21.71 6.24 27.36
C VAL L 101 -21.26 6.45 28.79
N PRO L 102 -20.21 7.26 28.97
CA PRO L 102 -19.67 7.55 30.29
C PRO L 102 -20.23 8.83 30.89
N LEU L 103 -20.02 8.98 32.19
CA LEU L 103 -20.42 10.17 32.96
C LEU L 103 -19.14 10.48 33.73
N LEU L 104 -18.60 11.67 33.54
CA LEU L 104 -17.34 12.06 34.19
C LEU L 104 -17.53 13.13 35.25
N VAL L 105 -16.86 12.95 36.39
CA VAL L 105 -16.88 13.93 37.47
C VAL L 105 -15.45 14.19 37.93
N GLY L 106 -15.22 15.34 38.55
CA GLY L 106 -13.89 15.64 39.03
C GLY L 106 -13.83 16.88 39.90
N TYR L 107 -12.77 17.00 40.68
CA TYR L 107 -12.55 18.18 41.52
C TYR L 107 -11.52 19.00 40.72
N ASP L 108 -11.98 20.10 40.14
CA ASP L 108 -11.12 20.96 39.32
C ASP L 108 -10.08 21.74 40.14
N LEU L 109 -8.84 21.26 40.12
CA LEU L 109 -7.79 21.95 40.87
C LEU L 109 -7.59 23.40 40.42
N ASP L 110 -7.92 23.69 39.16
CA ASP L 110 -7.76 25.02 38.60
C ASP L 110 -9.03 25.85 38.71
N ALA L 111 -9.95 25.41 39.55
CA ALA L 111 -11.20 26.13 39.75
C ALA L 111 -10.99 27.30 40.71
N ASP L 112 -11.67 28.40 40.43
CA ASP L 112 -11.61 29.62 41.24
C ASP L 112 -12.31 29.40 42.57
N ASP L 113 -13.62 29.17 42.49
CA ASP L 113 -14.43 28.93 43.66
C ASP L 113 -14.15 27.52 44.18
N GLU L 114 -13.27 27.40 45.18
CA GLU L 114 -12.92 26.09 45.72
C GLU L 114 -14.06 25.29 46.34
N SER L 115 -15.20 25.93 46.56
CA SER L 115 -16.35 25.24 47.14
C SER L 115 -17.22 24.69 46.02
N ARG L 116 -16.92 25.13 44.82
CA ARG L 116 -17.63 24.73 43.61
C ARG L 116 -16.70 24.19 42.52
N ALA L 117 -15.63 23.54 42.97
CA ALA L 117 -14.63 22.96 42.08
C ALA L 117 -15.14 21.62 41.56
N GLY L 118 -16.23 21.14 42.15
CA GLY L 118 -16.81 19.88 41.73
C GLY L 118 -17.50 20.09 40.39
N ARG L 119 -17.22 19.21 39.43
CA ARG L 119 -17.81 19.30 38.11
C ARG L 119 -18.38 17.99 37.58
N ILE L 120 -19.39 18.12 36.72
CA ILE L 120 -20.06 16.98 36.11
C ILE L 120 -20.10 17.18 34.59
N VAL L 121 -19.62 16.19 33.86
CA VAL L 121 -19.61 16.25 32.40
C VAL L 121 -20.26 15.01 31.81
N SER L 122 -21.30 15.20 30.99
CA SER L 122 -22.00 14.07 30.34
C SER L 122 -21.55 13.99 28.88
N TYR L 123 -21.76 12.81 28.28
CA TYR L 123 -21.36 12.58 26.90
C TYR L 123 -22.42 12.08 25.93
N ASP L 124 -22.05 12.18 24.66
CA ASP L 124 -22.81 11.78 23.47
C ASP L 124 -22.28 10.50 22.98
N VAL L 125 -23.02 9.90 22.07
CA VAL L 125 -22.54 8.67 21.47
C VAL L 125 -21.56 9.07 20.36
N VAL L 126 -21.66 10.33 19.91
CA VAL L 126 -20.75 10.80 18.86
C VAL L 126 -19.48 11.44 19.42
N GLY L 127 -19.35 11.48 20.74
CA GLY L 127 -18.17 12.07 21.34
C GLY L 127 -18.39 13.45 21.94
N GLY L 128 -19.58 13.99 21.80
CA GLY L 128 -19.86 15.30 22.38
C GLY L 128 -19.72 15.26 23.90
N ARG L 129 -19.34 16.40 24.50
CA ARG L 129 -19.18 16.47 25.95
C ARG L 129 -19.99 17.65 26.42
N TYR L 130 -20.66 17.52 27.57
CA TYR L 130 -21.46 18.63 28.07
C TYR L 130 -21.35 18.93 29.57
N GLU L 131 -21.16 20.21 29.90
CA GLU L 131 -21.08 20.64 31.30
C GLU L 131 -22.48 20.53 31.84
N GLU L 132 -22.63 19.90 32.99
CA GLU L 132 -23.96 19.78 33.53
C GLU L 132 -24.39 20.99 34.36
N ARG L 133 -23.70 21.25 35.45
CA ARG L 133 -24.05 22.40 36.28
C ARG L 133 -25.53 22.60 36.60
N ALA L 134 -26.15 21.58 37.20
CA ALA L 134 -27.54 21.66 37.60
C ALA L 134 -27.51 21.08 39.01
N GLY L 135 -26.35 20.52 39.35
CA GLY L 135 -26.15 19.94 40.65
C GLY L 135 -26.04 18.44 40.59
N TYR L 136 -26.73 17.85 39.62
CA TYR L 136 -26.72 16.40 39.45
C TYR L 136 -26.99 16.02 38.00
N HIS L 137 -26.84 14.74 37.71
CA HIS L 137 -27.09 14.23 36.39
C HIS L 137 -27.07 12.71 36.47
N ALA L 138 -27.59 12.04 35.45
CA ALA L 138 -27.60 10.59 35.47
C ALA L 138 -27.56 10.01 34.07
N VAL L 139 -27.15 8.75 33.97
CA VAL L 139 -27.10 8.06 32.70
C VAL L 139 -27.51 6.62 32.88
N GLY L 140 -28.00 6.04 31.79
CA GLY L 140 -28.43 4.65 31.82
C GLY L 140 -29.94 4.60 31.68
N SER L 141 -30.44 3.37 31.54
CA SER L 141 -31.87 3.09 31.37
C SER L 141 -32.76 3.68 32.46
N GLY L 142 -32.25 3.76 33.69
CA GLY L 142 -33.06 4.31 34.77
C GLY L 142 -32.83 5.79 35.06
N SER L 143 -31.94 6.42 34.31
CA SER L 143 -31.60 7.83 34.51
C SER L 143 -32.78 8.79 34.60
N LEU L 144 -33.79 8.52 33.80
CA LEU L 144 -35.00 9.33 33.75
C LEU L 144 -35.63 9.45 35.16
N PHE L 145 -35.77 8.30 35.81
CA PHE L 145 -36.37 8.26 37.13
C PHE L 145 -35.48 8.87 38.19
N ALA L 146 -34.19 8.54 38.13
CA ALA L 146 -33.23 9.09 39.09
C ALA L 146 -33.23 10.62 38.99
N LYS L 147 -33.20 11.17 37.79
CA LYS L 147 -33.20 12.62 37.67
C LYS L 147 -34.46 13.26 38.22
N SER L 148 -35.60 12.63 38.00
CA SER L 148 -36.86 13.19 38.47
C SER L 148 -36.93 13.12 39.99
N ALA L 149 -36.29 12.11 40.58
CA ALA L 149 -36.30 11.98 42.02
C ALA L 149 -35.40 13.09 42.56
N LEU L 150 -34.20 13.20 42.00
CA LEU L 150 -33.24 14.22 42.44
C LEU L 150 -33.80 15.62 42.32
N LYS L 151 -34.60 15.87 41.30
CA LYS L 151 -35.19 17.19 41.08
C LYS L 151 -35.99 17.61 42.32
N LYS L 152 -36.42 16.63 43.11
CA LYS L 152 -37.21 16.91 44.31
C LYS L 152 -36.40 16.78 45.61
N ILE L 153 -35.52 15.79 45.72
CA ILE L 153 -34.78 15.59 46.95
C ILE L 153 -33.37 16.17 47.02
N TYR L 154 -32.86 16.70 45.91
CA TYR L 154 -31.51 17.26 45.89
C TYR L 154 -31.43 18.67 46.48
N SER L 155 -30.36 18.91 47.25
CA SER L 155 -30.12 20.22 47.84
C SER L 155 -28.75 20.73 47.44
N PRO L 156 -28.72 21.88 46.76
CA PRO L 156 -27.44 22.45 46.33
C PRO L 156 -26.53 22.83 47.51
N ASP L 157 -25.23 22.62 47.32
CA ASP L 157 -24.23 22.93 48.34
C ASP L 157 -24.44 22.22 49.67
N SER L 158 -25.08 21.05 49.63
CA SER L 158 -25.30 20.28 50.83
C SER L 158 -23.96 19.67 51.24
N ASP L 159 -23.94 18.94 52.34
CA ASP L 159 -22.69 18.33 52.76
C ASP L 159 -22.59 16.97 52.11
N GLU L 160 -21.46 16.32 52.27
CA GLU L 160 -21.23 15.00 51.69
C GLU L 160 -22.23 13.95 52.09
N GLU L 161 -22.48 13.85 53.39
CA GLU L 161 -23.42 12.87 53.94
C GLU L 161 -24.80 13.00 53.30
N THR L 162 -25.26 14.23 53.13
CA THR L 162 -26.56 14.50 52.54
C THR L 162 -26.59 14.12 51.05
N ALA L 163 -25.52 14.48 50.34
CA ALA L 163 -25.42 14.18 48.93
C ALA L 163 -25.39 12.67 48.71
N LEU L 164 -24.61 11.96 49.51
CA LEU L 164 -24.53 10.53 49.37
C LEU L 164 -25.89 9.87 49.59
N ARG L 165 -26.66 10.40 50.53
CA ARG L 165 -27.98 9.81 50.81
C ARG L 165 -28.95 10.04 49.64
N ALA L 166 -28.95 11.25 49.11
CA ALA L 166 -29.83 11.57 47.98
C ALA L 166 -29.46 10.71 46.78
N ALA L 167 -28.18 10.43 46.61
CA ALA L 167 -27.70 9.62 45.50
C ALA L 167 -28.23 8.20 45.59
N ILE L 168 -28.03 7.53 46.72
CA ILE L 168 -28.50 6.17 46.88
C ILE L 168 -30.03 6.12 46.77
N GLU L 169 -30.69 7.19 47.20
CA GLU L 169 -32.15 7.24 47.13
C GLU L 169 -32.61 7.34 45.67
N SER L 170 -31.97 8.22 44.89
CA SER L 170 -32.32 8.36 43.48
C SER L 170 -32.09 7.01 42.80
N LEU L 171 -31.01 6.31 43.15
CA LEU L 171 -30.76 4.99 42.55
C LEU L 171 -31.83 4.00 42.98
N TYR L 172 -32.36 4.18 44.18
CA TYR L 172 -33.40 3.28 44.70
C TYR L 172 -34.68 3.49 43.87
N ASP L 173 -35.01 4.76 43.63
CA ASP L 173 -36.18 5.10 42.84
C ASP L 173 -36.03 4.57 41.42
N ALA L 174 -34.79 4.56 40.93
CA ALA L 174 -34.52 4.07 39.58
C ALA L 174 -34.80 2.57 39.53
N ALA L 175 -34.27 1.81 40.48
CA ALA L 175 -34.48 0.36 40.48
C ALA L 175 -35.95 0.02 40.71
N ASP L 176 -36.67 0.96 41.33
CA ASP L 176 -38.08 0.77 41.64
C ASP L 176 -38.96 0.81 40.37
N ASP L 177 -38.52 1.56 39.36
CA ASP L 177 -39.27 1.68 38.10
C ASP L 177 -38.59 1.10 36.86
N ASP L 178 -37.33 0.69 36.98
CA ASP L 178 -36.58 0.14 35.85
C ASP L 178 -35.97 -1.20 36.27
N SER L 179 -36.54 -2.28 35.76
CA SER L 179 -36.04 -3.61 36.10
C SER L 179 -34.60 -3.83 35.67
N ALA L 180 -34.07 -2.93 34.86
CA ALA L 180 -32.69 -3.09 34.39
C ALA L 180 -31.69 -2.42 35.33
N THR L 181 -32.17 -1.79 36.41
CA THR L 181 -31.26 -1.16 37.36
C THR L 181 -31.03 -2.00 38.60
N GLY L 182 -32.05 -2.43 39.30
CA GLY L 182 -31.76 -3.26 40.47
C GLY L 182 -31.27 -2.50 41.70
N GLY L 183 -32.08 -2.59 42.75
CA GLY L 183 -31.76 -1.92 43.99
C GLY L 183 -30.96 -2.77 44.95
N PRO L 184 -30.85 -2.32 46.21
CA PRO L 184 -30.12 -2.95 47.30
C PRO L 184 -30.60 -4.36 47.49
N ASP L 185 -29.66 -5.28 47.70
CA ASP L 185 -30.01 -6.68 47.92
C ASP L 185 -29.65 -7.00 49.38
N LEU L 186 -30.57 -6.75 50.30
CA LEU L 186 -30.29 -7.03 51.71
C LEU L 186 -30.08 -8.52 51.97
N THR L 187 -30.44 -9.33 50.98
CA THR L 187 -30.31 -10.78 51.08
C THR L 187 -28.87 -11.26 50.91
N ARG L 188 -28.11 -10.61 50.02
CA ARG L 188 -26.73 -11.00 49.78
C ARG L 188 -25.78 -9.90 50.26
N GLY L 189 -26.34 -8.81 50.76
CA GLY L 189 -25.50 -7.73 51.23
C GLY L 189 -24.70 -7.10 50.09
N ILE L 190 -25.40 -6.76 49.00
CA ILE L 190 -24.76 -6.16 47.84
C ILE L 190 -25.45 -4.81 47.60
N TYR L 191 -24.69 -3.73 47.57
CA TYR L 191 -25.30 -2.43 47.38
C TYR L 191 -24.59 -1.56 46.34
N PRO L 192 -25.25 -0.47 45.90
CA PRO L 192 -24.65 0.43 44.91
C PRO L 192 -23.26 0.82 45.39
N THR L 193 -22.38 1.21 44.47
CA THR L 193 -21.04 1.63 44.87
C THR L 193 -20.96 3.13 44.64
N ALA L 194 -19.96 3.77 45.24
CA ALA L 194 -19.81 5.22 45.08
C ALA L 194 -18.38 5.71 45.30
N VAL L 195 -18.11 6.89 44.76
CA VAL L 195 -16.81 7.51 44.87
C VAL L 195 -17.05 8.98 45.12
N THR L 196 -16.27 9.54 46.06
CA THR L 196 -16.38 10.95 46.37
C THR L 196 -15.02 11.57 46.09
N ILE L 197 -15.06 12.77 45.54
CA ILE L 197 -13.85 13.51 45.22
C ILE L 197 -13.94 14.88 45.84
N THR L 198 -12.87 15.27 46.52
CA THR L 198 -12.80 16.54 47.19
C THR L 198 -11.35 17.08 47.12
N GLN L 199 -11.11 18.16 47.86
CA GLN L 199 -9.79 18.77 47.93
C GLN L 199 -8.72 17.70 48.22
N ALA L 200 -9.12 16.67 48.95
CA ALA L 200 -8.22 15.59 49.32
C ALA L 200 -8.09 14.46 48.29
N GLY L 201 -8.88 14.52 47.23
CA GLY L 201 -8.79 13.48 46.22
C GLY L 201 -10.01 12.59 46.10
N ALA L 202 -9.90 11.57 45.26
CA ALA L 202 -11.00 10.65 45.03
C ALA L 202 -10.92 9.42 45.92
N VAL L 203 -12.01 9.16 46.66
CA VAL L 203 -12.04 8.03 47.56
C VAL L 203 -13.24 7.09 47.33
N HIS L 204 -13.02 5.80 47.55
CA HIS L 204 -14.06 4.80 47.40
C HIS L 204 -14.88 4.76 48.67
N VAL L 205 -16.18 4.97 48.56
CA VAL L 205 -17.04 4.92 49.73
C VAL L 205 -17.03 3.48 50.24
N SER L 206 -16.87 3.29 51.55
CA SER L 206 -16.82 1.96 52.15
C SER L 206 -18.14 1.23 51.96
N GLU L 207 -18.11 -0.08 51.81
CA GLU L 207 -19.36 -0.80 51.61
C GLU L 207 -20.18 -0.83 52.88
N GLU L 208 -19.62 -0.29 53.96
CA GLU L 208 -20.33 -0.23 55.22
C GLU L 208 -21.21 0.99 55.20
N THR L 209 -20.75 2.03 54.52
CA THR L 209 -21.51 3.26 54.41
C THR L 209 -22.63 3.09 53.39
N THR L 210 -22.35 2.32 52.34
CA THR L 210 -23.34 2.08 51.31
C THR L 210 -24.43 1.19 51.92
N SER L 211 -23.99 0.16 52.66
CA SER L 211 -24.91 -0.76 53.30
C SER L 211 -25.84 0.01 54.24
N GLU L 212 -25.26 0.90 55.03
CA GLU L 212 -26.02 1.71 55.99
C GLU L 212 -27.04 2.59 55.27
N LEU L 213 -26.61 3.28 54.23
CA LEU L 213 -27.49 4.16 53.47
C LEU L 213 -28.63 3.41 52.80
N ALA L 214 -28.34 2.21 52.31
CA ALA L 214 -29.33 1.36 51.66
C ALA L 214 -30.41 0.96 52.66
N ARG L 215 -29.97 0.35 53.78
CA ARG L 215 -30.86 -0.08 54.85
C ARG L 215 -31.81 1.04 55.27
N ARG L 216 -31.27 2.26 55.29
CA ARG L 216 -32.04 3.43 55.69
C ARG L 216 -33.18 3.72 54.70
N ILE L 217 -32.82 3.86 53.42
CA ILE L 217 -33.83 4.14 52.39
C ILE L 217 -34.89 3.03 52.40
N VAL L 218 -34.43 1.78 52.48
CA VAL L 218 -35.38 0.69 52.49
C VAL L 218 -36.35 0.85 53.66
N ALA L 219 -35.80 1.17 54.83
CA ALA L 219 -36.62 1.35 56.03
C ALA L 219 -37.61 2.52 55.86
N GLU L 220 -37.14 3.63 55.32
CA GLU L 220 -38.01 4.78 55.11
C GLU L 220 -39.17 4.43 54.18
N ARG L 221 -38.90 3.59 53.19
CA ARG L 221 -39.95 3.19 52.24
C ARG L 221 -40.84 2.09 52.82
N THR L 222 -40.23 1.14 53.51
CA THR L 222 -40.99 0.04 54.11
C THR L 222 -41.98 0.62 55.10
N GLU L 223 -41.64 1.76 55.65
CA GLU L 223 -42.51 2.42 56.61
C GLU L 223 -43.64 3.10 55.87
N GLN L 224 -44.08 2.48 54.77
CA GLN L 224 -45.17 2.98 53.94
C GLN L 224 -44.93 4.45 53.57
N THR M 1 -24.61 -28.12 24.98
CA THR M 1 -23.36 -28.15 25.78
C THR M 1 -23.58 -27.52 27.13
N THR M 2 -22.87 -28.04 28.14
CA THR M 2 -22.92 -27.45 29.47
C THR M 2 -21.56 -27.67 30.13
N ILE M 3 -20.99 -26.57 30.60
CA ILE M 3 -19.72 -26.57 31.29
C ILE M 3 -19.97 -25.83 32.57
N VAL M 4 -19.52 -26.41 33.66
CA VAL M 4 -19.71 -25.85 34.97
C VAL M 4 -18.36 -25.63 35.68
N ALA M 5 -18.33 -24.61 36.53
CA ALA M 5 -17.14 -24.29 37.29
C ALA M 5 -17.55 -24.14 38.75
N LEU M 6 -16.80 -24.79 39.64
CA LEU M 6 -17.06 -24.73 41.08
C LEU M 6 -15.83 -24.44 41.93
N THR M 7 -16.05 -23.60 42.92
CA THR M 7 -15.04 -23.19 43.87
C THR M 7 -15.21 -24.05 45.16
N TYR M 8 -14.09 -24.41 45.78
CA TYR M 8 -14.10 -25.19 47.03
C TYR M 8 -12.84 -24.91 47.87
N LYS M 9 -12.84 -25.41 49.10
CA LYS M 9 -11.73 -25.23 50.06
C LYS M 9 -10.36 -25.24 49.38
N GLY M 10 -9.95 -26.42 48.90
CA GLY M 10 -8.65 -26.52 48.22
C GLY M 10 -8.42 -25.55 47.06
N GLY M 11 -9.27 -25.63 46.03
CA GLY M 11 -9.15 -24.76 44.86
C GLY M 11 -10.40 -24.59 43.99
N VAL M 12 -10.30 -24.93 42.69
CA VAL M 12 -11.43 -24.82 41.76
C VAL M 12 -11.46 -25.98 40.82
N LEU M 13 -12.62 -26.19 40.17
CA LEU M 13 -12.73 -27.28 39.21
C LEU M 13 -13.60 -26.87 38.01
N LEU M 14 -13.51 -27.68 36.97
CA LEU M 14 -14.27 -27.48 35.74
C LEU M 14 -14.73 -28.85 35.31
N ALA M 15 -15.97 -28.93 34.84
CA ALA M 15 -16.52 -30.20 34.36
C ALA M 15 -17.41 -29.90 33.17
N GLY M 16 -17.39 -30.77 32.18
CA GLY M 16 -18.21 -30.55 31.01
C GLY M 16 -18.73 -31.82 30.39
N ASP M 17 -19.83 -31.70 29.64
CA ASP M 17 -20.44 -32.86 28.99
C ASP M 17 -19.65 -33.26 27.77
N ARG M 18 -20.07 -34.34 27.11
CA ARG M 18 -19.36 -34.88 25.94
C ARG M 18 -20.07 -34.84 24.61
N ARG M 19 -21.28 -34.27 24.58
CA ARG M 19 -22.09 -34.23 23.36
C ARG M 19 -21.85 -33.10 22.36
N ALA M 20 -22.11 -33.44 21.10
CA ALA M 20 -22.04 -32.48 20.01
C ALA M 20 -23.22 -32.80 19.11
N THR M 21 -24.01 -31.78 18.79
CA THR M 21 -25.15 -31.97 17.91
C THR M 21 -25.11 -31.04 16.71
N GLN M 22 -25.71 -31.50 15.62
CA GLN M 22 -25.81 -30.72 14.41
C GLN M 22 -27.32 -30.67 14.25
N GLY M 23 -27.91 -29.66 14.86
CA GLY M 23 -29.34 -29.53 14.82
C GLY M 23 -29.87 -30.51 15.85
N ASN M 24 -30.70 -31.46 15.40
CA ASN M 24 -31.25 -32.46 16.31
C ASN M 24 -30.35 -33.71 16.28
N LEU M 25 -29.62 -33.89 15.19
CA LEU M 25 -28.74 -35.04 15.03
C LEU M 25 -27.55 -35.01 15.99
N ILE M 26 -27.19 -36.17 16.52
CA ILE M 26 -26.05 -36.25 17.42
C ILE M 26 -24.80 -36.48 16.59
N ALA M 27 -23.82 -35.61 16.75
CA ALA M 27 -22.60 -35.71 15.96
C ALA M 27 -21.39 -36.26 16.67
N SER M 28 -21.40 -36.25 18.00
CA SER M 28 -20.27 -36.77 18.74
C SER M 28 -20.72 -37.18 20.13
N ARG M 29 -20.05 -38.19 20.67
CA ARG M 29 -20.35 -38.71 22.00
C ARG M 29 -19.18 -38.59 22.96
N ASP M 30 -18.02 -38.14 22.47
CA ASP M 30 -16.82 -38.04 23.30
C ASP M 30 -16.03 -36.73 23.20
N VAL M 31 -16.72 -35.62 23.02
CA VAL M 31 -16.05 -34.33 22.89
C VAL M 31 -15.38 -33.93 24.20
N GLU M 32 -14.16 -33.43 24.11
CA GLU M 32 -13.40 -32.97 25.28
C GLU M 32 -13.63 -31.47 25.31
N LYS M 33 -14.27 -30.97 26.34
CA LYS M 33 -14.53 -29.54 26.39
C LYS M 33 -13.77 -28.79 27.49
N VAL M 34 -13.00 -29.53 28.28
CA VAL M 34 -12.23 -28.91 29.35
C VAL M 34 -10.76 -29.17 29.15
N TYR M 35 -9.97 -28.11 29.16
CA TYR M 35 -8.55 -28.24 28.96
C TYR M 35 -7.74 -27.55 30.03
N VAL M 36 -6.62 -28.17 30.38
CA VAL M 36 -5.71 -27.58 31.35
C VAL M 36 -4.98 -26.55 30.52
N THR M 37 -5.04 -25.27 30.90
CA THR M 37 -4.35 -24.26 30.10
C THR M 37 -2.90 -23.97 30.56
N ASP M 38 -2.59 -24.39 31.79
CA ASP M 38 -1.25 -24.28 32.39
C ASP M 38 -1.27 -24.80 33.83
N GLU M 39 -0.10 -24.90 34.44
CA GLU M 39 0.03 -25.40 35.81
C GLU M 39 -1.11 -25.06 36.76
N TYR M 40 -1.56 -23.81 36.76
CA TYR M 40 -2.62 -23.41 37.67
C TYR M 40 -3.89 -22.84 37.06
N SER M 41 -4.25 -23.28 35.86
CA SER M 41 -5.46 -22.80 35.22
C SER M 41 -6.03 -23.77 34.19
N ALA M 42 -7.34 -23.68 33.97
CA ALA M 42 -7.99 -24.54 33.00
C ALA M 42 -9.13 -23.76 32.39
N ALA M 43 -9.61 -24.21 31.23
CA ALA M 43 -10.69 -23.51 30.57
C ALA M 43 -11.62 -24.45 29.84
N GLY M 44 -12.91 -24.10 29.85
CA GLY M 44 -13.91 -24.89 29.17
C GLY M 44 -14.47 -24.02 28.07
N ILE M 45 -14.90 -24.62 26.95
CA ILE M 45 -15.45 -23.83 25.86
C ILE M 45 -16.77 -24.32 25.29
N ALA M 46 -17.65 -23.36 25.00
CA ALA M 46 -18.94 -23.67 24.42
C ALA M 46 -18.99 -22.91 23.09
N GLY M 47 -19.65 -23.48 22.09
CA GLY M 47 -19.76 -22.86 20.79
C GLY M 47 -19.06 -23.69 19.73
N THR M 48 -19.09 -23.18 18.50
CA THR M 48 -18.46 -23.81 17.32
C THR M 48 -17.19 -24.57 17.66
N ALA M 49 -17.28 -25.87 17.84
CA ALA M 49 -16.11 -26.69 18.18
C ALA M 49 -14.90 -26.43 17.28
N GLY M 50 -15.16 -26.19 15.99
CA GLY M 50 -14.06 -25.95 15.07
C GLY M 50 -13.11 -24.91 15.63
N ILE M 51 -13.65 -23.73 15.87
CA ILE M 51 -12.90 -22.61 16.41
C ILE M 51 -12.48 -22.76 17.88
N ALA M 52 -13.43 -23.15 18.74
CA ALA M 52 -13.19 -23.30 20.18
C ALA M 52 -12.01 -24.15 20.62
N ILE M 53 -11.93 -25.37 20.13
CA ILE M 53 -10.84 -26.26 20.53
C ILE M 53 -9.47 -25.72 20.14
N GLU M 54 -9.32 -25.18 18.93
CA GLU M 54 -8.01 -24.67 18.56
C GLU M 54 -7.68 -23.34 19.23
N LEU M 55 -8.71 -22.61 19.65
CA LEU M 55 -8.53 -21.34 20.33
C LEU M 55 -7.95 -21.56 21.73
N VAL M 56 -8.52 -22.51 22.46
CA VAL M 56 -8.07 -22.80 23.82
C VAL M 56 -6.68 -23.42 23.73
N ARG M 57 -6.38 -24.05 22.61
CA ARG M 57 -5.08 -24.68 22.38
C ARG M 57 -4.05 -23.56 22.20
N LEU M 58 -4.41 -22.55 21.41
CA LEU M 58 -3.52 -21.43 21.17
C LEU M 58 -3.29 -20.68 22.49
N PHE M 59 -4.35 -20.56 23.29
CA PHE M 59 -4.28 -19.89 24.59
C PHE M 59 -3.19 -20.55 25.44
N ALA M 60 -3.23 -21.88 25.51
CA ALA M 60 -2.27 -22.64 26.30
C ALA M 60 -0.86 -22.34 25.79
N VAL M 61 -0.68 -22.40 24.48
CA VAL M 61 0.61 -22.14 23.90
C VAL M 61 1.06 -20.73 24.30
N GLU M 62 0.18 -19.75 24.15
CA GLU M 62 0.53 -18.37 24.48
C GLU M 62 0.99 -18.21 25.93
N LEU M 63 0.34 -18.91 26.85
CA LEU M 63 0.72 -18.81 28.26
C LEU M 63 2.11 -19.35 28.52
N GLU M 64 2.40 -20.50 27.91
CA GLU M 64 3.69 -21.13 28.09
C GLU M 64 4.80 -20.36 27.38
N HIS M 65 4.45 -19.72 26.27
CA HIS M 65 5.40 -18.95 25.51
C HIS M 65 5.81 -17.74 26.38
N TYR M 66 4.84 -17.13 27.04
CA TYR M 66 5.13 -15.97 27.88
C TYR M 66 6.14 -16.39 28.94
N GLU M 67 5.86 -17.50 29.60
CA GLU M 67 6.73 -17.98 30.65
C GLU M 67 8.14 -18.29 30.18
N LYS M 68 8.28 -18.93 29.03
CA LYS M 68 9.62 -19.24 28.52
C LYS M 68 10.39 -17.98 28.14
N ILE M 69 9.70 -16.96 27.63
CA ILE M 69 10.35 -15.72 27.24
C ILE M 69 10.71 -14.84 28.44
N GLU M 70 9.75 -14.66 29.35
CA GLU M 70 9.98 -13.81 30.52
C GLU M 70 10.58 -14.54 31.74
N GLY M 71 10.55 -15.88 31.71
CA GLY M 71 11.09 -16.64 32.83
C GLY M 71 10.14 -16.62 34.02
N VAL M 72 8.98 -16.03 33.83
CA VAL M 72 8.01 -15.93 34.89
C VAL M 72 6.62 -16.10 34.29
N PRO M 73 5.75 -16.88 34.95
CA PRO M 73 4.40 -17.08 34.42
C PRO M 73 3.60 -15.81 34.62
N LEU M 74 2.50 -15.69 33.88
CA LEU M 74 1.62 -14.52 34.00
C LEU M 74 0.77 -14.60 35.27
N THR M 75 0.25 -13.45 35.67
CA THR M 75 -0.64 -13.37 36.83
C THR M 75 -1.93 -14.05 36.37
N PHE M 76 -2.77 -14.50 37.30
CA PHE M 76 -4.02 -15.10 36.85
C PHE M 76 -4.80 -14.05 36.06
N ASP M 77 -4.89 -12.83 36.62
CA ASP M 77 -5.60 -11.76 35.92
C ASP M 77 -5.01 -11.52 34.54
N GLY M 78 -3.69 -11.66 34.43
CA GLY M 78 -3.06 -11.46 33.15
C GLY M 78 -3.51 -12.56 32.20
N LYS M 79 -3.67 -13.79 32.71
CA LYS M 79 -4.08 -14.88 31.83
C LYS M 79 -5.50 -14.61 31.34
N ALA M 80 -6.34 -14.07 32.24
CA ALA M 80 -7.73 -13.79 31.89
C ALA M 80 -7.81 -12.69 30.85
N ASN M 81 -6.95 -11.68 30.99
CA ASN M 81 -6.99 -10.59 30.04
C ASN M 81 -6.60 -11.07 28.65
N ARG M 82 -5.67 -12.02 28.59
CA ARG M 82 -5.23 -12.59 27.33
C ARG M 82 -6.34 -13.38 26.65
N LEU M 83 -7.13 -14.11 27.44
CA LEU M 83 -8.21 -14.91 26.87
C LEU M 83 -9.22 -13.93 26.29
N ALA M 84 -9.47 -12.86 27.04
CA ALA M 84 -10.41 -11.83 26.59
C ALA M 84 -10.00 -11.31 25.23
N SER M 85 -8.72 -11.05 25.08
CA SER M 85 -8.20 -10.54 23.83
C SER M 85 -8.50 -11.52 22.71
N MET M 86 -8.35 -12.82 22.97
CA MET M 86 -8.61 -13.82 21.94
C MET M 86 -10.09 -13.92 21.59
N VAL M 87 -10.95 -13.75 22.59
CA VAL M 87 -12.39 -13.82 22.35
C VAL M 87 -12.75 -12.60 21.51
N ARG M 88 -12.18 -11.46 21.88
CA ARG M 88 -12.46 -10.23 21.17
C ARG M 88 -12.03 -10.39 19.72
N GLY M 89 -10.95 -11.10 19.50
CA GLY M 89 -10.48 -11.28 18.14
C GLY M 89 -11.34 -12.22 17.33
N ASN M 90 -12.40 -12.76 17.92
CA ASN M 90 -13.26 -13.68 17.19
C ASN M 90 -14.63 -13.04 16.97
N LEU M 91 -14.79 -11.80 17.41
CA LEU M 91 -16.07 -11.10 17.27
C LEU M 91 -16.57 -11.19 15.82
N GLY M 92 -15.66 -11.02 14.87
CA GLY M 92 -16.04 -11.09 13.48
C GLY M 92 -16.74 -12.41 13.18
N ALA M 93 -16.07 -13.51 13.45
CA ALA M 93 -16.66 -14.81 13.20
C ALA M 93 -17.96 -14.97 13.99
N ALA M 94 -17.97 -14.54 15.24
CA ALA M 94 -19.18 -14.65 16.04
C ALA M 94 -20.37 -13.97 15.39
N MET M 95 -20.15 -12.83 14.76
CA MET M 95 -21.25 -12.13 14.11
C MET M 95 -21.76 -12.84 12.87
N GLN M 96 -21.07 -13.91 12.47
CA GLN M 96 -21.49 -14.67 11.31
C GLN M 96 -21.97 -16.06 11.72
N GLY M 97 -22.19 -16.23 13.02
CA GLY M 97 -22.65 -17.51 13.54
C GLY M 97 -21.61 -18.43 14.13
N LEU M 98 -20.33 -18.10 13.99
CA LEU M 98 -19.26 -18.95 14.53
C LEU M 98 -18.74 -18.46 15.89
N ALA M 99 -19.66 -18.21 16.82
CA ALA M 99 -19.30 -17.74 18.15
C ALA M 99 -18.78 -18.82 19.09
N VAL M 100 -17.91 -18.42 20.02
CA VAL M 100 -17.36 -19.31 21.02
C VAL M 100 -17.24 -18.56 22.31
N VAL M 101 -17.55 -19.23 23.42
CA VAL M 101 -17.46 -18.56 24.71
C VAL M 101 -16.81 -19.50 25.71
N PRO M 102 -15.69 -19.05 26.30
CA PRO M 102 -14.96 -19.86 27.27
C PRO M 102 -15.35 -19.50 28.71
N LEU M 103 -14.94 -20.39 29.63
CA LEU M 103 -15.15 -20.25 31.06
C LEU M 103 -13.75 -20.58 31.60
N LEU M 104 -13.15 -19.63 32.31
CA LEU M 104 -11.81 -19.80 32.84
C LEU M 104 -11.77 -19.96 34.36
N VAL M 105 -10.97 -20.91 34.83
CA VAL M 105 -10.78 -21.14 36.27
C VAL M 105 -9.28 -21.22 36.55
N GLY M 106 -8.89 -20.95 37.79
CA GLY M 106 -7.48 -21.01 38.14
C GLY M 106 -7.23 -20.87 39.63
N TYR M 107 -6.07 -21.36 40.07
CA TYR M 107 -5.68 -21.24 41.47
C TYR M 107 -4.73 -20.03 41.46
N ASP M 108 -5.17 -18.91 42.02
CA ASP M 108 -4.37 -17.69 42.04
C ASP M 108 -3.18 -17.75 43.00
N LEU M 109 -1.97 -17.95 42.46
CA LEU M 109 -0.78 -18.03 43.30
C LEU M 109 -0.53 -16.74 44.07
N ASP M 110 -1.03 -15.62 43.56
CA ASP M 110 -0.85 -14.32 44.21
C ASP M 110 -2.01 -13.96 45.11
N ALA M 111 -2.85 -14.95 45.40
CA ALA M 111 -4.01 -14.72 46.26
C ALA M 111 -3.60 -14.69 47.73
N ASP M 112 -4.24 -13.81 48.48
CA ASP M 112 -3.99 -13.65 49.92
C ASP M 112 -4.53 -14.84 50.70
N ASP M 113 -5.84 -15.01 50.65
CA ASP M 113 -6.49 -16.11 51.32
C ASP M 113 -6.24 -17.39 50.52
N GLU M 114 -5.26 -18.18 50.94
CA GLU M 114 -4.91 -19.41 50.22
C GLU M 114 -6.01 -20.48 50.16
N SER M 115 -7.07 -20.30 50.93
CA SER M 115 -8.17 -21.28 50.92
C SER M 115 -9.23 -20.83 49.93
N ARG M 116 -9.06 -19.59 49.45
CA ARG M 116 -9.97 -18.96 48.50
C ARG M 116 -9.22 -18.42 47.28
N ALA M 117 -8.14 -19.12 46.91
CA ALA M 117 -7.31 -18.75 45.77
C ALA M 117 -7.97 -19.24 44.49
N GLY M 118 -9.02 -20.06 44.64
CA GLY M 118 -9.73 -20.58 43.50
C GLY M 118 -10.58 -19.47 42.91
N ARG M 119 -10.51 -19.28 41.60
CA ARG M 119 -11.27 -18.22 40.93
C ARG M 119 -11.99 -18.69 39.67
N ILE M 120 -13.08 -18.00 39.37
CA ILE M 120 -13.89 -18.32 38.20
C ILE M 120 -14.13 -17.02 37.41
N VAL M 121 -13.84 -17.07 36.11
CA VAL M 121 -14.02 -15.91 35.24
C VAL M 121 -14.84 -16.29 34.01
N SER M 122 -15.93 -15.57 33.76
CA SER M 122 -16.79 -15.85 32.61
C SER M 122 -16.58 -14.76 31.57
N TYR M 123 -16.91 -15.06 30.32
CA TYR M 123 -16.73 -14.13 29.23
C TYR M 123 -17.95 -13.78 28.37
N ASP M 124 -17.76 -12.70 27.61
CA ASP M 124 -18.70 -12.09 26.68
C ASP M 124 -18.32 -12.51 25.30
N VAL M 125 -19.21 -12.26 24.37
CA VAL M 125 -18.91 -12.55 23.00
C VAL M 125 -18.08 -11.38 22.48
N VAL M 126 -18.16 -10.23 23.15
CA VAL M 126 -17.39 -9.06 22.75
C VAL M 126 -16.03 -9.00 23.43
N GLY M 127 -15.71 -10.00 24.24
CA GLY M 127 -14.42 -10.00 24.91
C GLY M 127 -14.45 -9.59 26.37
N GLY M 128 -15.61 -9.19 26.87
CA GLY M 128 -15.69 -8.82 28.28
C GLY M 128 -15.34 -10.01 29.17
N ARG M 129 -14.83 -9.72 30.37
CA ARG M 129 -14.45 -10.78 31.31
C ARG M 129 -15.10 -10.44 32.65
N TYR M 130 -15.60 -11.45 33.36
CA TYR M 130 -16.27 -11.18 34.63
C TYR M 130 -15.94 -12.14 35.76
N GLU M 131 -15.64 -11.56 36.93
CA GLU M 131 -15.33 -12.35 38.13
C GLU M 131 -16.65 -12.92 38.59
N GLU M 132 -16.69 -14.23 38.83
CA GLU M 132 -17.93 -14.79 39.29
C GLU M 132 -18.16 -14.66 40.79
N ARG M 133 -17.32 -15.30 41.58
CA ARG M 133 -17.46 -15.23 43.03
C ARG M 133 -18.88 -15.45 43.60
N ALA M 134 -19.47 -16.59 43.26
CA ALA M 134 -20.79 -16.95 43.77
C ALA M 134 -20.58 -18.39 44.18
N GLY M 135 -19.43 -18.93 43.82
CA GLY M 135 -19.08 -20.29 44.17
C GLY M 135 -19.09 -21.19 42.96
N TYR M 136 -19.94 -20.85 41.99
CA TYR M 136 -20.06 -21.65 40.78
C TYR M 136 -20.56 -20.81 39.63
N HIS M 137 -20.53 -21.40 38.44
CA HIS M 137 -21.01 -20.72 37.24
C HIS M 137 -21.07 -21.76 36.14
N ALA M 138 -21.76 -21.43 35.05
CA ALA M 138 -21.88 -22.37 33.96
C ALA M 138 -22.07 -21.67 32.63
N VAL M 139 -21.72 -22.37 31.56
CA VAL M 139 -21.91 -21.84 30.22
C VAL M 139 -22.42 -22.93 29.29
N GLY M 140 -23.09 -22.49 28.22
CA GLY M 140 -23.62 -23.42 27.25
C GLY M 140 -25.14 -23.43 27.29
N SER M 141 -25.72 -24.17 26.35
CA SER M 141 -27.16 -24.30 26.22
C SER M 141 -27.88 -24.80 27.48
N GLY M 142 -27.19 -25.66 28.25
CA GLY M 142 -27.80 -26.19 29.46
C GLY M 142 -27.41 -25.47 30.74
N SER M 143 -26.63 -24.40 30.63
CA SER M 143 -26.15 -23.66 31.79
C SER M 143 -27.25 -23.18 32.75
N LEU M 144 -28.37 -22.77 32.17
CA LEU M 144 -29.51 -22.31 32.94
C LEU M 144 -29.94 -23.36 33.99
N PHE M 145 -30.07 -24.61 33.56
CA PHE M 145 -30.49 -25.69 34.43
C PHE M 145 -29.40 -26.05 35.42
N ALA M 146 -28.16 -26.10 34.96
CA ALA M 146 -27.05 -26.44 35.83
C ALA M 146 -26.96 -25.39 36.96
N LYS M 147 -27.06 -24.12 36.62
CA LYS M 147 -26.97 -23.10 37.65
C LYS M 147 -28.10 -23.19 38.69
N SER M 148 -29.31 -23.49 38.22
CA SER M 148 -30.44 -23.58 39.13
C SER M 148 -30.32 -24.79 40.04
N ALA M 149 -29.68 -25.86 39.54
CA ALA M 149 -29.48 -27.04 40.35
C ALA M 149 -28.43 -26.71 41.39
N LEU M 150 -27.33 -26.09 40.97
CA LEU M 150 -26.25 -25.73 41.88
C LEU M 150 -26.72 -24.78 42.98
N LYS M 151 -27.65 -23.89 42.63
CA LYS M 151 -28.17 -22.92 43.59
C LYS M 151 -28.77 -23.66 44.79
N LYS M 152 -29.15 -24.92 44.59
CA LYS M 152 -29.73 -25.71 45.66
C LYS M 152 -28.78 -26.74 46.29
N ILE M 153 -27.98 -27.42 45.47
CA ILE M 153 -27.07 -28.42 45.98
C ILE M 153 -25.61 -28.02 46.26
N TYR M 154 -25.24 -26.79 45.95
CA TYR M 154 -23.87 -26.34 46.16
C TYR M 154 -23.61 -25.89 47.58
N SER M 155 -22.44 -26.26 48.08
CA SER M 155 -22.02 -25.87 49.43
C SER M 155 -20.69 -25.14 49.37
N PRO M 156 -20.67 -23.89 49.84
CA PRO M 156 -19.43 -23.11 49.83
C PRO M 156 -18.35 -23.73 50.71
N ASP M 157 -17.10 -23.61 50.27
CA ASP M 157 -15.96 -24.14 51.01
C ASP M 157 -16.04 -25.63 51.31
N SER M 158 -16.74 -26.38 50.46
CA SER M 158 -16.84 -27.82 50.67
C SER M 158 -15.51 -28.44 50.28
N ASP M 159 -15.39 -29.75 50.41
CA ASP M 159 -14.15 -30.38 50.03
C ASP M 159 -14.23 -30.75 48.57
N GLU M 160 -13.12 -31.22 48.01
CA GLU M 160 -13.05 -31.59 46.60
C GLU M 160 -14.08 -32.64 46.20
N GLU M 161 -14.15 -33.73 46.96
CA GLU M 161 -15.07 -34.83 46.69
C GLU M 161 -16.52 -34.33 46.59
N THR M 162 -16.90 -33.43 47.49
CA THR M 162 -18.24 -32.89 47.50
C THR M 162 -18.50 -32.00 46.28
N ALA M 163 -17.52 -31.15 45.97
CA ALA M 163 -17.63 -30.25 44.83
C ALA M 163 -17.73 -31.05 43.54
N LEU M 164 -16.89 -32.08 43.40
CA LEU M 164 -16.94 -32.89 42.21
C LEU M 164 -18.30 -33.54 42.02
N ARG M 165 -18.89 -33.99 43.12
CA ARG M 165 -20.19 -34.64 43.03
C ARG M 165 -21.30 -33.67 42.61
N ALA M 166 -21.30 -32.48 43.20
CA ALA M 166 -22.30 -31.47 42.85
C ALA M 166 -22.17 -31.08 41.39
N ALA M 167 -20.93 -31.05 40.89
CA ALA M 167 -20.68 -30.68 39.51
C ALA M 167 -21.30 -31.68 38.56
N ILE M 168 -20.96 -32.97 38.71
CA ILE M 168 -21.53 -34.01 37.83
C ILE M 168 -23.05 -34.06 37.95
N GLU M 169 -23.57 -33.73 39.12
CA GLU M 169 -25.01 -33.73 39.31
C GLU M 169 -25.65 -32.57 38.55
N SER M 170 -25.05 -31.39 38.64
CA SER M 170 -25.60 -30.24 37.92
C SER M 170 -25.56 -30.55 36.40
N LEU M 171 -24.49 -31.20 35.95
CA LEU M 171 -24.42 -31.57 34.54
C LEU M 171 -25.48 -32.61 34.19
N TYR M 172 -25.81 -33.45 35.15
CA TYR M 172 -26.83 -34.48 34.95
C TYR M 172 -28.19 -33.80 34.76
N ASP M 173 -28.48 -32.83 35.62
CA ASP M 173 -29.72 -32.08 35.55
C ASP M 173 -29.80 -31.30 34.25
N ALA M 174 -28.65 -30.86 33.76
CA ALA M 174 -28.61 -30.12 32.51
C ALA M 174 -28.99 -31.05 31.36
N ALA M 175 -28.39 -32.23 31.30
CA ALA M 175 -28.69 -33.18 30.23
C ALA M 175 -30.14 -33.68 30.32
N ASP M 176 -30.71 -33.57 31.50
CA ASP M 176 -32.07 -34.02 31.75
C ASP M 176 -33.09 -33.09 31.10
N ASP M 177 -32.75 -31.80 31.02
CA ASP M 177 -33.66 -30.81 30.42
C ASP M 177 -33.20 -30.17 29.08
N ASP M 178 -31.96 -30.44 28.68
CA ASP M 178 -31.42 -29.89 27.44
C ASP M 178 -30.84 -31.02 26.60
N SER M 179 -31.51 -31.37 25.51
CA SER M 179 -31.08 -32.45 24.64
C SER M 179 -29.74 -32.18 24.00
N ALA M 180 -29.26 -30.96 24.10
CA ALA M 180 -27.97 -30.62 23.50
C ALA M 180 -26.81 -30.87 24.46
N THR M 181 -27.11 -31.30 25.68
CA THR M 181 -26.04 -31.56 26.63
C THR M 181 -25.68 -33.03 26.73
N GLY M 182 -26.63 -33.91 26.99
CA GLY M 182 -26.22 -35.31 27.06
C GLY M 182 -25.52 -35.75 28.34
N GLY M 183 -26.19 -36.67 29.04
CA GLY M 183 -25.70 -37.17 30.29
C GLY M 183 -24.82 -38.37 30.13
N PRO M 184 -24.53 -39.06 31.25
CA PRO M 184 -23.68 -40.25 31.34
C PRO M 184 -24.22 -41.33 30.44
N ASP M 185 -23.32 -42.00 29.74
CA ASP M 185 -23.72 -43.09 28.86
C ASP M 185 -23.18 -44.39 29.49
N LEU M 186 -23.95 -45.02 30.37
CA LEU M 186 -23.50 -46.25 31.00
C LEU M 186 -23.37 -47.38 30.00
N THR M 187 -23.91 -47.15 28.81
CA THR M 187 -23.86 -48.14 27.74
C THR M 187 -22.50 -48.24 27.07
N ARG M 188 -21.84 -47.11 26.91
CA ARG M 188 -20.53 -47.09 26.27
C ARG M 188 -19.45 -46.72 27.27
N GLY M 189 -19.86 -46.39 28.48
CA GLY M 189 -18.89 -46.01 29.49
C GLY M 189 -18.22 -44.70 29.14
N ILE M 190 -19.04 -43.70 28.82
CA ILE M 190 -18.53 -42.38 28.47
C ILE M 190 -19.15 -41.39 29.45
N TYR M 191 -18.32 -40.62 30.16
CA TYR M 191 -18.85 -39.68 31.13
C TYR M 191 -18.25 -38.28 31.03
N PRO M 192 -18.89 -37.29 31.66
CA PRO M 192 -18.37 -35.93 31.63
C PRO M 192 -16.90 -35.97 32.05
N THR M 193 -16.14 -34.94 31.69
CA THR M 193 -14.73 -34.89 32.07
C THR M 193 -14.59 -33.75 33.06
N ALA M 194 -13.47 -33.74 33.79
CA ALA M 194 -13.24 -32.67 34.77
C ALA M 194 -11.77 -32.44 35.08
N VAL M 195 -11.49 -31.28 35.62
CA VAL M 195 -10.15 -30.88 35.98
C VAL M 195 -10.23 -30.15 37.30
N THR M 196 -9.30 -30.46 38.19
CA THR M 196 -9.28 -29.80 39.48
C THR M 196 -7.95 -29.11 39.60
N ILE M 197 -7.98 -27.94 40.21
CA ILE M 197 -6.77 -27.13 40.39
C ILE M 197 -6.68 -26.74 41.84
N THR M 198 -5.49 -26.96 42.40
CA THR M 198 -5.23 -26.65 43.80
C THR M 198 -3.79 -26.16 43.97
N GLN M 199 -3.36 -26.02 45.23
CA GLN M 199 -2.01 -25.60 45.56
C GLN M 199 -0.99 -26.44 44.78
N ALA M 200 -1.36 -27.67 44.47
CA ALA M 200 -0.50 -28.60 43.75
C ALA M 200 -0.58 -28.52 42.23
N GLY M 201 -1.51 -27.73 41.71
CA GLY M 201 -1.64 -27.61 40.28
C GLY M 201 -2.91 -28.16 39.68
N ALA M 202 -2.98 -28.14 38.36
CA ALA M 202 -4.16 -28.62 37.66
C ALA M 202 -4.04 -30.08 37.25
N VAL M 203 -5.02 -30.87 37.66
CA VAL M 203 -5.01 -32.30 37.37
C VAL M 203 -6.28 -32.79 36.68
N HIS M 204 -6.12 -33.79 35.82
CA HIS M 204 -7.26 -34.38 35.11
C HIS M 204 -7.89 -35.43 36.00
N VAL M 205 -9.18 -35.28 36.27
CA VAL M 205 -9.88 -36.27 37.09
C VAL M 205 -9.89 -37.57 36.31
N SER M 206 -9.58 -38.69 36.96
CA SER M 206 -9.53 -40.00 36.29
C SER M 206 -10.91 -40.38 35.79
N GLU M 207 -10.98 -41.14 34.69
CA GLU M 207 -12.29 -41.52 34.20
C GLU M 207 -12.95 -42.56 35.09
N GLU M 208 -12.20 -43.02 36.09
CA GLU M 208 -12.74 -43.99 37.02
C GLU M 208 -13.53 -43.24 38.07
N THR M 209 -13.10 -42.03 38.37
CA THR M 209 -13.77 -41.19 39.35
C THR M 209 -15.03 -40.59 38.73
N THR M 210 -14.96 -40.25 37.46
CA THR M 210 -16.10 -39.68 36.76
C THR M 210 -17.14 -40.79 36.60
N SER M 211 -16.66 -41.98 36.23
CA SER M 211 -17.53 -43.13 36.07
C SER M 211 -18.28 -43.41 37.37
N GLU M 212 -17.54 -43.42 38.47
CA GLU M 212 -18.10 -43.68 39.78
C GLU M 212 -19.14 -42.64 40.15
N LEU M 213 -18.81 -41.37 39.97
CA LEU M 213 -19.72 -40.28 40.28
C LEU M 213 -21.00 -40.31 39.45
N ALA M 214 -20.85 -40.71 38.19
CA ALA M 214 -21.98 -40.80 37.28
C ALA M 214 -22.93 -41.89 37.75
N ARG M 215 -22.39 -43.09 37.94
CA ARG M 215 -23.17 -44.25 38.40
C ARG M 215 -23.97 -43.91 39.64
N ARG M 216 -23.36 -43.12 40.52
CA ARG M 216 -24.00 -42.71 41.76
C ARG M 216 -25.22 -41.85 41.51
N ILE M 217 -25.05 -40.75 40.77
CA ILE M 217 -26.17 -39.84 40.49
C ILE M 217 -27.28 -40.63 39.78
N VAL M 218 -26.91 -41.47 38.82
CA VAL M 218 -27.91 -42.24 38.12
C VAL M 218 -28.68 -43.11 39.10
N ALA M 219 -27.97 -43.77 40.01
CA ALA M 219 -28.62 -44.61 41.01
C ALA M 219 -29.52 -43.80 41.93
N GLU M 220 -29.06 -42.64 42.39
CA GLU M 220 -29.87 -41.80 43.26
C GLU M 220 -31.17 -41.39 42.58
N ARG M 221 -31.10 -41.14 41.27
CA ARG M 221 -32.29 -40.74 40.52
C ARG M 221 -33.16 -41.92 40.17
N THR M 222 -32.54 -43.04 39.79
CA THR M 222 -33.28 -44.24 39.44
C THR M 222 -34.09 -44.68 40.63
N GLU M 223 -33.58 -44.37 41.81
CA GLU M 223 -34.27 -44.74 43.03
C GLU M 223 -35.45 -43.81 43.23
N GLN M 224 -36.07 -43.40 42.13
CA GLN M 224 -37.22 -42.50 42.15
C GLN M 224 -36.94 -41.25 43.00
N THR N 1 -22.81 -38.62 -2.77
CA THR N 1 -21.46 -39.20 -2.47
C THR N 1 -21.46 -39.87 -1.11
N THR N 2 -20.68 -40.94 -0.98
CA THR N 2 -20.51 -41.59 0.31
C THR N 2 -19.08 -42.14 0.38
N ILE N 3 -18.36 -41.77 1.43
CA ILE N 3 -17.01 -42.22 1.68
C ILE N 3 -17.03 -42.77 3.10
N VAL N 4 -16.48 -43.96 3.24
CA VAL N 4 -16.47 -44.63 4.52
C VAL N 4 -15.05 -44.97 4.95
N ALA N 5 -14.83 -44.97 6.26
CA ALA N 5 -13.53 -45.28 6.82
C ALA N 5 -13.71 -46.33 7.92
N LEU N 6 -12.91 -47.39 7.85
CA LEU N 6 -12.98 -48.48 8.84
C LEU N 6 -11.63 -48.87 9.42
N THR N 7 -11.66 -49.14 10.71
CA THR N 7 -10.51 -49.56 11.47
C THR N 7 -10.58 -51.08 11.65
N TYR N 8 -9.41 -51.73 11.61
CA TYR N 8 -9.31 -53.18 11.79
C TYR N 8 -7.94 -53.58 12.35
N LYS N 9 -7.80 -54.84 12.75
CA LYS N 9 -6.56 -55.38 13.32
C LYS N 9 -5.27 -54.80 12.71
N GLY N 10 -5.00 -55.13 11.46
CA GLY N 10 -3.82 -54.60 10.79
C GLY N 10 -3.69 -53.07 10.77
N GLY N 11 -4.68 -52.37 10.21
CA GLY N 11 -4.67 -50.92 10.11
C GLY N 11 -6.01 -50.22 9.85
N VAL N 12 -6.09 -49.40 8.79
CA VAL N 12 -7.32 -48.70 8.45
C VAL N 12 -7.56 -48.73 6.96
N LEU N 13 -8.78 -48.43 6.55
CA LEU N 13 -9.09 -48.38 5.12
C LEU N 13 -10.08 -47.24 4.81
N LEU N 14 -10.18 -46.93 3.52
CA LEU N 14 -11.08 -45.91 3.01
C LEU N 14 -11.70 -46.47 1.75
N ALA N 15 -13.00 -46.25 1.57
CA ALA N 15 -13.68 -46.72 0.37
C ALA N 15 -14.72 -45.66 -0.02
N GLY N 16 -14.85 -45.41 -1.31
CA GLY N 16 -15.81 -44.42 -1.77
C GLY N 16 -16.50 -44.82 -3.05
N ASP N 17 -17.70 -44.26 -3.26
CA ASP N 17 -18.47 -44.51 -4.48
C ASP N 17 -17.86 -43.76 -5.68
N ARG N 18 -18.46 -43.94 -6.85
CA ARG N 18 -17.95 -43.36 -8.09
C ARG N 18 -18.82 -42.33 -8.78
N ARG N 19 -19.99 -42.03 -8.21
CA ARG N 19 -20.94 -41.10 -8.83
C ARG N 19 -20.75 -39.60 -8.62
N ALA N 20 -21.20 -38.86 -9.62
CA ALA N 20 -21.18 -37.40 -9.57
C ALA N 20 -22.51 -36.97 -10.22
N THR N 21 -23.24 -36.12 -9.52
CA THR N 21 -24.50 -35.64 -10.05
C THR N 21 -24.57 -34.12 -10.08
N GLN N 22 -25.34 -33.61 -11.03
CA GLN N 22 -25.55 -32.19 -11.17
C GLN N 22 -27.06 -32.12 -11.04
N GLY N 23 -27.52 -31.97 -9.80
CA GLY N 23 -28.94 -31.95 -9.54
C GLY N 23 -29.38 -33.41 -9.59
N ASN N 24 -30.33 -33.71 -10.47
CA ASN N 24 -30.81 -35.07 -10.60
C ASN N 24 -30.01 -35.81 -11.70
N LEU N 25 -29.44 -35.04 -12.63
CA LEU N 25 -28.66 -35.59 -13.74
C LEU N 25 -27.36 -36.24 -13.28
N ILE N 26 -27.02 -37.37 -13.89
CA ILE N 26 -25.79 -38.04 -13.53
C ILE N 26 -24.67 -37.46 -14.40
N ALA N 27 -23.62 -36.96 -13.76
CA ALA N 27 -22.52 -36.34 -14.49
C ALA N 27 -21.25 -37.17 -14.64
N SER N 28 -21.09 -38.19 -13.81
CA SER N 28 -19.91 -39.02 -13.90
C SER N 28 -20.19 -40.38 -13.30
N ARG N 29 -19.52 -41.39 -13.83
CA ARG N 29 -19.69 -42.77 -13.36
C ARG N 29 -18.40 -43.38 -12.84
N ASP N 30 -17.29 -42.65 -12.93
CA ASP N 30 -15.98 -43.16 -12.51
C ASP N 30 -15.14 -42.22 -11.67
N VAL N 31 -15.77 -41.38 -10.85
CA VAL N 31 -15.03 -40.45 -10.03
C VAL N 31 -14.16 -41.17 -9.00
N GLU N 32 -12.93 -40.70 -8.83
CA GLU N 32 -12.01 -41.26 -7.85
C GLU N 32 -12.12 -40.35 -6.64
N LYS N 33 -12.61 -40.86 -5.52
CA LYS N 33 -12.74 -40.00 -4.36
C LYS N 33 -11.79 -40.32 -3.21
N VAL N 34 -10.99 -41.38 -3.37
CA VAL N 34 -10.04 -41.77 -2.34
C VAL N 34 -8.63 -41.69 -2.87
N TYR N 35 -7.79 -40.97 -2.13
CA TYR N 35 -6.41 -40.80 -2.55
C TYR N 35 -5.41 -41.16 -1.46
N VAL N 36 -4.29 -41.75 -1.86
CA VAL N 36 -3.23 -42.07 -0.94
C VAL N 36 -2.55 -40.72 -0.77
N THR N 37 -2.47 -40.20 0.46
CA THR N 37 -1.84 -38.91 0.65
C THR N 37 -0.33 -39.01 0.98
N ASP N 38 0.11 -40.20 1.36
CA ASP N 38 1.52 -40.50 1.63
C ASP N 38 1.66 -41.94 2.12
N GLU N 39 2.89 -42.41 2.28
CA GLU N 39 3.17 -43.78 2.72
C GLU N 39 2.18 -44.37 3.72
N TYR N 40 1.84 -43.60 4.75
CA TYR N 40 0.95 -44.11 5.79
C TYR N 40 -0.37 -43.35 6.02
N SER N 41 -0.92 -42.75 4.97
CA SER N 41 -2.17 -42.01 5.11
C SER N 41 -2.93 -41.87 3.79
N ALA N 42 -4.24 -41.70 3.91
CA ALA N 42 -5.07 -41.53 2.73
C ALA N 42 -6.24 -40.64 3.12
N ALA N 43 -6.89 -40.06 2.12
CA ALA N 43 -8.00 -39.18 2.39
C ALA N 43 -9.09 -39.28 1.35
N GLY N 44 -10.33 -39.16 1.79
CA GLY N 44 -11.45 -39.18 0.87
C GLY N 44 -12.09 -37.81 0.94
N ILE N 45 -12.69 -37.35 -0.16
CA ILE N 45 -13.34 -36.03 -0.15
C ILE N 45 -14.75 -36.01 -0.70
N ALA N 46 -15.61 -35.23 -0.05
CA ALA N 46 -16.99 -35.05 -0.47
C ALA N 46 -17.18 -33.55 -0.68
N GLY N 47 -17.99 -33.20 -1.67
CA GLY N 47 -18.23 -31.79 -1.99
C GLY N 47 -17.73 -31.45 -3.39
N THR N 48 -17.90 -30.18 -3.76
CA THR N 48 -17.48 -29.62 -5.05
C THR N 48 -16.21 -30.27 -5.59
N ALA N 49 -16.36 -31.27 -6.48
CA ALA N 49 -15.22 -31.97 -7.03
C ALA N 49 -14.11 -31.05 -7.56
N GLY N 50 -14.51 -29.92 -8.16
CA GLY N 50 -13.52 -29.01 -8.70
C GLY N 50 -12.46 -28.71 -7.67
N ILE N 51 -12.90 -28.18 -6.53
CA ILE N 51 -12.01 -27.83 -5.44
C ILE N 51 -11.40 -29.04 -4.70
N ALA N 52 -12.25 -30.00 -4.33
CA ALA N 52 -11.82 -31.18 -3.59
C ALA N 52 -10.64 -31.97 -4.12
N ILE N 53 -10.72 -32.39 -5.38
CA ILE N 53 -9.65 -33.19 -5.94
C ILE N 53 -8.32 -32.46 -5.96
N GLU N 54 -8.30 -31.18 -6.31
CA GLU N 54 -7.02 -30.48 -6.33
C GLU N 54 -6.51 -30.13 -4.93
N LEU N 55 -7.42 -30.08 -3.97
CA LEU N 55 -7.06 -29.77 -2.60
C LEU N 55 -6.33 -30.97 -1.97
N VAL N 56 -6.85 -32.16 -2.19
CA VAL N 56 -6.26 -33.36 -1.64
C VAL N 56 -4.93 -33.59 -2.33
N ARG N 57 -4.83 -33.12 -3.57
CA ARG N 57 -3.61 -33.26 -4.37
C ARG N 57 -2.53 -32.36 -3.75
N LEU N 58 -2.91 -31.13 -3.43
CA LEU N 58 -1.99 -30.19 -2.81
C LEU N 58 -1.56 -30.71 -1.46
N PHE N 59 -2.50 -31.31 -0.73
CA PHE N 59 -2.20 -31.88 0.58
C PHE N 59 -1.06 -32.90 0.45
N ALA N 60 -1.18 -33.80 -0.52
CA ALA N 60 -0.19 -34.83 -0.76
C ALA N 60 1.16 -34.20 -1.04
N VAL N 61 1.18 -33.20 -1.90
CA VAL N 61 2.41 -32.52 -2.23
C VAL N 61 3.00 -31.89 -0.96
N GLU N 62 2.18 -31.21 -0.17
CA GLU N 62 2.65 -30.57 1.05
C GLU N 62 3.30 -31.55 2.01
N LEU N 63 2.72 -32.74 2.14
CA LEU N 63 3.30 -33.75 3.03
C LEU N 63 4.69 -34.19 2.58
N GLU N 64 4.81 -34.45 1.29
CA GLU N 64 6.08 -34.89 0.73
C GLU N 64 7.12 -33.78 0.73
N HIS N 65 6.65 -32.55 0.57
CA HIS N 65 7.55 -31.42 0.58
C HIS N 65 8.15 -31.30 1.98
N TYR N 66 7.32 -31.47 3.01
CA TYR N 66 7.80 -31.38 4.38
C TYR N 66 8.90 -32.40 4.59
N GLU N 67 8.63 -33.63 4.19
CA GLU N 67 9.61 -34.70 4.37
C GLU N 67 10.92 -34.43 3.63
N LYS N 68 10.87 -33.95 2.40
CA LYS N 68 12.09 -33.68 1.66
C LYS N 68 12.91 -32.54 2.30
N ILE N 69 12.22 -31.54 2.85
CA ILE N 69 12.91 -30.41 3.46
C ILE N 69 13.48 -30.77 4.83
N GLU N 70 12.66 -31.42 5.67
CA GLU N 70 13.08 -31.79 7.03
C GLU N 70 13.78 -33.12 7.14
N GLY N 71 13.65 -33.97 6.12
CA GLY N 71 14.29 -35.27 6.14
C GLY N 71 13.52 -36.24 7.02
N VAL N 72 12.40 -35.79 7.53
CA VAL N 72 11.57 -36.60 8.38
C VAL N 72 10.11 -36.34 8.06
N PRO N 73 9.30 -37.39 7.99
CA PRO N 73 7.87 -37.20 7.68
C PRO N 73 7.18 -36.60 8.90
N LEU N 74 6.00 -36.01 8.69
CA LEU N 74 5.23 -35.41 9.78
C LEU N 74 4.55 -36.47 10.63
N THR N 75 4.17 -36.09 11.83
CA THR N 75 3.45 -36.98 12.73
C THR N 75 2.06 -37.13 12.10
N PHE N 76 1.32 -38.19 12.44
CA PHE N 76 0.00 -38.30 11.86
C PHE N 76 -0.80 -37.08 12.30
N ASP N 77 -0.71 -36.74 13.59
CA ASP N 77 -1.44 -35.58 14.08
C ASP N 77 -1.04 -34.33 13.34
N GLY N 78 0.23 -34.25 12.98
CA GLY N 78 0.71 -33.11 12.23
C GLY N 78 0.06 -33.10 10.85
N LYS N 79 -0.10 -34.28 10.25
CA LYS N 79 -0.72 -34.32 8.93
C LYS N 79 -2.17 -33.85 9.01
N ALA N 80 -2.84 -34.24 10.09
CA ALA N 80 -4.24 -33.88 10.29
C ALA N 80 -4.39 -32.39 10.51
N ASN N 81 -3.45 -31.81 11.25
CA ASN N 81 -3.55 -30.39 11.51
C ASN N 81 -3.38 -29.60 10.22
N ARG N 82 -2.53 -30.09 9.33
CA ARG N 82 -2.30 -29.45 8.05
C ARG N 82 -3.53 -29.49 7.16
N LEU N 83 -4.25 -30.62 7.19
CA LEU N 83 -5.44 -30.74 6.36
C LEU N 83 -6.47 -29.73 6.90
N ALA N 84 -6.54 -29.62 8.22
CA ALA N 84 -7.46 -28.70 8.86
C ALA N 84 -7.20 -27.28 8.36
N SER N 85 -5.93 -26.93 8.29
CA SER N 85 -5.54 -25.61 7.84
C SER N 85 -6.06 -25.38 6.41
N MET N 86 -5.94 -26.39 5.56
CA MET N 86 -6.41 -26.26 4.20
C MET N 86 -7.94 -26.15 4.12
N VAL N 87 -8.65 -26.88 4.98
CA VAL N 87 -10.09 -26.82 4.99
C VAL N 87 -10.51 -25.45 5.47
N ARG N 88 -9.81 -24.96 6.47
CA ARG N 88 -10.10 -23.65 7.02
C ARG N 88 -9.90 -22.58 5.95
N GLY N 89 -8.90 -22.80 5.11
CA GLY N 89 -8.62 -21.84 4.06
C GLY N 89 -9.66 -21.85 2.95
N ASN N 90 -10.66 -22.72 3.06
CA ASN N 90 -11.66 -22.79 2.01
C ASN N 90 -13.00 -22.30 2.54
N LEU N 91 -13.01 -21.87 3.79
CA LEU N 91 -14.24 -21.38 4.41
C LEU N 91 -14.93 -20.37 3.52
N GLY N 92 -14.15 -19.46 2.93
CA GLY N 92 -14.72 -18.45 2.06
C GLY N 92 -15.53 -19.10 0.96
N ALA N 93 -14.89 -19.95 0.17
CA ALA N 93 -15.59 -20.63 -0.89
C ALA N 93 -16.79 -21.39 -0.35
N ALA N 94 -16.62 -22.11 0.76
CA ALA N 94 -17.73 -22.88 1.33
C ALA N 94 -18.95 -22.02 1.61
N MET N 95 -18.74 -20.78 2.07
CA MET N 95 -19.86 -19.91 2.36
C MET N 95 -20.58 -19.44 1.11
N GLN N 96 -20.01 -19.76 -0.06
CA GLN N 96 -20.63 -19.38 -1.32
C GLN N 96 -21.14 -20.60 -2.06
N GLY N 97 -21.21 -21.72 -1.34
CA GLY N 97 -21.68 -22.96 -1.95
C GLY N 97 -20.62 -23.95 -2.43
N LEU N 98 -19.35 -23.55 -2.43
CA LEU N 98 -18.29 -24.43 -2.90
C LEU N 98 -17.57 -25.13 -1.74
N ALA N 99 -18.33 -25.78 -0.87
CA ALA N 99 -17.75 -26.48 0.28
C ALA N 99 -17.19 -27.85 -0.03
N VAL N 100 -16.18 -28.25 0.73
CA VAL N 100 -15.56 -29.56 0.59
C VAL N 100 -15.22 -30.06 1.97
N VAL N 101 -15.42 -31.36 2.18
CA VAL N 101 -15.12 -31.95 3.48
C VAL N 101 -14.41 -33.27 3.29
N PRO N 102 -13.20 -33.39 3.84
CA PRO N 102 -12.41 -34.61 3.73
C PRO N 102 -12.59 -35.52 4.93
N LEU N 103 -12.10 -36.73 4.77
CA LEU N 103 -12.12 -37.75 5.80
C LEU N 103 -10.70 -38.28 5.69
N LEU N 104 -9.95 -38.23 6.79
CA LEU N 104 -8.56 -38.66 6.82
C LEU N 104 -8.34 -39.94 7.62
N VAL N 105 -7.52 -40.84 7.08
CA VAL N 105 -7.16 -42.08 7.77
C VAL N 105 -5.65 -42.26 7.69
N GLY N 106 -5.09 -43.04 8.60
CA GLY N 106 -3.66 -43.30 8.59
C GLY N 106 -3.20 -44.35 9.59
N TYR N 107 -2.03 -44.90 9.33
CA TYR N 107 -1.43 -45.88 10.25
C TYR N 107 -0.41 -45.04 11.02
N ASP N 108 -0.69 -44.79 12.30
CA ASP N 108 0.18 -43.96 13.13
C ASP N 108 1.48 -44.67 13.51
N LEU N 109 2.59 -44.30 12.87
CA LEU N 109 3.88 -44.94 13.18
C LEU N 109 4.30 -44.71 14.63
N ASP N 110 3.82 -43.64 15.23
CA ASP N 110 4.16 -43.31 16.61
C ASP N 110 3.14 -43.84 17.61
N ALA N 111 2.30 -44.75 17.15
CA ALA N 111 1.28 -45.33 18.01
C ALA N 111 1.89 -46.43 18.89
N ASP N 112 1.41 -46.50 20.13
CA ASP N 112 1.87 -47.49 21.11
C ASP N 112 1.37 -48.87 20.73
N ASP N 113 0.05 -49.02 20.76
CA ASP N 113 -0.59 -50.28 20.42
C ASP N 113 -0.53 -50.46 18.90
N GLU N 114 0.45 -51.22 18.42
CA GLU N 114 0.60 -51.43 16.98
C GLU N 114 -0.56 -52.12 16.26
N SER N 115 -1.50 -52.69 17.02
CA SER N 115 -2.65 -53.35 16.40
C SER N 115 -3.79 -52.35 16.28
N ARG N 116 -3.61 -51.20 16.92
CA ARG N 116 -4.59 -50.11 16.93
C ARG N 116 -3.98 -48.78 16.48
N ALA N 117 -3.01 -48.88 15.58
CA ALA N 117 -2.32 -47.71 15.04
C ALA N 117 -3.17 -47.05 13.97
N GLY N 118 -4.23 -47.75 13.54
CA GLY N 118 -5.13 -47.24 12.54
C GLY N 118 -5.97 -46.15 13.15
N ARG N 119 -6.06 -45.01 12.48
CA ARG N 119 -6.83 -43.88 12.98
C ARG N 119 -7.73 -43.25 11.93
N ILE N 120 -8.81 -42.64 12.40
CA ILE N 120 -9.79 -41.99 11.55
C ILE N 120 -10.05 -40.59 12.09
N VAL N 121 -9.93 -39.59 11.22
CA VAL N 121 -10.16 -38.20 11.59
C VAL N 121 -11.15 -37.55 10.65
N SER N 122 -12.22 -36.97 11.20
CA SER N 122 -13.24 -36.32 10.39
C SER N 122 -13.09 -34.82 10.55
N TYR N 123 -13.63 -34.06 9.61
CA TYR N 123 -13.52 -32.60 9.62
C TYR N 123 -14.81 -31.79 9.52
N ASP N 124 -14.65 -30.52 9.85
CA ASP N 124 -15.67 -29.47 9.87
C ASP N 124 -15.51 -28.64 8.62
N VAL N 125 -16.51 -27.80 8.39
CA VAL N 125 -16.41 -26.92 7.26
C VAL N 125 -15.58 -25.72 7.72
N VAL N 126 -15.47 -25.54 9.04
CA VAL N 126 -14.69 -24.43 9.57
C VAL N 126 -13.24 -24.82 9.86
N GLY N 127 -12.88 -26.07 9.57
CA GLY N 127 -11.52 -26.49 9.81
C GLY N 127 -11.32 -27.38 11.03
N GLY N 128 -12.37 -27.59 11.81
CA GLY N 128 -12.26 -28.44 12.97
C GLY N 128 -11.86 -29.86 12.56
N ARG N 129 -11.16 -30.57 13.45
CA ARG N 129 -10.75 -31.94 13.17
C ARG N 129 -11.21 -32.81 14.35
N TYR N 130 -11.68 -34.02 14.08
CA TYR N 130 -12.15 -34.87 15.17
C TYR N 130 -11.74 -36.34 15.09
N GLU N 131 -11.24 -36.85 16.21
CA GLU N 131 -10.83 -38.26 16.30
C GLU N 131 -12.12 -39.04 16.32
N GLU N 132 -12.19 -40.07 15.50
CA GLU N 132 -13.41 -40.85 15.50
C GLU N 132 -13.43 -41.95 16.56
N ARG N 133 -12.53 -42.91 16.44
CA ARG N 133 -12.48 -43.99 17.43
C ARG N 133 -13.83 -44.64 17.80
N ALA N 134 -14.53 -45.16 16.81
CA ALA N 134 -15.79 -45.85 17.03
C ALA N 134 -15.62 -47.09 16.15
N GLY N 135 -14.56 -47.09 15.35
CA GLY N 135 -14.28 -48.18 14.45
C GLY N 135 -14.51 -47.81 13.00
N TYR N 136 -15.44 -46.90 12.77
CA TYR N 136 -15.77 -46.48 11.42
C TYR N 136 -16.35 -45.07 11.43
N HIS N 137 -16.51 -44.52 10.24
CA HIS N 137 -17.11 -43.21 10.09
C HIS N 137 -17.39 -43.01 8.61
N ALA N 138 -18.21 -42.03 8.28
CA ALA N 138 -18.54 -41.78 6.88
C ALA N 138 -18.86 -40.32 6.62
N VAL N 139 -18.72 -39.91 5.35
CA VAL N 139 -19.03 -38.55 4.97
C VAL N 139 -19.71 -38.52 3.62
N GLY N 140 -20.49 -37.47 3.41
CA GLY N 140 -21.21 -37.32 2.16
C GLY N 140 -22.70 -37.47 2.39
N SER N 141 -23.45 -37.28 1.31
CA SER N 141 -24.92 -37.33 1.32
C SER N 141 -25.49 -38.67 1.81
N GLY N 142 -24.77 -39.75 1.55
CA GLY N 142 -25.25 -41.05 1.96
C GLY N 142 -24.64 -41.58 3.25
N SER N 143 -23.81 -40.76 3.89
CA SER N 143 -23.12 -41.17 5.13
C SER N 143 -24.04 -41.66 6.25
N LEU N 144 -25.21 -41.06 6.32
CA LEU N 144 -26.21 -41.42 7.33
C LEU N 144 -26.57 -42.91 7.23
N PHE N 145 -26.84 -43.35 6.01
CA PHE N 145 -27.19 -44.74 5.77
C PHE N 145 -26.02 -45.68 5.97
N ALA N 146 -24.85 -45.27 5.47
CA ALA N 146 -23.67 -46.11 5.61
C ALA N 146 -23.34 -46.32 7.09
N LYS N 147 -23.41 -45.26 7.89
CA LYS N 147 -23.10 -45.43 9.30
C LYS N 147 -24.09 -46.33 10.02
N SER N 148 -25.37 -46.24 9.67
CA SER N 148 -26.38 -47.06 10.32
C SER N 148 -26.24 -48.52 9.92
N ALA N 149 -25.74 -48.76 8.72
CA ALA N 149 -25.52 -50.13 8.27
C ALA N 149 -24.31 -50.66 9.06
N LEU N 150 -23.23 -49.88 9.11
CA LEU N 150 -22.02 -50.29 9.80
C LEU N 150 -22.28 -50.56 11.27
N LYS N 151 -23.17 -49.77 11.88
CA LYS N 151 -23.50 -49.94 13.29
C LYS N 151 -23.98 -51.38 13.54
N LYS N 152 -24.46 -52.05 12.50
CA LYS N 152 -24.96 -53.41 12.64
C LYS N 152 -24.00 -54.48 12.09
N ILE N 153 -23.33 -54.21 10.98
CA ILE N 153 -22.46 -55.22 10.38
C ILE N 153 -20.95 -55.10 10.68
N TYR N 154 -20.56 -54.02 11.35
CA TYR N 154 -19.14 -53.82 11.64
C TYR N 154 -18.67 -54.63 12.85
N SER N 155 -17.45 -55.17 12.73
CA SER N 155 -16.84 -55.95 13.82
C SER N 155 -15.48 -55.37 14.17
N PRO N 156 -15.32 -54.91 15.41
CA PRO N 156 -14.04 -54.33 15.83
C PRO N 156 -12.91 -55.35 15.76
N ASP N 157 -11.72 -54.87 15.41
CA ASP N 157 -10.53 -55.70 15.32
C ASP N 157 -10.67 -56.89 14.36
N SER N 158 -11.53 -56.76 13.36
CA SER N 158 -11.70 -57.83 12.39
C SER N 158 -10.48 -57.82 11.49
N ASP N 159 -10.44 -58.74 10.54
CA ASP N 159 -9.30 -58.79 9.64
C ASP N 159 -9.60 -57.89 8.45
N GLU N 160 -8.60 -57.67 7.60
CA GLU N 160 -8.75 -56.83 6.43
C GLU N 160 -9.87 -57.25 5.49
N GLU N 161 -9.92 -58.53 5.17
CA GLU N 161 -10.94 -59.06 4.27
C GLU N 161 -12.35 -58.77 4.78
N THR N 162 -12.55 -58.92 6.08
CA THR N 162 -13.85 -58.66 6.67
C THR N 162 -14.19 -57.19 6.63
N ALA N 163 -13.21 -56.34 6.96
CA ALA N 163 -13.42 -54.90 6.97
C ALA N 163 -13.75 -54.40 5.57
N LEU N 164 -13.02 -54.89 4.58
CA LEU N 164 -13.27 -54.48 3.21
C LEU N 164 -14.67 -54.84 2.77
N ARG N 165 -15.15 -56.00 3.20
CA ARG N 165 -16.48 -56.44 2.81
C ARG N 165 -17.56 -55.57 3.45
N ALA N 166 -17.39 -55.26 4.73
CA ALA N 166 -18.35 -54.43 5.44
C ALA N 166 -18.39 -53.04 4.81
N ALA N 167 -17.23 -52.55 4.37
CA ALA N 167 -17.13 -51.24 3.76
C ALA N 167 -17.94 -51.18 2.46
N ILE N 168 -17.68 -52.09 1.53
CA ILE N 168 -18.42 -52.12 0.27
C ILE N 168 -19.91 -52.31 0.50
N GLU N 169 -20.27 -53.05 1.56
CA GLU N 169 -21.67 -53.28 1.87
C GLU N 169 -22.32 -52.00 2.38
N SER N 170 -21.62 -51.27 3.26
CA SER N 170 -22.18 -50.03 3.77
C SER N 170 -22.37 -49.06 2.60
N LEU N 171 -21.44 -49.07 1.65
CA LEU N 171 -21.57 -48.18 0.48
C LEU N 171 -22.75 -48.63 -0.39
N TYR N 172 -23.00 -49.94 -0.39
CA TYR N 172 -24.10 -50.50 -1.17
C TYR N 172 -25.42 -50.01 -0.59
N ASP N 173 -25.53 -50.09 0.74
CA ASP N 173 -26.72 -49.62 1.43
C ASP N 173 -26.91 -48.12 1.23
N ALA N 174 -25.81 -47.40 1.10
CA ALA N 174 -25.88 -45.97 0.90
C ALA N 174 -26.48 -45.70 -0.48
N ALA N 175 -25.95 -46.35 -1.51
CA ALA N 175 -26.48 -46.14 -2.86
C ALA N 175 -27.92 -46.62 -2.99
N ASP N 176 -28.32 -47.51 -2.09
CA ASP N 176 -29.67 -48.07 -2.09
C ASP N 176 -30.71 -47.03 -1.62
N ASP N 177 -30.29 -46.10 -0.76
CA ASP N 177 -31.21 -45.08 -0.25
C ASP N 177 -30.89 -43.64 -0.65
N ASP N 178 -29.73 -43.42 -1.28
CA ASP N 178 -29.31 -42.08 -1.68
C ASP N 178 -28.94 -42.10 -3.16
N SER N 179 -29.80 -41.54 -4.00
CA SER N 179 -29.55 -41.51 -5.43
C SER N 179 -28.27 -40.78 -5.80
N ALA N 180 -27.72 -40.02 -4.88
CA ALA N 180 -26.49 -39.28 -5.16
C ALA N 180 -25.23 -40.11 -4.89
N THR N 181 -25.39 -41.35 -4.44
CA THR N 181 -24.22 -42.18 -4.19
C THR N 181 -23.97 -43.18 -5.31
N GLY N 182 -24.94 -43.98 -5.69
CA GLY N 182 -24.63 -44.90 -6.78
C GLY N 182 -23.79 -46.12 -6.43
N GLY N 183 -24.41 -47.28 -6.63
CA GLY N 183 -23.76 -48.52 -6.32
C GLY N 183 -22.99 -49.11 -7.46
N PRO N 184 -22.61 -50.39 -7.33
CA PRO N 184 -21.85 -51.18 -8.30
C PRO N 184 -22.56 -51.20 -9.62
N ASP N 185 -21.83 -51.03 -10.70
CA ASP N 185 -22.40 -51.06 -12.03
C ASP N 185 -21.89 -52.34 -12.72
N LEU N 186 -22.59 -53.45 -12.54
CA LEU N 186 -22.15 -54.69 -13.16
C LEU N 186 -22.22 -54.62 -14.68
N THR N 187 -22.88 -53.60 -15.19
CA THR N 187 -23.05 -53.40 -16.62
C THR N 187 -21.79 -52.87 -17.28
N ARG N 188 -21.10 -51.97 -16.60
CA ARG N 188 -19.88 -51.38 -17.16
C ARG N 188 -18.64 -51.84 -16.38
N GLY N 189 -18.86 -52.63 -15.33
CA GLY N 189 -17.73 -53.10 -14.55
C GLY N 189 -17.03 -51.95 -13.83
N ILE N 190 -17.81 -51.12 -13.16
CA ILE N 190 -17.26 -49.99 -12.42
C ILE N 190 -17.70 -50.16 -10.97
N TYR N 191 -16.73 -50.18 -10.05
CA TYR N 191 -17.07 -50.35 -8.64
C TYR N 191 -16.39 -49.35 -7.72
N PRO N 192 -16.87 -49.26 -6.46
CA PRO N 192 -16.28 -48.33 -5.49
C PRO N 192 -14.77 -48.60 -5.46
N THR N 193 -13.99 -47.62 -5.02
CA THR N 193 -12.55 -47.79 -4.94
C THR N 193 -12.20 -47.83 -3.44
N ALA N 194 -11.00 -48.32 -3.12
CA ALA N 194 -10.57 -48.39 -1.73
C ALA N 194 -9.05 -48.38 -1.56
N VAL N 195 -8.63 -48.02 -0.37
CA VAL N 195 -7.23 -47.98 -0.02
C VAL N 195 -7.09 -48.56 1.38
N THR N 196 -6.08 -49.39 1.57
CA THR N 196 -5.83 -49.98 2.88
C THR N 196 -4.46 -49.55 3.31
N ILE N 197 -4.34 -49.24 4.59
CA ILE N 197 -3.06 -48.81 5.16
C ILE N 197 -2.74 -49.69 6.36
N THR N 198 -1.51 -50.19 6.38
CA THR N 198 -1.05 -51.06 7.45
C THR N 198 0.44 -50.80 7.72
N GLN N 199 1.03 -51.64 8.56
CA GLN N 199 2.45 -51.55 8.91
C GLN N 199 3.30 -51.40 7.64
N ALA N 200 2.81 -51.99 6.54
CA ALA N 200 3.51 -51.97 5.26
C ALA N 200 3.22 -50.74 4.40
N GLY N 201 2.28 -49.90 4.82
CA GLY N 201 1.98 -48.71 4.03
C GLY N 201 0.60 -48.70 3.40
N ALA N 202 0.35 -47.66 2.61
CA ALA N 202 -0.93 -47.49 1.95
C ALA N 202 -0.97 -48.10 0.57
N VAL N 203 -1.94 -48.99 0.35
CA VAL N 203 -2.06 -49.66 -0.94
C VAL N 203 -3.43 -49.52 -1.57
N HIS N 204 -3.46 -49.48 -2.90
CA HIS N 204 -4.71 -49.36 -3.65
C HIS N 204 -5.29 -50.74 -3.83
N VAL N 205 -6.52 -50.95 -3.36
CA VAL N 205 -7.17 -52.24 -3.53
C VAL N 205 -7.38 -52.46 -5.03
N SER N 206 -7.05 -53.66 -5.52
CA SER N 206 -7.20 -53.97 -6.94
C SER N 206 -8.65 -53.92 -7.37
N GLU N 207 -8.91 -53.53 -8.62
CA GLU N 207 -10.30 -53.47 -9.03
C GLU N 207 -10.89 -54.87 -9.19
N GLU N 208 -10.05 -55.88 -9.01
CA GLU N 208 -10.52 -57.24 -9.13
C GLU N 208 -11.12 -57.63 -7.80
N THR N 209 -10.56 -57.07 -6.73
CA THR N 209 -11.06 -57.36 -5.39
C THR N 209 -12.34 -56.58 -5.14
N THR N 210 -12.39 -55.37 -5.69
CA THR N 210 -13.58 -54.54 -5.52
C THR N 210 -14.70 -55.18 -6.33
N SER N 211 -14.37 -55.61 -7.55
CA SER N 211 -15.34 -56.27 -8.41
C SER N 211 -15.90 -57.49 -7.72
N GLU N 212 -15.02 -58.29 -7.13
CA GLU N 212 -15.43 -59.50 -6.45
C GLU N 212 -16.36 -59.19 -5.27
N LEU N 213 -15.95 -58.24 -4.44
CA LEU N 213 -16.76 -57.85 -3.29
C LEU N 213 -18.14 -57.31 -3.66
N ALA N 214 -18.19 -56.55 -4.76
CA ALA N 214 -19.44 -55.98 -5.23
C ALA N 214 -20.39 -57.09 -5.68
N ARG N 215 -19.90 -57.97 -6.56
CA ARG N 215 -20.67 -59.09 -7.06
C ARG N 215 -21.28 -59.90 -5.92
N ARG N 216 -20.50 -60.04 -4.86
CA ARG N 216 -20.94 -60.79 -3.69
C ARG N 216 -22.12 -60.13 -2.99
N ILE N 217 -21.97 -58.85 -2.64
CA ILE N 217 -23.06 -58.13 -1.98
C ILE N 217 -24.30 -58.15 -2.85
N VAL N 218 -24.12 -57.92 -4.14
CA VAL N 218 -25.27 -57.92 -5.05
C VAL N 218 -25.96 -59.28 -4.98
N ALA N 219 -25.18 -60.36 -5.04
CA ALA N 219 -25.74 -61.70 -4.97
C ALA N 219 -26.45 -61.95 -3.65
N GLU N 220 -25.86 -61.53 -2.54
CA GLU N 220 -26.50 -61.73 -1.24
C GLU N 220 -27.85 -61.02 -1.18
N ARG N 221 -27.94 -59.84 -1.80
CA ARG N 221 -29.18 -59.08 -1.79
C ARG N 221 -30.17 -59.62 -2.80
N THR N 222 -29.68 -59.98 -3.98
CA THR N 222 -30.53 -60.51 -5.04
C THR N 222 -31.21 -61.77 -4.54
N GLU N 223 -30.53 -62.45 -3.62
CA GLU N 223 -31.08 -63.66 -3.06
C GLU N 223 -32.15 -63.32 -2.06
N GLN N 224 -32.88 -62.23 -2.33
CA GLN N 224 -33.97 -61.77 -1.47
C GLN N 224 -33.50 -61.61 -0.03
#